data_5X7S
#
_entry.id   5X7S
#
_cell.length_a   182.815
_cell.length_b   270.920
_cell.length_c   133.341
_cell.angle_alpha   90.00
_cell.angle_beta   90.00
_cell.angle_gamma   90.00
#
_symmetry.space_group_name_H-M   'C 2 2 21'
#
loop_
_entity.id
_entity.type
_entity.pdbx_description
1 polymer 'Glycoside hydrolase family 31 alpha-glucosidase'
2 non-polymer 'CALCIUM ION'
3 non-polymer 'NICKEL (II) ION'
4 non-polymer 'MAGNESIUM ION'
5 non-polymer 'TERBIUM(III) ION'
6 non-polymer 'SULFATE ION'
7 non-polymer '2-(N-MORPHOLINO)-ETHANESULFONIC ACID'
8 non-polymer 1,2-ETHANEDIOL
9 water water
#
_entity_poly.entity_id   1
_entity_poly.type   'polypeptide(L)'
_entity_poly.pdbx_seq_one_letter_code
;HHHHHHSSGLVPRGSHMAGLGNVTGAVASGDSLTLTLDNGTSASDILELDVLSEELLRVDYRPSGAAPSPSTPMIDPDAS
WDAVGATIDTSGDPIVVTTPRMRIEIARTPARMTIKKADGTTLLWEPASGGVFEDGVRFQRGSTDNIYGIRSFNAQEDVG
GLLRNSSDHPAHAGQQGDAGGPFMWSTAGYGVLVDSDGGYPYTDTTGKLEFYYGGTPTEGRRYTKTNVEYYIMVGEPKEI
MASYAQVTGTAPMLPKWSLGFMNFEWGIDQDELEAHVDGYRARNIPIDAFALDYDWMDYGEDNYGEFRWNTDNFPDAATT
QLKEDMEAEGIRLIGIRKPRIITRDFANQRTQQYYDADSNGYFYPGHNEYTDYFIPVTVRSFDPYQQASRDWWWQHSIDA
FDKGIVGWWNDETDKVDSGSAQYWFGNFSTGFTSQAMYDGQRDYTNDGVRVWQTARSYYPGAQRYATTLWSGDIGTQFYK
GELFNWAPGMQEQPRIMLSSANLGQPKWGMDTGGFNSLGGASGPNPSPELYTRWMQFGAFTPVFRVHGNYNQQRQPWLYG
ATAEEASKAVMHTRYSLLPYMYAYEREASETGLGLIKPLLFDYPNDPQAADYTEAWMFGDWLLVSPVLGEAQHSKQIYLP
AGTWIDYHRGQTYSGGQTIHYPVNADTWTDVPLFVKQGAIIPNQQVLDYVDQQSVTTVNVDIFPSASETSFTYYEDDGSS
YDYESGSSFEQRLAAQDLSSSVRVEVGAGSGSYTPDVQHYVLKIHGRAGSAVTAGGSALTGYGDLQALQAASGSGWASGR
DIYGDVTYVKLPAASGSATVVEVSGSAPSAATHAIYEVEDASRSGATPTTRAGINTNHSGYSGSGFVDKLDVPGAAVTVY
ANAPVSGDYPVELRYANGSGSAKTLSVYVNAARVQQLSLADTGAWSQWGTQTTTLPLTAGQNIITYKYDSDAGDTGGVNL
DYIRVPFAPTQAEYAAESAKLWGGAGTSQDHWFYKGAAFVDNLTGVGAEASFDVYAPSAGTYNLSLRYANGTGSTKTLSA
IVNGGAASTVTLTSPGMNWNLWNEHTMTATLTAGRNTISFRRNSGNSGNVNLDRLAVSASAITTLASERNLLDNGDFERD
TTYNSNWTQWQPSGQPSAFGIDSGNALHPPEGPARRNQRAYFHSDNAYQQSIHQVVDVPVNNATYRLEAKVRMKNTTPTT
ARAEVQGHGGSPIYANISNDGVWKTIVIDNINVTSGSVDVGFYVDSPGYTTLHIDEVTLTRAP
;
_entity_poly.pdbx_strand_id   A,B
#
loop_
_chem_comp.id
_chem_comp.type
_chem_comp.name
_chem_comp.formula
CA non-polymer 'CALCIUM ION' 'Ca 2'
EDO non-polymer 1,2-ETHANEDIOL 'C2 H6 O2'
MES non-polymer '2-(N-MORPHOLINO)-ETHANESULFONIC ACID' 'C6 H13 N O4 S'
MG non-polymer 'MAGNESIUM ION' 'Mg 2'
NI non-polymer 'NICKEL (II) ION' 'Ni 2'
SO4 non-polymer 'SULFATE ION' 'O4 S -2'
TB non-polymer 'TERBIUM(III) ION' 'Tb 3'
#
# COMPACT_ATOMS: atom_id res chain seq x y z
N MET A 17 13.87 16.96 -37.68
CA MET A 17 12.62 17.35 -38.39
C MET A 17 12.69 17.35 -39.95
N ALA A 18 13.87 17.33 -40.55
CA ALA A 18 13.98 17.40 -42.03
C ALA A 18 13.59 16.07 -42.71
N GLY A 19 13.23 16.15 -43.99
CA GLY A 19 12.75 14.99 -44.75
C GLY A 19 13.84 14.43 -45.63
N LEU A 20 13.54 13.36 -46.36
CA LEU A 20 14.51 12.73 -47.29
C LEU A 20 14.91 13.68 -48.42
N GLY A 21 16.05 13.37 -49.04
CA GLY A 21 16.58 14.16 -50.17
C GLY A 21 16.24 13.55 -51.52
N ASN A 22 16.92 14.03 -52.55
CA ASN A 22 16.65 13.56 -53.90
C ASN A 22 17.07 12.10 -54.07
N VAL A 23 16.32 11.35 -54.85
CA VAL A 23 16.74 9.97 -55.26
C VAL A 23 17.92 10.08 -56.22
N THR A 24 18.99 9.33 -55.99
CA THR A 24 20.14 9.26 -56.93
C THR A 24 20.42 7.85 -57.49
N GLY A 25 19.66 6.85 -57.05
CA GLY A 25 19.84 5.47 -57.49
C GLY A 25 18.62 4.60 -57.13
N ALA A 26 18.23 3.75 -58.07
CA ALA A 26 17.08 2.89 -57.91
C ALA A 26 17.41 1.51 -58.48
N VAL A 27 17.65 0.54 -57.61
CA VAL A 27 18.01 -0.84 -58.02
C VAL A 27 16.79 -1.77 -57.76
N ALA A 28 16.09 -2.16 -58.83
CA ALA A 28 15.04 -3.18 -58.78
C ALA A 28 15.66 -4.53 -58.66
N SER A 29 14.97 -5.49 -58.04
CA SER A 29 15.47 -6.87 -58.00
C SER A 29 14.42 -7.81 -57.43
N GLY A 30 13.60 -8.39 -58.31
CA GLY A 30 12.47 -9.19 -57.87
C GLY A 30 11.47 -8.28 -57.17
N ASP A 31 11.05 -8.66 -55.96
CA ASP A 31 10.09 -7.87 -55.18
C ASP A 31 10.73 -6.75 -54.34
N SER A 32 12.01 -6.46 -54.58
CA SER A 32 12.75 -5.50 -53.76
C SER A 32 13.21 -4.27 -54.56
N LEU A 33 13.21 -3.12 -53.90
CA LEU A 33 13.61 -1.86 -54.50
C LEU A 33 14.48 -1.08 -53.53
N THR A 34 15.73 -0.83 -53.91
CA THR A 34 16.67 -0.13 -53.05
C THR A 34 17.03 1.22 -53.62
N LEU A 35 16.71 2.25 -52.85
CA LEU A 35 16.81 3.62 -53.28
C LEU A 35 17.90 4.35 -52.48
N THR A 36 18.84 4.97 -53.20
CA THR A 36 19.94 5.76 -52.63
C THR A 36 19.44 7.20 -52.57
N LEU A 37 19.61 7.88 -51.44
CA LEU A 37 19.15 9.26 -51.30
C LEU A 37 20.27 10.23 -50.93
N ASP A 38 20.35 11.31 -51.70
CA ASP A 38 21.30 12.38 -51.44
C ASP A 38 21.04 12.96 -50.07
N ASN A 39 22.07 12.99 -49.23
CA ASN A 39 22.04 13.78 -47.98
C ASN A 39 23.13 14.88 -47.96
N GLY A 40 23.75 15.14 -49.11
CA GLY A 40 24.94 16.02 -49.19
C GLY A 40 26.28 15.37 -48.88
N THR A 41 26.34 14.15 -48.29
CA THR A 41 27.62 13.52 -47.89
C THR A 41 28.00 12.28 -48.67
N SER A 42 29.25 11.84 -48.50
CA SER A 42 29.73 10.63 -49.18
C SER A 42 28.99 9.32 -48.80
N ALA A 43 28.43 9.28 -47.59
CA ALA A 43 27.56 8.18 -47.13
C ALA A 43 26.08 8.52 -47.36
N SER A 44 25.58 8.09 -48.50
CA SER A 44 24.18 8.31 -48.86
C SER A 44 23.24 7.49 -47.95
N ASP A 45 22.05 8.03 -47.74
CA ASP A 45 20.96 7.34 -47.07
C ASP A 45 20.45 6.25 -47.97
N ILE A 46 19.97 5.16 -47.37
CA ILE A 46 19.37 4.06 -48.11
C ILE A 46 17.92 3.85 -47.64
N LEU A 47 17.02 3.60 -48.59
CA LEU A 47 15.64 3.21 -48.32
C LEU A 47 15.29 1.94 -49.08
N GLU A 48 15.27 0.79 -48.40
CA GLU A 48 14.88 -0.46 -49.04
C GLU A 48 13.38 -0.74 -48.88
N LEU A 49 12.73 -1.05 -50.00
CA LEU A 49 11.33 -1.42 -50.05
C LEU A 49 11.28 -2.86 -50.43
N ASP A 50 10.35 -3.58 -49.81
CA ASP A 50 10.17 -4.99 -50.04
C ASP A 50 8.68 -5.29 -50.10
N VAL A 51 8.21 -5.72 -51.27
CA VAL A 51 6.84 -6.17 -51.42
C VAL A 51 6.78 -7.60 -50.86
N LEU A 52 6.14 -7.72 -49.69
CA LEU A 52 6.05 -9.00 -48.99
C LEU A 52 4.82 -9.76 -49.43
N SER A 53 3.76 -9.01 -49.70
CA SER A 53 2.54 -9.61 -50.27
C SER A 53 1.92 -8.56 -51.17
N GLU A 54 0.95 -8.99 -51.97
CA GLU A 54 0.15 -8.09 -52.79
C GLU A 54 -0.41 -6.90 -52.04
N GLU A 55 -0.58 -7.03 -50.70
CA GLU A 55 -1.19 -5.98 -49.87
C GLU A 55 -0.32 -5.52 -48.68
N LEU A 56 0.96 -5.87 -48.72
CA LEU A 56 1.89 -5.60 -47.63
C LEU A 56 3.28 -5.17 -48.11
N LEU A 57 3.64 -3.96 -47.73
CA LEU A 57 4.95 -3.39 -48.02
C LEU A 57 5.84 -3.28 -46.78
N ARG A 58 7.06 -3.82 -46.83
CA ARG A 58 8.08 -3.49 -45.83
C ARG A 58 8.95 -2.32 -46.31
N VAL A 59 9.23 -1.38 -45.40
CA VAL A 59 10.16 -0.29 -45.67
C VAL A 59 11.24 -0.25 -44.60
N ASP A 60 12.51 -0.16 -45.01
CA ASP A 60 13.65 0.00 -44.08
C ASP A 60 14.47 1.25 -44.47
N TYR A 61 14.42 2.29 -43.66
CA TYR A 61 15.19 3.51 -43.91
C TYR A 61 16.46 3.44 -43.05
N ARG A 62 17.61 3.56 -43.71
CA ARG A 62 18.89 3.41 -43.05
C ARG A 62 19.68 4.66 -43.26
N PRO A 63 19.73 5.53 -42.24
CA PRO A 63 20.48 6.77 -42.38
C PRO A 63 21.97 6.52 -42.64
N SER A 64 22.49 7.20 -43.67
CA SER A 64 23.87 7.05 -44.15
C SER A 64 24.29 5.64 -44.62
N GLY A 65 23.30 4.82 -44.96
CA GLY A 65 23.58 3.47 -45.42
C GLY A 65 24.08 2.58 -44.32
N ALA A 66 23.98 3.00 -43.06
CA ALA A 66 24.43 2.14 -41.96
C ALA A 66 23.63 0.82 -41.91
N ALA A 67 24.32 -0.25 -41.53
CA ALA A 67 23.69 -1.52 -41.22
C ALA A 67 22.49 -1.32 -40.25
N PRO A 68 21.36 -2.03 -40.51
CA PRO A 68 20.21 -1.89 -39.61
C PRO A 68 20.41 -2.63 -38.30
N SER A 69 19.87 -2.03 -37.25
CA SER A 69 19.92 -2.61 -35.94
C SER A 69 19.01 -3.82 -35.96
N PRO A 70 19.20 -4.74 -35.01
CA PRO A 70 18.26 -5.86 -34.95
C PRO A 70 16.79 -5.42 -34.66
N SER A 71 15.85 -5.96 -35.41
CA SER A 71 14.44 -5.84 -35.13
C SER A 71 14.08 -6.23 -33.67
N THR A 72 13.08 -5.57 -33.08
CA THR A 72 12.64 -5.87 -31.68
C THR A 72 11.90 -7.18 -31.66
N PRO A 73 11.52 -7.67 -30.49
CA PRO A 73 10.67 -8.86 -30.54
C PRO A 73 9.25 -8.64 -31.09
N MET A 74 8.86 -7.42 -31.45
CA MET A 74 7.58 -7.31 -32.15
C MET A 74 7.50 -8.24 -33.32
N ILE A 75 8.60 -8.30 -34.08
CA ILE A 75 8.61 -8.97 -35.37
C ILE A 75 8.72 -10.49 -35.18
N ASP A 76 7.89 -11.25 -35.88
CA ASP A 76 8.06 -12.70 -35.91
C ASP A 76 9.41 -13.03 -36.54
N PRO A 77 10.29 -13.70 -35.79
CA PRO A 77 11.62 -13.96 -36.35
C PRO A 77 11.59 -14.94 -37.52
N ASP A 78 10.58 -15.81 -37.58
CA ASP A 78 10.44 -16.81 -38.63
C ASP A 78 9.44 -16.44 -39.75
N ALA A 79 9.05 -15.17 -39.90
CA ALA A 79 8.08 -14.77 -40.93
C ALA A 79 8.50 -15.11 -42.36
N SER A 80 7.52 -15.40 -43.20
CA SER A 80 7.74 -16.02 -44.52
C SER A 80 6.58 -15.75 -45.49
N TRP A 81 6.92 -15.26 -46.67
CA TRP A 81 5.96 -14.95 -47.71
C TRP A 81 6.41 -15.61 -49.05
N ASP A 82 5.43 -16.05 -49.84
CA ASP A 82 5.69 -16.47 -51.19
C ASP A 82 6.16 -15.28 -51.99
N ALA A 83 6.82 -15.56 -53.08
CA ALA A 83 7.17 -14.54 -54.07
C ALA A 83 5.90 -13.81 -54.51
N VAL A 84 5.94 -12.50 -54.66
CA VAL A 84 4.75 -11.74 -55.13
C VAL A 84 4.68 -11.54 -56.65
N GLY A 85 5.82 -11.27 -57.28
CA GLY A 85 5.83 -10.87 -58.69
C GLY A 85 5.35 -9.45 -58.93
N ALA A 86 5.73 -8.54 -58.05
CA ALA A 86 5.39 -7.11 -58.18
C ALA A 86 6.05 -6.53 -59.39
N THR A 87 5.60 -5.34 -59.78
CA THR A 87 6.06 -4.68 -60.96
C THR A 87 6.68 -3.37 -60.58
N ILE A 88 7.99 -3.26 -60.79
CA ILE A 88 8.75 -2.11 -60.37
C ILE A 88 9.27 -1.38 -61.61
N ASP A 89 8.81 -0.14 -61.76
CA ASP A 89 9.11 0.70 -62.91
C ASP A 89 9.93 1.85 -62.37
N THR A 90 11.24 1.73 -62.55
CA THR A 90 12.19 2.77 -62.19
C THR A 90 12.53 3.69 -63.35
N SER A 91 11.83 3.52 -64.47
CA SER A 91 12.16 4.21 -65.70
C SER A 91 11.76 5.70 -65.74
N GLY A 92 10.97 6.20 -64.76
CA GLY A 92 10.49 7.60 -64.75
C GLY A 92 10.38 8.25 -63.37
N ASP A 93 9.60 9.33 -63.30
CA ASP A 93 9.25 10.05 -62.06
C ASP A 93 7.70 10.27 -62.04
N PRO A 94 6.98 9.69 -61.04
CA PRO A 94 7.53 8.88 -59.94
C PRO A 94 8.01 7.49 -60.40
N ILE A 95 8.82 6.85 -59.55
CA ILE A 95 9.06 5.42 -59.59
C ILE A 95 7.75 4.77 -59.13
N VAL A 96 7.47 3.55 -59.59
CA VAL A 96 6.15 2.90 -59.38
C VAL A 96 6.22 1.39 -59.13
N VAL A 97 5.77 0.97 -57.96
CA VAL A 97 5.68 -0.45 -57.59
C VAL A 97 4.21 -0.84 -57.70
N THR A 98 3.86 -1.99 -58.29
CA THR A 98 2.45 -2.32 -58.50
C THR A 98 2.18 -3.78 -58.17
N THR A 99 0.97 -4.00 -57.67
CA THR A 99 0.45 -5.36 -57.49
C THR A 99 -0.98 -5.28 -57.95
N PRO A 100 -1.64 -6.43 -58.01
CA PRO A 100 -3.08 -6.30 -58.20
C PRO A 100 -3.81 -5.43 -57.14
N ARG A 101 -3.26 -5.30 -55.91
CA ARG A 101 -3.97 -4.62 -54.80
C ARG A 101 -3.48 -3.23 -54.42
N MET A 102 -2.23 -2.88 -54.73
CA MET A 102 -1.71 -1.55 -54.43
C MET A 102 -0.74 -1.01 -55.48
N ARG A 103 -0.48 0.27 -55.33
CA ARG A 103 0.33 1.02 -56.23
C ARG A 103 1.12 2.03 -55.40
N ILE A 104 2.43 1.80 -55.32
CA ILE A 104 3.33 2.59 -54.51
C ILE A 104 4.12 3.47 -55.44
N GLU A 105 3.99 4.78 -55.22
CA GLU A 105 4.65 5.81 -56.02
C GLU A 105 5.71 6.48 -55.17
N ILE A 106 6.94 6.64 -55.70
CA ILE A 106 7.97 7.43 -55.04
C ILE A 106 8.45 8.56 -55.97
N ALA A 107 8.04 9.81 -55.70
CA ALA A 107 8.57 10.96 -56.45
C ALA A 107 10.09 11.07 -56.20
N ARG A 108 10.85 11.43 -57.24
CA ARG A 108 12.31 11.36 -57.17
C ARG A 108 12.92 12.52 -56.41
N THR A 109 12.32 13.72 -56.49
CA THR A 109 12.93 14.95 -55.93
C THR A 109 11.95 15.87 -55.13
N PRO A 110 12.03 15.85 -53.78
CA PRO A 110 12.81 14.96 -52.90
C PRO A 110 12.06 13.61 -52.82
N ALA A 111 12.65 12.57 -52.20
CA ALA A 111 11.95 11.26 -52.14
C ALA A 111 10.73 11.34 -51.21
N ARG A 112 9.57 11.00 -51.77
CA ARG A 112 8.31 11.02 -51.08
C ARG A 112 7.40 9.91 -51.58
N MET A 113 6.97 9.04 -50.67
CA MET A 113 6.09 7.94 -51.03
C MET A 113 4.63 8.36 -50.96
N THR A 114 3.87 7.87 -51.94
CA THR A 114 2.44 7.90 -51.94
C THR A 114 1.97 6.46 -52.14
N ILE A 115 0.98 6.08 -51.32
CA ILE A 115 0.42 4.71 -51.32
C ILE A 115 -0.98 4.85 -51.85
N LYS A 116 -1.32 3.99 -52.78
CA LYS A 116 -2.63 4.00 -53.42
C LYS A 116 -3.13 2.58 -53.54
N LYS A 117 -4.44 2.45 -53.63
CA LYS A 117 -5.07 1.20 -54.05
C LYS A 117 -4.66 0.96 -55.52
N ALA A 118 -4.88 -0.25 -56.04
CA ALA A 118 -4.51 -0.53 -57.44
C ALA A 118 -5.40 0.26 -58.40
N ASP A 119 -6.62 0.60 -57.97
CA ASP A 119 -7.48 1.50 -58.78
C ASP A 119 -7.05 2.99 -58.77
N GLY A 120 -5.92 3.32 -58.15
CA GLY A 120 -5.41 4.68 -58.17
C GLY A 120 -6.00 5.55 -57.09
N THR A 121 -6.88 4.99 -56.24
CA THR A 121 -7.44 5.74 -55.10
C THR A 121 -6.32 6.01 -54.10
N THR A 122 -6.14 7.28 -53.73
CA THR A 122 -5.04 7.62 -52.84
C THR A 122 -5.40 7.28 -51.41
N LEU A 123 -4.43 6.69 -50.69
CA LEU A 123 -4.68 6.23 -49.30
C LEU A 123 -3.91 7.05 -48.26
N LEU A 124 -2.59 7.12 -48.43
CA LEU A 124 -1.79 8.03 -47.61
C LEU A 124 -0.44 8.28 -48.25
N TRP A 125 0.19 9.34 -47.76
CA TRP A 125 1.36 9.88 -48.43
C TRP A 125 2.21 10.70 -47.50
N GLU A 126 3.48 10.85 -47.87
CA GLU A 126 4.46 11.58 -47.08
C GLU A 126 4.33 13.00 -47.55
N PRO A 127 4.06 13.96 -46.66
CA PRO A 127 3.85 15.31 -47.17
C PRO A 127 5.18 15.96 -47.62
N ALA A 128 5.05 16.99 -48.46
CA ALA A 128 6.20 17.81 -48.88
C ALA A 128 7.11 18.22 -47.71
N SER A 129 6.51 18.66 -46.61
CA SER A 129 7.26 19.11 -45.44
C SER A 129 8.09 18.00 -44.77
N GLY A 130 7.79 16.73 -45.04
CA GLY A 130 8.66 15.60 -44.64
C GLY A 130 7.99 14.28 -44.24
N GLY A 131 8.57 13.15 -44.68
CA GLY A 131 8.08 11.81 -44.31
C GLY A 131 9.06 11.13 -43.38
N VAL A 132 9.49 9.93 -43.76
CA VAL A 132 10.45 9.20 -42.98
C VAL A 132 11.70 10.04 -42.74
N PHE A 133 12.22 9.93 -41.53
CA PHE A 133 13.43 10.59 -41.10
C PHE A 133 14.04 9.71 -40.01
N GLU A 134 15.09 10.20 -39.35
CA GLU A 134 15.96 9.37 -38.49
C GLU A 134 15.22 8.74 -37.29
N ASP A 135 14.11 9.36 -36.86
CA ASP A 135 13.46 9.06 -35.61
C ASP A 135 11.98 8.69 -35.83
N GLY A 136 11.60 8.31 -37.05
CA GLY A 136 10.18 8.03 -37.27
C GLY A 136 9.63 8.10 -38.68
N VAL A 137 8.30 8.19 -38.71
CA VAL A 137 7.54 8.24 -39.95
C VAL A 137 6.47 9.26 -39.83
N ARG A 138 6.17 9.95 -40.93
CA ARG A 138 5.14 10.97 -40.94
C ARG A 138 4.38 10.85 -42.22
N PHE A 139 3.10 10.55 -42.08
CA PHE A 139 2.18 10.53 -43.21
C PHE A 139 1.08 11.55 -43.04
N GLN A 140 0.37 11.76 -44.15
CA GLN A 140 -0.82 12.56 -44.23
C GLN A 140 -1.89 11.67 -44.91
N ARG A 141 -3.16 11.82 -44.51
CA ARG A 141 -4.25 11.05 -45.10
C ARG A 141 -5.51 11.87 -45.08
N GLY A 142 -6.62 11.30 -45.55
CA GLY A 142 -7.89 12.00 -45.48
C GLY A 142 -8.20 12.36 -44.04
N SER A 143 -8.55 13.62 -43.83
CA SER A 143 -8.83 14.19 -42.53
C SER A 143 -9.99 13.52 -41.79
N THR A 144 -10.96 12.99 -42.54
CA THR A 144 -12.14 12.31 -41.98
C THR A 144 -12.00 10.77 -41.84
N ASP A 145 -10.89 10.18 -42.27
CA ASP A 145 -10.63 8.76 -42.00
C ASP A 145 -10.66 8.51 -40.51
N ASN A 146 -11.26 7.38 -40.14
CA ASN A 146 -11.20 6.89 -38.78
C ASN A 146 -10.01 5.99 -38.52
N ILE A 147 -9.33 6.26 -37.40
CA ILE A 147 -8.12 5.53 -37.05
C ILE A 147 -8.35 4.67 -35.85
N TYR A 148 -7.75 3.49 -35.84
CA TYR A 148 -7.85 2.52 -34.74
C TYR A 148 -6.45 2.03 -34.42
N GLY A 149 -6.34 1.47 -33.22
CA GLY A 149 -5.13 0.86 -32.69
C GLY A 149 -4.47 1.75 -31.64
N ILE A 150 -3.14 1.77 -31.64
CA ILE A 150 -2.30 2.51 -30.70
C ILE A 150 -2.40 2.05 -29.24
N ARG A 151 -3.63 1.90 -28.74
CA ARG A 151 -3.85 1.77 -27.31
C ARG A 151 -5.23 1.28 -27.00
N SER A 152 -5.32 0.84 -25.74
CA SER A 152 -6.55 0.47 -25.05
C SER A 152 -6.58 1.22 -23.69
N PHE A 153 -7.31 0.71 -22.69
CA PHE A 153 -7.45 1.41 -21.40
C PHE A 153 -7.32 0.46 -20.23
N ASN A 154 -6.73 0.95 -19.14
CA ASN A 154 -6.39 0.06 -18.01
C ASN A 154 -7.48 0.07 -16.90
N ALA A 155 -7.32 -0.72 -15.85
CA ALA A 155 -8.28 -0.71 -14.76
C ALA A 155 -8.19 0.49 -13.76
N GLN A 156 -7.46 1.57 -14.14
CA GLN A 156 -7.37 2.80 -13.33
C GLN A 156 -7.59 4.07 -14.17
N GLU A 157 -8.16 3.91 -15.35
CA GLU A 157 -8.16 4.98 -16.36
C GLU A 157 -9.61 5.24 -16.74
N ASP A 158 -9.89 6.50 -17.07
CA ASP A 158 -11.07 6.84 -17.84
C ASP A 158 -11.00 6.04 -19.14
N VAL A 159 -12.08 5.36 -19.46
CA VAL A 159 -12.13 4.41 -20.56
C VAL A 159 -12.88 5.06 -21.68
N GLY A 160 -12.15 5.36 -22.76
CA GLY A 160 -12.67 6.01 -23.97
C GLY A 160 -13.30 5.00 -24.92
N GLY A 161 -13.41 5.36 -26.20
CA GLY A 161 -13.94 4.50 -27.26
C GLY A 161 -12.85 3.79 -28.12
N LEU A 162 -13.26 3.45 -29.34
CA LEU A 162 -12.37 2.79 -30.31
C LEU A 162 -11.55 3.76 -31.12
N LEU A 163 -12.15 4.88 -31.47
CA LEU A 163 -11.54 5.86 -32.36
C LEU A 163 -10.30 6.51 -31.75
N ARG A 164 -9.33 6.80 -32.63
CA ARG A 164 -8.03 7.35 -32.27
C ARG A 164 -7.72 8.51 -33.24
N ASN A 165 -8.69 9.39 -33.40
CA ASN A 165 -8.65 10.44 -34.40
C ASN A 165 -7.88 11.65 -33.92
N SER A 166 -7.82 11.86 -32.60
CA SER A 166 -6.93 12.88 -31.98
C SER A 166 -6.07 12.32 -30.87
N SER A 167 -5.06 11.50 -31.21
CA SER A 167 -4.32 10.70 -30.24
C SER A 167 -2.85 11.09 -30.08
N ASP A 168 -2.43 11.37 -28.84
CA ASP A 168 -1.00 11.50 -28.51
C ASP A 168 -0.53 10.51 -27.45
N HIS A 169 -1.38 9.57 -27.08
CA HIS A 169 -1.00 8.58 -26.05
C HIS A 169 0.20 7.76 -26.51
N PRO A 170 1.15 7.45 -25.63
CA PRO A 170 2.25 6.61 -26.07
C PRO A 170 1.81 5.23 -26.48
N ALA A 171 2.65 4.57 -27.27
CA ALA A 171 2.48 3.19 -27.59
C ALA A 171 3.26 2.45 -26.51
N HIS A 172 2.57 1.64 -25.72
CA HIS A 172 3.21 0.81 -24.68
C HIS A 172 2.33 -0.38 -24.31
N ALA A 173 2.96 -1.37 -23.71
CA ALA A 173 2.26 -2.51 -23.12
C ALA A 173 1.36 -2.02 -21.99
N GLY A 174 1.92 -1.24 -21.07
CA GLY A 174 1.16 -0.61 -19.96
C GLY A 174 1.02 -1.48 -18.75
N GLN A 175 -0.05 -1.27 -17.99
CA GLN A 175 -0.36 -2.12 -16.83
C GLN A 175 -1.84 -2.41 -16.68
N GLN A 176 -2.18 -3.37 -15.83
CA GLN A 176 -3.57 -3.47 -15.33
C GLN A 176 -4.57 -3.48 -16.49
N GLY A 177 -4.35 -4.42 -17.41
CA GLY A 177 -5.27 -4.63 -18.53
C GLY A 177 -5.06 -3.82 -19.79
N ASP A 178 -4.09 -2.91 -19.75
CA ASP A 178 -3.79 -2.13 -20.94
C ASP A 178 -3.24 -2.97 -22.05
N ALA A 179 -3.29 -2.36 -23.22
CA ALA A 179 -2.60 -2.87 -24.40
C ALA A 179 -2.26 -1.70 -25.29
N GLY A 180 -1.30 -1.91 -26.17
CA GLY A 180 -0.89 -0.86 -27.06
C GLY A 180 0.29 -1.26 -27.93
N GLY A 181 0.63 -0.39 -28.86
CA GLY A 181 1.75 -0.68 -29.76
C GLY A 181 1.83 0.29 -30.91
N PRO A 182 2.96 0.29 -31.63
CA PRO A 182 3.20 1.23 -32.75
C PRO A 182 2.42 0.83 -33.99
N PHE A 183 1.09 0.82 -33.88
CA PHE A 183 0.22 0.20 -34.92
C PHE A 183 -1.01 1.07 -35.07
N MET A 184 -1.15 1.68 -36.24
CA MET A 184 -2.19 2.69 -36.50
C MET A 184 -2.80 2.32 -37.82
N TRP A 185 -4.12 2.14 -37.88
CA TRP A 185 -4.76 1.72 -39.12
C TRP A 185 -6.14 2.27 -39.21
N SER A 186 -6.70 2.22 -40.40
CA SER A 186 -7.95 2.90 -40.70
C SER A 186 -8.88 2.04 -41.55
N THR A 187 -10.17 2.37 -41.42
CA THR A 187 -11.22 1.73 -42.17
C THR A 187 -11.26 2.29 -43.57
N ALA A 188 -10.59 3.41 -43.79
CA ALA A 188 -10.44 3.99 -45.14
C ALA A 188 -9.53 3.19 -46.07
N GLY A 189 -8.83 2.17 -45.57
CA GLY A 189 -8.19 1.17 -46.43
C GLY A 189 -6.69 0.90 -46.26
N TYR A 190 -6.10 1.40 -45.18
CA TYR A 190 -4.70 1.26 -44.92
C TYR A 190 -4.38 1.08 -43.44
N GLY A 191 -3.17 0.56 -43.21
CA GLY A 191 -2.56 0.56 -41.89
C GLY A 191 -1.05 0.77 -41.95
N VAL A 192 -0.51 1.21 -40.82
CA VAL A 192 0.89 1.45 -40.58
C VAL A 192 1.34 0.75 -39.29
N LEU A 193 2.43 -0.01 -39.37
CA LEU A 193 3.05 -0.72 -38.25
C LEU A 193 4.56 -0.44 -38.21
N VAL A 194 5.03 0.16 -37.11
CA VAL A 194 6.45 0.46 -36.90
C VAL A 194 7.09 -0.49 -35.87
N ASP A 195 8.26 -1.01 -36.19
CA ASP A 195 9.00 -1.82 -35.21
C ASP A 195 9.68 -0.90 -34.25
N SER A 196 9.22 -0.87 -33.00
CA SER A 196 9.77 0.03 -31.98
C SER A 196 9.54 -0.53 -30.61
N ASP A 197 10.44 -0.19 -29.69
CA ASP A 197 10.28 -0.49 -28.27
C ASP A 197 9.73 0.80 -27.62
N GLY A 198 8.39 0.88 -27.54
CA GLY A 198 7.72 2.09 -27.11
C GLY A 198 7.75 3.16 -28.18
N GLY A 199 7.39 4.39 -27.81
CA GLY A 199 7.31 5.49 -28.76
C GLY A 199 5.98 6.21 -28.72
N TYR A 200 5.85 7.19 -29.62
CA TYR A 200 4.83 8.25 -29.53
C TYR A 200 4.09 8.37 -30.87
N PRO A 201 2.96 7.63 -31.03
CA PRO A 201 2.14 7.78 -32.18
C PRO A 201 1.37 9.06 -32.09
N TYR A 202 1.05 9.64 -33.23
CA TYR A 202 0.36 10.91 -33.26
C TYR A 202 -0.62 10.94 -34.42
N THR A 203 -1.89 11.21 -34.10
CA THR A 203 -2.94 11.55 -35.08
C THR A 203 -3.60 12.89 -34.76
N ASP A 204 -4.09 13.58 -35.79
CA ASP A 204 -5.04 14.68 -35.58
C ASP A 204 -5.99 14.79 -36.75
N THR A 205 -7.00 15.65 -36.56
CA THR A 205 -8.09 15.79 -37.52
C THR A 205 -7.76 16.68 -38.70
N THR A 206 -6.52 17.19 -38.82
CA THR A 206 -6.03 17.71 -40.13
C THR A 206 -5.51 16.58 -41.03
N GLY A 207 -5.42 15.38 -40.49
CA GLY A 207 -5.12 14.21 -41.29
C GLY A 207 -3.72 13.65 -41.11
N LYS A 208 -3.03 14.04 -40.03
CA LYS A 208 -1.69 13.54 -39.79
C LYS A 208 -1.78 12.14 -39.24
N LEU A 209 -0.85 11.30 -39.67
CA LEU A 209 -0.67 9.99 -39.09
C LEU A 209 0.83 9.76 -38.97
N GLU A 210 1.36 10.06 -37.79
CA GLU A 210 2.79 10.03 -37.52
C GLU A 210 3.17 9.05 -36.37
N PHE A 211 4.43 8.63 -36.37
CA PHE A 211 5.05 7.91 -35.28
C PHE A 211 6.52 8.35 -35.09
N TYR A 212 6.87 8.58 -33.83
CA TYR A 212 8.19 9.06 -33.40
C TYR A 212 8.80 8.15 -32.31
N TYR A 213 10.05 7.76 -32.48
CA TYR A 213 10.73 7.08 -31.41
C TYR A 213 10.75 7.88 -30.10
N GLY A 214 11.07 9.17 -30.23
CA GLY A 214 11.26 10.07 -29.09
C GLY A 214 12.32 9.59 -28.10
N GLY A 215 12.28 10.19 -26.91
CA GLY A 215 13.14 9.81 -25.81
C GLY A 215 12.62 8.62 -25.03
N THR A 216 13.50 8.06 -24.22
CA THR A 216 13.22 6.91 -23.37
C THR A 216 11.83 7.04 -22.71
N PRO A 217 10.94 6.07 -22.98
CA PRO A 217 9.64 6.17 -22.38
C PRO A 217 9.66 5.75 -20.91
N THR A 218 8.59 6.08 -20.21
CA THR A 218 8.42 5.73 -18.80
C THR A 218 8.80 4.26 -18.55
N GLU A 219 8.42 3.39 -19.45
CA GLU A 219 8.67 1.96 -19.29
C GLU A 219 10.11 1.48 -19.57
N GLY A 220 11.02 2.39 -19.94
CA GLY A 220 12.34 1.99 -20.38
C GLY A 220 12.35 1.65 -21.86
N ARG A 221 13.56 1.54 -22.42
CA ARG A 221 13.73 1.11 -23.80
C ARG A 221 14.97 0.25 -23.86
N ARG A 222 14.85 -1.02 -24.20
CA ARG A 222 16.00 -1.93 -24.23
C ARG A 222 16.39 -2.44 -25.65
N TYR A 223 15.64 -2.04 -26.66
CA TYR A 223 15.93 -2.34 -28.06
C TYR A 223 15.99 -0.96 -28.71
N THR A 224 17.19 -0.53 -29.08
CA THR A 224 17.35 0.72 -29.80
C THR A 224 17.49 0.27 -31.22
N LYS A 225 17.13 1.17 -32.13
CA LYS A 225 17.17 0.93 -33.55
C LYS A 225 17.73 2.19 -34.18
N THR A 226 18.86 2.09 -34.86
CA THR A 226 19.39 3.22 -35.65
C THR A 226 18.59 3.41 -36.91
N ASN A 227 18.06 2.32 -37.48
CA ASN A 227 17.14 2.40 -38.65
C ASN A 227 15.67 2.60 -38.27
N VAL A 228 14.84 2.86 -39.30
CA VAL A 228 13.39 2.87 -39.17
C VAL A 228 12.80 1.80 -40.07
N GLU A 229 12.07 0.87 -39.45
CA GLU A 229 11.52 -0.33 -40.05
C GLU A 229 10.02 -0.31 -39.87
N TYR A 230 9.29 -0.13 -40.96
CA TYR A 230 7.85 -0.12 -40.89
C TYR A 230 7.21 -0.94 -41.97
N TYR A 231 5.91 -1.09 -41.84
CA TYR A 231 5.12 -1.88 -42.77
C TYR A 231 3.88 -1.07 -43.13
N ILE A 232 3.51 -1.08 -44.40
CA ILE A 232 2.28 -0.44 -44.83
C ILE A 232 1.40 -1.55 -45.30
N MET A 233 0.18 -1.62 -44.74
CA MET A 233 -0.86 -2.58 -45.14
C MET A 233 -1.87 -1.86 -45.98
N VAL A 234 -2.45 -2.56 -46.93
CA VAL A 234 -3.58 -2.07 -47.71
C VAL A 234 -4.71 -3.09 -47.67
N GLY A 235 -5.90 -2.64 -47.28
CA GLY A 235 -7.11 -3.46 -47.40
C GLY A 235 -8.20 -3.04 -46.46
N GLU A 236 -9.28 -3.77 -46.56
CA GLU A 236 -10.32 -3.80 -45.54
C GLU A 236 -9.76 -4.33 -44.19
N PRO A 237 -10.45 -4.06 -43.08
CA PRO A 237 -9.92 -4.33 -41.76
C PRO A 237 -9.44 -5.75 -41.54
N LYS A 238 -10.12 -6.73 -42.10
CA LYS A 238 -9.67 -8.13 -41.94
C LYS A 238 -8.31 -8.35 -42.54
N GLU A 239 -8.05 -7.72 -43.67
CA GLU A 239 -6.79 -7.95 -44.41
C GLU A 239 -5.65 -7.26 -43.73
N ILE A 240 -5.93 -6.06 -43.23
CA ILE A 240 -5.02 -5.36 -42.36
C ILE A 240 -4.64 -6.18 -41.13
N MET A 241 -5.62 -6.81 -40.48
CA MET A 241 -5.30 -7.57 -39.26
C MET A 241 -4.53 -8.84 -39.61
N ALA A 242 -4.86 -9.46 -40.72
CA ALA A 242 -4.15 -10.65 -41.13
C ALA A 242 -2.70 -10.31 -41.51
N SER A 243 -2.51 -9.14 -42.12
CA SER A 243 -1.17 -8.66 -42.44
C SER A 243 -0.37 -8.34 -41.19
N TYR A 244 -1.03 -7.77 -40.19
CA TYR A 244 -0.42 -7.48 -38.89
C TYR A 244 0.11 -8.76 -38.28
N ALA A 245 -0.64 -9.83 -38.42
CA ALA A 245 -0.27 -11.13 -37.88
C ALA A 245 0.75 -11.92 -38.74
N GLN A 246 0.84 -11.68 -40.05
CA GLN A 246 1.95 -12.23 -40.84
C GLN A 246 3.27 -11.62 -40.32
N VAL A 247 3.25 -10.35 -39.93
CA VAL A 247 4.48 -9.64 -39.51
C VAL A 247 4.88 -9.92 -38.04
N THR A 248 3.94 -9.84 -37.11
CA THR A 248 4.25 -9.97 -35.68
C THR A 248 3.98 -11.39 -35.18
N GLY A 249 3.22 -12.15 -35.91
CA GLY A 249 3.04 -13.57 -35.61
C GLY A 249 1.58 -13.94 -35.39
N THR A 250 1.24 -15.17 -35.72
CA THR A 250 -0.11 -15.67 -35.51
C THR A 250 -0.13 -16.28 -34.12
N ALA A 251 -1.31 -16.63 -33.64
CA ALA A 251 -1.45 -17.12 -32.30
C ALA A 251 -1.52 -18.67 -32.32
N PRO A 252 -0.65 -19.33 -31.55
CA PRO A 252 -0.86 -20.76 -31.45
C PRO A 252 -2.23 -21.11 -30.80
N MET A 253 -2.78 -22.24 -31.22
CA MET A 253 -4.01 -22.73 -30.71
C MET A 253 -3.85 -23.09 -29.27
N LEU A 254 -4.80 -22.66 -28.45
CA LEU A 254 -4.83 -22.97 -27.04
C LEU A 254 -5.51 -24.32 -26.88
N PRO A 255 -5.38 -25.00 -25.72
CA PRO A 255 -6.15 -26.24 -25.48
C PRO A 255 -7.61 -25.98 -25.65
N LYS A 256 -8.37 -26.98 -26.06
CA LYS A 256 -9.77 -26.77 -26.32
C LYS A 256 -10.51 -26.37 -25.02
N TRP A 257 -10.06 -26.92 -23.87
CA TRP A 257 -10.66 -26.57 -22.60
C TRP A 257 -10.61 -25.09 -22.34
N SER A 258 -9.67 -24.37 -22.98
CA SER A 258 -9.60 -22.91 -22.84
C SER A 258 -10.88 -22.15 -23.22
N LEU A 259 -11.76 -22.76 -24.02
CA LEU A 259 -13.08 -22.16 -24.34
C LEU A 259 -14.14 -22.42 -23.28
N GLY A 260 -13.79 -23.17 -22.24
CA GLY A 260 -14.70 -23.45 -21.16
C GLY A 260 -14.69 -22.34 -20.16
N PHE A 261 -15.57 -22.46 -19.19
CA PHE A 261 -15.68 -21.51 -18.10
C PHE A 261 -14.57 -21.85 -17.15
N MET A 262 -14.00 -20.84 -16.52
CA MET A 262 -12.92 -20.98 -15.51
C MET A 262 -13.30 -20.19 -14.27
N ASN A 263 -13.08 -20.75 -13.08
CA ASN A 263 -13.37 -20.11 -11.79
C ASN A 263 -11.98 -19.79 -11.25
N PHE A 264 -11.66 -18.51 -11.04
CA PHE A 264 -10.36 -18.09 -10.46
C PHE A 264 -10.69 -17.79 -9.02
N GLU A 265 -9.80 -18.13 -8.10
CA GLU A 265 -10.09 -17.88 -6.69
C GLU A 265 -8.82 -17.77 -5.84
N TRP A 266 -8.82 -16.77 -4.98
CA TRP A 266 -7.78 -16.52 -3.99
C TRP A 266 -8.41 -16.78 -2.62
N GLY A 267 -7.71 -17.58 -1.82
CA GLY A 267 -8.26 -18.05 -0.55
C GLY A 267 -9.04 -19.32 -0.82
N ILE A 268 -8.29 -20.43 -0.85
CA ILE A 268 -8.77 -21.70 -1.30
C ILE A 268 -7.83 -22.86 -0.97
N ASP A 269 -8.41 -23.96 -0.48
CA ASP A 269 -7.70 -25.22 -0.23
C ASP A 269 -8.34 -26.36 -1.02
N GLN A 270 -7.72 -27.52 -0.98
CA GLN A 270 -8.20 -28.69 -1.72
C GLN A 270 -9.64 -29.03 -1.40
N ASP A 271 -10.03 -28.98 -0.13
CA ASP A 271 -11.43 -29.25 0.30
C ASP A 271 -12.46 -28.33 -0.35
N GLU A 272 -12.15 -27.02 -0.40
CA GLU A 272 -13.07 -26.02 -0.96
C GLU A 272 -13.11 -26.18 -2.50
N LEU A 273 -11.96 -26.47 -3.09
CA LEU A 273 -11.88 -26.79 -4.52
C LEU A 273 -12.84 -27.91 -4.87
N GLU A 274 -12.73 -29.00 -4.13
CA GLU A 274 -13.54 -30.21 -4.39
C GLU A 274 -15.03 -29.89 -4.15
N ALA A 275 -15.36 -29.18 -3.07
CA ALA A 275 -16.76 -28.70 -2.86
C ALA A 275 -17.24 -27.86 -4.05
N HIS A 276 -16.40 -26.93 -4.53
CA HIS A 276 -16.81 -26.12 -5.72
C HIS A 276 -17.05 -26.97 -6.98
N VAL A 277 -16.23 -27.95 -7.25
CA VAL A 277 -16.42 -28.79 -8.43
C VAL A 277 -17.72 -29.66 -8.33
N ASP A 278 -17.92 -30.26 -7.16
CA ASP A 278 -19.20 -30.89 -6.79
C ASP A 278 -20.39 -29.97 -7.07
N GLY A 279 -20.39 -28.75 -6.54
CA GLY A 279 -21.52 -27.81 -6.74
C GLY A 279 -21.82 -27.54 -8.21
N TYR A 280 -20.79 -27.35 -9.03
CA TYR A 280 -20.97 -27.15 -10.46
C TYR A 280 -21.55 -28.40 -11.15
N ARG A 281 -20.95 -29.54 -10.85
CA ARG A 281 -21.28 -30.80 -11.53
C ARG A 281 -22.67 -31.35 -11.12
N ALA A 282 -23.01 -31.24 -9.85
CA ALA A 282 -24.36 -31.49 -9.36
C ALA A 282 -25.40 -30.68 -10.12
N ARG A 283 -25.12 -29.42 -10.44
CA ARG A 283 -26.13 -28.56 -11.05
C ARG A 283 -26.11 -28.57 -12.57
N ASN A 284 -25.25 -29.40 -13.17
CA ASN A 284 -24.98 -29.38 -14.61
C ASN A 284 -24.71 -27.95 -15.10
N ILE A 285 -24.01 -27.15 -14.29
CA ILE A 285 -23.40 -25.89 -14.75
C ILE A 285 -21.99 -26.24 -15.25
N PRO A 286 -21.78 -26.22 -16.58
CA PRO A 286 -20.44 -26.58 -17.13
C PRO A 286 -19.31 -25.73 -16.60
N ILE A 287 -18.13 -26.33 -16.47
CA ILE A 287 -16.89 -25.65 -16.12
C ILE A 287 -15.68 -26.56 -16.47
N ASP A 288 -14.61 -25.95 -16.98
CA ASP A 288 -13.38 -26.67 -17.40
C ASP A 288 -12.11 -26.45 -16.52
N ALA A 289 -12.07 -25.39 -15.72
CA ALA A 289 -10.83 -25.03 -15.03
C ALA A 289 -11.03 -24.26 -13.74
N PHE A 290 -10.18 -24.54 -12.76
CA PHE A 290 -9.99 -23.63 -11.64
C PHE A 290 -8.61 -23.07 -11.79
N ALA A 291 -8.50 -21.77 -11.49
CA ALA A 291 -7.25 -21.09 -11.37
C ALA A 291 -7.07 -20.81 -9.90
N LEU A 292 -5.88 -21.13 -9.39
CA LEU A 292 -5.55 -20.92 -7.99
C LEU A 292 -4.58 -19.74 -7.85
N ASP A 293 -4.85 -18.85 -6.89
CA ASP A 293 -3.97 -17.69 -6.57
C ASP A 293 -2.78 -18.20 -5.69
N TYR A 294 -2.11 -17.33 -4.93
CA TYR A 294 -1.02 -17.71 -3.94
C TYR A 294 -1.25 -19.02 -3.20
N ASP A 295 -2.52 -19.34 -2.94
CA ASP A 295 -2.80 -20.53 -2.14
C ASP A 295 -2.06 -21.74 -2.72
N TRP A 296 -1.84 -21.77 -4.03
CA TRP A 296 -1.32 -23.00 -4.61
C TRP A 296 0.14 -23.31 -4.31
N MET A 297 0.92 -22.32 -3.93
CA MET A 297 2.38 -22.42 -3.92
C MET A 297 2.92 -22.01 -2.57
N ASP A 298 4.14 -22.45 -2.23
CA ASP A 298 4.77 -22.01 -0.96
C ASP A 298 5.49 -20.67 -1.12
N TYR A 299 4.72 -19.63 -1.45
CA TYR A 299 5.25 -18.31 -1.66
C TYR A 299 5.68 -17.80 -0.30
N GLY A 300 6.89 -17.25 -0.27
CA GLY A 300 7.53 -16.76 0.93
C GLY A 300 8.68 -17.64 1.42
N GLU A 301 8.71 -18.91 1.00
CA GLU A 301 9.69 -19.87 1.56
C GLU A 301 10.91 -20.06 0.66
N ASP A 302 11.98 -20.50 1.32
CA ASP A 302 13.29 -20.77 0.73
C ASP A 302 13.10 -21.92 -0.25
N ASN A 303 14.17 -22.24 -1.00
CA ASN A 303 14.24 -23.36 -1.93
C ASN A 303 13.14 -23.30 -2.99
N TYR A 304 13.01 -22.13 -3.59
CA TYR A 304 12.06 -21.95 -4.67
C TYR A 304 10.58 -22.15 -4.22
N GLY A 305 10.24 -21.60 -3.06
CA GLY A 305 8.86 -21.65 -2.57
C GLY A 305 7.79 -21.19 -3.58
N GLU A 306 8.17 -20.22 -4.42
CA GLU A 306 7.24 -19.59 -5.37
C GLU A 306 7.05 -20.43 -6.63
N PHE A 307 7.67 -21.60 -6.67
CA PHE A 307 7.48 -22.56 -7.74
C PHE A 307 6.94 -23.92 -7.30
N ARG A 308 6.68 -24.07 -6.00
CA ARG A 308 6.46 -25.39 -5.42
C ARG A 308 5.02 -25.39 -4.85
N TRP A 309 4.35 -26.50 -5.07
CA TRP A 309 3.06 -26.75 -4.52
C TRP A 309 2.98 -26.64 -2.96
N ASN A 310 2.01 -25.89 -2.47
CA ASN A 310 1.70 -25.80 -1.07
C ASN A 310 0.88 -27.04 -0.69
N THR A 311 1.54 -28.05 -0.12
CA THR A 311 0.84 -29.29 0.25
C THR A 311 0.10 -29.18 1.60
N ASP A 312 0.14 -28.02 2.26
CA ASP A 312 -0.75 -27.79 3.42
C ASP A 312 -2.15 -27.43 2.93
N ASN A 313 -2.23 -26.64 1.86
CA ASN A 313 -3.47 -26.30 1.20
C ASN A 313 -3.96 -27.42 0.25
N PHE A 314 -3.01 -28.09 -0.39
CA PHE A 314 -3.28 -29.07 -1.42
C PHE A 314 -2.44 -30.31 -1.18
N PRO A 315 -2.80 -31.10 -0.14
CA PRO A 315 -2.10 -32.36 0.22
C PRO A 315 -1.82 -33.29 -0.92
N ASP A 316 -2.78 -33.52 -1.81
CA ASP A 316 -2.55 -34.55 -2.86
C ASP A 316 -1.73 -34.02 -4.03
N ALA A 317 -1.33 -32.73 -3.98
CA ALA A 317 -0.32 -32.20 -4.90
C ALA A 317 1.13 -32.63 -4.52
N ALA A 318 1.27 -33.42 -3.46
CA ALA A 318 2.53 -34.11 -3.16
C ALA A 318 2.90 -35.05 -4.28
N THR A 319 1.91 -35.70 -4.89
CA THR A 319 2.12 -36.48 -6.13
C THR A 319 1.26 -35.89 -7.24
N THR A 320 1.21 -36.60 -8.37
CA THR A 320 0.28 -36.30 -9.46
C THR A 320 -1.22 -36.59 -9.13
N GLN A 321 -1.52 -36.93 -7.89
CA GLN A 321 -2.83 -37.43 -7.55
C GLN A 321 -3.88 -36.35 -7.78
N LEU A 322 -3.71 -35.18 -7.15
CA LEU A 322 -4.60 -34.05 -7.35
C LEU A 322 -4.79 -33.76 -8.82
N LYS A 323 -3.70 -33.67 -9.57
CA LYS A 323 -3.84 -33.44 -10.97
C LYS A 323 -4.77 -34.45 -11.66
N GLU A 324 -4.59 -35.73 -11.34
CA GLU A 324 -5.25 -36.82 -12.06
C GLU A 324 -6.68 -36.99 -11.64
N ASP A 325 -6.95 -36.88 -10.35
CA ASP A 325 -8.30 -36.75 -9.81
C ASP A 325 -9.11 -35.56 -10.39
N MET A 326 -8.50 -34.38 -10.56
CA MET A 326 -9.20 -33.26 -11.17
C MET A 326 -9.41 -33.46 -12.68
N GLU A 327 -8.39 -33.97 -13.37
CA GLU A 327 -8.58 -34.50 -14.73
C GLU A 327 -9.87 -35.36 -14.83
N ALA A 328 -10.04 -36.30 -13.94
CA ALA A 328 -11.14 -37.25 -14.05
C ALA A 328 -12.53 -36.61 -13.78
N GLU A 329 -12.55 -35.50 -13.04
CA GLU A 329 -13.76 -34.68 -12.89
C GLU A 329 -13.87 -33.56 -13.97
N GLY A 330 -12.94 -33.54 -14.94
CA GLY A 330 -12.94 -32.62 -16.05
C GLY A 330 -12.44 -31.23 -15.76
N ILE A 331 -11.52 -31.11 -14.79
CA ILE A 331 -10.98 -29.80 -14.33
C ILE A 331 -9.49 -29.76 -14.59
N ARG A 332 -9.05 -28.66 -15.19
CA ARG A 332 -7.63 -28.37 -15.40
C ARG A 332 -7.29 -27.33 -14.40
N LEU A 333 -6.03 -27.30 -13.97
CA LEU A 333 -5.59 -26.30 -13.00
C LEU A 333 -4.62 -25.27 -13.53
N ILE A 334 -4.92 -24.03 -13.16
CA ILE A 334 -4.16 -22.88 -13.52
C ILE A 334 -3.61 -22.28 -12.24
N GLY A 335 -2.34 -21.90 -12.27
CA GLY A 335 -1.67 -21.27 -11.11
C GLY A 335 -1.10 -19.88 -11.39
N ILE A 336 -1.22 -19.00 -10.40
CA ILE A 336 -0.72 -17.65 -10.52
C ILE A 336 0.80 -17.73 -10.45
N ARG A 337 1.45 -16.86 -11.23
CA ARG A 337 2.88 -16.64 -11.24
C ARG A 337 3.12 -15.13 -11.22
N LYS A 338 4.09 -14.71 -10.42
CA LYS A 338 4.57 -13.33 -10.47
C LYS A 338 5.99 -13.42 -11.02
N PRO A 339 6.43 -12.43 -11.80
CA PRO A 339 7.76 -12.51 -12.35
C PRO A 339 8.79 -11.92 -11.35
N ARG A 340 8.94 -12.60 -10.21
CA ARG A 340 9.85 -12.15 -9.19
C ARG A 340 10.12 -13.28 -8.29
N ILE A 341 11.14 -13.10 -7.45
CA ILE A 341 11.44 -14.09 -6.39
C ILE A 341 11.55 -13.48 -5.00
N ILE A 342 11.31 -14.35 -4.03
CA ILE A 342 11.54 -14.04 -2.65
C ILE A 342 13.07 -14.11 -2.43
N THR A 343 13.63 -13.00 -1.95
CA THR A 343 15.05 -12.91 -1.62
C THR A 343 15.34 -13.07 -0.09
N ARG A 344 14.31 -13.13 0.77
CA ARG A 344 14.47 -13.35 2.25
C ARG A 344 13.47 -14.37 2.79
N ASP A 345 13.87 -15.37 3.59
CA ASP A 345 12.88 -16.20 4.34
C ASP A 345 12.31 -15.42 5.54
N PHE A 346 11.37 -16.01 6.30
CA PHE A 346 10.84 -15.34 7.51
C PHE A 346 11.97 -14.87 8.43
N ALA A 347 12.93 -15.77 8.65
CA ALA A 347 14.12 -15.50 9.48
C ALA A 347 15.11 -14.43 8.90
N ASN A 348 14.68 -13.67 7.88
CA ASN A 348 15.52 -12.69 7.17
C ASN A 348 16.84 -13.24 6.56
N GLN A 349 17.00 -14.58 6.42
CA GLN A 349 18.16 -15.18 5.69
C GLN A 349 17.90 -15.14 4.19
N ARG A 350 18.99 -15.01 3.45
CA ARG A 350 18.93 -15.07 2.02
C ARG A 350 18.46 -16.44 1.55
N THR A 351 17.60 -16.44 0.54
CA THR A 351 17.05 -17.68 -0.01
C THR A 351 17.98 -18.20 -1.09
N GLN A 352 17.83 -19.48 -1.42
CA GLN A 352 18.62 -20.13 -2.48
C GLN A 352 18.32 -19.47 -3.84
N GLN A 353 17.04 -19.13 -4.08
CA GLN A 353 16.55 -18.35 -5.24
C GLN A 353 17.39 -17.09 -5.45
N TYR A 354 17.56 -16.36 -4.35
CA TYR A 354 18.32 -15.10 -4.37
C TYR A 354 19.71 -15.37 -4.88
N TYR A 355 20.38 -16.34 -4.24
CA TYR A 355 21.77 -16.58 -4.54
C TYR A 355 21.91 -16.97 -6.01
N ASP A 356 20.99 -17.79 -6.54
CA ASP A 356 21.09 -18.26 -7.94
C ASP A 356 20.83 -17.15 -8.93
N ALA A 357 19.89 -16.26 -8.55
CA ALA A 357 19.53 -15.14 -9.39
C ALA A 357 20.64 -14.10 -9.36
N ASP A 358 21.07 -13.70 -8.16
CA ASP A 358 22.11 -12.63 -7.99
C ASP A 358 23.34 -13.08 -8.79
N SER A 359 23.79 -14.31 -8.59
CA SER A 359 25.05 -14.82 -9.16
C SER A 359 25.09 -14.96 -10.67
N ASN A 360 23.93 -15.20 -11.29
CA ASN A 360 23.83 -15.41 -12.75
C ASN A 360 23.24 -14.19 -13.46
N GLY A 361 22.90 -13.13 -12.73
CA GLY A 361 22.42 -11.84 -13.34
C GLY A 361 20.98 -11.82 -13.83
N TYR A 362 20.08 -12.50 -13.11
CA TYR A 362 18.68 -12.69 -13.55
C TYR A 362 17.64 -11.65 -13.07
N PHE A 363 18.05 -10.57 -12.41
CA PHE A 363 17.09 -9.59 -11.92
C PHE A 363 16.82 -8.53 -12.97
N TYR A 364 15.60 -7.99 -12.95
CA TYR A 364 15.24 -6.98 -13.96
C TYR A 364 16.18 -5.78 -13.77
N PRO A 365 16.75 -5.26 -14.86
CA PRO A 365 17.67 -4.12 -14.65
C PRO A 365 16.98 -2.84 -14.15
N GLY A 366 17.53 -2.24 -13.10
CA GLY A 366 16.93 -1.05 -12.46
C GLY A 366 15.88 -1.34 -11.35
N HIS A 367 15.59 -2.62 -11.09
CA HIS A 367 14.61 -3.02 -10.08
C HIS A 367 15.44 -3.62 -8.98
N ASN A 368 15.47 -2.95 -7.82
CA ASN A 368 16.10 -3.51 -6.64
C ASN A 368 15.06 -4.23 -5.87
N GLU A 369 15.46 -4.92 -4.80
CA GLU A 369 14.55 -5.45 -3.82
C GLU A 369 13.54 -4.44 -3.29
N TYR A 370 12.40 -4.94 -2.87
CA TYR A 370 11.37 -4.08 -2.37
C TYR A 370 10.50 -4.95 -1.49
N THR A 371 9.53 -4.37 -0.79
CA THR A 371 8.71 -5.06 0.20
C THR A 371 7.31 -5.25 -0.35
N ASP A 372 6.81 -6.47 -0.21
CA ASP A 372 5.46 -6.81 -0.66
C ASP A 372 4.75 -7.34 0.58
N TYR A 373 3.46 -7.63 0.44
CA TYR A 373 2.70 -8.37 1.42
C TYR A 373 1.95 -9.35 0.63
N PHE A 374 1.32 -10.29 1.30
CA PHE A 374 0.37 -11.08 0.57
C PHE A 374 -0.74 -11.72 1.40
N ILE A 375 -0.70 -11.62 2.73
CA ILE A 375 -1.79 -12.14 3.54
C ILE A 375 -2.50 -10.94 4.11
N PRO A 376 -3.66 -10.59 3.52
CA PRO A 376 -4.46 -9.51 4.11
C PRO A 376 -5.23 -9.97 5.30
N VAL A 377 -5.67 -8.98 6.06
CA VAL A 377 -6.54 -9.17 7.21
C VAL A 377 -7.59 -8.08 7.09
N THR A 378 -8.66 -8.23 7.85
CA THR A 378 -9.76 -7.30 7.81
C THR A 378 -9.88 -6.70 9.19
N VAL A 379 -9.82 -5.38 9.26
CA VAL A 379 -9.84 -4.68 10.54
C VAL A 379 -10.83 -3.55 10.49
N ARG A 380 -11.13 -3.03 11.68
CA ARG A 380 -11.93 -1.82 11.84
C ARG A 380 -11.57 -1.02 13.13
N SER A 381 -11.46 0.30 12.96
CA SER A 381 -11.13 1.22 14.02
C SER A 381 -12.11 1.13 15.22
N PHE A 382 -11.56 1.08 16.45
CA PHE A 382 -12.35 1.22 17.65
C PHE A 382 -12.45 2.70 17.98
N ASP A 383 -13.48 3.04 18.74
CA ASP A 383 -13.77 4.37 19.23
C ASP A 383 -13.30 4.54 20.68
N PRO A 384 -12.18 5.27 20.90
CA PRO A 384 -11.81 5.53 22.30
C PRO A 384 -12.67 6.61 23.01
N TYR A 385 -13.56 7.30 22.32
CA TYR A 385 -14.25 8.41 22.95
C TYR A 385 -15.33 8.01 23.94
N GLN A 386 -15.78 6.76 23.89
CA GLN A 386 -16.83 6.25 24.78
C GLN A 386 -16.19 5.61 26.02
N GLN A 387 -16.69 5.95 27.22
CA GLN A 387 -16.20 5.37 28.51
C GLN A 387 -16.32 3.84 28.54
N ALA A 388 -17.48 3.34 28.09
CA ALA A 388 -17.72 1.93 28.04
C ALA A 388 -16.78 1.25 27.04
N SER A 389 -16.44 1.94 25.95
CA SER A 389 -15.47 1.44 24.98
C SER A 389 -14.07 1.39 25.59
N ARG A 390 -13.70 2.47 26.28
CA ARG A 390 -12.44 2.43 27.05
C ARG A 390 -12.34 1.28 28.06
N ASP A 391 -13.42 1.00 28.81
CA ASP A 391 -13.37 -0.05 29.85
C ASP A 391 -13.15 -1.38 29.19
N TRP A 392 -13.86 -1.60 28.10
CA TRP A 392 -13.73 -2.85 27.35
C TRP A 392 -12.27 -3.03 26.90
N TRP A 393 -11.75 -2.01 26.19
CA TRP A 393 -10.38 -2.00 25.69
C TRP A 393 -9.39 -2.35 26.80
N TRP A 394 -9.51 -1.66 27.93
CA TRP A 394 -8.61 -1.93 29.06
C TRP A 394 -8.73 -3.39 29.56
N GLN A 395 -9.98 -3.86 29.73
CA GLN A 395 -10.28 -5.17 30.34
C GLN A 395 -9.55 -6.24 29.58
N HIS A 396 -9.61 -6.15 28.25
CA HIS A 396 -8.88 -7.08 27.40
C HIS A 396 -7.36 -6.91 27.35
N SER A 397 -6.83 -5.81 27.89
CA SER A 397 -5.36 -5.57 27.97
C SER A 397 -4.72 -6.11 29.24
N ILE A 398 -5.53 -6.27 30.31
CA ILE A 398 -5.05 -6.72 31.64
C ILE A 398 -4.17 -7.97 31.55
N ASP A 399 -4.51 -8.93 30.74
CA ASP A 399 -3.69 -10.17 30.75
C ASP A 399 -2.29 -9.92 30.21
N ALA A 400 -2.19 -9.07 29.18
CA ALA A 400 -0.88 -8.72 28.59
C ALA A 400 -0.04 -7.91 29.53
N PHE A 401 -0.71 -7.05 30.32
CA PHE A 401 -0.08 -6.28 31.39
C PHE A 401 0.57 -7.15 32.49
N ASP A 402 -0.21 -8.07 33.07
CA ASP A 402 0.28 -9.01 34.12
C ASP A 402 1.45 -9.80 33.58
N LYS A 403 1.45 -10.06 32.27
CA LYS A 403 2.51 -10.86 31.63
C LYS A 403 3.65 -10.09 30.97
N GLY A 404 3.74 -8.79 31.23
CA GLY A 404 4.96 -8.03 30.89
C GLY A 404 4.86 -6.74 30.08
N ILE A 405 3.71 -6.44 29.52
CA ILE A 405 3.58 -5.19 28.77
C ILE A 405 3.21 -4.10 29.75
N VAL A 406 4.20 -3.33 30.19
CA VAL A 406 3.97 -2.23 31.15
C VAL A 406 4.05 -0.83 30.58
N GLY A 407 4.34 -0.76 29.29
CA GLY A 407 4.26 0.47 28.49
C GLY A 407 3.53 0.22 27.17
N TRP A 408 2.71 1.22 26.81
CA TRP A 408 1.76 1.14 25.72
C TRP A 408 2.24 2.02 24.55
N TRP A 409 2.67 1.35 23.49
CA TRP A 409 3.14 2.02 22.28
C TRP A 409 1.91 2.11 21.39
N ASN A 410 1.17 3.21 21.57
CA ASN A 410 -0.08 3.44 20.88
C ASN A 410 0.22 4.05 19.50
N ASP A 411 0.36 3.19 18.52
CA ASP A 411 0.58 3.59 17.14
C ASP A 411 -0.74 3.94 16.38
N GLU A 412 -0.60 4.74 15.33
CA GLU A 412 -1.65 4.92 14.32
C GLU A 412 -2.97 5.34 14.98
N THR A 413 -2.90 6.33 15.87
CA THR A 413 -4.09 6.92 16.50
C THR A 413 -4.52 8.20 15.81
N ASP A 414 -4.21 8.30 14.53
CA ASP A 414 -4.26 9.60 13.84
C ASP A 414 -5.03 9.49 12.51
N LYS A 415 -4.54 8.61 11.63
CA LYS A 415 -5.08 8.47 10.32
C LYS A 415 -4.82 7.08 9.76
N VAL A 416 -5.84 6.51 9.12
CA VAL A 416 -5.72 5.30 8.29
C VAL A 416 -5.36 5.68 6.83
N ASP A 417 -4.43 4.92 6.22
CA ASP A 417 -3.97 5.06 4.83
C ASP A 417 -3.85 3.64 4.28
N SER A 418 -4.95 3.07 3.81
CA SER A 418 -4.93 1.70 3.29
C SER A 418 -5.85 1.57 2.08
N GLY A 419 -5.25 1.83 0.90
CA GLY A 419 -5.92 1.71 -0.41
C GLY A 419 -7.05 2.69 -0.45
N SER A 420 -8.29 2.19 -0.64
CA SER A 420 -9.53 2.99 -0.54
C SER A 420 -9.86 3.53 0.87
N ALA A 421 -9.25 2.98 1.91
CA ALA A 421 -9.52 3.41 3.31
C ALA A 421 -8.63 4.61 3.72
N GLN A 422 -9.23 5.80 3.82
CA GLN A 422 -8.46 7.00 4.10
C GLN A 422 -9.01 7.76 5.31
N TYR A 423 -9.27 7.03 6.39
CA TYR A 423 -10.00 7.57 7.54
C TYR A 423 -9.18 8.32 8.57
N TRP A 424 -9.69 9.46 8.99
CA TRP A 424 -9.08 10.26 10.05
C TRP A 424 -9.67 9.90 11.41
N PHE A 425 -8.80 9.79 12.40
CA PHE A 425 -9.24 9.83 13.80
C PHE A 425 -9.38 11.28 14.22
N GLY A 426 -10.23 11.52 15.20
CA GLY A 426 -10.50 12.90 15.68
C GLY A 426 -9.34 13.39 16.52
N ASN A 427 -9.41 14.66 16.89
CA ASN A 427 -8.34 15.31 17.65
C ASN A 427 -8.07 14.79 19.08
N PHE A 428 -9.08 14.24 19.72
CA PHE A 428 -8.94 13.68 21.04
C PHE A 428 -8.72 12.15 21.03
N SER A 429 -8.50 11.53 19.88
CA SER A 429 -8.30 10.07 19.87
C SER A 429 -7.03 9.71 20.60
N THR A 430 -6.00 10.54 20.54
CA THR A 430 -4.76 10.17 21.25
C THR A 430 -4.93 10.34 22.73
N GLY A 431 -5.58 11.42 23.15
CA GLY A 431 -5.94 11.58 24.55
C GLY A 431 -6.82 10.49 25.10
N PHE A 432 -7.87 10.19 24.36
CA PHE A 432 -8.78 9.14 24.79
C PHE A 432 -8.17 7.73 24.80
N THR A 433 -7.35 7.41 23.79
CA THR A 433 -6.67 6.10 23.77
C THR A 433 -5.75 5.98 24.98
N SER A 434 -5.17 7.11 25.37
CA SER A 434 -4.24 7.13 26.49
C SER A 434 -5.09 7.02 27.74
N GLN A 435 -6.20 7.77 27.79
CA GLN A 435 -7.11 7.65 28.92
C GLN A 435 -7.50 6.17 29.21
N ALA A 436 -7.73 5.38 28.16
CA ALA A 436 -8.16 4.04 28.39
C ALA A 436 -7.14 3.28 29.20
N MET A 437 -5.87 3.40 28.84
CA MET A 437 -4.80 2.66 29.51
C MET A 437 -4.46 3.25 30.86
N TYR A 438 -4.63 4.54 30.98
CA TYR A 438 -4.29 5.26 32.22
C TYR A 438 -5.31 4.97 33.33
N ASP A 439 -6.58 5.28 33.08
CA ASP A 439 -7.64 5.05 34.06
C ASP A 439 -7.67 3.57 34.45
N GLY A 440 -7.63 2.68 33.47
CA GLY A 440 -7.55 1.25 33.72
C GLY A 440 -6.35 0.79 34.54
N GLN A 441 -5.13 1.14 34.13
CA GLN A 441 -3.95 0.59 34.82
C GLN A 441 -3.89 1.09 36.27
N ARG A 442 -4.36 2.32 36.50
CA ARG A 442 -4.36 2.95 37.83
C ARG A 442 -5.35 2.24 38.79
N ASP A 443 -6.62 2.16 38.38
CA ASP A 443 -7.63 1.42 39.13
C ASP A 443 -7.24 -0.07 39.41
N TYR A 444 -6.70 -0.74 38.40
CA TYR A 444 -6.25 -2.14 38.49
C TYR A 444 -5.07 -2.41 39.44
N THR A 445 -4.16 -1.46 39.57
CA THR A 445 -3.01 -1.60 40.48
C THR A 445 -3.03 -0.70 41.68
N ASN A 446 -4.19 -0.08 41.95
CA ASN A 446 -4.45 0.75 43.12
C ASN A 446 -3.44 1.87 43.17
N ASP A 447 -3.28 2.58 42.06
CA ASP A 447 -2.25 3.62 41.89
C ASP A 447 -0.79 3.17 42.15
N GLY A 448 -0.55 1.87 41.96
CA GLY A 448 0.69 1.23 42.37
C GLY A 448 1.77 1.18 41.34
N VAL A 449 1.38 1.11 40.08
CA VAL A 449 2.33 1.14 38.94
C VAL A 449 2.04 2.29 37.97
N ARG A 450 3.06 3.13 37.76
CA ARG A 450 2.97 4.25 36.85
C ARG A 450 2.86 3.80 35.41
N VAL A 451 2.16 4.68 34.72
CA VAL A 451 1.76 4.48 33.35
C VAL A 451 2.83 5.12 32.43
N TRP A 452 3.23 4.39 31.40
CA TRP A 452 4.05 4.91 30.33
C TRP A 452 3.36 4.54 29.02
N GLN A 453 3.21 5.54 28.16
CA GLN A 453 2.70 5.35 26.82
C GLN A 453 3.49 6.26 25.86
N THR A 454 3.36 5.93 24.59
CA THR A 454 3.77 6.86 23.55
C THR A 454 2.79 6.80 22.41
N ALA A 455 2.61 7.96 21.76
CA ALA A 455 1.75 8.11 20.61
C ALA A 455 2.45 8.98 19.58
N ARG A 456 1.91 9.03 18.36
CA ARG A 456 2.49 9.85 17.30
C ARG A 456 1.65 11.09 16.90
N SER A 457 0.72 11.50 17.76
CA SER A 457 0.15 12.85 17.71
C SER A 457 -0.05 13.38 19.12
N TYR A 458 -0.33 14.67 19.15
CA TYR A 458 -0.65 15.34 20.37
C TYR A 458 -1.57 16.50 20.09
N TYR A 459 -2.55 16.67 21.00
CA TYR A 459 -3.52 17.80 21.01
C TYR A 459 -3.77 18.13 22.53
N PRO A 460 -4.02 19.40 22.87
CA PRO A 460 -4.05 19.74 24.29
C PRO A 460 -5.00 18.89 25.13
N GLY A 461 -4.55 18.58 26.36
CA GLY A 461 -5.24 17.69 27.27
C GLY A 461 -4.70 16.26 27.26
N ALA A 462 -4.06 15.84 26.17
CA ALA A 462 -3.65 14.46 26.06
C ALA A 462 -2.67 14.08 27.16
N GLN A 463 -1.87 15.06 27.60
CA GLN A 463 -0.83 14.86 28.63
C GLN A 463 -1.34 14.40 29.99
N ARG A 464 -2.62 14.69 30.31
CA ARG A 464 -3.24 14.21 31.57
C ARG A 464 -3.29 12.68 31.68
N TYR A 465 -3.00 11.95 30.60
CA TYR A 465 -3.13 10.50 30.60
C TYR A 465 -1.81 9.85 30.38
N ALA A 466 -0.74 10.56 30.76
CA ALA A 466 0.58 9.97 30.77
C ALA A 466 1.02 9.45 29.42
N THR A 467 1.30 10.35 28.51
CA THR A 467 1.83 9.91 27.21
C THR A 467 2.93 10.80 26.68
N THR A 468 3.89 10.12 26.06
CA THR A 468 4.90 10.80 25.28
C THR A 468 4.43 10.98 23.85
N LEU A 469 5.19 11.78 23.11
CA LEU A 469 5.01 11.98 21.70
C LEU A 469 6.25 11.54 20.94
N TRP A 470 6.15 10.71 19.89
CA TRP A 470 7.30 10.52 19.01
C TRP A 470 7.00 11.02 17.61
N SER A 471 8.05 11.39 16.89
CA SER A 471 7.90 12.16 15.65
C SER A 471 7.61 11.33 14.38
N GLY A 472 7.16 10.10 14.58
CA GLY A 472 6.60 9.28 13.51
C GLY A 472 7.65 8.63 12.68
N ASP A 473 7.22 8.19 11.50
CA ASP A 473 8.03 7.40 10.56
C ASP A 473 9.04 8.22 9.81
N ILE A 474 9.98 8.81 10.50
CA ILE A 474 10.97 9.65 9.84
C ILE A 474 12.02 8.90 8.96
N GLY A 475 12.79 9.65 8.22
CA GLY A 475 13.71 9.09 7.23
C GLY A 475 15.14 8.88 7.72
N THR A 476 15.75 7.78 7.27
CA THR A 476 17.15 7.47 7.55
C THR A 476 18.02 8.27 6.57
N GLN A 477 18.18 9.54 6.89
CA GLN A 477 19.08 10.42 6.14
C GLN A 477 19.43 11.59 7.01
N PHE A 478 20.44 12.35 6.62
CA PHE A 478 20.83 13.56 7.35
C PHE A 478 19.84 14.73 7.30
N TYR A 479 19.13 14.90 6.21
CA TYR A 479 18.15 16.00 6.08
C TYR A 479 17.16 15.65 4.98
N LYS A 480 16.08 16.44 4.91
CA LYS A 480 15.05 16.26 3.88
C LYS A 480 15.63 16.50 2.48
N GLY A 481 15.62 15.44 1.69
CA GLY A 481 16.09 15.48 0.34
C GLY A 481 17.51 14.98 0.14
N GLU A 482 18.24 14.63 1.22
CA GLU A 482 19.60 14.06 1.06
C GLU A 482 19.53 12.79 0.21
N LEU A 483 18.71 11.82 0.64
CA LEU A 483 18.53 10.56 -0.10
C LEU A 483 17.17 10.47 -0.79
N PHE A 484 16.16 11.13 -0.22
CA PHE A 484 14.83 11.15 -0.79
C PHE A 484 14.03 12.29 -0.18
N ASN A 485 13.01 12.77 -0.88
CA ASN A 485 12.35 14.01 -0.49
C ASN A 485 11.08 13.77 0.31
N TRP A 486 10.59 12.52 0.38
CA TRP A 486 9.26 12.24 0.95
C TRP A 486 9.18 12.02 2.49
N ALA A 487 10.33 12.05 3.18
CA ALA A 487 10.33 12.20 4.65
C ALA A 487 11.48 13.08 5.11
N PRO A 488 11.33 13.70 6.27
CA PRO A 488 12.44 14.44 6.84
C PRO A 488 13.49 13.50 7.38
N GLY A 489 14.63 14.07 7.77
CA GLY A 489 15.75 13.32 8.37
C GLY A 489 16.12 13.80 9.75
N MET A 490 17.39 13.57 10.08
CA MET A 490 17.88 13.87 11.40
C MET A 490 17.86 15.39 11.65
N GLN A 491 18.39 16.17 10.71
CA GLN A 491 18.56 17.64 10.96
C GLN A 491 17.29 18.41 11.23
N GLU A 492 16.15 17.90 10.78
CA GLU A 492 14.88 18.55 10.99
C GLU A 492 14.29 18.31 12.40
N GLN A 493 14.73 17.23 13.04
CA GLN A 493 14.15 16.80 14.31
C GLN A 493 14.17 17.83 15.46
N PRO A 494 15.28 18.55 15.64
CA PRO A 494 15.25 19.53 16.70
C PRO A 494 14.04 20.46 16.57
N ARG A 495 13.76 20.87 15.33
CA ARG A 495 12.63 21.74 15.04
C ARG A 495 11.31 21.12 15.45
N ILE A 496 11.14 19.82 15.17
CA ILE A 496 9.90 19.11 15.55
C ILE A 496 9.80 19.07 17.11
N MET A 497 10.90 18.66 17.77
CA MET A 497 10.99 18.60 19.24
C MET A 497 10.53 19.92 19.94
N LEU A 498 11.15 21.00 19.52
CA LEU A 498 10.97 22.29 20.16
C LEU A 498 9.59 22.88 19.80
N SER A 499 9.11 22.58 18.59
CA SER A 499 7.74 22.93 18.22
C SER A 499 6.77 22.22 19.15
N SER A 500 7.08 20.95 19.52
CA SER A 500 6.24 20.20 20.44
C SER A 500 6.29 20.84 21.80
N ALA A 501 7.47 21.32 22.22
CA ALA A 501 7.59 21.95 23.52
C ALA A 501 6.83 23.27 23.58
N ASN A 502 6.86 23.99 22.47
CA ASN A 502 6.05 25.21 22.35
C ASN A 502 4.53 24.92 22.41
N LEU A 503 4.12 23.66 22.17
CA LEU A 503 2.71 23.25 22.34
C LEU A 503 2.35 22.61 23.69
N GLY A 504 3.35 22.53 24.59
CA GLY A 504 3.18 21.95 25.93
C GLY A 504 3.37 20.45 26.03
N GLN A 505 4.05 19.85 25.03
CA GLN A 505 4.34 18.43 25.03
C GLN A 505 5.85 18.24 24.89
N PRO A 506 6.57 18.43 25.99
CA PRO A 506 7.99 18.38 25.90
C PRO A 506 8.51 17.00 26.17
N LYS A 507 7.64 16.00 26.28
CA LYS A 507 8.05 14.61 26.50
C LYS A 507 8.07 13.93 25.16
N TRP A 508 9.14 14.24 24.42
CA TRP A 508 9.22 14.04 22.99
C TRP A 508 10.40 13.12 22.68
N GLY A 509 10.20 12.22 21.73
CA GLY A 509 11.32 11.46 21.20
C GLY A 509 11.15 11.21 19.72
N MET A 510 12.11 10.50 19.16
CA MET A 510 12.17 10.25 17.74
C MET A 510 12.76 8.86 17.59
N ASP A 511 12.61 8.27 16.40
CA ASP A 511 13.29 7.05 16.01
C ASP A 511 14.74 7.38 15.70
N THR A 512 15.62 7.34 16.70
CA THR A 512 17.02 7.60 16.43
C THR A 512 17.54 6.58 15.45
N GLY A 513 18.22 7.06 14.41
CA GLY A 513 18.68 6.24 13.26
C GLY A 513 17.71 6.20 12.09
N GLY A 514 16.51 6.71 12.32
CA GLY A 514 15.49 6.73 11.29
C GLY A 514 14.84 5.40 11.04
N PHE A 515 13.63 5.50 10.50
CA PHE A 515 12.76 4.40 10.20
C PHE A 515 12.77 4.03 8.73
N ASN A 516 12.41 4.97 7.87
CA ASN A 516 12.21 4.72 6.44
C ASN A 516 13.49 4.93 5.61
N SER A 517 13.56 4.18 4.52
CA SER A 517 14.59 4.26 3.51
C SER A 517 13.96 3.99 2.12
N LEU A 518 14.72 4.21 1.04
CA LEU A 518 14.35 3.77 -0.31
C LEU A 518 14.42 2.26 -0.38
N GLY A 519 13.32 1.66 -0.83
CA GLY A 519 13.12 0.20 -0.79
C GLY A 519 12.23 -0.31 0.36
N GLY A 520 11.76 0.59 1.22
CA GLY A 520 11.10 0.18 2.46
C GLY A 520 12.08 -0.55 3.37
N ALA A 521 11.60 -1.59 4.06
CA ALA A 521 12.38 -2.36 5.03
C ALA A 521 13.71 -3.01 4.51
N SER A 522 13.74 -3.37 3.24
CA SER A 522 14.96 -3.92 2.62
C SER A 522 15.98 -2.83 2.28
N GLY A 523 15.54 -1.57 2.42
CA GLY A 523 16.40 -0.40 2.24
C GLY A 523 17.47 -0.21 3.32
N PRO A 524 18.45 0.68 3.05
CA PRO A 524 19.62 0.80 3.92
C PRO A 524 19.39 1.36 5.35
N ASN A 525 20.17 0.81 6.26
CA ASN A 525 20.27 1.28 7.61
C ASN A 525 21.07 2.61 7.55
N PRO A 526 21.10 3.37 8.65
CA PRO A 526 22.02 4.51 8.69
C PRO A 526 23.48 4.16 8.50
N SER A 527 24.24 5.05 7.85
CA SER A 527 25.71 5.04 7.90
C SER A 527 26.18 5.04 9.34
N PRO A 528 27.39 4.50 9.59
CA PRO A 528 27.88 4.66 10.95
C PRO A 528 27.89 6.12 11.44
N GLU A 529 28.20 7.06 10.55
CA GLU A 529 28.28 8.45 10.94
C GLU A 529 26.93 8.95 11.44
N LEU A 530 25.89 8.66 10.64
CA LEU A 530 24.53 9.08 10.90
C LEU A 530 24.01 8.50 12.20
N TYR A 531 24.20 7.18 12.36
CA TYR A 531 23.92 6.45 13.57
C TYR A 531 24.60 7.13 14.74
N THR A 532 25.91 7.35 14.62
CA THR A 532 26.67 7.91 15.81
C THR A 532 26.09 9.27 16.22
N ARG A 533 26.03 10.18 15.25
CA ARG A 533 25.61 11.54 15.55
C ARG A 533 24.19 11.54 16.07
N TRP A 534 23.33 10.67 15.52
CA TRP A 534 21.94 10.62 15.96
C TRP A 534 21.82 10.15 17.39
N MET A 535 22.63 9.18 17.78
CA MET A 535 22.65 8.74 19.19
C MET A 535 23.12 9.85 20.15
N GLN A 536 24.15 10.61 19.76
CA GLN A 536 24.63 11.70 20.61
C GLN A 536 23.48 12.78 20.79
N PHE A 537 22.80 13.07 19.70
CA PHE A 537 21.63 13.94 19.66
C PHE A 537 20.55 13.38 20.56
N GLY A 538 20.20 12.10 20.37
CA GLY A 538 19.03 11.56 21.07
C GLY A 538 19.23 11.45 22.57
N ALA A 539 20.48 11.21 22.99
CA ALA A 539 20.90 11.19 24.39
C ALA A 539 20.61 12.49 25.11
N PHE A 540 20.45 13.59 24.37
CA PHE A 540 20.04 14.88 24.97
C PHE A 540 18.67 15.32 24.55
N THR A 541 17.79 14.33 24.37
CA THR A 541 16.39 14.58 24.18
C THR A 541 15.63 13.73 25.18
N PRO A 542 14.33 14.04 25.40
CA PRO A 542 13.63 13.44 26.50
C PRO A 542 13.32 11.97 26.43
N VAL A 543 12.75 11.48 25.34
CA VAL A 543 12.47 10.04 25.19
C VAL A 543 13.46 9.41 24.19
N PHE A 544 14.40 8.66 24.72
CA PHE A 544 15.59 8.27 23.98
C PHE A 544 15.43 6.83 23.54
N ARG A 545 15.32 6.66 22.22
CA ARG A 545 15.03 5.37 21.63
C ARG A 545 15.46 5.26 20.18
N VAL A 546 15.84 4.04 19.80
CA VAL A 546 16.01 3.65 18.40
C VAL A 546 14.80 2.83 17.99
N HIS A 547 14.55 2.80 16.68
CA HIS A 547 13.43 2.06 16.11
C HIS A 547 13.65 1.98 14.61
N GLY A 548 13.98 0.81 14.12
CA GLY A 548 13.98 0.60 12.71
C GLY A 548 12.72 -0.03 12.09
N ASN A 549 12.81 -0.23 10.78
CA ASN A 549 11.74 -0.83 9.99
C ASN A 549 11.78 -2.38 10.18
N TYR A 550 10.94 -3.10 9.46
CA TYR A 550 10.77 -4.54 9.66
C TYR A 550 12.08 -5.29 9.44
N ASN A 551 12.42 -6.07 10.44
CA ASN A 551 13.58 -6.98 10.39
C ASN A 551 14.93 -6.27 10.43
N GLN A 552 14.90 -4.92 10.56
CA GLN A 552 16.09 -4.11 10.72
C GLN A 552 16.60 -4.15 12.16
N GLN A 553 17.89 -3.84 12.32
CA GLN A 553 18.56 -3.85 13.64
C GLN A 553 19.18 -2.49 13.96
N ARG A 554 18.99 -2.01 15.19
CA ARG A 554 19.50 -0.71 15.62
C ARG A 554 20.48 -0.73 16.78
N GLN A 555 21.06 -1.92 17.05
CA GLN A 555 22.05 -2.12 18.13
C GLN A 555 23.40 -1.49 17.77
N PRO A 556 23.99 -0.75 18.71
CA PRO A 556 25.12 0.11 18.29
C PRO A 556 26.34 -0.65 17.88
N TRP A 557 26.54 -1.82 18.44
CA TRP A 557 27.72 -2.62 18.08
C TRP A 557 27.74 -3.06 16.61
N LEU A 558 26.60 -3.04 15.95
CA LEU A 558 26.48 -3.42 14.57
C LEU A 558 27.03 -2.37 13.61
N TYR A 559 27.20 -1.13 14.05
CA TYR A 559 27.66 -0.05 13.16
C TYR A 559 29.17 0.28 13.26
N GLY A 560 29.98 -0.65 13.78
CA GLY A 560 31.43 -0.46 13.89
C GLY A 560 31.86 0.18 15.21
N ALA A 561 33.17 0.15 15.49
CA ALA A 561 33.62 0.42 16.84
C ALA A 561 33.39 1.88 17.26
N THR A 562 33.60 2.81 16.33
CA THR A 562 33.32 4.22 16.65
C THR A 562 31.89 4.39 17.13
N ALA A 563 30.94 3.89 16.36
CA ALA A 563 29.54 4.05 16.72
C ALA A 563 29.21 3.45 18.07
N GLU A 564 29.75 2.26 18.33
CA GLU A 564 29.56 1.57 19.61
C GLU A 564 30.12 2.42 20.75
N GLU A 565 31.39 2.77 20.62
CA GLU A 565 32.06 3.43 21.73
C GLU A 565 31.49 4.82 22.02
N ALA A 566 31.23 5.58 20.95
CA ALA A 566 30.66 6.97 21.06
C ALA A 566 29.24 6.98 21.63
N SER A 567 28.44 6.03 21.17
CA SER A 567 27.12 5.83 21.73
C SER A 567 27.21 5.41 23.19
N LYS A 568 28.04 4.40 23.46
CA LYS A 568 28.22 3.97 24.85
C LYS A 568 28.61 5.16 25.68
N ALA A 569 29.63 5.87 25.24
CA ALA A 569 30.14 7.07 25.93
C ALA A 569 29.06 8.12 26.30
N VAL A 570 28.29 8.52 25.30
CA VAL A 570 27.24 9.50 25.53
C VAL A 570 26.14 8.89 26.38
N MET A 571 25.96 7.58 26.26
CA MET A 571 25.01 6.89 27.09
C MET A 571 25.41 6.97 28.59
N HIS A 572 26.70 6.78 28.85
CA HIS A 572 27.20 6.96 30.20
C HIS A 572 26.95 8.39 30.73
N THR A 573 27.13 9.41 29.90
CA THR A 573 26.79 10.77 30.37
C THR A 573 25.32 10.83 30.80
N ARG A 574 24.42 10.44 29.90
CA ARG A 574 23.00 10.44 30.20
C ARG A 574 22.68 9.77 31.55
N TYR A 575 23.09 8.51 31.71
CA TYR A 575 22.79 7.76 32.94
C TYR A 575 23.46 8.39 34.15
N SER A 576 24.67 8.92 34.01
CA SER A 576 25.24 9.73 35.13
C SER A 576 24.36 10.93 35.49
N LEU A 577 23.64 11.48 34.50
CA LEU A 577 22.77 12.61 34.79
C LEU A 577 21.38 12.22 35.29
N LEU A 578 21.15 10.95 35.61
CA LEU A 578 19.83 10.53 36.13
C LEU A 578 19.14 11.43 37.15
N PRO A 579 19.85 11.81 38.22
CA PRO A 579 19.18 12.71 39.22
C PRO A 579 18.92 14.16 38.76
N TYR A 580 19.73 14.67 37.84
CA TYR A 580 19.48 15.96 37.21
C TYR A 580 18.20 15.84 36.47
N MET A 581 18.13 14.81 35.64
CA MET A 581 17.00 14.60 34.71
C MET A 581 15.72 14.41 35.49
N TYR A 582 15.76 13.56 36.46
CA TYR A 582 14.53 13.17 37.14
C TYR A 582 13.83 14.33 37.86
N ALA A 583 14.58 15.33 38.33
CA ALA A 583 13.95 16.52 38.90
C ALA A 583 13.03 17.20 37.89
N TYR A 584 13.40 17.17 36.60
CA TYR A 584 12.56 17.73 35.51
C TYR A 584 11.30 16.88 35.20
N GLU A 585 11.36 15.56 35.36
CA GLU A 585 10.14 14.73 35.31
C GLU A 585 9.12 15.16 36.41
N ARG A 586 9.64 15.51 37.58
CA ARG A 586 8.77 15.97 38.64
C ARG A 586 8.24 17.39 38.32
N GLU A 587 9.08 18.22 37.71
CA GLU A 587 8.68 19.58 37.34
C GLU A 587 7.49 19.53 36.39
N ALA A 588 7.50 18.55 35.48
CA ALA A 588 6.41 18.39 34.50
C ALA A 588 5.08 18.07 35.15
N SER A 589 5.12 17.40 36.30
CA SER A 589 3.93 17.19 37.11
C SER A 589 3.46 18.41 37.88
N GLU A 590 4.26 19.45 38.05
CA GLU A 590 3.84 20.64 38.79
C GLU A 590 3.40 21.71 37.77
N THR A 591 4.25 22.00 36.76
CA THR A 591 4.04 23.11 35.81
C THR A 591 3.93 22.71 34.33
N GLY A 592 4.15 21.43 34.01
CA GLY A 592 4.16 20.96 32.64
C GLY A 592 5.46 21.08 31.89
N LEU A 593 6.42 21.84 32.45
CA LEU A 593 7.76 22.05 31.86
C LEU A 593 8.64 20.82 32.06
N GLY A 594 9.36 20.46 31.02
CA GLY A 594 10.07 19.15 31.03
C GLY A 594 11.56 19.26 30.92
N LEU A 595 12.15 18.22 30.37
CA LEU A 595 13.60 18.11 30.34
C LEU A 595 14.25 18.96 29.28
N ILE A 596 13.51 19.35 28.26
CA ILE A 596 14.09 20.25 27.27
C ILE A 596 13.23 21.46 27.07
N LYS A 597 13.86 22.45 26.46
CA LYS A 597 13.24 23.68 26.13
C LYS A 597 14.07 24.44 25.13
N PRO A 598 13.40 25.25 24.32
CA PRO A 598 14.13 26.08 23.44
C PRO A 598 14.63 27.28 24.19
N LEU A 599 15.64 27.91 23.60
CA LEU A 599 16.34 29.01 24.22
C LEU A 599 15.49 30.24 24.42
N LEU A 600 14.49 30.39 23.56
CA LEU A 600 13.58 31.51 23.66
C LEU A 600 12.79 31.45 24.98
N PHE A 601 12.65 30.28 25.61
CA PHE A 601 12.00 30.20 26.95
C PHE A 601 12.79 31.04 27.98
N ASP A 602 14.13 30.90 27.95
CA ASP A 602 15.06 31.64 28.83
C ASP A 602 15.40 33.06 28.32
N TYR A 603 15.20 33.30 27.03
CA TYR A 603 15.66 34.49 26.33
C TYR A 603 14.55 35.12 25.43
N PRO A 604 13.41 35.47 26.04
CA PRO A 604 12.28 35.97 25.27
C PRO A 604 12.56 37.22 24.46
N ASN A 605 13.58 38.00 24.84
CA ASN A 605 13.84 39.30 24.23
C ASN A 605 15.00 39.31 23.18
N ASP A 606 15.64 38.16 22.99
CA ASP A 606 16.83 38.05 22.15
C ASP A 606 16.44 37.56 20.72
N PRO A 607 16.63 38.41 19.68
CA PRO A 607 16.27 38.03 18.31
C PRO A 607 16.99 36.79 17.80
N GLN A 608 18.21 36.55 18.26
CA GLN A 608 18.96 35.38 17.79
C GLN A 608 18.52 34.08 18.43
N ALA A 609 17.65 34.14 19.45
CA ALA A 609 16.99 32.94 20.01
C ALA A 609 15.60 32.68 19.45
N ALA A 610 15.10 33.61 18.65
CA ALA A 610 13.68 33.67 18.31
C ALA A 610 13.26 32.47 17.53
N ASP A 611 14.15 32.05 16.64
CA ASP A 611 13.90 30.89 15.82
C ASP A 611 15.06 29.86 15.97
N TYR A 612 15.75 29.87 17.10
CA TYR A 612 16.97 29.06 17.21
C TYR A 612 16.67 27.60 17.58
N THR A 613 17.19 26.67 16.80
CA THR A 613 16.91 25.25 17.00
C THR A 613 18.11 24.33 16.91
N GLU A 614 19.26 24.80 16.46
CA GLU A 614 20.43 23.93 16.37
C GLU A 614 21.03 23.63 17.76
N ALA A 615 20.56 24.40 18.75
CA ALA A 615 20.88 24.19 20.13
C ALA A 615 19.63 24.39 21.01
N TRP A 616 19.66 23.78 22.19
CA TRP A 616 18.59 23.92 23.13
C TRP A 616 19.10 23.59 24.52
N MET A 617 18.24 23.75 25.53
CA MET A 617 18.58 23.50 26.94
C MET A 617 18.14 22.12 27.36
N PHE A 618 19.03 21.43 28.02
CA PHE A 618 18.74 20.12 28.63
C PHE A 618 18.74 20.41 30.14
N GLY A 619 17.56 20.36 30.75
CA GLY A 619 17.30 20.92 32.10
C GLY A 619 17.56 22.40 32.06
N ASP A 620 17.84 23.01 33.21
CA ASP A 620 18.02 24.47 33.26
C ASP A 620 19.45 24.94 32.94
N TRP A 621 20.42 24.02 33.11
CA TRP A 621 21.81 24.38 33.36
C TRP A 621 22.80 23.83 32.31
N LEU A 622 22.28 23.26 31.24
CA LEU A 622 23.10 22.78 30.15
C LEU A 622 22.53 23.22 28.79
N LEU A 623 23.36 23.83 27.97
CA LEU A 623 23.04 24.14 26.57
C LEU A 623 23.77 23.14 25.66
N VAL A 624 23.03 22.47 24.78
CA VAL A 624 23.58 21.40 23.94
C VAL A 624 23.40 21.75 22.48
N SER A 625 24.40 21.43 21.68
CA SER A 625 24.38 21.67 20.23
C SER A 625 25.06 20.46 19.47
N PRO A 626 24.30 19.39 19.20
CA PRO A 626 24.89 18.21 18.67
C PRO A 626 25.42 18.40 17.25
N VAL A 627 26.47 17.65 16.91
CA VAL A 627 27.01 17.63 15.59
C VAL A 627 26.10 16.76 14.73
N LEU A 628 25.36 17.42 13.85
CA LEU A 628 24.35 16.82 12.97
C LEU A 628 24.72 16.86 11.50
N GLY A 629 25.82 17.55 11.17
CA GLY A 629 26.32 17.66 9.81
C GLY A 629 27.17 16.51 9.38
N GLU A 630 26.92 16.05 8.18
CA GLU A 630 27.78 15.04 7.60
C GLU A 630 29.17 15.65 7.36
N ALA A 631 30.21 14.93 7.76
CA ALA A 631 31.61 15.34 7.47
C ALA A 631 31.90 16.77 8.00
N GLN A 632 31.26 17.10 9.12
CA GLN A 632 31.38 18.39 9.76
C GLN A 632 32.70 18.50 10.55
N HIS A 633 33.45 19.57 10.26
CA HIS A 633 34.75 19.86 10.90
C HIS A 633 34.65 20.93 11.98
N SER A 634 33.52 21.63 12.05
CA SER A 634 33.36 22.75 12.99
C SER A 634 31.93 23.28 13.01
N LYS A 635 31.54 23.88 14.11
CA LYS A 635 30.18 24.37 14.28
C LYS A 635 30.20 25.84 14.62
N GLN A 636 29.14 26.52 14.23
CA GLN A 636 28.95 27.91 14.59
C GLN A 636 27.83 27.83 15.63
N ILE A 637 28.16 28.07 16.90
CA ILE A 637 27.19 27.85 17.98
C ILE A 637 26.80 29.18 18.61
N TYR A 638 25.54 29.55 18.53
CA TYR A 638 25.14 30.81 19.17
C TYR A 638 25.00 30.56 20.67
N LEU A 639 25.73 31.33 21.48
CA LEU A 639 25.57 31.30 22.93
C LEU A 639 24.93 32.61 23.41
N PRO A 640 23.73 32.52 24.00
CA PRO A 640 23.06 33.71 24.52
C PRO A 640 23.74 34.20 25.78
N ALA A 641 23.18 35.24 26.39
CA ALA A 641 23.79 35.94 27.51
C ALA A 641 24.23 35.04 28.66
N GLY A 642 25.40 35.37 29.22
CA GLY A 642 25.98 34.75 30.40
C GLY A 642 27.44 34.40 30.13
N THR A 643 27.89 33.38 30.84
CA THR A 643 29.26 32.90 30.78
C THR A 643 29.07 31.38 30.70
N TRP A 644 29.58 30.78 29.66
CA TRP A 644 29.41 29.35 29.41
C TRP A 644 30.76 28.66 29.53
N ILE A 645 30.72 27.46 30.10
CA ILE A 645 31.91 26.63 30.27
C ILE A 645 31.74 25.37 29.40
N ASP A 646 32.67 25.13 28.51
CA ASP A 646 32.67 23.86 27.75
C ASP A 646 32.71 22.63 28.71
N TYR A 647 31.68 21.79 28.62
CA TYR A 647 31.50 20.69 29.55
C TYR A 647 32.64 19.67 29.47
N HIS A 648 33.23 19.56 28.30
CA HIS A 648 34.15 18.47 27.97
C HIS A 648 35.59 18.97 27.87
N ARG A 649 35.80 20.22 27.43
CA ARG A 649 37.14 20.80 27.17
C ARG A 649 37.63 21.80 28.26
N GLY A 650 36.73 22.28 29.07
CA GLY A 650 37.08 23.16 30.21
C GLY A 650 37.03 24.66 29.94
N GLN A 651 37.09 25.11 28.70
CA GLN A 651 37.28 26.56 28.47
C GLN A 651 35.97 27.37 28.69
N THR A 652 36.13 28.60 29.14
CA THR A 652 35.00 29.54 29.23
C THR A 652 34.81 30.32 27.90
N TYR A 653 33.56 30.66 27.64
CA TYR A 653 33.20 31.53 26.53
C TYR A 653 32.25 32.56 27.12
N SER A 654 32.42 33.82 26.76
CA SER A 654 31.44 34.86 27.17
C SER A 654 30.22 34.73 26.25
N GLY A 655 29.05 35.01 26.86
CA GLY A 655 27.76 34.95 26.17
C GLY A 655 27.53 36.09 25.18
N GLY A 656 26.46 35.95 24.40
CA GLY A 656 26.02 36.95 23.46
C GLY A 656 26.89 36.94 22.22
N GLN A 657 27.34 35.74 21.81
CA GLN A 657 28.17 35.59 20.58
C GLN A 657 27.97 34.24 19.90
N THR A 658 28.33 34.21 18.62
CA THR A 658 28.39 33.00 17.84
C THR A 658 29.87 32.57 17.79
N ILE A 659 30.16 31.44 18.41
CA ILE A 659 31.54 30.92 18.52
C ILE A 659 31.81 30.00 17.36
N HIS A 660 33.09 29.92 17.02
CA HIS A 660 33.55 28.87 16.13
C HIS A 660 34.00 27.68 16.98
N TYR A 661 33.49 26.48 16.73
CA TYR A 661 33.75 25.38 17.64
C TYR A 661 34.33 24.20 16.84
N PRO A 662 35.64 23.94 16.96
CA PRO A 662 36.29 22.83 16.19
C PRO A 662 35.79 21.47 16.64
N VAL A 663 35.50 20.58 15.68
CA VAL A 663 35.09 19.20 15.99
C VAL A 663 35.95 18.25 15.25
N ASN A 664 36.22 17.12 15.88
CA ASN A 664 37.08 16.15 15.28
C ASN A 664 36.23 15.22 14.44
N ALA A 665 36.29 15.44 13.12
CA ALA A 665 35.49 14.66 12.16
C ALA A 665 36.02 13.25 12.04
N ASP A 666 37.24 12.99 12.50
CA ASP A 666 37.78 11.63 12.52
C ASP A 666 37.27 10.71 13.68
N THR A 667 37.14 11.22 14.91
CA THR A 667 36.74 10.40 16.03
C THR A 667 35.27 10.31 16.28
N TRP A 668 34.55 11.37 15.94
CA TRP A 668 33.13 11.49 16.29
C TRP A 668 32.87 11.47 17.76
N THR A 669 33.86 11.90 18.54
CA THR A 669 33.77 11.83 20.01
C THR A 669 33.10 13.05 20.63
N ASP A 670 33.01 14.14 19.88
CA ASP A 670 32.47 15.41 20.42
C ASP A 670 30.96 15.53 20.49
N VAL A 671 30.50 15.95 21.65
CA VAL A 671 29.13 16.37 21.77
C VAL A 671 29.10 17.77 22.41
N PRO A 672 29.02 18.82 21.59
CA PRO A 672 29.16 20.16 22.14
C PRO A 672 28.09 20.46 23.20
N LEU A 673 28.54 20.71 24.41
CA LEU A 673 27.68 20.83 25.56
C LEU A 673 28.31 21.86 26.46
N PHE A 674 27.53 22.82 26.89
CA PHE A 674 28.05 23.99 27.59
C PHE A 674 27.31 24.17 28.91
N VAL A 675 28.05 24.46 29.96
CA VAL A 675 27.49 24.66 31.28
C VAL A 675 27.13 26.16 31.48
N LYS A 676 25.88 26.44 31.87
CA LYS A 676 25.37 27.85 32.11
C LYS A 676 25.86 28.30 33.49
N GLN A 677 26.44 29.50 33.59
CA GLN A 677 26.85 30.14 34.85
CA GLN A 677 26.94 29.89 34.90
C GLN A 677 25.75 29.91 35.84
N GLY A 678 26.05 29.53 37.08
CA GLY A 678 25.02 29.28 38.11
C GLY A 678 24.65 27.81 38.22
N ALA A 679 25.14 27.00 37.26
CA ALA A 679 24.78 25.57 37.17
C ALA A 679 24.95 24.80 38.46
N ILE A 680 23.97 23.95 38.75
CA ILE A 680 24.02 23.03 39.88
C ILE A 680 23.51 21.67 39.38
N ILE A 681 24.40 20.71 39.20
CA ILE A 681 24.08 19.49 38.47
C ILE A 681 24.39 18.24 39.29
N PRO A 682 23.36 17.71 39.99
CA PRO A 682 23.54 16.44 40.69
C PRO A 682 23.80 15.36 39.70
N ASN A 683 24.80 14.53 39.95
CA ASN A 683 25.09 13.40 39.10
C ASN A 683 25.54 12.21 39.94
N GLN A 684 25.55 11.04 39.31
CA GLN A 684 25.85 9.80 40.00
C GLN A 684 26.69 8.87 39.17
N GLN A 685 27.21 7.85 39.82
CA GLN A 685 27.87 6.75 39.11
C GLN A 685 26.94 6.19 37.98
N VAL A 686 27.56 5.74 36.91
CA VAL A 686 26.82 5.16 35.82
C VAL A 686 26.24 3.79 36.18
N LEU A 687 24.91 3.65 36.01
CA LEU A 687 24.22 2.34 36.18
C LEU A 687 23.80 1.76 34.85
N ASP A 688 23.78 0.42 34.72
CA ASP A 688 23.23 -0.24 33.50
C ASP A 688 21.73 0.00 33.31
N TYR A 689 21.02 0.27 34.40
CA TYR A 689 19.60 0.61 34.37
C TYR A 689 19.16 1.29 35.68
N VAL A 690 18.02 1.98 35.67
CA VAL A 690 17.81 3.06 36.64
C VAL A 690 17.78 2.66 38.14
N ASP A 691 17.36 1.42 38.42
CA ASP A 691 17.26 0.95 39.80
C ASP A 691 18.16 -0.27 40.02
N GLN A 692 19.28 -0.34 39.29
CA GLN A 692 20.23 -1.44 39.39
C GLN A 692 20.76 -1.61 40.84
N GLN A 693 21.15 -0.51 41.48
CA GLN A 693 21.48 -0.55 42.91
C GLN A 693 21.09 0.77 43.54
N SER A 694 21.25 0.84 44.86
CA SER A 694 20.96 2.06 45.59
C SER A 694 22.17 2.94 45.46
N VAL A 695 21.92 4.23 45.33
CA VAL A 695 22.96 5.27 45.22
C VAL A 695 22.92 6.05 46.53
N THR A 696 24.04 6.04 47.24
CA THR A 696 24.17 6.62 48.61
C THR A 696 24.95 7.94 48.62
N THR A 697 25.94 8.06 47.74
CA THR A 697 26.56 9.34 47.41
C THR A 697 25.96 9.89 46.11
N VAL A 698 25.45 11.12 46.13
CA VAL A 698 25.16 11.89 44.90
C VAL A 698 26.20 13.03 44.78
N ASN A 699 26.85 13.19 43.62
CA ASN A 699 27.70 14.36 43.34
C ASN A 699 26.83 15.57 42.93
N VAL A 700 27.27 16.78 43.24
CA VAL A 700 26.64 17.98 42.80
C VAL A 700 27.76 18.84 42.22
N ASP A 701 27.86 18.96 40.89
CA ASP A 701 28.81 19.93 40.32
C ASP A 701 28.21 21.32 40.36
N ILE A 702 28.98 22.30 40.84
CA ILE A 702 28.44 23.62 41.11
C ILE A 702 29.34 24.61 40.46
N PHE A 703 28.77 25.46 39.61
CA PHE A 703 29.54 26.46 38.87
C PHE A 703 29.03 27.88 39.23
N PRO A 704 29.52 28.44 40.34
CA PRO A 704 28.82 29.57 40.95
C PRO A 704 28.77 30.83 40.12
N SER A 705 27.62 31.53 40.17
CA SER A 705 27.51 32.88 39.58
C SER A 705 27.26 33.88 40.67
N ALA A 706 27.35 35.14 40.30
CA ALA A 706 27.23 36.22 41.25
C ALA A 706 25.83 36.33 41.89
N SER A 707 24.79 35.85 41.20
CA SER A 707 23.42 35.81 41.71
C SER A 707 23.15 34.40 42.19
N GLU A 708 22.34 34.26 43.24
CA GLU A 708 21.97 32.93 43.79
C GLU A 708 21.26 32.14 42.69
N THR A 709 21.65 30.89 42.55
CA THR A 709 20.95 29.94 41.72
C THR A 709 20.63 28.77 42.60
N SER A 710 19.55 28.06 42.31
CA SER A 710 19.16 26.90 43.05
C SER A 710 18.69 25.75 42.14
N PHE A 711 18.77 24.55 42.70
CA PHE A 711 18.28 23.32 42.09
C PHE A 711 17.74 22.48 43.23
N THR A 712 16.52 22.00 43.09
CA THR A 712 15.95 21.16 44.11
C THR A 712 16.11 19.68 43.77
N TYR A 713 17.06 19.03 44.42
CA TYR A 713 17.20 17.57 44.35
C TYR A 713 15.91 16.89 44.83
N TYR A 714 15.54 15.78 44.18
CA TYR A 714 14.25 15.08 44.34
C TYR A 714 14.44 13.58 44.26
N GLU A 715 13.84 12.83 45.18
CA GLU A 715 13.81 11.33 45.09
C GLU A 715 12.40 10.82 45.40
N ASP A 716 12.07 9.66 44.84
CA ASP A 716 10.80 8.96 45.18
C ASP A 716 10.90 7.48 44.77
N ASP A 717 9.85 6.67 44.89
CA ASP A 717 10.00 5.21 44.51
C ASP A 717 10.26 4.97 42.99
N GLY A 718 10.10 5.99 42.16
CA GLY A 718 10.24 5.87 40.72
C GLY A 718 9.21 4.95 40.03
N SER A 719 8.11 4.64 40.72
CA SER A 719 7.23 3.44 40.40
C SER A 719 5.74 3.60 40.55
N SER A 720 5.32 4.51 41.42
CA SER A 720 3.96 4.52 41.90
C SER A 720 3.52 5.94 41.97
N TYR A 721 2.25 6.13 42.26
CA TYR A 721 1.69 7.48 42.43
C TYR A 721 1.69 7.96 43.88
N ASP A 722 2.53 7.35 44.73
CA ASP A 722 2.68 7.79 46.13
C ASP A 722 3.09 9.25 46.23
N TYR A 723 3.98 9.71 45.33
CA TYR A 723 4.37 11.14 45.26
C TYR A 723 3.21 12.12 45.32
N GLU A 724 2.05 11.71 44.80
CA GLU A 724 0.81 12.51 44.77
C GLU A 724 0.30 12.93 46.13
N SER A 725 0.43 12.01 47.11
CA SER A 725 0.03 12.27 48.50
C SER A 725 1.29 12.36 49.38
N GLY A 726 2.14 13.34 49.07
CA GLY A 726 3.35 13.66 49.82
C GLY A 726 4.53 12.68 49.87
N SER A 727 4.41 11.48 49.29
CA SER A 727 5.46 10.44 49.50
C SER A 727 6.66 10.59 48.52
N SER A 728 7.50 11.57 48.84
CA SER A 728 8.63 12.00 48.03
C SER A 728 9.66 12.73 48.91
N PHE A 729 10.86 12.96 48.38
CA PHE A 729 11.96 13.66 49.08
C PHE A 729 12.53 14.75 48.22
N GLU A 730 12.71 15.92 48.82
CA GLU A 730 13.30 17.02 48.15
C GLU A 730 14.22 17.83 49.10
N GLN A 731 15.24 18.43 48.50
CA GLN A 731 16.24 19.20 49.23
C GLN A 731 16.78 20.29 48.34
N ARG A 732 16.54 21.53 48.75
CA ARG A 732 16.91 22.68 47.94
C ARG A 732 18.39 22.90 48.03
N LEU A 733 19.09 22.93 46.89
CA LEU A 733 20.53 23.24 46.81
C LEU A 733 20.70 24.59 46.14
N ALA A 734 21.55 25.45 46.69
CA ALA A 734 21.73 26.82 46.18
C ALA A 734 23.16 27.29 46.32
N ALA A 735 23.56 28.22 45.45
CA ALA A 735 24.94 28.68 45.42
C ALA A 735 25.04 30.10 44.99
N GLN A 736 26.10 30.78 45.44
CA GLN A 736 26.42 32.12 44.95
C GLN A 736 27.92 32.41 45.07
N ASP A 737 28.49 33.02 44.03
CA ASP A 737 29.83 33.60 44.09
C ASP A 737 29.72 34.98 44.75
N LEU A 738 30.35 35.12 45.92
CA LEU A 738 30.46 36.36 46.68
C LEU A 738 31.82 37.02 46.40
N SER A 739 32.16 38.09 47.14
CA SER A 739 33.37 38.86 46.87
C SER A 739 34.60 38.00 46.89
N SER A 740 34.70 37.18 47.93
CA SER A 740 35.90 36.44 48.23
C SER A 740 35.60 35.02 48.72
N SER A 741 34.40 34.53 48.43
CA SER A 741 34.00 33.23 48.87
C SER A 741 32.88 32.69 47.98
N VAL A 742 32.65 31.40 48.04
CA VAL A 742 31.44 30.81 47.51
C VAL A 742 30.57 30.34 48.66
N ARG A 743 29.28 30.62 48.55
CA ARG A 743 28.30 30.15 49.52
C ARG A 743 27.40 29.10 48.87
N VAL A 744 27.23 27.96 49.54
CA VAL A 744 26.31 26.93 49.10
C VAL A 744 25.37 26.57 50.26
N GLU A 745 24.06 26.68 50.05
CA GLU A 745 23.07 26.45 51.11
C GLU A 745 22.43 25.10 50.79
N VAL A 746 22.65 24.07 51.61
CA VAL A 746 21.90 22.84 51.49
C VAL A 746 20.71 22.90 52.44
N GLY A 747 19.52 23.08 51.88
CA GLY A 747 18.29 23.20 52.68
C GLY A 747 17.99 21.89 53.37
N ALA A 748 17.04 21.95 54.29
CA ALA A 748 16.67 20.80 55.12
C ALA A 748 15.87 19.82 54.28
N GLY A 749 15.87 18.55 54.63
CA GLY A 749 15.00 17.57 53.97
C GLY A 749 13.50 17.88 54.10
N SER A 750 12.71 17.47 53.11
CA SER A 750 11.30 17.81 53.05
C SER A 750 10.55 16.65 52.44
N GLY A 751 9.45 16.20 53.10
CA GLY A 751 8.61 15.08 52.64
C GLY A 751 8.95 13.75 53.28
N SER A 752 8.05 12.77 53.15
CA SER A 752 8.08 11.54 53.93
C SER A 752 8.84 10.36 53.29
N TYR A 753 9.23 10.47 52.02
CA TYR A 753 10.04 9.41 51.45
C TYR A 753 11.44 9.48 52.05
N THR A 754 11.91 8.33 52.52
CA THR A 754 13.26 8.15 53.06
C THR A 754 14.14 7.93 51.86
N PRO A 755 14.96 8.94 51.51
CA PRO A 755 15.78 8.77 50.31
C PRO A 755 16.90 7.78 50.53
N ASP A 756 17.47 7.30 49.43
CA ASP A 756 18.65 6.47 49.49
C ASP A 756 19.89 7.32 49.61
N VAL A 757 19.86 8.59 49.15
CA VAL A 757 21.09 9.41 49.21
C VAL A 757 21.42 9.69 50.68
N GLN A 758 22.67 9.41 51.07
CA GLN A 758 23.18 9.61 52.43
C GLN A 758 24.16 10.78 52.51
N HIS A 759 25.02 10.93 51.50
CA HIS A 759 25.98 12.06 51.42
C HIS A 759 25.95 12.73 50.04
N TYR A 760 26.16 14.04 50.03
CA TYR A 760 26.46 14.77 48.80
C TYR A 760 27.95 15.01 48.80
N VAL A 761 28.57 14.83 47.65
CA VAL A 761 29.92 15.36 47.44
C VAL A 761 29.77 16.59 46.53
N LEU A 762 29.80 17.79 47.12
CA LEU A 762 29.76 19.04 46.36
C LEU A 762 31.09 19.22 45.66
N LYS A 763 31.07 19.59 44.38
CA LYS A 763 32.28 19.87 43.61
C LYS A 763 32.15 21.28 43.11
N ILE A 764 32.73 22.22 43.87
CA ILE A 764 32.50 23.65 43.65
C ILE A 764 33.64 24.07 42.79
N HIS A 765 33.34 24.33 41.53
CA HIS A 765 34.37 24.75 40.53
C HIS A 765 34.70 26.25 40.63
N GLY A 766 35.90 26.60 40.17
CA GLY A 766 36.40 27.98 40.11
C GLY A 766 37.14 28.52 41.34
N ARG A 767 37.07 27.78 42.44
CA ARG A 767 37.81 28.12 43.65
C ARG A 767 38.37 26.85 44.31
N ALA A 768 39.66 26.90 44.64
CA ALA A 768 40.28 25.90 45.52
C ALA A 768 40.53 26.57 46.88
N GLY A 769 39.58 26.41 47.79
CA GLY A 769 39.65 27.04 49.10
C GLY A 769 40.82 26.64 50.00
N SER A 770 41.16 27.55 50.91
CA SER A 770 41.98 27.21 52.08
C SER A 770 41.14 26.92 53.32
N ALA A 771 39.82 27.12 53.23
CA ALA A 771 38.93 26.75 54.35
C ALA A 771 37.49 26.60 53.91
N VAL A 772 36.77 25.78 54.65
CA VAL A 772 35.40 25.47 54.30
C VAL A 772 34.66 25.37 55.62
N THR A 773 33.69 26.26 55.82
CA THR A 773 32.92 26.34 57.06
C THR A 773 31.51 25.74 56.85
N ALA A 774 30.79 25.55 57.95
CA ALA A 774 29.43 25.01 57.96
C ALA A 774 28.90 25.22 59.35
N GLY A 775 27.89 26.07 59.47
CA GLY A 775 27.42 26.56 60.78
C GLY A 775 28.47 27.19 61.69
N GLY A 776 29.51 27.84 61.11
CA GLY A 776 30.59 28.47 61.93
C GLY A 776 31.58 27.50 62.60
N SER A 777 31.70 26.32 61.98
CA SER A 777 32.73 25.39 62.29
C SER A 777 33.50 25.19 60.99
N ALA A 778 34.82 25.33 61.05
CA ALA A 778 35.64 24.91 59.95
C ALA A 778 35.59 23.39 59.92
N LEU A 779 35.41 22.87 58.72
CA LEU A 779 35.42 21.45 58.45
C LEU A 779 36.85 20.94 58.30
N THR A 780 37.01 19.69 58.76
CA THR A 780 38.24 18.90 58.66
C THR A 780 38.63 18.79 57.17
N GLY A 781 39.90 19.11 56.87
CA GLY A 781 40.47 19.01 55.51
C GLY A 781 41.16 17.68 55.28
N TYR A 782 41.06 17.17 54.05
CA TYR A 782 41.67 15.92 53.64
C TYR A 782 42.54 16.22 52.42
N GLY A 783 43.51 15.35 52.16
CA GLY A 783 44.59 15.62 51.20
C GLY A 783 44.16 15.57 49.74
N ASP A 784 42.95 15.04 49.48
CA ASP A 784 42.42 14.79 48.14
C ASP A 784 40.97 14.22 48.20
N LEU A 785 40.40 14.02 47.02
CA LEU A 785 39.04 13.55 46.91
C LEU A 785 38.88 12.11 47.40
N GLN A 786 39.86 11.29 47.01
CA GLN A 786 39.92 9.90 47.43
C GLN A 786 39.79 9.77 48.98
N ALA A 787 40.66 10.45 49.74
CA ALA A 787 40.62 10.41 51.22
C ALA A 787 39.33 10.99 51.81
N LEU A 788 38.80 12.04 51.18
CA LEU A 788 37.50 12.63 51.59
C LEU A 788 36.35 11.64 51.47
N GLN A 789 36.34 10.84 50.40
CA GLN A 789 35.28 9.83 50.17
C GLN A 789 35.39 8.66 51.10
N ALA A 790 36.61 8.32 51.53
CA ALA A 790 36.85 7.27 52.55
C ALA A 790 36.40 7.65 53.97
N ALA A 791 36.44 8.94 54.29
CA ALA A 791 36.09 9.41 55.62
C ALA A 791 34.59 9.29 55.83
N SER A 792 34.16 8.86 57.02
CA SER A 792 32.76 9.05 57.41
C SER A 792 32.77 10.42 58.06
N GLY A 793 31.61 11.04 58.09
CA GLY A 793 31.52 12.39 58.61
C GLY A 793 32.05 13.41 57.62
N SER A 794 31.62 14.64 57.80
CA SER A 794 31.90 15.73 56.86
C SER A 794 33.38 16.09 56.69
N GLY A 795 33.66 16.78 55.60
CA GLY A 795 35.03 17.13 55.26
C GLY A 795 35.08 17.94 54.00
N TRP A 796 36.27 18.40 53.66
CA TRP A 796 36.52 19.01 52.39
C TRP A 796 37.86 18.61 51.89
N ALA A 797 38.08 18.90 50.62
CA ALA A 797 39.37 18.74 50.02
C ALA A 797 39.46 19.68 48.82
N SER A 798 40.58 19.68 48.12
CA SER A 798 40.66 20.45 46.91
C SER A 798 41.52 19.75 45.93
N GLY A 799 41.51 20.29 44.71
CA GLY A 799 42.10 19.61 43.59
C GLY A 799 42.00 20.46 42.36
N ARG A 800 42.25 19.79 41.25
CA ARG A 800 42.15 20.37 39.94
C ARG A 800 41.38 19.41 39.06
N ASP A 801 40.57 19.93 38.15
CA ASP A 801 39.91 19.11 37.11
C ASP A 801 40.02 19.86 35.81
N ILE A 802 39.45 19.33 34.73
CA ILE A 802 39.38 20.03 33.42
C ILE A 802 38.92 21.52 33.52
N TYR A 803 38.04 21.85 34.46
CA TYR A 803 37.55 23.24 34.55
C TYR A 803 38.48 24.19 35.29
N GLY A 804 39.44 23.64 36.04
CA GLY A 804 40.43 24.42 36.81
C GLY A 804 40.32 24.12 38.31
N ASP A 805 40.38 25.15 39.15
CA ASP A 805 40.39 24.92 40.58
C ASP A 805 39.02 24.40 41.07
N VAL A 806 39.04 23.45 42.00
CA VAL A 806 37.82 22.89 42.52
C VAL A 806 38.01 22.58 43.98
N THR A 807 36.95 22.77 44.74
CA THR A 807 36.89 22.46 46.18
C THR A 807 35.84 21.39 46.35
N TYR A 808 36.19 20.28 47.03
CA TYR A 808 35.27 19.18 47.32
C TYR A 808 34.75 19.32 48.74
N VAL A 809 33.46 19.09 48.95
CA VAL A 809 32.84 19.21 50.28
C VAL A 809 31.87 18.04 50.36
N LYS A 810 32.01 17.22 51.41
CA LYS A 810 31.17 16.04 51.60
C LYS A 810 30.34 16.26 52.87
N LEU A 811 29.01 16.24 52.76
CA LEU A 811 28.06 16.47 53.88
C LEU A 811 27.03 15.37 53.91
N PRO A 812 26.30 15.23 55.02
CA PRO A 812 25.13 14.35 55.01
C PRO A 812 23.95 14.96 54.21
N ALA A 813 23.27 14.13 53.43
CA ALA A 813 22.03 14.52 52.78
C ALA A 813 20.91 14.17 53.76
N ALA A 814 19.81 14.88 53.63
CA ALA A 814 18.58 14.57 54.38
C ALA A 814 18.66 14.85 55.88
N SER A 815 19.45 15.83 56.26
CA SER A 815 19.39 16.35 57.62
C SER A 815 18.00 17.02 57.81
N GLY A 816 17.54 17.06 59.07
CA GLY A 816 16.36 17.83 59.44
C GLY A 816 16.55 19.35 59.40
N SER A 817 17.78 19.83 59.15
CA SER A 817 18.05 21.28 59.15
C SER A 817 19.04 21.78 58.05
N ALA A 818 18.83 23.04 57.64
CA ALA A 818 19.67 23.73 56.68
C ALA A 818 21.14 23.76 57.12
N THR A 819 22.02 23.83 56.15
CA THR A 819 23.47 23.87 56.35
C THR A 819 23.98 24.85 55.31
N VAL A 820 24.69 25.87 55.77
CA VAL A 820 25.31 26.81 54.87
C VAL A 820 26.77 26.39 54.80
N VAL A 821 27.33 26.35 53.60
CA VAL A 821 28.72 26.02 53.39
C VAL A 821 29.37 27.21 52.70
N GLU A 822 30.51 27.66 53.24
CA GLU A 822 31.25 28.77 52.69
C GLU A 822 32.68 28.36 52.40
N VAL A 823 33.09 28.50 51.14
CA VAL A 823 34.43 28.17 50.70
C VAL A 823 35.13 29.48 50.55
N SER A 824 36.21 29.68 51.31
CA SER A 824 37.00 30.91 51.24
C SER A 824 38.42 30.54 51.01
N GLY A 825 39.22 31.56 50.73
CA GLY A 825 40.62 31.38 50.39
C GLY A 825 40.83 30.75 49.02
N SER A 826 42.10 30.79 48.60
CA SER A 826 42.56 30.30 47.30
C SER A 826 43.99 29.73 47.46
N ALA A 827 44.11 28.40 47.32
CA ALA A 827 45.34 27.62 47.48
C ALA A 827 45.36 26.54 46.36
N PRO A 828 45.70 26.95 45.14
CA PRO A 828 45.61 26.00 44.00
C PRO A 828 46.50 24.73 44.13
N SER A 829 45.94 23.57 43.74
CA SER A 829 46.68 22.30 43.65
C SER A 829 47.85 22.41 42.69
N ALA A 830 48.96 21.79 43.06
CA ALA A 830 50.07 21.65 42.16
C ALA A 830 49.93 20.36 41.34
N ALA A 831 48.86 19.59 41.53
CA ALA A 831 48.71 18.31 40.76
C ALA A 831 48.96 18.49 39.24
N THR A 832 49.79 17.62 38.63
CA THR A 832 50.04 17.64 37.17
C THR A 832 49.17 16.68 36.33
N HIS A 833 48.38 15.81 37.00
CA HIS A 833 47.63 14.71 36.39
C HIS A 833 46.24 14.55 37.06
N ALA A 834 45.22 14.20 36.23
CA ALA A 834 43.97 13.59 36.73
C ALA A 834 44.21 12.13 37.03
N ILE A 835 43.54 11.61 38.05
CA ILE A 835 43.61 10.20 38.39
C ILE A 835 42.25 9.50 38.24
N TYR A 836 42.26 8.42 37.46
CA TYR A 836 41.06 7.65 37.25
C TYR A 836 41.26 6.25 37.86
N GLU A 837 40.56 5.99 38.95
CA GLU A 837 40.46 4.66 39.49
C GLU A 837 39.59 3.74 38.61
N VAL A 838 40.25 2.76 37.95
CA VAL A 838 39.59 1.90 36.95
C VAL A 838 38.48 1.04 37.50
N GLU A 839 38.53 0.73 38.79
CA GLU A 839 37.41 0.03 39.46
C GLU A 839 36.12 0.84 39.48
N ASP A 840 36.23 2.17 39.40
CA ASP A 840 35.09 3.04 39.14
C ASP A 840 34.75 3.21 37.61
N ALA A 841 35.64 2.80 36.70
CA ALA A 841 35.43 2.91 35.25
C ALA A 841 34.46 1.84 34.70
N SER A 842 34.32 1.79 33.37
CA SER A 842 33.38 0.87 32.68
C SER A 842 34.01 -0.50 32.40
N ARG A 843 33.34 -1.56 32.83
CA ARG A 843 33.90 -2.92 32.71
C ARG A 843 33.08 -3.72 31.72
N SER A 844 33.74 -4.42 30.79
CA SER A 844 33.03 -5.22 29.81
C SER A 844 33.72 -6.51 29.37
N GLY A 845 32.99 -7.32 28.59
CA GLY A 845 33.57 -8.42 27.84
C GLY A 845 32.61 -9.05 26.85
N ALA A 846 32.91 -10.30 26.46
CA ALA A 846 32.16 -11.01 25.44
C ALA A 846 30.77 -11.43 25.91
N THR A 847 30.55 -11.66 27.21
CA THR A 847 29.23 -12.07 27.70
C THR A 847 28.96 -11.34 29.00
N PRO A 848 27.72 -11.34 29.49
CA PRO A 848 27.49 -10.69 30.80
C PRO A 848 28.29 -11.23 31.96
N THR A 849 28.62 -12.53 31.91
CA THR A 849 29.30 -13.23 33.00
C THR A 849 30.80 -13.26 32.82
N THR A 850 31.31 -12.87 31.64
CA THR A 850 32.77 -12.81 31.38
C THR A 850 33.38 -11.38 31.31
N ARG A 851 32.78 -10.44 32.03
CA ARG A 851 33.25 -9.03 32.05
C ARG A 851 34.45 -8.90 32.99
N ALA A 852 35.17 -7.80 32.85
CA ALA A 852 36.18 -7.44 33.81
C ALA A 852 35.56 -7.24 35.21
N GLY A 853 36.32 -7.54 36.27
CA GLY A 853 35.83 -7.41 37.65
C GLY A 853 36.53 -6.41 38.55
N ILE A 854 35.87 -6.16 39.67
CA ILE A 854 36.40 -5.38 40.78
C ILE A 854 36.93 -6.35 41.83
N ASN A 855 38.09 -6.04 42.42
CA ASN A 855 38.51 -6.79 43.61
C ASN A 855 39.39 -5.98 44.56
N THR A 856 39.50 -6.49 45.78
CA THR A 856 40.29 -5.94 46.88
C THR A 856 41.14 -7.04 47.56
N ASN A 857 41.39 -8.13 46.83
CA ASN A 857 41.99 -9.37 47.34
C ASN A 857 43.51 -9.53 47.06
N HIS A 858 44.18 -8.45 46.72
CA HIS A 858 45.65 -8.37 46.78
C HIS A 858 45.97 -6.96 47.31
N SER A 859 47.05 -6.78 48.10
CA SER A 859 47.38 -5.50 48.77
C SER A 859 48.10 -4.56 47.84
N GLY A 860 48.21 -3.30 48.27
CA GLY A 860 49.03 -2.28 47.57
C GLY A 860 48.28 -1.37 46.58
N TYR A 861 46.98 -1.60 46.41
CA TYR A 861 46.14 -0.86 45.47
C TYR A 861 45.79 0.51 46.01
N SER A 862 45.57 1.45 45.07
CA SER A 862 44.96 2.77 45.31
C SER A 862 43.42 2.74 45.23
N GLY A 863 42.78 3.64 45.96
CA GLY A 863 41.32 3.66 45.96
C GLY A 863 40.68 2.46 46.65
N SER A 864 39.48 2.11 46.19
CA SER A 864 38.68 1.08 46.82
C SER A 864 38.98 -0.28 46.21
N GLY A 865 39.88 -0.34 45.22
CA GLY A 865 40.26 -1.61 44.64
C GLY A 865 41.08 -1.56 43.35
N PHE A 866 40.86 -2.54 42.51
CA PHE A 866 41.51 -2.63 41.21
C PHE A 866 40.61 -3.49 40.32
N VAL A 867 41.02 -3.65 39.09
CA VAL A 867 40.22 -4.35 38.12
C VAL A 867 40.93 -5.69 37.81
N ASP A 868 40.17 -6.79 37.91
CA ASP A 868 40.70 -8.15 37.61
C ASP A 868 39.80 -8.77 36.57
N LYS A 869 39.93 -10.10 36.42
CA LYS A 869 39.28 -10.86 35.36
C LYS A 869 39.47 -10.26 33.94
N LEU A 870 40.72 -9.91 33.60
CA LEU A 870 41.11 -9.56 32.22
C LEU A 870 41.82 -10.75 31.60
N ASP A 871 41.23 -11.92 31.85
CA ASP A 871 41.84 -13.23 31.58
C ASP A 871 40.89 -14.17 30.79
N VAL A 872 39.81 -13.63 30.25
CA VAL A 872 38.94 -14.27 29.25
C VAL A 872 38.86 -13.33 28.03
N PRO A 873 39.15 -13.83 26.81
CA PRO A 873 39.16 -12.97 25.62
C PRO A 873 38.04 -11.91 25.52
N GLY A 874 38.42 -10.72 25.07
CA GLY A 874 37.52 -9.60 24.99
C GLY A 874 37.17 -8.87 26.28
N ALA A 875 37.68 -9.27 27.44
CA ALA A 875 37.46 -8.44 28.67
C ALA A 875 38.21 -7.11 28.62
N ALA A 876 37.61 -6.09 29.19
CA ALA A 876 38.18 -4.75 29.06
C ALA A 876 37.63 -3.77 30.05
N VAL A 877 38.40 -2.71 30.26
CA VAL A 877 37.96 -1.61 31.08
C VAL A 877 38.19 -0.33 30.27
N THR A 878 37.25 0.61 30.41
CA THR A 878 37.20 1.80 29.56
C THR A 878 37.02 3.01 30.40
N VAL A 879 37.95 3.94 30.26
CA VAL A 879 37.91 5.20 31.01
C VAL A 879 37.58 6.33 30.04
N TYR A 880 36.70 7.22 30.52
CA TYR A 880 36.36 8.50 29.86
C TYR A 880 37.14 9.66 30.49
N ALA A 881 38.01 10.26 29.69
CA ALA A 881 38.97 11.24 30.13
C ALA A 881 38.93 12.50 29.31
N ASN A 882 38.71 13.61 30.00
CA ASN A 882 38.64 14.92 29.34
C ASN A 882 40.05 15.50 29.15
N ALA A 883 40.34 15.94 27.92
CA ALA A 883 41.54 16.68 27.55
C ALA A 883 41.16 18.09 27.02
N PRO A 884 41.95 19.15 27.34
CA PRO A 884 41.51 20.51 26.95
C PRO A 884 41.78 20.84 25.47
N VAL A 885 42.75 20.13 24.90
CA VAL A 885 43.15 20.32 23.48
C VAL A 885 43.64 18.99 22.94
N SER A 886 43.65 18.85 21.62
CA SER A 886 44.10 17.60 21.04
C SER A 886 45.59 17.64 21.22
N GLY A 887 46.18 16.46 21.41
CA GLY A 887 47.65 16.33 21.35
C GLY A 887 48.16 15.07 22.01
N ASP A 888 49.47 15.03 22.28
CA ASP A 888 50.11 13.92 22.99
C ASP A 888 49.99 14.00 24.51
N TYR A 889 49.46 12.94 25.11
CA TYR A 889 49.39 12.84 26.55
C TYR A 889 50.06 11.51 26.97
N PRO A 890 51.15 11.59 27.76
CA PRO A 890 51.67 10.34 28.37
C PRO A 890 50.77 9.90 29.48
N VAL A 891 50.08 8.78 29.29
CA VAL A 891 49.14 8.30 30.26
C VAL A 891 49.70 7.09 31.03
N GLU A 892 49.60 7.17 32.34
CA GLU A 892 50.27 6.25 33.22
C GLU A 892 49.26 5.19 33.63
N LEU A 893 49.63 3.91 33.45
CA LEU A 893 48.76 2.78 33.83
C LEU A 893 49.35 2.05 35.05
N ARG A 894 48.64 2.04 36.17
CA ARG A 894 49.15 1.30 37.32
C ARG A 894 48.60 -0.11 37.33
N TYR A 895 49.51 -1.09 37.25
CA TYR A 895 49.14 -2.51 37.12
C TYR A 895 49.97 -3.42 38.03
N ALA A 896 49.53 -4.68 38.07
CA ALA A 896 50.13 -5.80 38.83
C ALA A 896 50.18 -7.06 37.93
N ASN A 897 51.39 -7.55 37.66
CA ASN A 897 51.60 -8.79 36.93
C ASN A 897 52.35 -9.79 37.81
N GLY A 898 51.60 -10.57 38.59
CA GLY A 898 52.20 -11.67 39.36
C GLY A 898 52.22 -13.02 38.66
N SER A 899 52.38 -13.06 37.35
CA SER A 899 52.16 -14.28 36.55
C SER A 899 53.39 -15.15 36.40
N GLY A 900 54.58 -14.55 36.54
CA GLY A 900 55.82 -15.17 36.10
C GLY A 900 56.48 -14.51 34.89
N SER A 901 55.69 -13.90 33.99
CA SER A 901 56.24 -13.32 32.75
C SER A 901 55.44 -12.10 32.23
N ALA A 902 56.02 -11.45 31.21
CA ALA A 902 55.39 -10.33 30.49
C ALA A 902 54.02 -10.73 29.92
N LYS A 903 53.00 -9.92 30.24
CA LYS A 903 51.67 -10.04 29.65
C LYS A 903 51.41 -8.92 28.65
N THR A 904 50.47 -9.15 27.73
CA THR A 904 50.04 -8.15 26.76
C THR A 904 48.57 -7.71 26.92
N LEU A 905 48.36 -6.43 26.60
CA LEU A 905 47.03 -5.82 26.58
C LEU A 905 47.02 -4.74 25.49
N SER A 906 45.91 -4.64 24.80
CA SER A 906 45.72 -3.59 23.86
C SER A 906 45.22 -2.30 24.57
N VAL A 907 45.76 -1.17 24.13
CA VAL A 907 45.24 0.16 24.47
C VAL A 907 44.65 0.78 23.20
N TYR A 908 43.33 0.92 23.27
CA TYR A 908 42.55 1.55 22.25
C TYR A 908 42.23 2.92 22.84
N VAL A 909 42.38 3.94 21.98
CA VAL A 909 41.94 5.32 22.22
C VAL A 909 40.98 5.73 21.07
N ASN A 910 39.80 6.20 21.46
CA ASN A 910 38.75 6.60 20.55
C ASN A 910 38.44 5.58 19.45
N ALA A 911 38.45 4.30 19.83
CA ALA A 911 38.15 3.14 18.96
C ALA A 911 39.25 2.78 17.96
N ALA A 912 40.41 3.43 18.05
CA ALA A 912 41.54 3.02 17.21
C ALA A 912 42.55 2.27 18.13
N ARG A 913 43.19 1.23 17.61
CA ARG A 913 44.16 0.46 18.44
C ARG A 913 45.45 1.22 18.42
N VAL A 914 45.86 1.77 19.56
CA VAL A 914 47.07 2.61 19.58
C VAL A 914 48.34 1.77 19.77
N GLN A 915 48.32 0.86 20.75
CA GLN A 915 49.46 -0.03 20.97
C GLN A 915 49.07 -1.29 21.66
N GLN A 916 49.91 -2.28 21.39
CA GLN A 916 50.02 -3.45 22.27
C GLN A 916 51.03 -3.08 23.35
N LEU A 917 50.57 -3.09 24.60
CA LEU A 917 51.42 -2.84 25.75
C LEU A 917 52.11 -4.17 26.22
N SER A 918 53.43 -4.15 26.45
CA SER A 918 54.12 -5.25 27.12
C SER A 918 54.32 -4.89 28.55
N LEU A 919 53.58 -5.55 29.42
CA LEU A 919 53.53 -5.22 30.82
C LEU A 919 54.34 -6.27 31.65
N ALA A 920 55.53 -5.86 32.09
CA ALA A 920 56.46 -6.76 32.79
C ALA A 920 55.93 -7.35 34.10
N ASP A 921 56.49 -8.50 34.49
CA ASP A 921 56.24 -9.13 35.80
C ASP A 921 56.64 -8.08 36.85
N THR A 922 55.80 -7.86 37.87
CA THR A 922 56.16 -6.96 38.98
C THR A 922 56.49 -7.69 40.32
N GLY A 923 56.77 -9.02 40.27
CA GLY A 923 57.17 -9.81 41.44
C GLY A 923 56.07 -10.63 42.07
N ALA A 924 54.93 -9.98 42.33
CA ALA A 924 53.70 -10.64 42.84
C ALA A 924 52.44 -9.77 42.60
N TRP A 925 51.28 -10.37 42.90
CA TRP A 925 49.96 -9.76 42.69
C TRP A 925 49.69 -8.54 43.58
N SER A 926 50.43 -8.46 44.69
CA SER A 926 50.40 -7.34 45.60
C SER A 926 51.56 -6.37 45.41
N GLN A 927 52.40 -6.59 44.39
CA GLN A 927 53.39 -5.61 43.98
C GLN A 927 52.97 -4.94 42.65
N TRP A 928 53.02 -3.61 42.61
CA TRP A 928 52.46 -2.80 41.49
C TRP A 928 53.53 -2.03 40.72
N GLY A 929 53.34 -1.85 39.43
CA GLY A 929 54.29 -1.12 38.60
C GLY A 929 53.56 -0.11 37.74
N THR A 930 54.34 0.63 36.94
CA THR A 930 53.72 1.64 36.09
C THR A 930 54.24 1.52 34.69
N GLN A 931 53.32 1.54 33.72
CA GLN A 931 53.67 1.74 32.35
C GLN A 931 52.96 3.03 31.87
N THR A 932 53.75 3.85 31.22
CA THR A 932 53.36 5.14 30.72
C THR A 932 53.45 5.10 29.21
N THR A 933 52.35 5.44 28.53
CA THR A 933 52.26 5.33 27.06
C THR A 933 51.78 6.64 26.46
N THR A 934 52.41 7.11 25.39
CA THR A 934 52.00 8.38 24.77
C THR A 934 50.77 8.23 23.84
N LEU A 935 49.61 8.73 24.31
CA LEU A 935 48.31 8.50 23.67
C LEU A 935 47.91 9.65 22.81
N PRO A 936 47.35 9.38 21.63
CA PRO A 936 46.83 10.51 20.80
C PRO A 936 45.40 10.91 21.28
N LEU A 937 45.29 11.95 22.10
CA LEU A 937 43.97 12.37 22.60
C LEU A 937 43.41 13.55 21.79
N THR A 938 42.09 13.62 21.76
CA THR A 938 41.39 14.74 21.11
C THR A 938 40.81 15.64 22.17
N ALA A 939 40.72 16.90 21.82
CA ALA A 939 40.06 17.89 22.69
C ALA A 939 38.63 17.49 23.03
N GLY A 940 38.35 17.54 24.32
CA GLY A 940 37.11 17.01 24.89
C GLY A 940 37.27 15.53 25.35
N GLN A 941 36.18 14.80 25.23
CA GLN A 941 36.11 13.47 25.79
C GLN A 941 36.93 12.55 24.96
N ASN A 942 37.70 11.72 25.66
CA ASN A 942 38.40 10.59 25.05
C ASN A 942 37.97 9.31 25.69
N ILE A 943 38.08 8.26 24.88
CA ILE A 943 37.65 6.92 25.24
C ILE A 943 38.90 6.08 25.24
N ILE A 944 39.39 5.78 26.43
CA ILE A 944 40.62 5.03 26.62
C ILE A 944 40.28 3.68 27.18
N THR A 945 40.64 2.65 26.43
CA THR A 945 40.19 1.30 26.75
C THR A 945 41.37 0.36 26.82
N TYR A 946 41.42 -0.37 27.94
CA TYR A 946 42.45 -1.40 28.17
C TYR A 946 41.73 -2.73 28.06
N LYS A 947 42.20 -3.51 27.09
CA LYS A 947 41.44 -4.68 26.65
C LYS A 947 42.31 -5.88 26.36
N TYR A 948 41.78 -7.05 26.68
CA TYR A 948 42.35 -8.33 26.27
C TYR A 948 41.82 -8.71 24.91
N ASP A 949 42.51 -8.22 23.87
CA ASP A 949 42.12 -8.45 22.48
C ASP A 949 42.81 -9.74 22.02
N SER A 950 42.18 -10.84 22.35
CA SER A 950 42.68 -12.16 21.98
C SER A 950 42.88 -12.27 20.48
N ASP A 951 41.95 -11.69 19.74
CA ASP A 951 42.00 -11.75 18.27
C ASP A 951 43.11 -10.93 17.67
N ALA A 952 43.74 -10.09 18.49
CA ALA A 952 44.93 -9.33 18.10
C ALA A 952 46.24 -9.83 18.75
N GLY A 953 46.22 -11.02 19.36
CA GLY A 953 47.44 -11.66 19.88
C GLY A 953 47.85 -11.30 21.28
N ASP A 954 46.98 -10.56 21.97
CA ASP A 954 47.17 -10.20 23.33
C ASP A 954 47.01 -11.47 24.20
N THR A 955 47.64 -11.45 25.38
CA THR A 955 47.52 -12.50 26.38
C THR A 955 46.50 -12.22 27.48
N GLY A 956 46.30 -10.95 27.82
CA GLY A 956 45.47 -10.59 28.99
C GLY A 956 46.21 -10.96 30.27
N GLY A 957 45.51 -10.96 31.40
CA GLY A 957 45.99 -11.64 32.62
C GLY A 957 46.82 -10.79 33.57
N VAL A 958 46.46 -9.50 33.66
CA VAL A 958 47.04 -8.59 34.65
C VAL A 958 45.87 -7.98 35.42
N ASN A 959 46.22 -7.24 36.46
CA ASN A 959 45.23 -6.48 37.22
C ASN A 959 45.57 -4.98 37.07
N LEU A 960 44.54 -4.15 37.07
CA LEU A 960 44.71 -2.71 36.78
C LEU A 960 44.21 -1.86 37.92
N ASP A 961 45.04 -0.93 38.37
CA ASP A 961 44.71 -0.13 39.55
C ASP A 961 44.10 1.21 39.22
N TYR A 962 44.75 1.92 38.29
CA TYR A 962 44.30 3.26 37.86
C TYR A 962 45.07 3.75 36.68
N ILE A 963 44.58 4.81 36.04
CA ILE A 963 45.43 5.59 35.15
C ILE A 963 45.52 7.03 35.57
N ARG A 964 46.59 7.68 35.12
CA ARG A 964 46.87 9.10 35.37
C ARG A 964 47.12 9.80 34.06
N VAL A 965 46.48 10.96 33.90
CA VAL A 965 46.35 11.66 32.62
C VAL A 965 46.83 13.06 32.88
N PRO A 966 47.90 13.50 32.20
CA PRO A 966 48.36 14.86 32.44
C PRO A 966 47.25 15.84 32.10
N PHE A 967 47.13 16.90 32.90
CA PHE A 967 46.24 18.02 32.56
C PHE A 967 46.69 18.72 31.30
N ALA A 968 47.98 18.69 31.04
CA ALA A 968 48.47 19.37 29.88
C ALA A 968 49.25 18.39 29.04
N PRO A 969 49.18 18.58 27.71
CA PRO A 969 49.87 17.69 26.82
C PRO A 969 51.31 18.10 26.75
N THR A 970 52.16 17.22 26.23
CA THR A 970 53.58 17.50 26.00
C THR A 970 53.66 18.37 24.78
N GLN A 971 52.85 18.06 23.78
CA GLN A 971 52.67 18.91 22.60
C GLN A 971 51.21 18.86 22.15
N ALA A 972 50.72 19.98 21.63
CA ALA A 972 49.32 20.15 21.19
C ALA A 972 49.22 20.08 19.69
N GLU A 973 48.04 19.74 19.16
CA GLU A 973 47.75 19.83 17.73
C GLU A 973 46.37 20.46 17.43
N TYR A 974 46.28 21.11 16.28
CA TYR A 974 45.05 21.76 15.83
C TYR A 974 44.82 21.42 14.35
N ALA A 975 43.68 20.75 14.05
CA ALA A 975 43.40 20.36 12.67
C ALA A 975 43.04 21.63 11.86
N ALA A 976 43.58 21.78 10.65
CA ALA A 976 43.32 22.99 9.85
C ALA A 976 41.85 23.03 9.37
N GLU A 977 41.39 21.88 8.90
CA GLU A 977 40.04 21.67 8.47
C GLU A 977 39.00 22.05 9.53
N SER A 978 39.35 21.97 10.83
CA SER A 978 38.51 22.42 11.97
C SER A 978 38.71 23.90 12.40
N ALA A 979 39.66 24.57 11.75
CA ALA A 979 39.92 25.96 12.05
C ALA A 979 38.87 26.84 11.35
N LYS A 980 38.94 28.12 11.63
CA LYS A 980 37.95 29.05 11.15
C LYS A 980 38.52 29.50 9.83
N LEU A 981 37.77 29.19 8.77
CA LEU A 981 38.15 29.43 7.40
C LEU A 981 37.36 30.60 6.87
N TRP A 982 37.97 31.36 5.99
CA TRP A 982 37.40 32.61 5.54
C TRP A 982 38.06 33.00 4.27
N GLY A 983 37.36 33.81 3.48
CA GLY A 983 37.94 34.42 2.29
C GLY A 983 38.22 33.46 1.17
N GLY A 984 37.46 32.37 1.14
CA GLY A 984 37.60 31.33 0.09
C GLY A 984 38.25 30.03 0.57
N ALA A 985 38.99 30.07 1.66
CA ALA A 985 39.61 28.86 2.20
C ALA A 985 38.53 27.86 2.42
N GLY A 986 38.80 26.62 2.07
CA GLY A 986 37.83 25.53 2.16
C GLY A 986 38.49 24.23 2.64
N THR A 987 37.71 23.16 2.73
CA THR A 987 38.28 21.86 3.06
C THR A 987 38.25 20.95 1.83
N SER A 988 39.06 19.92 1.86
CA SER A 988 39.20 19.05 0.70
C SER A 988 39.84 17.69 1.06
N GLN A 989 39.46 16.66 0.30
CA GLN A 989 40.14 15.36 0.29
C GLN A 989 40.80 15.05 -1.07
N ASP A 990 41.03 16.03 -1.97
CA ASP A 990 41.46 15.71 -3.38
C ASP A 990 42.98 15.67 -3.62
N HIS A 991 43.72 15.46 -2.54
CA HIS A 991 45.13 15.13 -2.60
C HIS A 991 45.42 14.12 -1.49
N TRP A 992 46.60 13.52 -1.55
CA TRP A 992 46.95 12.37 -0.68
C TRP A 992 47.82 12.75 0.53
N PHE A 993 47.85 11.86 1.52
CA PHE A 993 48.73 11.93 2.69
C PHE A 993 48.50 13.12 3.63
N TYR A 994 47.30 13.70 3.60
CA TYR A 994 46.84 14.58 4.67
C TYR A 994 46.55 13.75 5.92
N LYS A 995 46.52 14.47 7.04
CA LYS A 995 46.24 13.94 8.36
C LYS A 995 44.80 14.21 8.72
N GLY A 996 44.28 13.47 9.69
CA GLY A 996 42.89 13.63 10.11
C GLY A 996 41.92 13.43 8.95
N ALA A 997 40.78 14.11 9.00
CA ALA A 997 39.68 13.87 8.04
C ALA A 997 39.79 14.65 6.71
N ALA A 998 40.72 15.59 6.62
CA ALA A 998 40.84 16.52 5.46
C ALA A 998 42.02 17.49 5.58
N PHE A 999 42.09 18.38 4.60
CA PHE A 999 43.01 19.51 4.70
C PHE A 999 42.38 20.83 4.17
N VAL A 1000 43.12 21.94 4.26
CA VAL A 1000 42.61 23.24 3.79
C VAL A 1000 43.30 23.68 2.50
N ASP A 1001 42.52 23.96 1.45
CA ASP A 1001 43.01 24.55 0.19
C ASP A 1001 42.29 25.91 -0.12
N ASN A 1002 42.38 26.39 -1.37
CA ASN A 1002 41.74 27.65 -1.77
C ASN A 1002 42.16 28.87 -0.90
N LEU A 1003 43.43 28.86 -0.51
CA LEU A 1003 44.09 30.03 0.08
C LEU A 1003 44.66 30.88 -1.09
N THR A 1004 43.78 31.34 -1.95
CA THR A 1004 44.16 31.79 -3.27
C THR A 1004 43.91 33.26 -3.43
N GLY A 1005 42.72 33.74 -3.02
CA GLY A 1005 42.43 35.15 -3.00
C GLY A 1005 42.92 35.80 -1.74
N VAL A 1006 43.25 37.07 -1.86
CA VAL A 1006 43.74 37.91 -0.76
C VAL A 1006 42.59 38.04 0.20
N GLY A 1007 42.84 37.88 1.49
CA GLY A 1007 41.77 37.67 2.50
C GLY A 1007 41.67 36.19 2.93
N ALA A 1008 41.98 35.27 2.03
CA ALA A 1008 41.83 33.83 2.33
C ALA A 1008 42.70 33.50 3.49
N GLU A 1009 42.13 32.85 4.50
CA GLU A 1009 42.88 32.49 5.66
C GLU A 1009 42.30 31.28 6.42
N ALA A 1010 43.09 30.79 7.34
CA ALA A 1010 42.60 29.84 8.35
C ALA A 1010 43.10 30.31 9.67
N SER A 1011 42.23 30.28 10.69
CA SER A 1011 42.51 30.87 11.97
C SER A 1011 42.30 29.87 13.11
N PHE A 1012 43.38 29.55 13.80
CA PHE A 1012 43.38 28.57 14.84
C PHE A 1012 43.13 29.22 16.16
N ASP A 1013 42.33 28.57 16.99
CA ASP A 1013 42.26 28.95 18.40
C ASP A 1013 43.15 28.04 19.24
N VAL A 1014 44.26 28.61 19.74
CA VAL A 1014 45.36 27.89 20.38
C VAL A 1014 45.46 28.25 21.83
N TYR A 1015 45.41 27.25 22.71
CA TYR A 1015 45.43 27.49 24.15
C TYR A 1015 46.84 27.36 24.74
N ALA A 1016 47.26 28.35 25.53
CA ALA A 1016 48.55 28.24 26.28
C ALA A 1016 48.30 28.27 27.76
N PRO A 1017 49.08 27.48 28.54
CA PRO A 1017 48.97 27.54 30.01
C PRO A 1017 49.50 28.85 30.64
N SER A 1018 50.57 29.41 30.05
CA SER A 1018 51.25 30.61 30.56
C SER A 1018 51.77 31.46 29.41
N ALA A 1019 51.84 32.77 29.62
CA ALA A 1019 52.41 33.66 28.61
C ALA A 1019 53.88 33.29 28.39
N GLY A 1020 54.33 33.32 27.12
CA GLY A 1020 55.70 32.86 26.78
C GLY A 1020 55.92 32.79 25.28
N THR A 1021 57.13 32.42 24.88
CA THR A 1021 57.42 31.95 23.53
C THR A 1021 57.08 30.45 23.41
N TYR A 1022 56.39 30.10 22.32
CA TYR A 1022 56.00 28.74 22.00
C TYR A 1022 56.46 28.40 20.59
N ASN A 1023 56.82 27.13 20.41
CA ASN A 1023 57.16 26.62 19.08
C ASN A 1023 55.90 26.28 18.29
N LEU A 1024 55.92 26.61 16.99
CA LEU A 1024 54.90 26.11 16.06
C LEU A 1024 55.50 25.26 14.97
N SER A 1025 54.69 24.36 14.45
CA SER A 1025 55.05 23.66 13.23
C SER A 1025 53.79 23.50 12.45
N LEU A 1026 53.82 23.93 11.22
CA LEU A 1026 52.66 24.02 10.35
C LEU A 1026 52.88 23.08 9.19
N ARG A 1027 52.00 22.10 9.07
CA ARG A 1027 52.10 21.11 8.00
C ARG A 1027 51.39 21.66 6.77
N TYR A 1028 52.10 21.69 5.67
CA TYR A 1028 51.62 22.31 4.48
C TYR A 1028 52.18 21.57 3.26
N ALA A 1029 51.54 21.84 2.13
CA ALA A 1029 51.91 21.31 0.85
C ALA A 1029 51.97 22.52 -0.06
N ASN A 1030 52.97 22.48 -0.93
CA ASN A 1030 53.18 23.48 -1.95
C ASN A 1030 53.64 22.72 -3.16
N GLY A 1031 52.71 22.48 -4.06
CA GLY A 1031 52.99 21.83 -5.34
C GLY A 1031 53.17 22.77 -6.52
N THR A 1032 53.45 24.05 -6.28
CA THR A 1032 53.48 25.03 -7.41
C THR A 1032 54.79 25.02 -8.21
N GLY A 1033 55.83 24.43 -7.62
CA GLY A 1033 57.13 24.38 -8.19
C GLY A 1033 58.07 25.36 -7.54
N SER A 1034 57.55 26.43 -6.93
CA SER A 1034 58.40 27.52 -6.38
C SER A 1034 58.00 27.90 -4.97
N THR A 1035 58.83 28.72 -4.33
CA THR A 1035 58.43 29.29 -3.03
C THR A 1035 57.13 30.16 -3.06
N LYS A 1036 56.35 30.02 -1.99
CA LYS A 1036 55.11 30.79 -1.80
C LYS A 1036 55.04 31.31 -0.38
N THR A 1037 54.18 32.30 -0.20
CA THR A 1037 54.09 33.04 1.04
C THR A 1037 52.67 33.16 1.60
N LEU A 1038 52.57 33.09 2.93
CA LEU A 1038 51.42 33.57 3.70
C LEU A 1038 51.90 34.50 4.82
N SER A 1039 50.96 35.08 5.54
CA SER A 1039 51.29 35.88 6.73
C SER A 1039 50.80 35.16 7.97
N ALA A 1040 51.53 35.31 9.07
CA ALA A 1040 51.06 34.86 10.37
C ALA A 1040 50.58 36.07 11.24
N ILE A 1041 49.45 35.93 11.91
CA ILE A 1041 48.85 36.98 12.73
C ILE A 1041 48.46 36.38 14.11
N VAL A 1042 49.25 36.73 15.13
CA VAL A 1042 49.08 36.23 16.47
C VAL A 1042 48.37 37.30 17.33
N ASN A 1043 47.17 36.97 17.79
CA ASN A 1043 46.29 37.87 18.56
C ASN A 1043 46.02 39.22 17.86
N GLY A 1044 45.72 39.15 16.56
CA GLY A 1044 45.55 40.33 15.70
C GLY A 1044 46.73 41.31 15.72
N GLY A 1045 47.94 40.83 16.00
CA GLY A 1045 49.12 41.66 16.01
C GLY A 1045 49.66 41.85 14.59
N ALA A 1046 50.90 42.30 14.52
CA ALA A 1046 51.59 42.57 13.29
C ALA A 1046 51.80 41.27 12.51
N ALA A 1047 51.53 41.33 11.21
CA ALA A 1047 51.81 40.25 10.25
C ALA A 1047 53.30 39.94 10.30
N SER A 1048 53.67 38.66 10.40
CA SER A 1048 55.04 38.19 10.11
C SER A 1048 54.92 37.35 8.86
N THR A 1049 55.97 37.34 8.03
CA THR A 1049 55.97 36.53 6.79
C THR A 1049 56.26 35.02 7.04
N VAL A 1050 55.51 34.17 6.33
CA VAL A 1050 55.69 32.72 6.37
C VAL A 1050 56.05 32.27 4.94
N THR A 1051 57.32 31.93 4.77
CA THR A 1051 57.93 31.60 3.49
C THR A 1051 57.94 30.07 3.35
N LEU A 1052 57.30 29.59 2.30
CA LEU A 1052 56.96 28.16 2.16
C LEU A 1052 57.53 27.55 0.85
N THR A 1053 58.68 26.89 0.98
CA THR A 1053 59.35 26.27 -0.16
C THR A 1053 58.51 25.12 -0.74
N SER A 1054 58.77 24.79 -1.99
CA SER A 1054 58.09 23.72 -2.71
C SER A 1054 59.05 22.56 -2.94
N PRO A 1055 58.72 21.38 -2.44
CA PRO A 1055 59.55 20.23 -2.83
C PRO A 1055 59.40 19.83 -4.30
N GLY A 1056 58.46 20.38 -5.04
CA GLY A 1056 58.36 20.14 -6.49
C GLY A 1056 56.91 20.14 -6.92
N MET A 1057 56.65 19.57 -8.08
CA MET A 1057 55.32 19.66 -8.71
C MET A 1057 54.23 18.73 -8.13
N ASN A 1058 54.36 18.30 -6.89
CA ASN A 1058 53.59 17.21 -6.34
C ASN A 1058 52.82 17.73 -5.15
N TRP A 1059 51.50 17.70 -5.25
CA TRP A 1059 50.62 18.15 -4.18
C TRP A 1059 50.33 17.07 -3.12
N ASN A 1060 50.84 15.85 -3.36
CA ASN A 1060 50.72 14.72 -2.44
C ASN A 1060 51.94 14.65 -1.47
N LEU A 1061 52.73 15.75 -1.42
CA LEU A 1061 53.92 15.94 -0.54
C LEU A 1061 53.71 17.08 0.45
N TRP A 1062 54.02 16.80 1.72
CA TRP A 1062 53.75 17.67 2.87
C TRP A 1062 55.02 17.92 3.68
N ASN A 1063 55.30 19.19 3.98
CA ASN A 1063 56.49 19.58 4.73
C ASN A 1063 56.01 20.19 6.02
N GLU A 1064 56.92 20.34 6.98
CA GLU A 1064 56.70 21.21 8.14
C GLU A 1064 57.38 22.58 7.94
N HIS A 1065 56.65 23.68 8.19
CA HIS A 1065 57.22 25.01 8.41
C HIS A 1065 57.22 25.22 9.89
N THR A 1066 58.41 25.51 10.44
CA THR A 1066 58.64 25.67 11.89
C THR A 1066 58.96 27.15 12.18
N MET A 1067 58.42 27.66 13.28
CA MET A 1067 58.53 29.08 13.65
C MET A 1067 58.20 29.16 15.12
N THR A 1068 58.38 30.34 15.72
CA THR A 1068 57.98 30.59 17.09
C THR A 1068 56.89 31.68 17.13
N ALA A 1069 56.20 31.78 18.25
CA ALA A 1069 55.15 32.79 18.43
C ALA A 1069 55.04 33.12 19.89
N THR A 1070 54.65 34.35 20.18
CA THR A 1070 54.54 34.83 21.53
C THR A 1070 53.08 34.78 21.85
N LEU A 1071 52.69 34.05 22.90
CA LEU A 1071 51.30 33.86 23.27
C LEU A 1071 51.02 34.33 24.69
N THR A 1072 49.73 34.61 24.93
CA THR A 1072 49.19 34.94 26.22
C THR A 1072 48.62 33.66 26.91
N ALA A 1073 48.36 33.75 28.22
CA ALA A 1073 47.69 32.68 28.97
C ALA A 1073 46.26 32.55 28.48
N GLY A 1074 45.84 31.34 28.11
CA GLY A 1074 44.47 31.10 27.62
C GLY A 1074 44.37 31.04 26.10
N ARG A 1075 43.21 31.40 25.58
CA ARG A 1075 42.87 31.39 24.14
C ARG A 1075 43.72 32.40 23.38
N ASN A 1076 44.40 31.95 22.33
CA ASN A 1076 45.10 32.81 21.38
C ASN A 1076 44.57 32.59 19.99
N THR A 1077 44.64 33.61 19.12
CA THR A 1077 44.31 33.45 17.72
C THR A 1077 45.62 33.47 16.93
N ILE A 1078 45.79 32.53 16.00
CA ILE A 1078 46.95 32.48 15.10
C ILE A 1078 46.36 32.18 13.72
N SER A 1079 46.40 33.18 12.80
CA SER A 1079 45.85 33.06 11.48
C SER A 1079 46.97 32.89 10.50
N PHE A 1080 46.67 32.19 9.43
CA PHE A 1080 47.57 32.08 8.31
C PHE A 1080 46.74 32.52 7.15
N ARG A 1081 47.19 33.60 6.53
CA ARG A 1081 46.36 34.42 5.67
C ARG A 1081 47.18 34.85 4.48
N ARG A 1082 46.55 35.02 3.32
CA ARG A 1082 47.16 35.70 2.23
C ARG A 1082 46.83 37.20 2.31
N ASN A 1083 47.73 38.00 2.92
CA ASN A 1083 47.70 39.48 2.80
C ASN A 1083 48.22 39.81 1.40
N SER A 1084 47.98 41.03 0.92
CA SER A 1084 48.13 41.32 -0.53
C SER A 1084 49.55 41.11 -1.12
N GLY A 1085 50.57 41.39 -0.32
CA GLY A 1085 51.95 41.07 -0.69
C GLY A 1085 52.30 39.58 -0.76
N ASN A 1086 51.53 38.73 -0.08
CA ASN A 1086 51.80 37.29 -0.12
C ASN A 1086 51.29 36.70 -1.41
N SER A 1087 51.82 35.53 -1.79
CA SER A 1087 51.38 34.83 -3.01
C SER A 1087 50.26 33.79 -2.78
N GLY A 1088 50.13 33.23 -1.58
CA GLY A 1088 49.12 32.19 -1.33
C GLY A 1088 49.42 30.91 -2.09
N ASN A 1089 48.38 30.20 -2.51
CA ASN A 1089 48.45 28.95 -3.27
C ASN A 1089 49.19 27.80 -2.58
N VAL A 1090 48.92 27.63 -1.29
CA VAL A 1090 49.36 26.49 -0.49
C VAL A 1090 48.21 25.83 0.25
N ASN A 1091 48.48 24.61 0.71
CA ASN A 1091 47.51 23.81 1.44
C ASN A 1091 48.00 23.63 2.87
N LEU A 1092 47.11 23.76 3.85
CA LEU A 1092 47.45 23.61 5.24
C LEU A 1092 46.72 22.38 5.82
N ASP A 1093 47.35 21.68 6.74
CA ASP A 1093 46.80 20.42 7.23
C ASP A 1093 46.62 20.45 8.72
N ARG A 1094 47.60 21.02 9.46
CA ARG A 1094 47.66 20.94 10.93
C ARG A 1094 48.71 21.88 11.53
N LEU A 1095 48.37 22.48 12.66
CA LEU A 1095 49.28 23.33 13.42
C LEU A 1095 49.59 22.65 14.72
N ALA A 1096 50.90 22.44 14.94
CA ALA A 1096 51.44 21.82 16.13
C ALA A 1096 52.05 22.90 17.02
N VAL A 1097 51.94 22.74 18.34
CA VAL A 1097 52.33 23.78 19.29
C VAL A 1097 52.99 23.15 20.55
N SER A 1098 54.16 23.65 20.96
CA SER A 1098 54.81 23.17 22.20
C SER A 1098 55.73 24.20 22.87
N ALA A 1099 55.83 24.16 24.19
CA ALA A 1099 56.95 24.82 24.90
C ALA A 1099 58.32 24.17 24.55
N SER A 1100 58.34 22.87 24.19
CA SER A 1100 59.58 22.16 23.79
C SER A 1100 59.74 22.15 22.27
N ALA A 1101 60.82 21.50 21.82
CA ALA A 1101 60.96 21.18 20.41
C ALA A 1101 59.84 20.17 19.99
N ILE A 1102 59.21 20.41 18.85
CA ILE A 1102 58.07 19.62 18.40
C ILE A 1102 58.62 18.42 17.66
N THR A 1103 58.17 17.23 18.10
CA THR A 1103 58.47 15.92 17.49
C THR A 1103 57.21 15.31 16.79
N THR A 1104 57.31 14.03 16.39
CA THR A 1104 56.23 13.35 15.72
C THR A 1104 55.08 13.07 16.67
N LEU A 1105 53.89 13.47 16.21
CA LEU A 1105 52.68 13.35 17.01
C LEU A 1105 52.20 11.90 17.05
N ALA A 1106 51.70 11.48 18.19
CA ALA A 1106 51.13 10.12 18.31
C ALA A 1106 50.02 9.85 17.23
N SER A 1107 49.28 10.90 16.86
CA SER A 1107 48.20 10.84 15.85
C SER A 1107 48.65 10.68 14.39
N GLU A 1108 49.94 10.75 14.12
CA GLU A 1108 50.49 10.86 12.76
C GLU A 1108 51.59 9.87 12.49
N ARG A 1109 51.60 8.73 13.21
CA ARG A 1109 52.59 7.68 12.95
C ARG A 1109 52.40 7.01 11.59
N ASN A 1110 51.14 6.95 11.11
CA ASN A 1110 50.77 6.11 9.93
C ASN A 1110 51.34 6.65 8.63
N LEU A 1111 52.05 5.80 7.90
CA LEU A 1111 52.69 6.21 6.62
C LEU A 1111 51.83 5.99 5.40
N LEU A 1112 50.71 5.27 5.57
CA LEU A 1112 49.79 5.00 4.45
C LEU A 1112 48.81 6.16 4.17
N ASP A 1113 48.44 6.27 2.90
CA ASP A 1113 47.37 7.12 2.50
C ASP A 1113 46.10 6.34 2.53
N ASN A 1114 45.04 6.93 3.11
CA ASN A 1114 43.73 6.33 3.12
C ASN A 1114 43.72 4.88 3.63
N GLY A 1115 44.50 4.62 4.67
CA GLY A 1115 44.65 3.27 5.17
C GLY A 1115 43.39 2.79 5.85
N ASP A 1116 42.64 3.74 6.42
CA ASP A 1116 41.30 3.48 7.00
C ASP A 1116 40.14 3.53 5.96
N PHE A 1117 40.46 3.74 4.66
CA PHE A 1117 39.45 3.88 3.61
C PHE A 1117 38.30 4.89 3.92
N GLU A 1118 38.56 5.88 4.78
CA GLU A 1118 37.55 6.85 5.17
C GLU A 1118 37.33 7.96 4.15
N ARG A 1119 38.23 8.11 3.19
CA ARG A 1119 38.11 9.17 2.20
C ARG A 1119 36.85 8.90 1.43
N ASP A 1120 36.17 9.98 1.09
CA ASP A 1120 34.99 9.96 0.26
C ASP A 1120 35.39 9.34 -1.07
N THR A 1121 34.65 8.33 -1.52
CA THR A 1121 35.00 7.49 -2.69
C THR A 1121 35.05 8.20 -4.10
N THR A 1122 34.45 9.38 -4.19
CA THR A 1122 34.65 10.32 -5.31
C THR A 1122 36.10 10.65 -5.58
N TYR A 1123 36.87 10.78 -4.48
CA TYR A 1123 38.33 11.06 -4.51
C TYR A 1123 39.24 9.79 -4.38
N ASN A 1124 40.26 9.71 -5.24
CA ASN A 1124 41.08 8.52 -5.26
C ASN A 1124 42.16 8.61 -4.18
N SER A 1125 43.03 7.60 -4.15
CA SER A 1125 44.08 7.46 -3.13
C SER A 1125 45.26 6.72 -3.68
N ASN A 1126 46.32 6.62 -2.86
CA ASN A 1126 47.51 5.85 -3.21
C ASN A 1126 47.30 4.32 -3.35
N TRP A 1127 46.13 3.80 -2.95
CA TRP A 1127 45.77 2.41 -3.27
C TRP A 1127 45.61 2.16 -4.79
N THR A 1128 46.15 1.04 -5.28
CA THR A 1128 45.83 0.50 -6.60
C THR A 1128 45.20 -0.86 -6.43
N GLN A 1129 44.58 -1.34 -7.50
CA GLN A 1129 43.94 -2.65 -7.45
C GLN A 1129 44.32 -3.45 -8.68
N TRP A 1130 44.16 -4.76 -8.56
CA TRP A 1130 44.35 -5.66 -9.67
C TRP A 1130 43.30 -6.78 -9.61
N GLN A 1131 42.77 -7.13 -10.77
CA GLN A 1131 42.05 -8.41 -10.95
C GLN A 1131 42.45 -9.06 -12.31
N PRO A 1132 42.28 -10.40 -12.43
CA PRO A 1132 42.74 -11.04 -13.68
C PRO A 1132 42.01 -10.43 -14.87
N SER A 1133 42.71 -10.29 -15.99
CA SER A 1133 42.13 -9.69 -17.18
C SER A 1133 40.68 -10.16 -17.48
N GLY A 1134 39.77 -9.22 -17.78
CA GLY A 1134 38.38 -9.58 -18.12
C GLY A 1134 37.41 -9.96 -16.99
N GLN A 1135 37.93 -10.20 -15.79
CA GLN A 1135 37.10 -10.34 -14.60
C GLN A 1135 36.69 -8.93 -14.07
N PRO A 1136 35.38 -8.75 -13.71
CA PRO A 1136 35.01 -7.54 -12.97
C PRO A 1136 35.82 -7.42 -11.69
N SER A 1137 36.12 -6.16 -11.31
CA SER A 1137 36.66 -5.86 -9.98
C SER A 1137 35.73 -6.43 -8.90
N ALA A 1138 36.34 -7.07 -7.92
CA ALA A 1138 35.65 -7.59 -6.77
C ALA A 1138 35.76 -6.60 -5.62
N PHE A 1139 36.50 -5.49 -5.83
CA PHE A 1139 36.90 -4.54 -4.79
C PHE A 1139 35.99 -3.31 -4.75
N GLY A 1140 35.55 -2.94 -3.55
CA GLY A 1140 34.85 -1.66 -3.33
C GLY A 1140 35.14 -1.12 -1.95
N ILE A 1141 34.66 0.08 -1.67
CA ILE A 1141 34.73 0.71 -0.34
C ILE A 1141 33.35 1.26 -0.02
N ASP A 1142 32.77 0.90 1.11
CA ASP A 1142 31.52 1.51 1.57
C ASP A 1142 31.32 1.19 3.08
N SER A 1143 30.19 1.57 3.65
CA SER A 1143 29.96 1.40 5.06
C SER A 1143 29.38 0.06 5.54
N GLY A 1144 28.78 -0.73 4.64
CA GLY A 1144 28.09 -1.98 5.06
C GLY A 1144 26.74 -1.74 5.72
N ASN A 1145 26.12 -0.59 5.41
CA ASN A 1145 24.83 -0.27 6.04
C ASN A 1145 23.62 -0.66 5.19
N ALA A 1146 23.85 -1.00 3.91
CA ALA A 1146 22.83 -1.59 3.02
C ALA A 1146 22.45 -3.03 3.42
N LEU A 1147 23.33 -3.70 4.17
CA LEU A 1147 23.15 -5.07 4.57
C LEU A 1147 22.28 -5.10 5.82
N HIS A 1148 21.61 -6.25 5.98
CA HIS A 1148 20.71 -6.51 7.08
C HIS A 1148 21.07 -7.91 7.61
N PRO A 1149 21.57 -8.02 8.86
CA PRO A 1149 22.00 -6.90 9.73
C PRO A 1149 23.24 -6.16 9.12
N PRO A 1150 23.54 -4.95 9.59
CA PRO A 1150 24.73 -4.23 9.09
C PRO A 1150 26.03 -4.98 9.33
N GLU A 1151 26.92 -4.88 8.36
CA GLU A 1151 28.28 -5.35 8.52
C GLU A 1151 29.20 -4.16 8.46
N GLY A 1152 29.25 -3.42 9.58
CA GLY A 1152 30.04 -2.18 9.73
C GLY A 1152 31.57 -2.22 9.52
N PRO A 1153 32.23 -1.04 9.57
CA PRO A 1153 33.69 -1.00 9.42
C PRO A 1153 34.28 -1.28 10.79
N ALA A 1154 35.60 -1.52 10.88
CA ALA A 1154 36.23 -1.63 12.20
C ALA A 1154 36.25 -0.29 12.96
N ARG A 1155 36.46 0.82 12.24
CA ARG A 1155 36.41 2.15 12.85
C ARG A 1155 35.80 3.19 11.90
N ARG A 1156 35.08 4.14 12.49
CA ARG A 1156 34.54 5.31 11.77
C ARG A 1156 33.48 4.84 10.79
N ASN A 1157 33.61 5.17 9.50
CA ASN A 1157 32.50 5.08 8.56
C ASN A 1157 32.62 4.06 7.44
N GLN A 1158 33.80 3.80 6.92
CA GLN A 1158 33.96 2.93 5.75
C GLN A 1158 35.00 1.82 5.96
N ARG A 1159 34.94 0.81 5.11
CA ARG A 1159 35.95 -0.24 5.05
C ARG A 1159 35.99 -0.76 3.64
N ALA A 1160 37.15 -1.21 3.20
CA ALA A 1160 37.21 -1.84 1.90
C ALA A 1160 36.53 -3.20 2.00
N TYR A 1161 36.10 -3.72 0.86
CA TYR A 1161 35.67 -5.11 0.76
C TYR A 1161 36.12 -5.77 -0.53
N PHE A 1162 36.36 -7.07 -0.46
CA PHE A 1162 36.45 -7.95 -1.63
C PHE A 1162 35.24 -8.86 -1.66
N HIS A 1163 34.50 -8.88 -2.76
CA HIS A 1163 33.36 -9.78 -2.93
C HIS A 1163 33.03 -9.96 -4.39
N SER A 1164 32.68 -11.21 -4.72
CA SER A 1164 31.99 -11.54 -5.92
C SER A 1164 31.15 -12.76 -5.60
N ASP A 1165 30.07 -12.92 -6.38
CA ASP A 1165 29.14 -14.05 -6.24
C ASP A 1165 29.74 -15.32 -6.87
N ASN A 1166 30.68 -15.11 -7.81
CA ASN A 1166 31.37 -16.14 -8.56
C ASN A 1166 32.88 -16.13 -8.25
N ALA A 1167 33.56 -17.18 -8.75
CA ALA A 1167 34.99 -17.35 -8.60
C ALA A 1167 35.74 -16.08 -9.01
N TYR A 1168 36.80 -15.73 -8.27
CA TYR A 1168 37.50 -14.44 -8.42
C TYR A 1168 38.86 -14.41 -7.74
N GLN A 1169 39.76 -13.67 -8.37
CA GLN A 1169 40.97 -13.16 -7.71
C GLN A 1169 40.87 -11.63 -7.63
N GLN A 1170 41.54 -11.07 -6.64
CA GLN A 1170 41.54 -9.62 -6.46
C GLN A 1170 42.69 -9.31 -5.53
N SER A 1171 43.25 -8.11 -5.73
CA SER A 1171 44.21 -7.54 -4.78
C SER A 1171 44.12 -5.99 -4.72
N ILE A 1172 44.47 -5.42 -3.57
CA ILE A 1172 44.82 -4.01 -3.51
C ILE A 1172 46.24 -3.86 -3.00
N HIS A 1173 46.86 -2.76 -3.43
CA HIS A 1173 48.29 -2.43 -3.16
C HIS A 1173 48.56 -0.94 -2.94
N GLN A 1174 49.58 -0.66 -2.13
CA GLN A 1174 50.01 0.69 -1.88
C GLN A 1174 51.52 0.64 -1.67
N VAL A 1175 52.23 1.50 -2.41
CA VAL A 1175 53.68 1.66 -2.28
C VAL A 1175 54.00 3.03 -1.65
N VAL A 1176 54.76 3.00 -0.54
CA VAL A 1176 55.20 4.23 0.10
C VAL A 1176 56.72 4.26 0.24
N ASP A 1177 57.34 5.40 -0.14
CA ASP A 1177 58.75 5.63 0.28
C ASP A 1177 58.68 5.88 1.80
N VAL A 1178 59.48 5.15 2.59
CA VAL A 1178 59.57 5.35 4.05
C VAL A 1178 60.46 6.54 4.39
N PRO A 1179 60.21 7.23 5.52
CA PRO A 1179 61.07 8.39 5.81
C PRO A 1179 62.53 7.98 6.09
N VAL A 1180 62.74 6.90 6.84
CA VAL A 1180 64.06 6.50 7.30
C VAL A 1180 64.44 5.10 6.78
N ASN A 1181 65.36 5.05 5.83
CA ASN A 1181 65.84 3.78 5.28
C ASN A 1181 66.70 3.00 6.28
N ASN A 1182 66.93 1.71 6.00
CA ASN A 1182 67.77 0.83 6.86
C ASN A 1182 67.27 0.75 8.30
N ALA A 1183 65.95 0.60 8.40
CA ALA A 1183 65.25 0.60 9.68
C ALA A 1183 64.01 -0.29 9.62
N THR A 1184 63.44 -0.49 10.80
CA THR A 1184 62.41 -1.49 11.04
C THR A 1184 61.00 -0.89 11.07
N TYR A 1185 60.10 -1.49 10.28
CA TYR A 1185 58.68 -1.08 10.17
C TYR A 1185 57.69 -2.22 10.53
N ARG A 1186 56.40 -1.86 10.57
CA ARG A 1186 55.34 -2.71 11.08
C ARG A 1186 54.00 -2.47 10.34
N LEU A 1187 53.39 -3.53 9.80
CA LEU A 1187 52.06 -3.44 9.20
C LEU A 1187 51.01 -4.01 10.16
N GLU A 1188 50.00 -3.20 10.48
CA GLU A 1188 48.82 -3.62 11.26
C GLU A 1188 47.51 -3.42 10.42
N ALA A 1189 46.53 -4.32 10.55
CA ALA A 1189 45.24 -4.15 9.85
C ALA A 1189 44.09 -4.87 10.59
N LYS A 1190 42.89 -4.35 10.46
CA LYS A 1190 41.74 -5.09 10.85
C LYS A 1190 41.26 -5.84 9.60
N VAL A 1191 40.95 -7.12 9.79
CA VAL A 1191 40.35 -7.96 8.76
C VAL A 1191 39.19 -8.82 9.28
N ARG A 1192 38.16 -8.95 8.45
CA ARG A 1192 36.99 -9.79 8.73
C ARG A 1192 36.62 -10.50 7.44
N MET A 1193 36.42 -11.81 7.53
CA MET A 1193 36.07 -12.61 6.36
C MET A 1193 34.92 -13.51 6.70
N LYS A 1194 34.15 -13.87 5.68
CA LYS A 1194 32.95 -14.66 5.94
C LYS A 1194 32.53 -15.41 4.72
N ASN A 1195 31.68 -16.41 4.97
CA ASN A 1195 31.06 -17.25 3.95
C ASN A 1195 32.08 -18.21 3.37
N THR A 1196 32.34 -18.27 2.06
CA THR A 1196 33.12 -19.38 1.49
C THR A 1196 34.59 -19.15 1.77
N THR A 1197 35.22 -20.21 2.30
CA THR A 1197 36.66 -20.28 2.56
C THR A 1197 37.37 -20.22 1.23
N PRO A 1198 38.23 -19.22 1.08
CA PRO A 1198 39.01 -19.08 -0.14
C PRO A 1198 40.26 -20.00 -0.15
N THR A 1199 40.79 -20.22 -1.34
CA THR A 1199 42.09 -20.87 -1.48
C THR A 1199 43.21 -19.99 -0.86
N THR A 1200 43.07 -18.67 -1.00
CA THR A 1200 44.09 -17.73 -0.57
C THR A 1200 43.44 -16.42 -0.09
N ALA A 1201 43.92 -15.93 1.05
CA ALA A 1201 43.48 -14.66 1.62
C ALA A 1201 44.52 -14.19 2.63
N ARG A 1202 45.30 -13.20 2.21
CA ARG A 1202 46.40 -12.70 3.00
C ARG A 1202 46.67 -11.21 2.78
N ALA A 1203 47.16 -10.58 3.84
CA ALA A 1203 48.01 -9.42 3.71
C ALA A 1203 49.38 -9.81 3.08
N GLU A 1204 49.97 -8.86 2.34
CA GLU A 1204 51.25 -9.07 1.64
C GLU A 1204 52.14 -7.89 1.84
N VAL A 1205 53.31 -8.10 2.45
CA VAL A 1205 54.39 -7.12 2.47
C VAL A 1205 55.52 -7.58 1.55
N GLN A 1206 55.95 -6.73 0.63
CA GLN A 1206 57.08 -7.00 -0.26
C GLN A 1206 57.74 -5.70 -0.75
N GLY A 1207 58.79 -5.83 -1.60
CA GLY A 1207 59.49 -4.68 -2.22
C GLY A 1207 60.49 -3.95 -1.32
N HIS A 1208 60.42 -4.25 -0.02
CA HIS A 1208 61.30 -3.73 1.05
C HIS A 1208 62.79 -4.11 1.04
N GLY A 1209 63.22 -4.95 0.08
CA GLY A 1209 64.64 -5.36 -0.08
C GLY A 1209 64.90 -6.79 0.40
N GLY A 1210 64.04 -7.29 1.30
CA GLY A 1210 63.95 -8.71 1.67
C GLY A 1210 62.85 -9.42 0.89
N SER A 1211 62.63 -10.69 1.17
CA SER A 1211 61.65 -11.48 0.40
C SER A 1211 60.19 -11.30 0.93
N PRO A 1212 59.19 -11.48 0.06
CA PRO A 1212 57.78 -11.33 0.47
C PRO A 1212 57.43 -11.96 1.83
N ILE A 1213 56.72 -11.18 2.66
CA ILE A 1213 56.19 -11.62 3.98
C ILE A 1213 54.68 -11.66 3.84
N TYR A 1214 54.04 -12.64 4.50
CA TYR A 1214 52.61 -12.88 4.39
C TYR A 1214 51.98 -13.13 5.74
N ALA A 1215 50.71 -12.81 5.86
CA ALA A 1215 49.94 -13.20 7.03
C ALA A 1215 48.56 -13.60 6.52
N ASN A 1216 48.16 -14.82 6.80
CA ASN A 1216 46.95 -15.39 6.23
C ASN A 1216 45.75 -14.86 6.99
N ILE A 1217 44.62 -14.80 6.28
CA ILE A 1217 43.38 -14.37 6.91
C ILE A 1217 42.49 -15.58 7.10
N SER A 1218 42.01 -15.71 8.32
CA SER A 1218 41.29 -16.89 8.77
C SER A 1218 39.82 -16.61 8.60
N ASN A 1219 39.04 -17.60 8.16
CA ASN A 1219 37.62 -17.39 7.87
C ASN A 1219 36.76 -17.49 9.13
N ASP A 1220 36.60 -16.38 9.83
CA ASP A 1220 35.97 -16.41 11.16
C ASP A 1220 34.63 -15.67 11.31
N GLY A 1221 34.25 -14.80 10.36
CA GLY A 1221 33.08 -13.90 10.52
C GLY A 1221 33.21 -12.76 11.55
N VAL A 1222 34.43 -12.47 12.03
CA VAL A 1222 34.69 -11.48 13.10
C VAL A 1222 35.92 -10.62 12.82
N TRP A 1223 35.96 -9.45 13.45
CA TRP A 1223 37.10 -8.57 13.29
C TRP A 1223 38.27 -9.15 14.05
N LYS A 1224 39.36 -9.41 13.32
CA LYS A 1224 40.68 -9.78 13.85
C LYS A 1224 41.72 -8.72 13.50
N THR A 1225 42.81 -8.68 14.25
CA THR A 1225 43.88 -7.79 13.87
C THR A 1225 45.04 -8.63 13.35
N ILE A 1226 45.65 -8.15 12.27
CA ILE A 1226 46.70 -8.87 11.57
C ILE A 1226 47.96 -8.01 11.62
N VAL A 1227 49.03 -8.55 12.18
CA VAL A 1227 50.26 -7.81 12.43
C VAL A 1227 51.42 -8.47 11.70
N ILE A 1228 52.16 -7.68 10.94
CA ILE A 1228 53.43 -8.12 10.34
C ILE A 1228 54.45 -7.17 10.94
N ASP A 1229 55.17 -7.69 11.93
CA ASP A 1229 56.25 -6.93 12.58
C ASP A 1229 57.59 -7.12 11.83
N ASN A 1230 58.60 -6.36 12.25
CA ASN A 1230 59.99 -6.52 11.80
C ASN A 1230 60.11 -6.59 10.31
N ILE A 1231 59.59 -5.56 9.65
CA ILE A 1231 59.84 -5.35 8.24
C ILE A 1231 61.14 -4.53 8.19
N ASN A 1232 62.24 -5.17 7.79
CA ASN A 1232 63.54 -4.45 7.76
C ASN A 1232 63.65 -3.80 6.42
N VAL A 1233 63.45 -2.48 6.35
CA VAL A 1233 63.43 -1.81 5.04
C VAL A 1233 64.85 -1.36 4.66
N THR A 1234 65.33 -1.85 3.52
CA THR A 1234 66.60 -1.40 2.93
C THR A 1234 66.41 -0.86 1.51
N SER A 1235 65.20 -0.97 0.92
CA SER A 1235 64.93 -0.52 -0.45
C SER A 1235 64.53 0.96 -0.61
N GLY A 1236 64.22 1.63 0.50
CA GLY A 1236 63.58 2.96 0.45
C GLY A 1236 62.06 2.94 0.37
N SER A 1237 61.47 1.78 0.05
CA SER A 1237 60.03 1.55 -0.16
C SER A 1237 59.46 0.39 0.67
N VAL A 1238 58.14 0.41 0.85
CA VAL A 1238 57.36 -0.79 1.21
C VAL A 1238 56.13 -0.88 0.27
N ASP A 1239 55.80 -2.09 -0.18
CA ASP A 1239 54.53 -2.37 -0.88
C ASP A 1239 53.70 -3.19 0.11
N VAL A 1240 52.61 -2.60 0.64
CA VAL A 1240 51.62 -3.37 1.42
C VAL A 1240 50.41 -3.68 0.54
N GLY A 1241 49.78 -4.84 0.75
CA GLY A 1241 48.68 -5.31 -0.09
C GLY A 1241 47.82 -6.37 0.58
N PHE A 1242 46.72 -6.71 -0.08
CA PHE A 1242 45.82 -7.76 0.39
C PHE A 1242 45.44 -8.53 -0.85
N TYR A 1243 45.40 -9.87 -0.77
CA TYR A 1243 45.13 -10.67 -1.97
C TYR A 1243 44.17 -11.78 -1.64
N VAL A 1244 43.16 -11.96 -2.50
CA VAL A 1244 42.22 -13.09 -2.35
C VAL A 1244 42.03 -13.91 -3.64
N ASP A 1245 42.06 -15.23 -3.48
CA ASP A 1245 41.70 -16.21 -4.54
C ASP A 1245 40.57 -17.09 -4.01
N SER A 1246 39.41 -16.89 -4.60
CA SER A 1246 38.18 -17.49 -4.12
C SER A 1246 37.46 -18.25 -5.23
N PRO A 1247 36.83 -19.39 -4.91
CA PRO A 1247 35.86 -20.02 -5.81
C PRO A 1247 34.48 -19.31 -5.88
N GLY A 1248 34.27 -18.24 -5.11
CA GLY A 1248 33.07 -17.46 -5.18
C GLY A 1248 32.46 -17.40 -3.81
N TYR A 1249 31.77 -16.28 -3.56
CA TYR A 1249 31.09 -16.02 -2.30
C TYR A 1249 32.02 -15.98 -1.08
N THR A 1250 33.26 -15.55 -1.32
CA THR A 1250 34.12 -15.10 -0.23
C THR A 1250 33.99 -13.58 -0.07
N THR A 1251 33.56 -13.15 1.13
CA THR A 1251 33.46 -11.70 1.41
C THR A 1251 34.53 -11.31 2.44
N LEU A 1252 35.53 -10.53 2.00
CA LEU A 1252 36.58 -10.03 2.88
C LEU A 1252 36.39 -8.52 3.15
N HIS A 1253 36.51 -8.15 4.44
CA HIS A 1253 36.49 -6.72 4.89
C HIS A 1253 37.88 -6.36 5.45
N ILE A 1254 38.42 -5.23 4.99
CA ILE A 1254 39.75 -4.74 5.34
C ILE A 1254 39.62 -3.33 5.83
N ASP A 1255 40.36 -2.95 6.87
CA ASP A 1255 40.15 -1.67 7.53
C ASP A 1255 41.32 -1.32 8.45
N GLU A 1256 41.50 -0.03 8.70
CA GLU A 1256 42.43 0.52 9.70
C GLU A 1256 43.81 0.00 9.44
N VAL A 1257 44.24 0.10 8.18
CA VAL A 1257 45.56 -0.36 7.79
C VAL A 1257 46.56 0.73 8.13
N THR A 1258 47.57 0.38 8.93
CA THR A 1258 48.68 1.29 9.35
C THR A 1258 50.01 0.63 9.03
N LEU A 1259 50.88 1.40 8.35
CA LEU A 1259 52.30 1.14 8.28
C LEU A 1259 53.06 2.13 9.19
N THR A 1260 53.66 1.63 10.26
CA THR A 1260 54.39 2.46 11.25
C THR A 1260 55.86 2.06 11.42
N ARG A 1261 56.66 3.03 11.87
CA ARG A 1261 58.02 2.80 12.35
C ARG A 1261 57.88 1.94 13.61
N ALA A 1262 58.55 0.81 13.62
CA ALA A 1262 58.40 -0.13 14.74
C ALA A 1262 59.45 0.22 15.76
N PRO A 1263 59.02 0.60 17.00
CA PRO A 1263 60.03 0.79 18.03
C PRO A 1263 61.19 -0.21 17.86
N MET B 17 -18.15 39.66 10.03
CA MET B 17 -19.00 39.15 11.15
C MET B 17 -18.88 40.16 12.32
N ALA B 18 -19.97 40.47 13.01
CA ALA B 18 -19.99 41.64 13.89
C ALA B 18 -19.25 41.43 15.21
N GLY B 19 -18.66 42.52 15.71
CA GLY B 19 -18.21 42.57 17.09
C GLY B 19 -19.39 42.65 18.07
N LEU B 20 -19.07 42.49 19.35
CA LEU B 20 -20.04 42.71 20.42
C LEU B 20 -20.53 44.14 20.31
N GLY B 21 -21.70 44.38 20.90
CA GLY B 21 -22.30 45.72 21.01
C GLY B 21 -22.08 46.26 22.40
N ASN B 22 -22.85 47.28 22.76
CA ASN B 22 -22.60 48.05 23.99
C ASN B 22 -22.83 47.20 25.27
N VAL B 23 -22.07 47.52 26.30
CA VAL B 23 -22.31 46.97 27.63
C VAL B 23 -23.55 47.67 28.16
N THR B 24 -24.52 46.88 28.60
CA THR B 24 -25.70 47.36 29.34
C THR B 24 -25.74 46.89 30.81
N GLY B 25 -24.85 45.98 31.20
CA GLY B 25 -24.88 45.36 32.54
C GLY B 25 -23.49 44.88 32.93
N ALA B 26 -23.19 44.88 34.25
CA ALA B 26 -21.83 44.64 34.75
C ALA B 26 -21.85 44.23 36.21
N VAL B 27 -21.89 42.92 36.45
CA VAL B 27 -21.96 42.38 37.78
C VAL B 27 -20.62 41.76 38.22
N ALA B 28 -19.91 42.54 39.02
CA ALA B 28 -18.75 42.07 39.74
C ALA B 28 -19.19 41.20 40.91
N SER B 29 -18.39 40.21 41.23
CA SER B 29 -18.68 39.31 42.32
C SER B 29 -17.45 38.45 42.55
N GLY B 30 -16.65 38.82 43.55
CA GLY B 30 -15.49 38.03 43.97
C GLY B 30 -14.43 38.19 42.90
N ASP B 31 -13.96 37.09 42.31
CA ASP B 31 -12.99 37.19 41.22
C ASP B 31 -13.60 37.18 39.84
N SER B 32 -14.92 37.41 39.75
CA SER B 32 -15.66 37.30 38.49
C SER B 32 -16.48 38.55 38.16
N LEU B 33 -16.56 38.84 36.88
CA LEU B 33 -17.30 39.95 36.31
C LEU B 33 -18.21 39.35 35.26
N THR B 34 -19.38 39.93 35.05
CA THR B 34 -20.33 39.34 34.15
C THR B 34 -20.93 40.46 33.36
N LEU B 35 -20.63 40.48 32.07
CA LEU B 35 -21.06 41.58 31.22
C LEU B 35 -22.26 41.15 30.40
N THR B 36 -23.30 42.00 30.41
CA THR B 36 -24.48 41.89 29.56
C THR B 36 -24.25 42.87 28.44
N LEU B 37 -24.46 42.42 27.20
CA LEU B 37 -24.20 43.24 25.99
C LEU B 37 -25.44 43.34 25.08
N ASP B 38 -25.70 44.51 24.55
CA ASP B 38 -26.85 44.70 23.67
C ASP B 38 -26.54 44.01 22.33
N ASN B 39 -27.45 43.17 21.85
CA ASN B 39 -27.43 42.62 20.46
C ASN B 39 -28.69 43.07 19.70
N GLY B 40 -29.38 44.10 20.21
CA GLY B 40 -30.68 44.54 19.69
C GLY B 40 -31.86 43.56 19.80
N THR B 41 -31.80 42.59 20.72
CA THR B 41 -32.92 41.64 20.98
C THR B 41 -33.22 41.55 22.49
N SER B 42 -34.29 40.86 22.83
CA SER B 42 -34.65 40.66 24.25
C SER B 42 -33.82 39.56 24.94
N ALA B 43 -32.88 38.96 24.18
CA ALA B 43 -31.93 37.95 24.72
C ALA B 43 -30.53 38.51 24.54
N SER B 44 -30.10 39.28 25.53
CA SER B 44 -28.80 39.94 25.51
C SER B 44 -27.68 38.91 25.58
N ASP B 45 -26.51 39.32 25.06
CA ASP B 45 -25.28 38.51 25.06
C ASP B 45 -24.61 38.62 26.42
N ILE B 46 -23.94 37.54 26.82
CA ILE B 46 -23.24 37.46 28.09
C ILE B 46 -21.74 37.25 27.79
N LEU B 47 -20.90 38.02 28.47
CA LEU B 47 -19.47 37.80 28.51
C LEU B 47 -19.06 37.61 29.97
N GLU B 48 -18.76 36.38 30.37
CA GLU B 48 -18.21 36.11 31.69
C GLU B 48 -16.68 36.07 31.70
N LEU B 49 -16.09 37.00 32.45
CA LEU B 49 -14.66 37.01 32.74
C LEU B 49 -14.42 36.39 34.11
N ASP B 50 -13.32 35.63 34.23
CA ASP B 50 -12.95 35.00 35.49
C ASP B 50 -11.45 35.06 35.71
N VAL B 51 -11.04 35.72 36.81
CA VAL B 51 -9.62 35.82 37.15
C VAL B 51 -9.23 34.59 37.94
N LEU B 52 -8.55 33.66 37.26
CA LEU B 52 -8.21 32.36 37.87
C LEU B 52 -6.95 32.41 38.70
N SER B 53 -5.98 33.19 38.24
CA SER B 53 -4.71 33.48 38.92
C SER B 53 -4.41 34.95 38.63
N GLU B 54 -3.32 35.41 39.19
CA GLU B 54 -2.85 36.76 38.93
C GLU B 54 -2.54 37.01 37.47
N GLU B 55 -2.29 35.94 36.71
CA GLU B 55 -1.80 36.06 35.34
C GLU B 55 -2.61 35.23 34.30
N LEU B 56 -3.84 34.85 34.65
CA LEU B 56 -4.65 33.97 33.85
C LEU B 56 -6.14 34.34 33.95
N LEU B 57 -6.69 34.71 32.79
CA LEU B 57 -8.08 35.14 32.68
C LEU B 57 -8.85 34.13 31.83
N ARG B 58 -10.05 33.72 32.27
CA ARG B 58 -10.98 32.92 31.49
C ARG B 58 -12.14 33.77 30.99
N VAL B 59 -12.35 33.80 29.69
CA VAL B 59 -13.44 34.54 29.07
C VAL B 59 -14.37 33.50 28.47
N ASP B 60 -15.67 33.61 28.77
CA ASP B 60 -16.73 32.77 28.20
C ASP B 60 -17.78 33.66 27.54
N TYR B 61 -17.87 33.62 26.22
CA TYR B 61 -18.83 34.40 25.46
C TYR B 61 -19.99 33.49 25.17
N ARG B 62 -21.18 33.90 25.58
CA ARG B 62 -22.42 33.14 25.36
C ARG B 62 -23.39 33.98 24.51
N PRO B 63 -23.54 33.64 23.22
CA PRO B 63 -24.49 34.34 22.39
C PRO B 63 -25.89 34.27 22.96
N SER B 64 -26.52 35.44 23.07
CA SER B 64 -27.92 35.58 23.53
C SER B 64 -28.20 34.97 24.90
N GLY B 65 -27.19 34.91 25.75
CA GLY B 65 -27.31 34.32 27.05
C GLY B 65 -27.61 32.84 27.06
N ALA B 66 -27.51 32.18 25.90
CA ALA B 66 -27.60 30.72 25.81
C ALA B 66 -26.69 30.10 26.87
N ALA B 67 -27.09 28.96 27.44
CA ALA B 67 -26.20 28.23 28.35
C ALA B 67 -24.93 27.77 27.60
N PRO B 68 -23.80 27.67 28.32
CA PRO B 68 -22.56 27.20 27.66
C PRO B 68 -22.59 25.72 27.28
N SER B 69 -21.92 25.31 26.19
CA SER B 69 -21.79 23.88 25.85
C SER B 69 -20.74 23.23 26.78
N PRO B 70 -20.68 21.89 26.85
CA PRO B 70 -19.63 21.23 27.63
C PRO B 70 -18.30 21.60 27.06
N SER B 71 -17.31 21.80 27.92
CA SER B 71 -15.95 22.06 27.46
C SER B 71 -15.42 20.77 26.82
N THR B 72 -14.52 20.90 25.86
CA THR B 72 -13.88 19.70 25.22
C THR B 72 -12.93 19.06 26.20
N PRO B 73 -12.41 17.88 25.85
CA PRO B 73 -11.32 17.29 26.64
C PRO B 73 -10.01 18.06 26.69
N MET B 74 -9.86 19.15 25.94
CA MET B 74 -8.74 20.06 26.21
C MET B 74 -8.66 20.43 27.69
N ILE B 75 -9.83 20.68 28.30
CA ILE B 75 -9.85 21.28 29.62
C ILE B 75 -9.72 20.21 30.70
N ASP B 76 -8.83 20.46 31.66
CA ASP B 76 -8.68 19.57 32.81
C ASP B 76 -9.95 19.72 33.70
N PRO B 77 -10.73 18.63 33.85
CA PRO B 77 -12.06 18.80 34.51
C PRO B 77 -12.01 18.99 36.02
N ASP B 78 -10.85 18.63 36.60
CA ASP B 78 -10.55 18.73 38.01
C ASP B 78 -9.73 19.96 38.32
N ALA B 79 -9.56 20.89 37.38
CA ALA B 79 -8.63 22.01 37.57
C ALA B 79 -9.25 22.94 38.62
N SER B 80 -8.44 23.53 39.49
CA SER B 80 -8.99 24.62 40.34
C SER B 80 -7.92 25.54 40.85
N TRP B 81 -8.32 26.77 41.14
CA TRP B 81 -7.38 27.80 41.54
C TRP B 81 -7.73 28.39 42.89
N ASP B 82 -6.71 28.75 43.67
CA ASP B 82 -6.88 29.64 44.84
C ASP B 82 -7.59 30.94 44.40
N ALA B 83 -8.30 31.58 45.31
CA ALA B 83 -8.84 32.92 45.07
C ALA B 83 -7.72 33.94 44.82
N VAL B 84 -8.02 35.00 44.08
CA VAL B 84 -7.00 35.95 43.66
C VAL B 84 -7.13 37.28 44.40
N GLY B 85 -8.35 37.78 44.60
CA GLY B 85 -8.55 39.11 45.17
C GLY B 85 -8.24 40.18 44.15
N ALA B 86 -8.77 40.00 42.96
CA ALA B 86 -8.66 40.98 41.89
C ALA B 86 -9.42 42.26 42.21
N THR B 87 -9.07 43.34 41.55
CA THR B 87 -9.80 44.59 41.74
C THR B 87 -10.64 44.84 40.50
N ILE B 88 -11.95 45.00 40.70
CA ILE B 88 -12.92 45.16 39.61
C ILE B 88 -13.67 46.47 39.80
N ASP B 89 -13.36 47.46 38.95
CA ASP B 89 -13.89 48.79 39.08
C ASP B 89 -14.86 49.00 37.92
N THR B 90 -16.15 48.92 38.21
CA THR B 90 -17.20 49.18 37.20
C THR B 90 -17.67 50.66 37.15
N SER B 91 -16.97 51.54 37.88
CA SER B 91 -17.39 52.92 38.09
C SER B 91 -17.47 53.73 36.81
N GLY B 92 -16.51 53.56 35.90
CA GLY B 92 -16.44 54.34 34.67
C GLY B 92 -16.22 53.53 33.40
N ASP B 93 -15.77 54.26 32.38
CA ASP B 93 -15.52 53.75 31.07
C ASP B 93 -14.02 53.99 30.92
N PRO B 94 -13.21 52.92 30.73
CA PRO B 94 -13.62 51.54 30.65
C PRO B 94 -13.79 50.89 32.04
N ILE B 95 -14.35 49.70 32.02
CA ILE B 95 -14.37 48.83 33.18
C ILE B 95 -12.94 48.33 33.35
N VAL B 96 -12.52 48.09 34.58
CA VAL B 96 -11.13 47.74 34.87
C VAL B 96 -11.00 46.62 35.90
N VAL B 97 -10.28 45.55 35.49
CA VAL B 97 -9.89 44.40 36.33
C VAL B 97 -8.37 44.51 36.59
N THR B 98 -7.93 44.32 37.83
CA THR B 98 -6.51 44.47 38.21
C THR B 98 -6.05 43.35 39.14
N THR B 99 -4.88 42.79 38.80
CA THR B 99 -4.09 41.94 39.69
C THR B 99 -2.73 42.63 39.79
N PRO B 100 -1.88 42.12 40.68
CA PRO B 100 -0.51 42.60 40.66
C PRO B 100 0.23 42.36 39.32
N ARG B 101 -0.18 41.33 38.57
CA ARG B 101 0.49 40.98 37.30
C ARG B 101 -0.16 41.52 36.01
N MET B 102 -1.49 41.73 35.97
CA MET B 102 -2.14 42.19 34.73
C MET B 102 -3.27 43.20 34.92
N ARG B 103 -3.49 44.04 33.90
CA ARG B 103 -4.61 45.00 33.89
C ARG B 103 -5.54 44.76 32.71
N ILE B 104 -6.79 44.37 32.98
CA ILE B 104 -7.77 44.16 31.90
C ILE B 104 -8.75 45.34 31.84
N GLU B 105 -8.86 45.98 30.68
CA GLU B 105 -9.85 46.99 30.40
C GLU B 105 -10.88 46.43 29.45
N ILE B 106 -12.16 46.60 29.76
CA ILE B 106 -13.25 46.38 28.82
C ILE B 106 -13.96 47.73 28.61
N ALA B 107 -13.77 48.31 27.44
CA ALA B 107 -14.44 49.57 27.05
C ALA B 107 -15.93 49.26 26.81
N ARG B 108 -16.81 50.16 27.24
CA ARG B 108 -18.22 49.84 27.36
C ARG B 108 -18.98 49.93 26.04
N THR B 109 -18.63 50.90 25.19
CA THR B 109 -19.43 51.20 24.00
C THR B 109 -18.55 51.40 22.72
N PRO B 110 -18.42 50.36 21.87
CA PRO B 110 -18.79 48.93 22.07
C PRO B 110 -17.84 48.18 23.00
N ALA B 111 -18.30 47.01 23.46
CA ALA B 111 -17.49 46.10 24.29
C ALA B 111 -16.26 45.54 23.54
N ARG B 112 -15.08 46.01 23.98
CA ARG B 112 -13.79 45.66 23.42
C ARG B 112 -12.78 45.58 24.57
N MET B 113 -12.21 44.38 24.77
CA MET B 113 -11.17 44.11 25.77
C MET B 113 -9.79 44.57 25.29
N THR B 114 -9.01 45.17 26.20
CA THR B 114 -7.60 45.43 26.03
C THR B 114 -6.86 44.72 27.17
N ILE B 115 -5.82 43.94 26.85
CA ILE B 115 -5.00 43.35 27.89
C ILE B 115 -3.69 44.08 28.03
N LYS B 116 -3.37 44.47 29.28
CA LYS B 116 -2.16 45.22 29.60
C LYS B 116 -1.42 44.49 30.69
N LYS B 117 -0.13 44.79 30.84
CA LYS B 117 0.61 44.34 32.02
C LYS B 117 0.25 45.27 33.14
N ALA B 118 0.52 44.83 34.36
CA ALA B 118 0.37 45.65 35.55
C ALA B 118 0.86 47.10 35.35
N ASP B 119 2.01 47.28 34.72
CA ASP B 119 2.59 48.62 34.55
C ASP B 119 1.98 49.50 33.43
N GLY B 120 0.95 49.02 32.72
CA GLY B 120 0.29 49.77 31.63
C GLY B 120 0.66 49.35 30.21
N THR B 121 1.70 48.53 30.07
CA THR B 121 2.15 48.09 28.73
C THR B 121 1.00 47.36 28.04
N THR B 122 0.62 47.86 26.87
CA THR B 122 -0.43 47.23 26.11
C THR B 122 0.20 45.96 25.49
N LEU B 123 -0.52 44.84 25.58
CA LEU B 123 -0.05 43.53 25.10
C LEU B 123 -0.84 43.06 23.88
N LEU B 124 -2.17 43.00 24.04
CA LEU B 124 -3.08 42.75 22.93
C LEU B 124 -4.48 43.30 23.17
N TRP B 125 -5.23 43.49 22.09
CA TRP B 125 -6.54 44.09 22.21
C TRP B 125 -7.51 43.66 21.13
N GLU B 126 -8.81 43.86 21.40
CA GLU B 126 -9.86 43.55 20.45
C GLU B 126 -10.09 44.78 19.62
N PRO B 127 -9.82 44.72 18.31
CA PRO B 127 -9.84 45.96 17.51
C PRO B 127 -11.25 46.53 17.37
N ALA B 128 -11.35 47.84 17.06
CA ALA B 128 -12.66 48.53 16.84
C ALA B 128 -13.54 47.76 15.85
N SER B 129 -12.90 47.12 14.89
CA SER B 129 -13.54 46.19 13.96
C SER B 129 -14.27 45.02 14.60
N GLY B 130 -13.81 44.58 15.76
CA GLY B 130 -14.51 43.56 16.49
C GLY B 130 -13.58 42.46 16.92
N GLY B 131 -13.84 41.94 18.12
CA GLY B 131 -13.08 40.91 18.75
C GLY B 131 -13.93 39.66 18.81
N VAL B 132 -14.33 39.24 20.01
CA VAL B 132 -15.01 37.94 20.13
C VAL B 132 -16.36 38.01 19.41
N PHE B 133 -16.77 36.87 18.88
CA PHE B 133 -18.06 36.75 18.20
C PHE B 133 -18.39 35.29 18.22
N GLU B 134 -19.55 34.93 17.72
CA GLU B 134 -20.07 33.57 17.97
C GLU B 134 -19.21 32.37 17.47
N ASP B 135 -18.32 32.63 16.50
CA ASP B 135 -17.48 31.60 15.87
C ASP B 135 -15.99 31.72 16.21
N GLY B 136 -15.63 32.60 17.13
CA GLY B 136 -14.25 32.61 17.70
C GLY B 136 -13.73 33.93 18.25
N VAL B 137 -12.42 34.15 18.13
CA VAL B 137 -11.77 35.32 18.73
C VAL B 137 -10.87 36.04 17.75
N ARG B 138 -10.80 37.36 17.92
CA ARG B 138 -9.94 38.20 17.09
C ARG B 138 -9.21 39.25 17.91
N PHE B 139 -7.87 39.19 17.89
CA PHE B 139 -7.06 40.19 18.56
C PHE B 139 -6.08 40.85 17.61
N GLN B 140 -5.51 41.93 18.11
CA GLN B 140 -4.49 42.66 17.42
C GLN B 140 -3.38 42.90 18.44
N ARG B 141 -2.15 43.00 17.93
CA ARG B 141 -0.97 43.15 18.77
C ARG B 141 0.21 43.80 18.02
N GLY B 142 1.35 43.98 18.68
CA GLY B 142 2.56 44.49 18.05
C GLY B 142 2.88 43.61 16.85
N SER B 143 3.05 44.26 15.72
CA SER B 143 3.26 43.58 14.46
C SER B 143 4.57 42.78 14.39
N THR B 144 5.56 43.22 15.16
CA THR B 144 6.88 42.62 15.22
C THR B 144 6.99 41.54 16.30
N ASP B 145 5.92 41.35 17.09
CA ASP B 145 5.93 40.25 18.06
C ASP B 145 6.06 38.90 17.39
N ASN B 146 6.73 38.02 18.10
CA ASN B 146 6.98 36.65 17.68
C ASN B 146 5.96 35.79 18.34
N ILE B 147 5.26 35.03 17.47
CA ILE B 147 4.23 34.09 17.83
C ILE B 147 4.70 32.62 17.72
N TYR B 148 4.16 31.80 18.63
CA TYR B 148 4.56 30.41 18.84
C TYR B 148 3.36 29.56 19.14
N GLY B 149 3.55 28.23 18.99
CA GLY B 149 2.49 27.23 19.24
C GLY B 149 1.80 26.86 17.92
N ILE B 150 0.50 26.56 17.96
CA ILE B 150 -0.37 26.30 16.80
C ILE B 150 -0.20 24.94 16.23
N ARG B 151 1.03 24.64 15.83
CA ARG B 151 1.34 23.46 15.08
C ARG B 151 2.79 23.09 15.19
N SER B 152 3.07 21.89 14.77
CA SER B 152 4.41 21.39 14.62
C SER B 152 4.54 20.82 13.17
N PHE B 153 5.38 19.83 12.94
CA PHE B 153 5.44 19.18 11.64
C PHE B 153 5.55 17.66 11.74
N ASN B 154 4.96 17.01 10.74
CA ASN B 154 4.90 15.54 10.64
C ASN B 154 5.99 14.91 9.75
N ALA B 155 6.12 13.60 9.85
CA ALA B 155 7.11 12.87 9.11
C ALA B 155 6.94 12.84 7.55
N GLN B 156 6.00 13.60 6.98
CA GLN B 156 5.78 13.73 5.52
C GLN B 156 5.72 15.15 5.04
N GLU B 157 6.09 16.13 5.86
CA GLU B 157 5.95 17.57 5.54
C GLU B 157 7.30 18.25 5.48
N ASP B 158 7.36 19.38 4.76
CA ASP B 158 8.46 20.30 4.84
C ASP B 158 8.43 20.81 6.27
N VAL B 159 9.60 20.87 6.88
CA VAL B 159 9.74 21.16 8.31
C VAL B 159 10.25 22.58 8.45
N GLY B 160 9.40 23.47 8.96
CA GLY B 160 9.73 24.87 9.17
C GLY B 160 10.46 25.16 10.47
N GLY B 161 10.27 26.37 10.99
CA GLY B 161 10.92 26.82 12.20
C GLY B 161 9.95 26.75 13.36
N LEU B 162 10.25 27.50 14.40
CA LEU B 162 9.34 27.69 15.56
C LEU B 162 8.36 28.84 15.41
N LEU B 163 8.72 29.85 14.63
CA LEU B 163 7.89 31.05 14.48
C LEU B 163 6.59 30.80 13.72
N ARG B 164 5.55 31.51 14.14
CA ARG B 164 4.21 31.36 13.63
C ARG B 164 3.67 32.78 13.35
N ASN B 165 4.49 33.56 12.67
CA ASN B 165 4.15 34.96 12.45
C ASN B 165 3.27 35.17 11.21
N SER B 166 3.25 34.19 10.28
CA SER B 166 2.32 34.22 9.11
C SER B 166 1.62 32.90 8.88
N SER B 167 0.83 32.50 9.87
CA SER B 167 0.30 31.15 9.93
C SER B 167 -1.18 31.10 9.63
N ASP B 168 -1.57 30.23 8.70
CA ASP B 168 -2.98 29.86 8.47
C ASP B 168 -3.22 28.37 8.70
N HIS B 169 -2.22 27.63 9.14
CA HIS B 169 -2.32 26.19 9.29
C HIS B 169 -3.39 25.91 10.36
N PRO B 170 -4.20 24.85 10.18
CA PRO B 170 -5.22 24.57 11.17
C PRO B 170 -4.61 23.99 12.44
N ALA B 171 -5.42 24.06 13.49
CA ALA B 171 -5.10 23.51 14.79
C ALA B 171 -5.60 22.06 14.84
N HIS B 172 -4.68 21.11 14.91
CA HIS B 172 -5.06 19.72 14.90
C HIS B 172 -4.00 18.82 15.49
N ALA B 173 -4.45 17.63 15.90
CA ALA B 173 -3.52 16.58 16.33
C ALA B 173 -2.68 16.11 15.15
N GLY B 174 -3.28 16.08 13.96
CA GLY B 174 -2.62 15.58 12.75
C GLY B 174 -2.25 14.11 12.77
N GLN B 175 -1.15 13.79 12.08
CA GLN B 175 -0.67 12.44 12.01
C GLN B 175 0.83 12.44 11.96
N GLN B 176 1.43 11.24 12.03
CA GLN B 176 2.86 10.98 11.76
C GLN B 176 3.80 11.95 12.46
N GLY B 177 3.57 12.11 13.75
CA GLY B 177 4.45 12.89 14.60
C GLY B 177 4.05 14.33 14.70
N ASP B 178 2.97 14.71 14.04
CA ASP B 178 2.51 16.11 14.14
C ASP B 178 1.97 16.42 15.54
N ALA B 179 1.77 17.70 15.80
CA ALA B 179 1.12 18.17 17.04
C ALA B 179 0.57 19.53 16.81
N GLY B 180 -0.47 19.89 17.52
CA GLY B 180 -1.05 21.22 17.32
C GLY B 180 -2.19 21.45 18.29
N GLY B 181 -2.66 22.68 18.33
CA GLY B 181 -3.81 23.01 19.12
C GLY B 181 -4.16 24.49 19.01
N PRO B 182 -5.30 24.86 19.60
CA PRO B 182 -5.73 26.24 19.62
C PRO B 182 -4.99 27.03 20.71
N PHE B 183 -3.70 27.21 20.51
CA PHE B 183 -2.83 27.81 21.52
C PHE B 183 -1.81 28.61 20.76
N MET B 184 -1.82 29.93 20.99
CA MET B 184 -0.99 30.87 20.32
C MET B 184 -0.47 31.89 21.34
N TRP B 185 0.85 31.93 21.47
CA TRP B 185 1.50 32.79 22.44
C TRP B 185 2.76 33.45 21.88
N SER B 186 3.20 34.47 22.61
CA SER B 186 4.31 35.31 22.19
C SER B 186 5.31 35.59 23.32
N THR B 187 6.55 35.76 22.90
CA THR B 187 7.58 36.17 23.82
C THR B 187 7.42 37.65 24.17
N ALA B 188 6.59 38.38 23.44
CA ALA B 188 6.23 39.76 23.82
C ALA B 188 5.41 39.92 25.10
N GLY B 189 4.96 38.82 25.72
CA GLY B 189 4.39 38.85 27.07
C GLY B 189 3.00 38.27 27.30
N TYR B 190 2.46 37.50 26.33
CA TYR B 190 1.07 37.00 26.39
C TYR B 190 0.77 35.68 25.65
N GLY B 191 -0.27 34.95 26.10
CA GLY B 191 -0.79 33.78 25.42
C GLY B 191 -2.30 33.81 25.21
N VAL B 192 -2.79 33.04 24.25
CA VAL B 192 -4.24 32.86 24.02
C VAL B 192 -4.52 31.37 23.79
N LEU B 193 -5.37 30.81 24.65
CA LEU B 193 -5.82 29.43 24.52
C LEU B 193 -7.33 29.36 24.38
N VAL B 194 -7.81 28.82 23.25
CA VAL B 194 -9.21 28.65 22.95
C VAL B 194 -9.60 27.18 23.09
N ASP B 195 -10.70 26.92 23.80
CA ASP B 195 -11.22 25.55 23.90
C ASP B 195 -11.94 25.22 22.61
N SER B 196 -11.50 24.19 21.90
CA SER B 196 -12.04 23.89 20.57
C SER B 196 -11.64 22.49 20.14
N ASP B 197 -12.55 21.87 19.39
CA ASP B 197 -12.27 20.65 18.66
C ASP B 197 -11.89 21.03 17.27
N GLY B 198 -10.59 21.18 17.09
CA GLY B 198 -10.01 21.63 15.82
C GLY B 198 -10.34 23.10 15.64
N GLY B 199 -10.13 23.59 14.43
CA GLY B 199 -10.29 25.02 14.16
C GLY B 199 -9.11 25.61 13.45
N TYR B 200 -9.17 26.93 13.24
CA TYR B 200 -8.39 27.65 12.25
C TYR B 200 -7.73 28.90 12.88
N PRO B 201 -6.51 28.76 13.43
CA PRO B 201 -5.77 29.92 13.91
C PRO B 201 -5.26 30.70 12.74
N TYR B 202 -5.21 32.03 12.89
CA TYR B 202 -4.64 32.89 11.89
C TYR B 202 -3.72 33.91 12.55
N THR B 203 -2.54 34.14 11.96
CA THR B 203 -1.67 35.28 12.31
C THR B 203 -1.11 35.91 11.07
N ASP B 204 -0.80 37.21 11.16
CA ASP B 204 -0.03 37.90 10.12
C ASP B 204 0.79 39.06 10.66
N THR B 205 1.64 39.58 9.79
CA THR B 205 2.60 40.60 10.19
C THR B 205 2.03 42.01 10.24
N THR B 206 0.76 42.22 9.90
CA THR B 206 0.05 43.46 10.38
C THR B 206 -0.29 43.40 11.88
N GLY B 207 -0.26 42.22 12.48
CA GLY B 207 -0.43 42.08 13.92
C GLY B 207 -1.69 41.38 14.33
N LYS B 208 -2.35 40.71 13.40
CA LYS B 208 -3.52 39.93 13.76
C LYS B 208 -3.16 38.64 14.52
N LEU B 209 -4.02 38.28 15.46
CA LEU B 209 -3.92 37.05 16.19
C LEU B 209 -5.34 36.57 16.48
N GLU B 210 -5.75 35.54 15.73
CA GLU B 210 -7.15 35.19 15.58
C GLU B 210 -7.34 33.70 15.64
N PHE B 211 -8.52 33.31 16.07
CA PHE B 211 -8.92 31.93 15.99
C PHE B 211 -10.37 31.76 15.64
N TYR B 212 -10.64 30.93 14.63
CA TYR B 212 -12.01 30.58 14.17
C TYR B 212 -12.34 29.07 14.31
N TYR B 213 -13.54 28.77 14.76
CA TYR B 213 -14.07 27.43 14.72
C TYR B 213 -14.19 26.92 13.28
N GLY B 214 -14.78 27.76 12.43
CA GLY B 214 -15.02 27.46 11.03
C GLY B 214 -15.83 26.20 10.83
N GLY B 215 -15.82 25.69 9.59
CA GLY B 215 -16.52 24.45 9.29
C GLY B 215 -15.87 23.19 9.85
N THR B 216 -16.59 22.08 9.69
CA THR B 216 -16.10 20.80 10.09
C THR B 216 -14.76 20.53 9.42
N PRO B 217 -13.68 20.37 10.23
CA PRO B 217 -12.38 20.07 9.65
C PRO B 217 -12.28 18.68 9.08
N THR B 218 -11.20 18.46 8.34
CA THR B 218 -10.79 17.15 7.75
C THR B 218 -10.89 15.96 8.69
N GLU B 219 -10.40 16.17 9.89
CA GLU B 219 -10.39 15.15 10.96
C GLU B 219 -11.73 15.01 11.69
N GLY B 220 -12.73 15.79 11.28
CA GLY B 220 -14.03 15.71 11.91
C GLY B 220 -14.04 16.57 13.16
N ARG B 221 -15.20 16.56 13.80
CA ARG B 221 -15.49 17.39 14.96
C ARG B 221 -16.61 16.72 15.77
N ARG B 222 -16.26 16.23 16.94
CA ARG B 222 -17.22 15.51 17.77
C ARG B 222 -17.73 16.38 18.96
N TYR B 223 -17.03 17.48 19.27
CA TYR B 223 -17.39 18.39 20.32
C TYR B 223 -17.65 19.73 19.70
N THR B 224 -18.93 20.10 19.60
CA THR B 224 -19.30 21.40 19.06
C THR B 224 -19.73 22.22 20.27
N LYS B 225 -19.43 23.53 20.18
CA LYS B 225 -19.65 24.50 21.24
C LYS B 225 -20.44 25.70 20.67
N THR B 226 -21.40 26.20 21.44
CA THR B 226 -22.26 27.33 21.06
C THR B 226 -21.62 28.63 21.56
N ASN B 227 -21.13 28.56 22.78
CA ASN B 227 -20.29 29.60 23.39
C ASN B 227 -18.83 29.62 22.87
N VAL B 228 -18.03 30.61 23.30
CA VAL B 228 -16.59 30.66 22.99
C VAL B 228 -15.88 30.86 24.30
N GLU B 229 -15.14 29.82 24.69
CA GLU B 229 -14.50 29.77 25.98
C GLU B 229 -13.01 29.91 25.70
N TYR B 230 -12.37 30.97 26.19
CA TYR B 230 -10.96 31.15 25.93
C TYR B 230 -10.23 31.66 27.16
N TYR B 231 -8.90 31.60 27.09
CA TYR B 231 -8.05 31.97 28.22
C TYR B 231 -6.95 32.93 27.77
N ILE B 232 -6.69 33.97 28.56
CA ILE B 232 -5.59 34.89 28.27
C ILE B 232 -4.58 34.65 29.36
N MET B 233 -3.34 34.36 28.95
CA MET B 233 -2.15 34.30 29.82
C MET B 233 -1.30 35.58 29.71
N VAL B 234 -0.75 36.03 30.83
CA VAL B 234 0.20 37.13 30.83
C VAL B 234 1.47 36.65 31.52
N GLY B 235 2.63 36.94 30.91
CA GLY B 235 3.92 36.59 31.47
C GLY B 235 5.00 36.22 30.45
N GLU B 236 6.14 35.85 31.00
CA GLU B 236 7.27 35.28 30.29
C GLU B 236 6.87 33.88 29.87
N PRO B 237 7.56 33.32 28.85
CA PRO B 237 7.25 31.99 28.32
C PRO B 237 6.98 30.93 29.36
N LYS B 238 7.82 30.83 30.39
CA LYS B 238 7.61 29.79 31.45
C LYS B 238 6.36 29.95 32.27
N GLU B 239 5.98 31.21 32.47
CA GLU B 239 4.71 31.51 33.16
C GLU B 239 3.51 31.15 32.28
N ILE B 240 3.61 31.51 30.99
CA ILE B 240 2.57 31.17 30.01
C ILE B 240 2.38 29.68 29.97
N MET B 241 3.47 28.93 29.83
CA MET B 241 3.37 27.46 29.76
C MET B 241 2.84 26.84 31.03
N ALA B 242 3.23 27.36 32.20
CA ALA B 242 2.61 26.89 33.49
C ALA B 242 1.11 27.12 33.49
N SER B 243 0.71 28.31 33.06
CA SER B 243 -0.73 28.59 32.96
C SER B 243 -1.45 27.66 31.97
N TYR B 244 -0.85 27.37 30.82
CA TYR B 244 -1.38 26.37 29.89
C TYR B 244 -1.62 25.03 30.61
N ALA B 245 -0.70 24.65 31.49
CA ALA B 245 -0.79 23.34 32.15
C ALA B 245 -1.83 23.38 33.27
N GLN B 246 -2.05 24.54 33.90
CA GLN B 246 -3.17 24.68 34.84
C GLN B 246 -4.53 24.41 34.15
N VAL B 247 -4.71 24.99 32.96
CA VAL B 247 -5.95 24.86 32.21
C VAL B 247 -6.14 23.46 31.61
N THR B 248 -5.14 22.94 30.88
CA THR B 248 -5.24 21.68 30.15
C THR B 248 -4.67 20.43 30.92
N GLY B 249 -3.98 20.69 32.03
CA GLY B 249 -3.43 19.65 32.88
C GLY B 249 -1.92 19.53 32.91
N THR B 250 -1.42 19.29 34.12
CA THR B 250 -0.07 18.83 34.30
C THR B 250 0.07 17.39 33.81
N ALA B 251 1.33 16.95 33.66
CA ALA B 251 1.64 15.57 33.23
C ALA B 251 1.93 14.72 34.47
N PRO B 252 1.33 13.53 34.57
CA PRO B 252 1.74 12.57 35.60
C PRO B 252 3.18 12.15 35.42
N MET B 253 3.83 11.79 36.52
CA MET B 253 5.18 11.33 36.44
C MET B 253 5.18 9.93 35.90
N LEU B 254 6.20 9.64 35.09
CA LEU B 254 6.31 8.40 34.34
C LEU B 254 7.25 7.56 35.14
N PRO B 255 7.28 6.23 34.91
CA PRO B 255 8.25 5.44 35.65
C PRO B 255 9.61 6.03 35.40
N LYS B 256 10.51 5.95 36.40
CA LYS B 256 11.88 6.42 36.26
C LYS B 256 12.61 5.70 35.15
N TRP B 257 12.32 4.42 34.94
CA TRP B 257 13.03 3.66 33.88
C TRP B 257 12.89 4.30 32.49
N SER B 258 11.82 5.11 32.33
CA SER B 258 11.53 5.85 31.10
C SER B 258 12.54 6.94 30.75
N LEU B 259 13.42 7.34 31.68
CA LEU B 259 14.59 8.16 31.34
C LEU B 259 15.74 7.37 30.71
N GLY B 260 15.67 6.05 30.74
CA GLY B 260 16.66 5.21 30.14
C GLY B 260 16.52 5.05 28.62
N PHE B 261 17.50 4.36 28.08
CA PHE B 261 17.53 4.02 26.70
C PHE B 261 16.61 2.83 26.47
N MET B 262 15.89 2.91 25.35
CA MET B 262 14.90 1.96 24.87
C MET B 262 15.26 1.56 23.44
N ASN B 263 15.31 0.26 23.18
CA ASN B 263 15.44 -0.31 21.85
C ASN B 263 14.00 -0.81 21.41
N PHE B 264 13.45 -0.16 20.39
CA PHE B 264 12.19 -0.59 19.74
C PHE B 264 12.59 -1.55 18.63
N GLU B 265 11.82 -2.61 18.43
CA GLU B 265 12.09 -3.57 17.36
C GLU B 265 10.88 -4.31 16.81
N TRP B 266 10.95 -4.55 15.50
CA TRP B 266 9.98 -5.31 14.70
C TRP B 266 10.78 -6.37 13.92
N GLY B 267 10.37 -7.62 14.10
CA GLY B 267 11.16 -8.75 13.65
C GLY B 267 12.08 -9.16 14.78
N ILE B 268 11.45 -9.83 15.75
CA ILE B 268 12.05 -10.18 17.04
C ILE B 268 11.28 -11.32 17.76
N ASP B 269 12.01 -12.24 18.37
CA ASP B 269 11.38 -13.29 19.18
C ASP B 269 12.07 -13.38 20.55
N GLN B 270 11.68 -14.29 21.42
CA GLN B 270 12.33 -14.35 22.73
C GLN B 270 13.84 -14.56 22.69
N ASP B 271 14.35 -15.43 21.80
CA ASP B 271 15.80 -15.69 21.76
C ASP B 271 16.56 -14.50 21.26
N GLU B 272 16.03 -13.77 20.27
CA GLU B 272 16.72 -12.57 19.74
C GLU B 272 16.76 -11.46 20.82
N LEU B 273 15.64 -11.24 21.54
CA LEU B 273 15.51 -10.29 22.66
C LEU B 273 16.53 -10.58 23.76
N GLU B 274 16.62 -11.85 24.18
CA GLU B 274 17.64 -12.29 25.20
C GLU B 274 19.07 -12.02 24.71
N ALA B 275 19.34 -12.37 23.45
CA ALA B 275 20.66 -12.10 22.80
C ALA B 275 21.01 -10.62 22.73
N HIS B 276 20.03 -9.78 22.35
CA HIS B 276 20.15 -8.28 22.49
C HIS B 276 20.50 -7.82 23.92
N VAL B 277 19.73 -8.27 24.91
CA VAL B 277 19.89 -7.79 26.25
C VAL B 277 21.28 -8.21 26.72
N ASP B 278 21.65 -9.47 26.50
CA ASP B 278 23.03 -9.92 26.84
C ASP B 278 24.11 -9.03 26.19
N GLY B 279 23.89 -8.66 24.92
CA GLY B 279 24.78 -7.74 24.18
C GLY B 279 25.00 -6.36 24.77
N TYR B 280 23.94 -5.77 25.28
CA TYR B 280 24.03 -4.45 25.91
C TYR B 280 24.73 -4.59 27.27
N ARG B 281 24.30 -5.59 28.03
CA ARG B 281 24.84 -5.85 29.37
C ARG B 281 26.31 -6.25 29.32
N ALA B 282 26.72 -7.10 28.39
CA ALA B 282 28.16 -7.48 28.23
C ALA B 282 29.03 -6.24 28.04
N ARG B 283 28.51 -5.28 27.31
CA ARG B 283 29.28 -4.06 26.99
C ARG B 283 29.14 -2.90 27.99
N ASN B 284 28.35 -3.07 29.06
CA ASN B 284 28.04 -1.96 29.97
C ASN B 284 27.51 -0.77 29.12
N ILE B 285 26.60 -1.08 28.19
CA ILE B 285 25.83 -0.07 27.49
C ILE B 285 24.45 -0.05 28.12
N PRO B 286 24.14 1.03 28.84
CA PRO B 286 22.91 1.00 29.62
C PRO B 286 21.68 0.96 28.77
N ILE B 287 20.61 0.38 29.30
CA ILE B 287 19.34 0.23 28.61
C ILE B 287 18.33 -0.26 29.63
N ASP B 288 17.13 0.33 29.63
CA ASP B 288 16.10 -0.06 30.60
C ASP B 288 14.96 -0.82 29.97
N ALA B 289 14.87 -0.83 28.63
CA ALA B 289 13.59 -1.24 28.04
C ALA B 289 13.68 -1.68 26.61
N PHE B 290 12.97 -2.78 26.33
CA PHE B 290 12.67 -3.18 24.98
C PHE B 290 11.21 -2.96 24.67
N ALA B 291 10.97 -2.53 23.43
CA ALA B 291 9.60 -2.33 22.95
C ALA B 291 9.40 -3.28 21.81
N LEU B 292 8.26 -3.93 21.78
CA LEU B 292 7.99 -4.94 20.77
C LEU B 292 6.82 -4.59 19.83
N ASP B 293 7.01 -4.86 18.54
CA ASP B 293 6.03 -4.59 17.48
C ASP B 293 5.05 -5.79 17.43
N TYR B 294 4.45 -6.06 16.27
CA TYR B 294 3.47 -7.12 16.11
C TYR B 294 3.91 -8.47 16.68
N ASP B 295 5.22 -8.72 16.62
CA ASP B 295 5.76 -9.99 17.04
C ASP B 295 5.27 -10.43 18.42
N TRP B 296 4.97 -9.49 19.33
CA TRP B 296 4.60 -9.84 20.70
C TRP B 296 3.22 -10.40 20.85
N MET B 297 2.34 -10.19 19.84
CA MET B 297 0.93 -10.54 19.94
C MET B 297 0.43 -11.44 18.80
N ASP B 298 -0.72 -12.09 19.04
CA ASP B 298 -1.39 -12.87 18.00
C ASP B 298 -2.32 -12.00 17.11
N TYR B 299 -1.81 -10.88 16.62
CA TYR B 299 -2.52 -10.04 15.64
C TYR B 299 -2.94 -10.92 14.51
N GLY B 300 -4.21 -10.78 14.14
CA GLY B 300 -4.81 -11.58 13.07
C GLY B 300 -5.71 -12.72 13.52
N GLU B 301 -5.58 -13.14 14.78
CA GLU B 301 -6.29 -14.31 15.28
C GLU B 301 -7.52 -13.94 16.07
N ASP B 302 -8.37 -14.95 16.22
CA ASP B 302 -9.64 -14.84 16.90
C ASP B 302 -9.41 -14.77 18.44
N ASN B 303 -10.50 -14.49 19.19
CA ASN B 303 -10.46 -14.52 20.66
C ASN B 303 -9.48 -13.47 21.12
N TYR B 304 -9.68 -12.25 20.64
CA TYR B 304 -8.87 -11.13 21.05
C TYR B 304 -7.35 -11.36 20.87
N GLY B 305 -6.94 -11.88 19.71
CA GLY B 305 -5.50 -12.12 19.41
C GLY B 305 -4.67 -10.85 19.45
N GLU B 306 -5.26 -9.71 19.06
CA GLU B 306 -4.59 -8.40 19.16
C GLU B 306 -4.38 -7.88 20.57
N PHE B 307 -4.76 -8.64 21.59
CA PHE B 307 -4.55 -8.26 23.00
C PHE B 307 -3.66 -9.26 23.75
N ARG B 308 -3.21 -10.32 23.08
CA ARG B 308 -2.75 -11.57 23.73
C ARG B 308 -1.35 -11.87 23.29
N TRP B 309 -0.55 -12.42 24.20
CA TRP B 309 0.86 -12.69 23.87
C TRP B 309 0.99 -13.76 22.85
N ASN B 310 1.96 -13.61 21.98
CA ASN B 310 2.25 -14.56 20.94
C ASN B 310 3.32 -15.45 21.57
N THR B 311 2.84 -16.61 22.02
CA THR B 311 3.71 -17.60 22.68
C THR B 311 4.57 -18.41 21.74
N ASP B 312 4.35 -18.30 20.44
CA ASP B 312 5.27 -18.93 19.49
C ASP B 312 6.56 -18.15 19.42
N ASN B 313 6.43 -16.82 19.30
CA ASN B 313 7.54 -15.86 19.39
C ASN B 313 8.11 -15.73 20.82
N PHE B 314 7.23 -15.68 21.83
CA PHE B 314 7.63 -15.55 23.25
C PHE B 314 7.10 -16.66 24.17
N PRO B 315 7.74 -17.83 24.14
CA PRO B 315 7.25 -18.98 24.93
C PRO B 315 7.02 -18.67 26.42
N ASP B 316 7.96 -18.01 27.05
CA ASP B 316 7.80 -17.74 28.48
C ASP B 316 6.75 -16.67 28.86
N ALA B 317 6.16 -15.96 27.88
CA ALA B 317 4.94 -15.16 28.13
C ALA B 317 3.66 -16.00 28.16
N ALA B 318 3.78 -17.33 28.14
CA ALA B 318 2.68 -18.18 28.61
C ALA B 318 2.24 -17.81 30.04
N THR B 319 3.22 -17.49 30.89
CA THR B 319 3.02 -17.13 32.29
C THR B 319 3.64 -15.73 32.56
N THR B 320 3.93 -15.43 33.81
CA THR B 320 4.65 -14.22 34.13
C THR B 320 6.17 -14.39 34.03
N GLN B 321 6.65 -15.55 33.65
CA GLN B 321 8.07 -15.84 33.74
C GLN B 321 8.91 -14.91 32.86
N LEU B 322 8.38 -14.48 31.71
CA LEU B 322 9.15 -13.60 30.81
C LEU B 322 9.28 -12.23 31.45
N LYS B 323 8.16 -11.72 31.94
CA LYS B 323 8.20 -10.44 32.63
C LYS B 323 9.27 -10.43 33.73
N GLU B 324 9.30 -11.49 34.55
CA GLU B 324 10.13 -11.57 35.76
C GLU B 324 11.61 -11.79 35.49
N ASP B 325 11.93 -12.62 34.49
CA ASP B 325 13.33 -12.77 34.04
C ASP B 325 13.94 -11.49 33.47
N MET B 326 13.18 -10.82 32.60
CA MET B 326 13.59 -9.52 32.06
C MET B 326 13.71 -8.47 33.17
N GLU B 327 12.72 -8.41 34.06
CA GLU B 327 12.80 -7.53 35.26
C GLU B 327 14.08 -7.71 36.06
N ALA B 328 14.54 -8.97 36.19
CA ALA B 328 15.81 -9.32 36.85
C ALA B 328 17.05 -8.87 36.07
N GLU B 329 16.94 -8.72 34.76
CA GLU B 329 18.06 -8.20 33.96
C GLU B 329 17.90 -6.69 33.68
N GLY B 330 16.96 -6.02 34.38
CA GLY B 330 16.73 -4.54 34.24
C GLY B 330 15.94 -4.03 33.02
N ILE B 331 15.16 -4.93 32.43
CA ILE B 331 14.35 -4.70 31.23
C ILE B 331 12.85 -4.71 31.49
N ARG B 332 12.23 -3.56 31.20
CA ARG B 332 10.79 -3.44 31.00
C ARG B 332 10.38 -3.77 29.58
N LEU B 333 9.15 -4.23 29.39
CA LEU B 333 8.66 -4.46 28.04
C LEU B 333 7.56 -3.48 27.68
N ILE B 334 7.65 -3.00 26.46
CA ILE B 334 6.62 -2.13 25.89
C ILE B 334 6.09 -2.90 24.71
N GLY B 335 4.80 -2.76 24.44
CA GLY B 335 4.15 -3.49 23.33
C GLY B 335 3.35 -2.55 22.47
N ILE B 336 3.33 -2.81 21.17
CA ILE B 336 2.66 -1.92 20.24
C ILE B 336 1.19 -2.22 20.30
N ARG B 337 0.40 -1.17 20.17
CA ARG B 337 -1.06 -1.24 20.12
C ARG B 337 -1.58 -0.39 18.94
N LYS B 338 -2.61 -0.90 18.28
CA LYS B 338 -3.26 -0.20 17.19
C LYS B 338 -4.70 0.02 17.62
N PRO B 339 -5.29 1.20 17.36
CA PRO B 339 -6.67 1.40 17.80
C PRO B 339 -7.70 0.73 16.83
N ARG B 340 -7.60 -0.60 16.75
CA ARG B 340 -8.49 -1.37 15.91
C ARG B 340 -8.45 -2.82 16.27
N ILE B 341 -9.46 -3.53 15.77
CA ILE B 341 -9.52 -4.97 15.89
C ILE B 341 -9.74 -5.63 14.57
N ILE B 342 -9.34 -6.89 14.57
CA ILE B 342 -9.47 -7.78 13.48
C ILE B 342 -10.90 -8.32 13.53
N THR B 343 -11.63 -8.14 12.44
CA THR B 343 -13.03 -8.51 12.34
C THR B 343 -13.27 -9.83 11.58
N ARG B 344 -12.19 -10.44 11.08
CA ARG B 344 -12.23 -11.73 10.36
C ARG B 344 -10.92 -12.42 10.54
N ASP B 345 -10.90 -13.68 10.96
CA ASP B 345 -9.62 -14.43 11.08
C ASP B 345 -9.12 -14.87 9.71
N PHE B 346 -7.98 -15.56 9.67
CA PHE B 346 -7.34 -15.89 8.39
C PHE B 346 -8.29 -16.71 7.53
N ALA B 347 -9.09 -17.53 8.20
CA ALA B 347 -10.17 -18.32 7.57
C ALA B 347 -11.39 -17.57 6.98
N ASN B 348 -11.53 -16.28 7.31
CA ASN B 348 -12.70 -15.47 6.92
C ASN B 348 -13.84 -15.57 7.94
N GLN B 349 -13.66 -16.25 9.08
CA GLN B 349 -14.71 -16.30 10.13
C GLN B 349 -14.75 -14.99 10.94
N ARG B 350 -15.94 -14.46 11.21
CA ARG B 350 -16.12 -13.33 12.13
C ARG B 350 -15.56 -13.63 13.51
N THR B 351 -14.84 -12.67 14.09
CA THR B 351 -14.13 -12.89 15.36
C THR B 351 -15.01 -12.56 16.55
N GLN B 352 -14.67 -13.11 17.72
CA GLN B 352 -15.39 -12.75 18.93
C GLN B 352 -15.31 -11.22 19.15
N GLN B 353 -14.10 -10.68 19.01
CA GLN B 353 -13.84 -9.22 19.03
C GLN B 353 -14.89 -8.45 18.24
N TYR B 354 -15.11 -8.90 17.00
CA TYR B 354 -16.08 -8.23 16.10
C TYR B 354 -17.46 -8.15 16.72
N TYR B 355 -17.95 -9.30 17.16
CA TYR B 355 -19.32 -9.41 17.72
C TYR B 355 -19.52 -8.54 18.96
N ASP B 356 -18.49 -8.53 19.82
CA ASP B 356 -18.57 -7.75 21.06
C ASP B 356 -18.59 -6.22 20.68
N ALA B 357 -17.74 -5.82 19.75
CA ALA B 357 -17.66 -4.39 19.30
C ALA B 357 -18.87 -3.94 18.52
N ASP B 358 -19.31 -4.75 17.56
CA ASP B 358 -20.52 -4.42 16.76
C ASP B 358 -21.76 -4.30 17.68
N SER B 359 -21.94 -5.28 18.57
CA SER B 359 -23.13 -5.33 19.45
C SER B 359 -23.15 -4.25 20.50
N ASN B 360 -21.99 -3.72 20.94
CA ASN B 360 -21.94 -2.55 21.89
C ASN B 360 -21.67 -1.19 21.23
N GLY B 361 -21.36 -1.17 19.93
CA GLY B 361 -21.21 0.09 19.22
C GLY B 361 -19.86 0.77 19.46
N TYR B 362 -18.83 -0.06 19.53
CA TYR B 362 -17.48 0.37 19.83
C TYR B 362 -16.63 0.81 18.61
N PHE B 363 -17.16 0.71 17.38
CA PHE B 363 -16.38 1.16 16.22
C PHE B 363 -16.41 2.66 16.06
N TYR B 364 -15.28 3.22 15.59
CA TYR B 364 -15.14 4.67 15.43
C TYR B 364 -16.22 5.12 14.47
N PRO B 365 -17.03 6.15 14.84
CA PRO B 365 -18.07 6.65 13.94
C PRO B 365 -17.53 7.00 12.55
N GLY B 366 -18.22 6.52 11.52
CA GLY B 366 -17.81 6.77 10.16
C GLY B 366 -16.68 5.86 9.63
N HIS B 367 -16.08 4.98 10.44
CA HIS B 367 -14.99 4.08 9.93
C HIS B 367 -15.56 2.72 9.67
N ASN B 368 -15.61 2.32 8.41
CA ASN B 368 -16.02 0.97 8.09
C ASN B 368 -14.79 0.06 8.16
N GLU B 369 -15.02 -1.25 8.15
CA GLU B 369 -13.93 -2.17 8.05
C GLU B 369 -13.20 -2.12 6.71
N TYR B 370 -11.98 -2.63 6.71
CA TYR B 370 -11.10 -2.51 5.58
C TYR B 370 -10.02 -3.55 5.63
N THR B 371 -9.47 -3.80 4.46
CA THR B 371 -8.42 -4.78 4.29
C THR B 371 -7.12 -4.03 4.43
N ASP B 372 -6.27 -4.51 5.34
CA ASP B 372 -4.90 -4.04 5.59
C ASP B 372 -3.97 -5.27 5.46
N TYR B 373 -2.67 -5.03 5.35
CA TYR B 373 -1.69 -6.12 5.24
C TYR B 373 -0.81 -5.93 6.39
N PHE B 374 -0.13 -6.99 6.80
CA PHE B 374 0.82 -6.79 7.89
C PHE B 374 2.06 -7.65 7.94
N ILE B 375 2.10 -8.82 7.29
CA ILE B 375 3.31 -9.66 7.24
C ILE B 375 4.06 -9.37 5.95
N PRO B 376 5.22 -8.67 6.06
CA PRO B 376 6.04 -8.35 4.89
C PRO B 376 6.90 -9.46 4.36
N VAL B 377 7.11 -9.37 3.05
CA VAL B 377 8.10 -10.16 2.34
C VAL B 377 8.96 -9.21 1.51
N THR B 378 10.13 -9.71 1.15
CA THR B 378 11.08 -9.00 0.32
C THR B 378 11.18 -9.84 -0.91
N VAL B 379 11.08 -9.18 -2.05
CA VAL B 379 11.08 -9.82 -3.37
C VAL B 379 11.90 -8.97 -4.30
N ARG B 380 12.14 -9.50 -5.49
CA ARG B 380 12.85 -8.75 -6.51
C ARG B 380 12.53 -9.28 -7.91
N SER B 381 12.11 -8.36 -8.79
CA SER B 381 11.66 -8.70 -10.14
C SER B 381 12.74 -9.50 -10.86
N PHE B 382 12.37 -10.53 -11.63
CA PHE B 382 13.30 -11.21 -12.54
C PHE B 382 13.25 -10.64 -13.96
N ASP B 383 14.24 -11.03 -14.75
CA ASP B 383 14.43 -10.53 -16.09
C ASP B 383 14.14 -11.67 -17.06
N PRO B 384 12.97 -11.61 -17.77
CA PRO B 384 12.67 -12.54 -18.81
C PRO B 384 13.28 -12.23 -20.20
N TYR B 385 13.93 -11.08 -20.40
CA TYR B 385 14.57 -10.81 -21.73
C TYR B 385 15.73 -11.79 -22.08
N GLN B 386 16.36 -12.38 -21.06
CA GLN B 386 17.55 -13.22 -21.25
C GLN B 386 17.19 -14.71 -21.44
N GLN B 387 17.74 -15.34 -22.47
CA GLN B 387 17.45 -16.73 -22.70
C GLN B 387 17.77 -17.56 -21.45
N ALA B 388 18.95 -17.31 -20.86
CA ALA B 388 19.42 -18.19 -19.77
C ALA B 388 18.48 -18.01 -18.56
N SER B 389 18.04 -16.77 -18.35
CA SER B 389 17.01 -16.46 -17.35
C SER B 389 15.72 -17.24 -17.56
N ARG B 390 15.29 -17.37 -18.81
CA ARG B 390 14.05 -18.04 -19.14
C ARG B 390 14.20 -19.55 -18.91
N ASP B 391 15.33 -20.11 -19.38
CA ASP B 391 15.61 -21.53 -19.19
C ASP B 391 15.45 -21.85 -17.72
N TRP B 392 16.06 -21.01 -16.89
CA TRP B 392 16.08 -21.20 -15.41
C TRP B 392 14.66 -21.12 -14.84
N TRP B 393 13.89 -20.15 -15.32
CA TRP B 393 12.54 -19.91 -14.82
C TRP B 393 11.61 -21.11 -15.12
N TRP B 394 11.77 -21.64 -16.33
CA TRP B 394 11.04 -22.84 -16.77
C TRP B 394 11.45 -24.07 -15.93
N GLN B 395 12.76 -24.32 -15.88
CA GLN B 395 13.35 -25.46 -15.18
C GLN B 395 12.75 -25.62 -13.77
N HIS B 396 12.68 -24.53 -13.02
CA HIS B 396 12.13 -24.58 -11.69
C HIS B 396 10.56 -24.66 -11.66
N SER B 397 9.89 -24.54 -12.81
CA SER B 397 8.44 -24.72 -12.94
C SER B 397 7.99 -26.14 -13.34
N ILE B 398 8.91 -26.97 -13.81
CA ILE B 398 8.55 -28.32 -14.27
C ILE B 398 7.79 -29.12 -13.26
N ASP B 399 8.27 -29.13 -12.03
CA ASP B 399 7.60 -29.88 -10.94
C ASP B 399 6.13 -29.46 -10.78
N ALA B 400 5.87 -28.15 -10.86
CA ALA B 400 4.49 -27.64 -10.68
C ALA B 400 3.61 -28.09 -11.84
N PHE B 401 4.20 -28.22 -13.03
CA PHE B 401 3.50 -28.62 -14.23
C PHE B 401 3.13 -30.09 -14.18
N ASP B 402 4.13 -30.96 -13.97
CA ASP B 402 3.90 -32.40 -13.74
C ASP B 402 2.78 -32.60 -12.74
N LYS B 403 2.74 -31.76 -11.71
CA LYS B 403 1.75 -31.94 -10.65
C LYS B 403 0.44 -31.14 -10.79
N GLY B 404 0.21 -30.55 -11.96
CA GLY B 404 -1.13 -30.08 -12.30
C GLY B 404 -1.34 -28.67 -12.76
N ILE B 405 -0.36 -27.80 -12.55
CA ILE B 405 -0.46 -26.47 -13.11
C ILE B 405 -0.21 -26.58 -14.64
N VAL B 406 -1.27 -26.56 -15.44
CA VAL B 406 -1.13 -26.60 -16.92
C VAL B 406 -1.49 -25.28 -17.61
N GLY B 407 -1.94 -24.29 -16.83
CA GLY B 407 -2.16 -22.93 -17.30
C GLY B 407 -1.43 -21.96 -16.40
N TRP B 408 -0.86 -20.94 -17.04
CA TRP B 408 0.08 -20.01 -16.42
C TRP B 408 -0.59 -18.66 -16.34
N TRP B 409 -1.10 -18.36 -15.14
CA TRP B 409 -1.68 -17.07 -14.84
C TRP B 409 -0.57 -16.05 -14.50
N ASN B 410 0.02 -15.40 -15.50
CA ASN B 410 1.17 -14.49 -15.33
C ASN B 410 0.74 -13.06 -14.98
N ASP B 411 0.66 -12.82 -13.67
CA ASP B 411 0.17 -11.60 -13.07
C ASP B 411 1.33 -10.63 -12.84
N GLU B 412 1.06 -9.34 -12.90
CA GLU B 412 2.04 -8.30 -12.59
C GLU B 412 3.29 -8.33 -13.46
N THR B 413 3.15 -8.65 -14.73
CA THR B 413 4.29 -8.49 -15.68
C THR B 413 4.40 -7.04 -16.22
N ASP B 414 3.88 -6.08 -15.48
CA ASP B 414 3.69 -4.73 -15.97
C ASP B 414 4.32 -3.61 -15.12
N LYS B 415 3.98 -3.59 -13.84
CA LYS B 415 4.40 -2.53 -12.94
C LYS B 415 4.32 -2.94 -11.47
N VAL B 416 5.41 -2.65 -10.76
CA VAL B 416 5.47 -2.72 -9.34
C VAL B 416 4.98 -1.39 -8.78
N ASP B 417 4.15 -1.45 -7.74
CA ASP B 417 3.62 -0.25 -7.04
C ASP B 417 3.54 -0.62 -5.53
N SER B 418 4.67 -0.45 -4.85
CA SER B 418 4.83 -0.85 -3.43
C SER B 418 5.72 0.13 -2.64
N GLY B 419 5.09 1.12 -2.01
CA GLY B 419 5.78 2.12 -1.19
C GLY B 419 6.56 3.01 -2.12
N SER B 420 7.84 3.21 -1.82
CA SER B 420 8.74 3.93 -2.74
C SER B 420 9.14 3.14 -4.02
N ALA B 421 8.79 1.84 -4.09
CA ALA B 421 9.13 0.99 -5.22
C ALA B 421 8.08 1.15 -6.34
N GLN B 422 8.45 1.84 -7.43
CA GLN B 422 7.55 2.13 -8.57
C GLN B 422 8.20 1.71 -9.91
N TYR B 423 8.72 0.50 -9.94
CA TYR B 423 9.38 -0.01 -11.13
C TYR B 423 8.47 -0.44 -12.28
N TRP B 424 8.87 -0.09 -13.49
CA TRP B 424 8.20 -0.56 -14.69
C TRP B 424 8.90 -1.77 -15.24
N PHE B 425 8.13 -2.72 -15.77
CA PHE B 425 8.67 -3.73 -16.66
C PHE B 425 8.61 -3.14 -18.06
N GLY B 426 9.47 -3.60 -18.93
CA GLY B 426 9.55 -3.08 -20.31
C GLY B 426 8.46 -3.66 -21.18
N ASN B 427 8.34 -3.15 -22.41
CA ASN B 427 7.21 -3.46 -23.25
C ASN B 427 7.14 -4.89 -23.70
N PHE B 428 8.30 -5.54 -23.76
CA PHE B 428 8.36 -7.00 -24.12
C PHE B 428 8.36 -8.00 -22.96
N SER B 429 8.05 -7.52 -21.76
CA SER B 429 8.08 -8.34 -20.57
C SER B 429 7.01 -9.39 -20.56
N THR B 430 5.83 -9.02 -21.02
CA THR B 430 4.76 -10.02 -21.16
C THR B 430 5.13 -11.07 -22.19
N GLY B 431 5.55 -10.63 -23.38
CA GLY B 431 5.99 -11.51 -24.43
C GLY B 431 7.08 -12.45 -23.98
N PHE B 432 8.06 -11.93 -23.22
CA PHE B 432 9.20 -12.75 -22.83
C PHE B 432 8.85 -13.70 -21.67
N THR B 433 8.07 -13.25 -20.69
CA THR B 433 7.60 -14.16 -19.64
C THR B 433 6.76 -15.28 -20.27
N SER B 434 5.90 -14.90 -21.19
CA SER B 434 5.13 -15.89 -21.92
C SER B 434 6.06 -16.85 -22.69
N GLN B 435 7.10 -16.32 -23.36
CA GLN B 435 8.07 -17.15 -24.07
C GLN B 435 8.71 -18.20 -23.18
N ALA B 436 9.01 -17.83 -21.96
CA ALA B 436 9.67 -18.75 -21.06
C ALA B 436 8.90 -20.02 -20.91
N MET B 437 7.60 -19.87 -20.68
CA MET B 437 6.72 -21.01 -20.44
C MET B 437 6.39 -21.71 -21.72
N TYR B 438 6.32 -20.95 -22.80
CA TYR B 438 5.98 -21.55 -24.10
C TYR B 438 7.08 -22.46 -24.64
N ASP B 439 8.27 -21.90 -24.83
CA ASP B 439 9.45 -22.65 -25.31
C ASP B 439 9.69 -23.85 -24.41
N GLY B 440 9.61 -23.60 -23.11
CA GLY B 440 9.89 -24.59 -22.09
C GLY B 440 8.95 -25.78 -22.14
N GLN B 441 7.66 -25.52 -21.98
CA GLN B 441 6.65 -26.58 -22.00
C GLN B 441 6.61 -27.26 -23.35
N ARG B 442 6.82 -26.53 -24.45
CA ARG B 442 6.85 -27.18 -25.78
C ARG B 442 8.02 -28.16 -25.96
N ASP B 443 9.18 -27.81 -25.39
CA ASP B 443 10.35 -28.65 -25.40
C ASP B 443 10.17 -29.86 -24.49
N TYR B 444 9.84 -29.60 -23.24
CA TYR B 444 9.60 -30.64 -22.25
C TYR B 444 8.48 -31.64 -22.58
N THR B 445 7.47 -31.24 -23.33
CA THR B 445 6.41 -32.23 -23.69
C THR B 445 6.50 -32.70 -25.15
N ASN B 446 7.60 -32.42 -25.85
CA ASN B 446 7.76 -32.82 -27.26
C ASN B 446 6.58 -32.32 -28.08
N ASP B 447 6.27 -31.04 -27.88
CA ASP B 447 5.10 -30.40 -28.49
C ASP B 447 3.76 -31.11 -28.23
N GLY B 448 3.69 -31.90 -27.16
CA GLY B 448 2.52 -32.74 -26.89
C GLY B 448 1.42 -32.05 -26.12
N VAL B 449 1.73 -30.96 -25.40
CA VAL B 449 0.71 -30.27 -24.60
C VAL B 449 0.68 -28.80 -24.93
N ARG B 450 -0.48 -28.36 -25.38
CA ARG B 450 -0.68 -26.96 -25.77
C ARG B 450 -0.54 -26.07 -24.55
N VAL B 451 0.10 -24.94 -24.81
CA VAL B 451 0.29 -23.91 -23.78
C VAL B 451 -0.97 -23.04 -23.67
N TRP B 452 -1.41 -22.75 -22.45
CA TRP B 452 -2.37 -21.68 -22.15
C TRP B 452 -1.74 -20.75 -21.17
N GLN B 453 -1.83 -19.45 -21.41
CA GLN B 453 -1.42 -18.44 -20.43
C GLN B 453 -2.37 -17.20 -20.45
N THR B 454 -2.28 -16.37 -19.41
CA THR B 454 -2.94 -15.10 -19.44
C THR B 454 -2.04 -14.11 -18.75
N ALA B 455 -2.17 -12.84 -19.14
CA ALA B 455 -1.38 -11.76 -18.61
C ALA B 455 -2.27 -10.50 -18.65
N ARG B 456 -1.96 -9.51 -17.85
CA ARG B 456 -2.66 -8.24 -17.89
C ARG B 456 -1.99 -7.12 -18.68
N SER B 457 -1.18 -7.44 -19.68
CA SER B 457 -0.80 -6.44 -20.65
C SER B 457 -0.50 -7.11 -21.96
N TYR B 458 -0.38 -6.29 -23.00
CA TYR B 458 -0.12 -6.80 -24.30
C TYR B 458 0.68 -5.81 -25.14
N TYR B 459 1.63 -6.35 -25.89
CA TYR B 459 2.42 -5.55 -26.82
C TYR B 459 2.63 -6.40 -28.08
N PRO B 460 2.71 -5.80 -29.25
CA PRO B 460 2.77 -6.66 -30.44
C PRO B 460 3.90 -7.70 -30.42
N GLY B 461 3.61 -8.93 -30.85
CA GLY B 461 4.55 -10.05 -30.79
C GLY B 461 4.23 -11.04 -29.67
N ALA B 462 3.62 -10.56 -28.60
CA ALA B 462 3.38 -11.42 -27.46
C ALA B 462 2.46 -12.57 -27.76
N GLN B 463 1.54 -12.40 -28.70
CA GLN B 463 0.68 -13.47 -29.15
C GLN B 463 1.38 -14.77 -29.62
N ARG B 464 2.65 -14.66 -30.04
CA ARG B 464 3.37 -15.85 -30.53
C ARG B 464 3.58 -16.88 -29.44
N TYR B 465 3.50 -16.47 -28.18
CA TYR B 465 3.88 -17.37 -27.09
C TYR B 465 2.69 -17.89 -26.29
N ALA B 466 1.52 -17.92 -26.93
CA ALA B 466 0.32 -18.50 -26.37
C ALA B 466 -0.16 -17.79 -25.13
N THR B 467 -0.49 -16.51 -25.28
CA THR B 467 -1.09 -15.80 -24.16
C THR B 467 -2.32 -14.99 -24.53
N THR B 468 -3.23 -14.99 -23.56
CA THR B 468 -4.46 -14.21 -23.63
C THR B 468 -4.21 -12.93 -22.84
N LEU B 469 -5.22 -12.08 -22.78
CA LEU B 469 -5.15 -10.82 -22.09
C LEU B 469 -6.40 -10.65 -21.23
N TRP B 470 -6.20 -10.29 -19.99
CA TRP B 470 -7.35 -9.96 -19.15
C TRP B 470 -7.27 -8.50 -18.65
N SER B 471 -8.42 -7.87 -18.35
CA SER B 471 -8.50 -6.38 -18.17
C SER B 471 -8.18 -5.85 -16.76
N GLY B 472 -7.52 -6.68 -15.95
CA GLY B 472 -6.93 -6.28 -14.67
C GLY B 472 -7.96 -6.21 -13.54
N ASP B 473 -7.61 -5.46 -12.50
CA ASP B 473 -8.39 -5.31 -11.25
C ASP B 473 -9.59 -4.37 -11.32
N ILE B 474 -10.60 -4.80 -12.07
CA ILE B 474 -11.74 -3.94 -12.38
C ILE B 474 -12.74 -3.88 -11.22
N GLY B 475 -13.53 -2.83 -11.21
CA GLY B 475 -14.45 -2.59 -10.11
C GLY B 475 -15.71 -3.45 -10.21
N THR B 476 -16.13 -3.94 -9.04
CA THR B 476 -17.44 -4.54 -8.86
C THR B 476 -18.51 -3.43 -8.84
N GLN B 477 -18.92 -3.05 -10.05
CA GLN B 477 -19.88 -2.00 -10.26
C GLN B 477 -20.37 -1.97 -11.71
N PHE B 478 -21.54 -1.36 -11.91
CA PHE B 478 -22.11 -1.34 -13.23
C PHE B 478 -21.28 -0.53 -14.21
N TYR B 479 -20.65 0.52 -13.70
CA TYR B 479 -19.94 1.49 -14.50
C TYR B 479 -19.12 2.38 -13.61
N LYS B 480 -18.16 3.07 -14.22
CA LYS B 480 -17.16 3.85 -13.47
C LYS B 480 -17.86 5.00 -12.77
N GLY B 481 -17.68 5.09 -11.46
CA GLY B 481 -18.39 6.11 -10.66
C GLY B 481 -19.75 5.73 -10.06
N GLU B 482 -20.24 4.50 -10.28
CA GLU B 482 -21.51 4.12 -9.74
C GLU B 482 -21.34 4.03 -8.25
N LEU B 483 -20.34 3.26 -7.83
CA LEU B 483 -19.96 3.08 -6.43
C LEU B 483 -18.65 3.82 -6.09
N PHE B 484 -17.63 3.75 -6.95
CA PHE B 484 -16.36 4.47 -6.82
C PHE B 484 -15.81 4.95 -8.18
N ASN B 485 -14.96 5.97 -8.17
CA ASN B 485 -14.42 6.59 -9.40
C ASN B 485 -13.07 6.03 -9.86
N TRP B 486 -12.43 5.20 -9.02
CA TRP B 486 -11.04 4.86 -9.22
C TRP B 486 -10.74 3.57 -10.04
N ALA B 487 -11.78 2.87 -10.46
CA ALA B 487 -11.67 1.72 -11.41
C ALA B 487 -12.96 1.63 -12.21
N PRO B 488 -12.88 1.14 -13.45
CA PRO B 488 -14.09 1.00 -14.24
C PRO B 488 -14.89 -0.23 -13.79
N GLY B 489 -16.07 -0.39 -14.37
CA GLY B 489 -16.95 -1.51 -14.05
C GLY B 489 -17.27 -2.31 -15.29
N MET B 490 -18.45 -2.94 -15.26
CA MET B 490 -18.89 -3.78 -16.32
C MET B 490 -19.11 -3.02 -17.63
N GLN B 491 -19.75 -1.85 -17.60
CA GLN B 491 -20.19 -1.19 -18.85
C GLN B 491 -19.03 -0.70 -19.69
N GLU B 492 -17.86 -0.50 -19.10
CA GLU B 492 -16.66 -0.13 -19.84
C GLU B 492 -16.03 -1.31 -20.54
N GLN B 493 -16.22 -2.51 -20.00
CA GLN B 493 -15.45 -3.63 -20.47
C GLN B 493 -15.50 -3.89 -21.97
N PRO B 494 -16.66 -3.78 -22.61
CA PRO B 494 -16.64 -4.05 -24.05
C PRO B 494 -15.71 -3.13 -24.86
N ARG B 495 -15.50 -1.92 -24.38
CA ARG B 495 -14.65 -0.96 -25.05
C ARG B 495 -13.21 -1.34 -24.90
N ILE B 496 -12.87 -1.92 -23.76
CA ILE B 496 -11.53 -2.45 -23.55
C ILE B 496 -11.34 -3.70 -24.42
N MET B 497 -12.28 -4.61 -24.41
CA MET B 497 -12.20 -5.81 -25.22
C MET B 497 -11.95 -5.48 -26.69
N LEU B 498 -12.79 -4.58 -27.21
CA LEU B 498 -12.77 -4.26 -28.61
C LEU B 498 -11.59 -3.40 -29.01
N SER B 499 -11.11 -2.53 -28.10
CA SER B 499 -9.80 -1.87 -28.26
C SER B 499 -8.67 -2.93 -28.37
N SER B 500 -8.71 -3.99 -27.56
CA SER B 500 -7.70 -5.06 -27.65
C SER B 500 -7.73 -5.77 -29.01
N ALA B 501 -8.94 -5.99 -29.51
CA ALA B 501 -9.14 -6.58 -30.83
C ALA B 501 -8.52 -5.74 -31.96
N ASN B 502 -8.70 -4.42 -31.89
CA ASN B 502 -8.10 -3.50 -32.84
C ASN B 502 -6.57 -3.48 -32.80
N LEU B 503 -5.98 -3.91 -31.70
CA LEU B 503 -4.53 -4.10 -31.61
C LEU B 503 -4.04 -5.57 -31.88
N GLY B 504 -4.86 -6.42 -32.48
CA GLY B 504 -4.43 -7.80 -32.79
C GLY B 504 -4.44 -8.81 -31.65
N GLN B 505 -5.09 -8.47 -30.54
CA GLN B 505 -5.24 -9.38 -29.40
C GLN B 505 -6.71 -9.60 -29.06
N PRO B 506 -7.37 -10.46 -29.82
CA PRO B 506 -8.74 -10.76 -29.60
C PRO B 506 -8.98 -11.80 -28.54
N LYS B 507 -7.93 -12.40 -27.98
CA LYS B 507 -8.12 -13.44 -26.97
C LYS B 507 -8.11 -12.72 -25.64
N TRP B 508 -9.27 -12.17 -25.33
CA TRP B 508 -9.37 -11.18 -24.30
C TRP B 508 -10.36 -11.70 -23.29
N GLY B 509 -10.12 -11.40 -22.00
CA GLY B 509 -11.10 -11.67 -20.95
C GLY B 509 -11.15 -10.67 -19.83
N MET B 510 -12.06 -10.88 -18.90
CA MET B 510 -12.28 -9.94 -17.78
C MET B 510 -12.68 -10.72 -16.55
N ASP B 511 -12.55 -10.05 -15.40
CA ASP B 511 -12.98 -10.63 -14.11
C ASP B 511 -14.52 -10.48 -14.06
N THR B 512 -15.26 -11.47 -14.57
CA THR B 512 -16.70 -11.41 -14.50
C THR B 512 -17.17 -11.37 -13.03
N GLY B 513 -17.91 -10.34 -12.69
CA GLY B 513 -18.31 -10.08 -11.33
C GLY B 513 -17.45 -9.08 -10.63
N GLY B 514 -16.43 -8.60 -11.30
CA GLY B 514 -15.56 -7.62 -10.71
C GLY B 514 -14.62 -8.19 -9.66
N PHE B 515 -13.53 -7.45 -9.45
CA PHE B 515 -12.52 -7.75 -8.46
C PHE B 515 -12.60 -6.82 -7.23
N ASN B 516 -12.61 -5.52 -7.47
CA ASN B 516 -12.34 -4.57 -6.44
C ASN B 516 -13.59 -3.90 -5.94
N SER B 517 -13.60 -3.62 -4.65
CA SER B 517 -14.72 -2.92 -4.00
C SER B 517 -14.20 -1.89 -2.99
N LEU B 518 -15.03 -0.92 -2.60
CA LEU B 518 -14.77 -0.08 -1.40
C LEU B 518 -14.52 -0.98 -0.16
N GLY B 519 -13.37 -0.83 0.50
CA GLY B 519 -12.93 -1.69 1.63
C GLY B 519 -11.92 -2.80 1.28
N GLY B 520 -11.61 -2.96 0.01
CA GLY B 520 -10.74 -4.03 -0.44
C GLY B 520 -11.51 -5.34 -0.56
N ALA B 521 -10.84 -6.41 -0.17
CA ALA B 521 -11.41 -7.74 -0.16
C ALA B 521 -12.53 -7.95 0.81
N SER B 522 -12.58 -7.17 1.89
CA SER B 522 -13.79 -7.10 2.75
C SER B 522 -14.99 -6.38 2.06
N GLY B 523 -14.74 -5.72 0.95
CA GLY B 523 -15.81 -5.05 0.24
C GLY B 523 -16.88 -5.98 -0.33
N PRO B 524 -17.99 -5.38 -0.76
CA PRO B 524 -19.14 -6.15 -1.21
C PRO B 524 -18.91 -6.85 -2.54
N ASN B 525 -19.49 -8.03 -2.66
CA ASN B 525 -19.55 -8.76 -3.91
C ASN B 525 -20.55 -8.08 -4.84
N PRO B 526 -20.61 -8.56 -6.11
CA PRO B 526 -21.61 -7.99 -6.99
C PRO B 526 -23.04 -8.28 -6.50
N SER B 527 -23.97 -7.38 -6.78
CA SER B 527 -25.40 -7.68 -6.61
C SER B 527 -25.74 -8.84 -7.53
N PRO B 528 -26.81 -9.58 -7.21
CA PRO B 528 -27.24 -10.66 -8.06
C PRO B 528 -27.49 -10.23 -9.46
N GLU B 529 -28.03 -9.04 -9.63
CA GLU B 529 -28.32 -8.51 -10.92
C GLU B 529 -27.01 -8.28 -11.69
N LEU B 530 -26.06 -7.65 -11.03
CA LEU B 530 -24.78 -7.35 -11.62
C LEU B 530 -24.03 -8.63 -11.97
N TYR B 531 -24.06 -9.60 -11.06
CA TYR B 531 -23.43 -10.88 -11.32
C TYR B 531 -24.08 -11.53 -12.52
N THR B 532 -25.41 -11.46 -12.59
CA THR B 532 -26.15 -12.16 -13.67
C THR B 532 -25.87 -11.58 -15.06
N ARG B 533 -25.98 -10.27 -15.14
CA ARG B 533 -25.79 -9.58 -16.40
C ARG B 533 -24.34 -9.73 -16.86
N TRP B 534 -23.43 -9.77 -15.90
CA TRP B 534 -22.02 -9.84 -16.20
C TRP B 534 -21.65 -11.25 -16.72
N MET B 535 -22.18 -12.31 -16.09
CA MET B 535 -22.03 -13.68 -16.61
C MET B 535 -22.56 -13.81 -18.04
N GLN B 536 -23.69 -13.17 -18.30
CA GLN B 536 -24.34 -13.31 -19.63
C GLN B 536 -23.43 -12.65 -20.68
N PHE B 537 -22.77 -11.56 -20.28
CA PHE B 537 -21.87 -10.79 -21.13
C PHE B 537 -20.61 -11.59 -21.29
N GLY B 538 -20.08 -12.11 -20.20
CA GLY B 538 -18.89 -12.95 -20.26
C GLY B 538 -18.98 -14.14 -21.20
N ALA B 539 -20.18 -14.73 -21.27
CA ALA B 539 -20.35 -15.95 -22.00
C ALA B 539 -20.12 -15.71 -23.49
N PHE B 540 -20.27 -14.46 -23.90
CA PHE B 540 -20.11 -14.05 -25.29
C PHE B 540 -18.80 -13.25 -25.50
N THR B 541 -17.80 -13.53 -24.67
CA THR B 541 -16.45 -13.02 -24.82
C THR B 541 -15.48 -14.20 -24.88
N PRO B 542 -14.25 -13.96 -25.30
CA PRO B 542 -13.38 -15.11 -25.63
C PRO B 542 -12.90 -15.97 -24.49
N VAL B 543 -12.36 -15.32 -23.45
CA VAL B 543 -11.76 -15.97 -22.28
C VAL B 543 -12.69 -15.73 -21.10
N PHE B 544 -13.52 -16.72 -20.78
CA PHE B 544 -14.69 -16.53 -19.94
C PHE B 544 -14.37 -16.98 -18.53
N ARG B 545 -14.29 -16.05 -17.60
CA ARG B 545 -13.86 -16.38 -16.24
C ARG B 545 -14.45 -15.48 -15.14
N VAL B 546 -14.66 -16.02 -13.93
CA VAL B 546 -14.91 -15.18 -12.75
C VAL B 546 -13.61 -15.17 -12.00
N HIS B 547 -13.34 -14.00 -11.42
CA HIS B 547 -12.26 -13.79 -10.48
C HIS B 547 -12.79 -12.77 -9.46
N GLY B 548 -12.43 -12.99 -8.20
CA GLY B 548 -12.77 -12.09 -7.11
C GLY B 548 -11.58 -11.87 -6.19
N ASN B 549 -11.76 -10.95 -5.23
CA ASN B 549 -10.69 -10.54 -4.31
C ASN B 549 -10.46 -11.65 -3.28
N TYR B 550 -9.52 -11.41 -2.36
CA TYR B 550 -9.08 -12.38 -1.36
C TYR B 550 -10.26 -12.90 -0.56
N ASN B 551 -10.34 -14.22 -0.46
CA ASN B 551 -11.33 -14.91 0.37
C ASN B 551 -12.80 -14.71 -0.15
N GLN B 552 -12.97 -14.10 -1.34
CA GLN B 552 -14.29 -13.82 -1.90
C GLN B 552 -14.75 -15.03 -2.70
N GLN B 553 -16.07 -15.09 -2.93
CA GLN B 553 -16.60 -16.20 -3.73
C GLN B 553 -17.37 -15.73 -4.97
N ARG B 554 -17.18 -16.47 -6.05
CA ARG B 554 -17.85 -16.14 -7.31
C ARG B 554 -18.68 -17.28 -7.96
N GLN B 555 -19.07 -18.29 -7.15
CA GLN B 555 -19.88 -19.42 -7.64
C GLN B 555 -21.33 -18.96 -7.89
N PRO B 556 -21.93 -19.39 -8.98
CA PRO B 556 -23.19 -18.74 -9.31
C PRO B 556 -24.35 -19.00 -8.34
N TRP B 557 -24.31 -20.10 -7.64
CA TRP B 557 -25.47 -20.44 -6.75
C TRP B 557 -25.59 -19.58 -5.52
N LEU B 558 -24.50 -18.93 -5.19
CA LEU B 558 -24.47 -18.06 -4.00
C LEU B 558 -25.30 -16.81 -4.22
N TYR B 559 -25.50 -16.43 -5.48
CA TYR B 559 -26.19 -15.17 -5.80
C TYR B 559 -27.71 -15.29 -6.03
N GLY B 560 -28.26 -16.37 -5.51
CA GLY B 560 -29.72 -16.69 -5.57
C GLY B 560 -30.11 -17.32 -6.88
N ALA B 561 -31.35 -17.80 -6.94
CA ALA B 561 -31.78 -18.70 -8.04
C ALA B 561 -31.82 -18.07 -9.46
N THR B 562 -32.09 -16.78 -9.59
CA THR B 562 -32.10 -16.20 -10.93
C THR B 562 -30.67 -16.24 -11.47
N ALA B 563 -29.71 -15.84 -10.63
CA ALA B 563 -28.32 -15.80 -11.04
C ALA B 563 -27.81 -17.20 -11.38
N GLU B 564 -28.16 -18.17 -10.55
CA GLU B 564 -27.78 -19.56 -10.76
C GLU B 564 -28.30 -20.07 -12.09
N GLU B 565 -29.60 -19.88 -12.30
CA GLU B 565 -30.28 -20.40 -13.47
C GLU B 565 -30.00 -19.63 -14.76
N ALA B 566 -29.97 -18.31 -14.71
CA ALA B 566 -29.62 -17.53 -15.90
C ALA B 566 -28.16 -17.79 -16.32
N SER B 567 -27.30 -17.97 -15.32
CA SER B 567 -25.91 -18.27 -15.60
C SER B 567 -25.81 -19.64 -16.25
N LYS B 568 -26.40 -20.63 -15.63
CA LYS B 568 -26.40 -21.98 -16.19
C LYS B 568 -26.84 -21.92 -17.65
N ALA B 569 -27.95 -21.25 -17.88
CA ALA B 569 -28.62 -21.23 -19.16
C ALA B 569 -27.74 -20.62 -20.28
N VAL B 570 -27.07 -19.50 -19.98
CA VAL B 570 -26.18 -18.90 -20.94
C VAL B 570 -24.91 -19.76 -21.12
N MET B 571 -24.44 -20.39 -20.05
CA MET B 571 -23.38 -21.39 -20.15
C MET B 571 -23.74 -22.51 -21.11
N HIS B 572 -24.96 -22.99 -20.99
CA HIS B 572 -25.45 -24.03 -21.88
C HIS B 572 -25.39 -23.55 -23.32
N THR B 573 -25.73 -22.29 -23.55
CA THR B 573 -25.63 -21.74 -24.89
C THR B 573 -24.17 -21.71 -25.39
N ARG B 574 -23.25 -21.26 -24.55
CA ARG B 574 -21.85 -21.16 -24.93
C ARG B 574 -21.26 -22.54 -25.23
N TYR B 575 -21.51 -23.48 -24.35
CA TYR B 575 -20.93 -24.80 -24.51
C TYR B 575 -21.53 -25.53 -25.68
N SER B 576 -22.80 -25.29 -26.00
CA SER B 576 -23.42 -25.82 -27.24
C SER B 576 -22.74 -25.25 -28.52
N LEU B 577 -22.18 -24.05 -28.44
CA LEU B 577 -21.48 -23.41 -29.57
C LEU B 577 -20.00 -23.75 -29.62
N LEU B 578 -19.55 -24.77 -28.88
CA LEU B 578 -18.13 -25.18 -28.94
C LEU B 578 -17.58 -25.33 -30.34
N PRO B 579 -18.24 -26.14 -31.17
CA PRO B 579 -17.65 -26.30 -32.48
C PRO B 579 -17.71 -25.02 -33.33
N TYR B 580 -18.63 -24.10 -33.04
CA TYR B 580 -18.63 -22.81 -33.72
C TYR B 580 -17.44 -22.04 -33.23
N MET B 581 -17.29 -21.98 -31.91
CA MET B 581 -16.19 -21.25 -31.29
C MET B 581 -14.83 -21.75 -31.79
N TYR B 582 -14.65 -23.06 -31.81
CA TYR B 582 -13.31 -23.65 -32.01
C TYR B 582 -12.75 -23.38 -33.40
N ALA B 583 -13.60 -23.20 -34.40
CA ALA B 583 -13.15 -22.82 -35.72
C ALA B 583 -12.42 -21.49 -35.69
N TYR B 584 -12.89 -20.56 -34.86
CA TYR B 584 -12.30 -19.24 -34.69
C TYR B 584 -10.96 -19.31 -33.97
N GLU B 585 -10.84 -20.24 -33.03
CA GLU B 585 -9.56 -20.54 -32.42
C GLU B 585 -8.53 -21.02 -33.50
N ARG B 586 -8.98 -21.85 -34.46
CA ARG B 586 -8.11 -22.28 -35.55
C ARG B 586 -7.75 -21.09 -36.42
N GLU B 587 -8.75 -20.29 -36.71
CA GLU B 587 -8.57 -19.08 -37.49
C GLU B 587 -7.47 -18.11 -36.94
N ALA B 588 -7.32 -18.06 -35.61
CA ALA B 588 -6.32 -17.19 -35.00
C ALA B 588 -4.91 -17.71 -35.26
N SER B 589 -4.75 -19.03 -35.41
CA SER B 589 -3.49 -19.62 -35.86
C SER B 589 -3.11 -19.36 -37.33
N GLU B 590 -4.04 -18.82 -38.13
CA GLU B 590 -3.83 -18.57 -39.55
C GLU B 590 -3.75 -17.08 -39.86
N THR B 591 -4.68 -16.29 -39.31
CA THR B 591 -4.72 -14.84 -39.56
C THR B 591 -4.69 -13.93 -38.35
N GLY B 592 -4.69 -14.51 -37.14
CA GLY B 592 -4.77 -13.72 -35.94
C GLY B 592 -6.16 -13.33 -35.56
N LEU B 593 -7.15 -13.55 -36.43
CA LEU B 593 -8.51 -13.13 -36.14
C LEU B 593 -9.17 -14.18 -35.26
N GLY B 594 -9.97 -13.75 -34.32
CA GLY B 594 -10.48 -14.67 -33.33
C GLY B 594 -11.96 -14.63 -33.17
N LEU B 595 -12.38 -14.83 -31.91
CA LEU B 595 -13.77 -15.10 -31.62
C LEU B 595 -14.70 -13.86 -31.62
N ILE B 596 -14.15 -12.68 -31.31
CA ILE B 596 -14.94 -11.43 -31.34
C ILE B 596 -14.35 -10.43 -32.29
N LYS B 597 -15.19 -9.49 -32.71
CA LYS B 597 -14.74 -8.37 -33.50
C LYS B 597 -15.76 -7.28 -33.41
N PRO B 598 -15.32 -6.01 -33.50
CA PRO B 598 -16.27 -4.93 -33.55
C PRO B 598 -16.93 -4.85 -34.92
N LEU B 599 -18.09 -4.20 -34.98
CA LEU B 599 -18.88 -4.25 -36.16
C LEU B 599 -18.14 -3.53 -37.28
N LEU B 600 -17.19 -2.67 -36.93
CA LEU B 600 -16.48 -1.90 -37.91
C LEU B 600 -15.57 -2.76 -38.78
N PHE B 601 -15.23 -3.96 -38.32
CA PHE B 601 -14.52 -4.94 -39.22
C PHE B 601 -15.41 -5.30 -40.43
N ASP B 602 -16.69 -5.55 -40.19
CA ASP B 602 -17.62 -5.98 -41.27
C ASP B 602 -18.21 -4.79 -42.01
N TYR B 603 -18.25 -3.62 -41.34
CA TYR B 603 -18.92 -2.39 -41.85
C TYR B 603 -18.01 -1.16 -41.76
N PRO B 604 -16.94 -1.15 -42.60
CA PRO B 604 -15.89 -0.17 -42.38
C PRO B 604 -16.28 1.24 -42.73
N ASN B 605 -17.34 1.41 -43.49
CA ASN B 605 -17.73 2.76 -43.89
C ASN B 605 -19.05 3.26 -43.23
N ASP B 606 -19.56 2.53 -42.24
CA ASP B 606 -20.83 2.87 -41.60
C ASP B 606 -20.49 3.76 -40.38
N PRO B 607 -20.82 5.06 -40.44
CA PRO B 607 -20.56 5.91 -39.23
C PRO B 607 -21.23 5.40 -37.96
N GLN B 608 -22.36 4.69 -38.09
CA GLN B 608 -23.03 4.14 -36.87
C GLN B 608 -22.26 2.98 -36.24
N ALA B 609 -21.31 2.40 -36.99
CA ALA B 609 -20.43 1.33 -36.49
C ALA B 609 -19.04 1.77 -36.10
N ALA B 610 -18.67 3.01 -36.46
CA ALA B 610 -17.30 3.51 -36.36
C ALA B 610 -16.72 3.50 -34.94
N ASP B 611 -17.59 3.74 -33.93
CA ASP B 611 -17.21 3.80 -32.51
C ASP B 611 -18.19 2.98 -31.63
N TYR B 612 -18.78 1.95 -32.24
CA TYR B 612 -19.83 1.19 -31.66
C TYR B 612 -19.27 -0.01 -30.91
N THR B 613 -19.58 -0.03 -29.62
CA THR B 613 -19.07 -1.02 -28.74
C THR B 613 -20.13 -1.68 -27.83
N GLU B 614 -21.40 -1.31 -27.93
CA GLU B 614 -22.47 -1.91 -27.08
C GLU B 614 -23.01 -3.26 -27.62
N ALA B 615 -22.65 -3.57 -28.85
CA ALA B 615 -22.90 -4.88 -29.42
C ALA B 615 -21.64 -5.23 -30.20
N TRP B 616 -21.41 -6.51 -30.41
CA TRP B 616 -20.25 -6.97 -31.22
C TRP B 616 -20.61 -8.31 -31.84
N MET B 617 -19.72 -8.83 -32.69
CA MET B 617 -19.95 -10.10 -33.38
C MET B 617 -19.29 -11.20 -32.57
N PHE B 618 -19.98 -12.31 -32.38
CA PHE B 618 -19.42 -13.50 -31.72
C PHE B 618 -19.25 -14.45 -32.88
N GLY B 619 -18.01 -14.65 -33.29
CA GLY B 619 -17.74 -15.30 -34.58
C GLY B 619 -18.24 -14.40 -35.72
N ASP B 620 -18.48 -15.02 -36.88
CA ASP B 620 -18.94 -14.32 -38.04
C ASP B 620 -20.44 -14.06 -38.06
N TRP B 621 -21.23 -14.91 -37.42
CA TRP B 621 -22.66 -15.00 -37.72
C TRP B 621 -23.65 -14.64 -36.62
N LEU B 622 -23.14 -14.18 -35.47
CA LEU B 622 -23.98 -13.80 -34.34
C LEU B 622 -23.57 -12.41 -33.88
N LEU B 623 -24.57 -11.52 -33.81
CA LEU B 623 -24.42 -10.20 -33.17
C LEU B 623 -25.05 -10.25 -31.80
N VAL B 624 -24.28 -9.89 -30.78
CA VAL B 624 -24.74 -9.91 -29.40
C VAL B 624 -24.64 -8.53 -28.76
N SER B 625 -25.61 -8.22 -27.91
CA SER B 625 -25.68 -6.95 -27.21
C SER B 625 -26.29 -7.17 -25.82
N PRO B 626 -25.48 -7.63 -24.85
CA PRO B 626 -25.94 -7.97 -23.54
C PRO B 626 -26.58 -6.79 -22.83
N VAL B 627 -27.55 -7.07 -21.99
CA VAL B 627 -28.12 -6.06 -21.08
C VAL B 627 -27.10 -5.75 -20.00
N LEU B 628 -26.59 -4.52 -19.98
CA LEU B 628 -25.63 -4.11 -18.94
C LEU B 628 -26.15 -2.99 -18.03
N GLY B 629 -27.36 -2.47 -18.28
CA GLY B 629 -27.95 -1.43 -17.42
C GLY B 629 -28.63 -2.05 -16.21
N GLU B 630 -28.41 -1.44 -15.05
CA GLU B 630 -29.22 -1.73 -13.88
C GLU B 630 -30.68 -1.43 -14.17
N ALA B 631 -31.54 -2.41 -13.93
CA ALA B 631 -33.00 -2.23 -13.96
C ALA B 631 -33.42 -1.78 -15.34
N GLN B 632 -32.79 -2.35 -16.34
CA GLN B 632 -33.01 -1.95 -17.73
C GLN B 632 -34.22 -2.77 -18.24
N HIS B 633 -35.21 -2.04 -18.76
CA HIS B 633 -36.49 -2.56 -19.25
C HIS B 633 -36.53 -2.68 -20.76
N SER B 634 -35.56 -2.05 -21.44
CA SER B 634 -35.42 -2.14 -22.90
C SER B 634 -34.08 -1.60 -23.35
N LYS B 635 -33.68 -1.97 -24.56
CA LYS B 635 -32.40 -1.59 -25.12
C LYS B 635 -32.62 -1.00 -26.51
N GLN B 636 -31.74 -0.07 -26.86
CA GLN B 636 -31.67 0.52 -28.19
C GLN B 636 -30.45 -0.14 -28.77
N ILE B 637 -30.62 -0.87 -29.86
CA ILE B 637 -29.56 -1.74 -30.41
C ILE B 637 -29.40 -1.39 -31.89
N TYR B 638 -28.22 -0.93 -32.27
CA TYR B 638 -27.94 -0.63 -33.70
C TYR B 638 -27.68 -1.94 -34.41
N LEU B 639 -28.50 -2.25 -35.42
CA LEU B 639 -28.24 -3.36 -36.34
C LEU B 639 -27.73 -2.79 -37.69
N PRO B 640 -26.50 -3.17 -38.10
CA PRO B 640 -26.01 -2.74 -39.39
C PRO B 640 -26.77 -3.37 -40.57
N ALA B 641 -26.46 -2.93 -41.78
CA ALA B 641 -27.22 -3.37 -42.94
C ALA B 641 -27.27 -4.90 -43.05
N GLY B 642 -28.41 -5.38 -43.54
CA GLY B 642 -28.75 -6.79 -43.62
C GLY B 642 -30.09 -7.16 -42.97
N THR B 643 -30.46 -8.43 -43.08
CA THR B 643 -31.57 -8.98 -42.35
C THR B 643 -30.99 -9.75 -41.16
N TRP B 644 -31.65 -9.60 -40.02
CA TRP B 644 -31.17 -10.08 -38.74
C TRP B 644 -32.32 -10.82 -38.10
N ILE B 645 -32.06 -12.03 -37.58
CA ILE B 645 -33.07 -12.87 -36.97
C ILE B 645 -32.81 -13.00 -35.45
N ASP B 646 -33.78 -12.61 -34.63
CA ASP B 646 -33.67 -12.74 -33.14
C ASP B 646 -33.48 -14.20 -32.78
N TYR B 647 -32.32 -14.55 -32.25
CA TYR B 647 -31.93 -15.92 -31.92
C TYR B 647 -32.86 -16.62 -30.98
N HIS B 648 -33.47 -15.90 -30.04
CA HIS B 648 -34.27 -16.51 -28.98
C HIS B 648 -35.78 -16.33 -29.20
N ARG B 649 -36.18 -15.25 -29.88
CA ARG B 649 -37.63 -14.92 -30.10
C ARG B 649 -38.17 -15.16 -31.53
N GLY B 650 -37.28 -15.24 -32.53
CA GLY B 650 -37.65 -15.67 -33.88
C GLY B 650 -37.93 -14.57 -34.90
N GLN B 651 -38.28 -13.37 -34.46
CA GLN B 651 -38.69 -12.33 -35.42
C GLN B 651 -37.50 -11.78 -36.18
N THR B 652 -37.76 -11.27 -37.37
CA THR B 652 -36.73 -10.72 -38.24
C THR B 652 -36.75 -9.21 -38.15
N TYR B 653 -35.57 -8.60 -38.29
CA TYR B 653 -35.40 -7.15 -38.33
C TYR B 653 -34.62 -6.82 -39.57
N SER B 654 -35.02 -5.77 -40.27
CA SER B 654 -34.19 -5.16 -41.29
C SER B 654 -33.14 -4.29 -40.59
N GLY B 655 -31.93 -4.30 -41.14
CA GLY B 655 -30.80 -3.54 -40.58
C GLY B 655 -30.74 -2.07 -40.97
N GLY B 656 -29.61 -1.43 -40.72
CA GLY B 656 -29.48 -0.02 -41.00
C GLY B 656 -30.26 0.89 -40.04
N GLN B 657 -30.54 0.37 -38.82
CA GLN B 657 -31.29 1.13 -37.80
C GLN B 657 -31.02 0.65 -36.38
N THR B 658 -31.42 1.51 -35.47
CA THR B 658 -31.33 1.24 -34.06
C THR B 658 -32.75 0.75 -33.71
N ILE B 659 -32.87 -0.47 -33.15
CA ILE B 659 -34.19 -1.05 -32.81
C ILE B 659 -34.53 -0.87 -31.36
N HIS B 660 -35.83 -0.88 -31.07
CA HIS B 660 -36.29 -0.89 -29.66
C HIS B 660 -36.44 -2.35 -29.24
N TYR B 661 -35.70 -2.79 -28.24
CA TYR B 661 -35.72 -4.20 -27.84
C TYR B 661 -36.24 -4.34 -26.39
N PRO B 662 -37.47 -4.88 -26.22
CA PRO B 662 -37.98 -4.96 -24.86
C PRO B 662 -37.28 -6.07 -24.09
N VAL B 663 -36.94 -5.83 -22.83
CA VAL B 663 -36.41 -6.92 -22.00
C VAL B 663 -37.16 -7.02 -20.71
N ASN B 664 -37.18 -8.24 -20.24
CA ASN B 664 -37.84 -8.54 -19.00
C ASN B 664 -36.91 -8.26 -17.80
N ALA B 665 -37.11 -7.13 -17.16
CA ALA B 665 -36.35 -6.78 -15.99
C ALA B 665 -36.68 -7.71 -14.77
N ASP B 666 -37.83 -8.39 -14.79
CA ASP B 666 -38.20 -9.26 -13.67
C ASP B 666 -37.41 -10.57 -13.64
N THR B 667 -37.23 -11.20 -14.79
CA THR B 667 -36.58 -12.53 -14.83
C THR B 667 -35.10 -12.58 -15.22
N TRP B 668 -34.63 -11.49 -15.82
CA TRP B 668 -33.23 -11.40 -16.32
C TRP B 668 -32.80 -12.58 -17.24
N THR B 669 -33.72 -13.09 -18.06
CA THR B 669 -33.44 -14.29 -18.82
C THR B 669 -33.00 -13.93 -20.22
N ASP B 670 -33.07 -12.65 -20.59
CA ASP B 670 -32.79 -12.21 -21.97
C ASP B 670 -31.30 -11.93 -22.20
N VAL B 671 -30.74 -12.53 -23.24
CA VAL B 671 -29.44 -12.13 -23.78
C VAL B 671 -29.68 -11.80 -25.24
N PRO B 672 -29.80 -10.50 -25.57
CA PRO B 672 -30.13 -10.13 -26.91
C PRO B 672 -29.09 -10.60 -27.93
N LEU B 673 -29.52 -11.42 -28.87
CA LEU B 673 -28.60 -12.12 -29.77
C LEU B 673 -29.28 -12.22 -31.13
N PHE B 674 -28.58 -11.84 -32.19
CA PHE B 674 -29.14 -11.79 -33.52
C PHE B 674 -28.27 -12.60 -34.52
N VAL B 675 -28.97 -13.40 -35.32
CA VAL B 675 -28.41 -14.20 -36.37
C VAL B 675 -28.28 -13.37 -37.65
N LYS B 676 -27.07 -13.31 -38.18
CA LYS B 676 -26.78 -12.56 -39.41
C LYS B 676 -27.28 -13.38 -40.60
N GLN B 677 -28.03 -12.77 -41.50
CA GLN B 677 -28.44 -13.45 -42.74
C GLN B 677 -27.26 -14.23 -43.37
N GLY B 678 -27.48 -15.49 -43.72
CA GLY B 678 -26.41 -16.32 -44.32
C GLY B 678 -25.69 -17.23 -43.33
N ALA B 679 -25.97 -17.06 -42.05
CA ALA B 679 -25.37 -17.83 -40.95
C ALA B 679 -25.40 -19.31 -41.19
N ILE B 680 -24.29 -19.94 -40.81
CA ILE B 680 -24.13 -21.37 -40.71
C ILE B 680 -23.41 -21.62 -39.35
N ILE B 681 -24.11 -22.29 -38.44
CA ILE B 681 -23.67 -22.38 -37.04
C ILE B 681 -23.61 -23.83 -36.56
N PRO B 682 -22.42 -24.42 -36.53
CA PRO B 682 -22.35 -25.74 -35.95
C PRO B 682 -22.64 -25.67 -34.44
N ASN B 683 -23.40 -26.60 -33.93
CA ASN B 683 -23.61 -26.74 -32.51
C ASN B 683 -23.85 -28.20 -32.13
N GLN B 684 -23.75 -28.47 -30.83
CA GLN B 684 -23.73 -29.83 -30.30
C GLN B 684 -24.45 -29.82 -28.98
N GLN B 685 -24.78 -31.01 -28.52
CA GLN B 685 -25.21 -31.22 -27.12
C GLN B 685 -24.28 -30.51 -26.08
N VAL B 686 -24.86 -30.09 -24.98
CA VAL B 686 -24.11 -29.45 -23.89
C VAL B 686 -23.33 -30.50 -23.16
N LEU B 687 -22.03 -30.31 -23.09
CA LEU B 687 -21.17 -31.10 -22.19
C LEU B 687 -20.81 -30.31 -20.94
N ASP B 688 -20.63 -30.96 -19.79
CA ASP B 688 -20.08 -30.27 -18.56
C ASP B 688 -18.64 -29.72 -18.72
N TYR B 689 -17.88 -30.35 -19.60
CA TYR B 689 -16.53 -29.94 -19.94
C TYR B 689 -16.19 -30.50 -21.30
N VAL B 690 -15.15 -29.95 -21.93
CA VAL B 690 -15.07 -30.02 -23.38
C VAL B 690 -14.81 -31.38 -23.98
N ASP B 691 -14.31 -32.32 -23.19
CA ASP B 691 -14.01 -33.66 -23.73
C ASP B 691 -14.62 -34.73 -22.84
N GLN B 692 -15.73 -34.38 -22.18
CA GLN B 692 -16.52 -35.33 -21.40
C GLN B 692 -16.84 -36.59 -22.18
N GLN B 693 -17.29 -36.44 -23.44
CA GLN B 693 -17.49 -37.56 -24.35
C GLN B 693 -17.33 -37.12 -25.77
N SER B 694 -17.16 -38.11 -26.64
CA SER B 694 -17.24 -37.94 -28.10
C SER B 694 -18.58 -37.38 -28.53
N VAL B 695 -18.54 -36.49 -29.51
CA VAL B 695 -19.76 -35.92 -30.06
C VAL B 695 -19.79 -36.45 -31.48
N THR B 696 -20.72 -37.37 -31.74
CA THR B 696 -20.83 -38.09 -33.04
C THR B 696 -21.85 -37.44 -33.98
N THR B 697 -22.86 -36.74 -33.43
CA THR B 697 -23.69 -35.80 -34.18
C THR B 697 -23.46 -34.31 -33.86
N VAL B 698 -23.30 -33.54 -34.90
CA VAL B 698 -23.13 -32.10 -34.83
C VAL B 698 -24.24 -31.41 -35.63
N ASN B 699 -25.02 -30.59 -34.93
CA ASN B 699 -26.08 -29.84 -35.55
C ASN B 699 -25.46 -28.70 -36.34
N VAL B 700 -26.02 -28.37 -37.50
CA VAL B 700 -25.57 -27.17 -38.25
C VAL B 700 -26.82 -26.30 -38.53
N ASP B 701 -26.92 -25.14 -37.90
CA ASP B 701 -28.07 -24.26 -38.13
C ASP B 701 -27.77 -23.35 -39.27
N ILE B 702 -28.63 -23.39 -40.30
CA ILE B 702 -28.42 -22.63 -41.53
C ILE B 702 -29.57 -21.66 -41.84
N PHE B 703 -29.21 -20.38 -42.07
CA PHE B 703 -30.17 -19.28 -42.36
C PHE B 703 -29.83 -18.70 -43.74
N PRO B 704 -30.21 -19.39 -44.84
CA PRO B 704 -29.79 -19.08 -46.22
C PRO B 704 -30.06 -17.64 -46.67
N SER B 705 -29.03 -17.03 -47.24
CA SER B 705 -29.16 -15.74 -47.89
C SER B 705 -28.96 -15.92 -49.40
N ALA B 706 -29.31 -14.86 -50.11
CA ALA B 706 -29.21 -14.86 -51.56
C ALA B 706 -27.81 -15.08 -52.08
N SER B 707 -26.76 -14.77 -51.33
CA SER B 707 -25.38 -15.05 -51.76
C SER B 707 -24.92 -16.32 -51.11
N GLU B 708 -23.96 -17.00 -51.71
CA GLU B 708 -23.45 -18.19 -51.09
C GLU B 708 -22.68 -17.74 -49.86
N THR B 709 -22.90 -18.41 -48.73
CA THR B 709 -22.09 -18.20 -47.55
C THR B 709 -21.47 -19.52 -47.12
N SER B 710 -20.33 -19.49 -46.46
CA SER B 710 -19.77 -20.77 -45.99
C SER B 710 -19.24 -20.74 -44.53
N PHE B 711 -19.12 -21.92 -43.93
CA PHE B 711 -18.47 -22.13 -42.64
C PHE B 711 -17.68 -23.41 -42.78
N THR B 712 -16.42 -23.40 -42.32
CA THR B 712 -15.58 -24.58 -42.46
C THR B 712 -15.53 -25.26 -41.11
N TYR B 713 -16.16 -26.41 -40.99
CA TYR B 713 -16.13 -27.17 -39.74
C TYR B 713 -14.71 -27.67 -39.50
N TYR B 714 -14.32 -27.77 -38.23
CA TYR B 714 -12.95 -28.11 -37.83
C TYR B 714 -12.91 -28.97 -36.59
N GLU B 715 -12.09 -30.01 -36.64
CA GLU B 715 -11.76 -30.79 -35.46
C GLU B 715 -10.27 -31.09 -35.52
N ASP B 716 -9.69 -31.26 -34.32
CA ASP B 716 -8.35 -31.82 -34.12
C ASP B 716 -8.29 -32.44 -32.68
N ASP B 717 -7.12 -32.80 -32.15
CA ASP B 717 -7.06 -33.39 -30.80
C ASP B 717 -7.31 -32.44 -29.63
N GLY B 718 -7.45 -31.14 -29.89
CA GLY B 718 -7.77 -30.18 -28.83
C GLY B 718 -6.72 -30.00 -27.74
N SER B 719 -5.52 -30.51 -27.96
CA SER B 719 -4.55 -30.60 -26.87
C SER B 719 -3.04 -30.70 -27.21
N SER B 720 -2.69 -30.93 -28.47
CA SER B 720 -1.30 -31.02 -28.85
C SER B 720 -1.03 -30.07 -29.95
N TYR B 721 0.24 -29.88 -30.28
CA TYR B 721 0.62 -29.15 -31.51
C TYR B 721 0.66 -30.03 -32.80
N ASP B 722 0.07 -31.25 -32.79
CA ASP B 722 -0.04 -32.09 -34.02
C ASP B 722 -0.72 -31.36 -35.18
N TYR B 723 -1.66 -30.43 -34.91
CA TYR B 723 -2.24 -29.61 -35.97
C TYR B 723 -1.23 -28.88 -36.88
N GLU B 724 -0.05 -28.55 -36.35
CA GLU B 724 0.97 -27.81 -37.12
C GLU B 724 1.52 -28.56 -38.34
N SER B 725 1.61 -29.87 -38.25
CA SER B 725 2.03 -30.73 -39.35
C SER B 725 0.86 -31.42 -40.10
N GLY B 726 -0.36 -30.86 -40.06
CA GLY B 726 -1.55 -31.38 -40.77
C GLY B 726 -2.52 -32.33 -40.02
N SER B 727 -2.31 -32.57 -38.74
CA SER B 727 -3.15 -33.53 -38.07
C SER B 727 -4.40 -32.80 -37.57
N SER B 728 -5.34 -32.62 -38.48
CA SER B 728 -6.64 -32.04 -38.18
C SER B 728 -7.62 -32.43 -39.27
N PHE B 729 -8.88 -32.12 -39.01
CA PHE B 729 -9.94 -32.38 -39.95
C PHE B 729 -10.69 -31.11 -40.25
N GLU B 730 -10.95 -30.88 -41.54
CA GLU B 730 -11.95 -29.88 -41.93
C GLU B 730 -12.94 -30.37 -43.00
N GLN B 731 -14.03 -29.59 -43.14
CA GLN B 731 -15.08 -29.88 -44.06
C GLN B 731 -15.86 -28.58 -44.27
N ARG B 732 -15.83 -28.09 -45.51
CA ARG B 732 -16.52 -26.85 -45.90
C ARG B 732 -18.06 -27.01 -46.06
N LEU B 733 -18.83 -26.24 -45.31
CA LEU B 733 -20.27 -26.22 -45.42
C LEU B 733 -20.66 -24.89 -46.05
N ALA B 734 -21.56 -24.95 -47.03
CA ALA B 734 -21.98 -23.81 -47.83
C ALA B 734 -23.50 -23.83 -48.07
N ALA B 735 -24.10 -22.65 -48.30
CA ALA B 735 -25.56 -22.58 -48.45
C ALA B 735 -25.95 -21.35 -49.24
N GLN B 736 -27.09 -21.44 -49.92
CA GLN B 736 -27.58 -20.35 -50.71
C GLN B 736 -29.07 -20.49 -50.89
N ASP B 737 -29.76 -19.34 -50.92
CA ASP B 737 -31.19 -19.33 -51.12
C ASP B 737 -31.39 -18.99 -52.58
N LEU B 738 -31.89 -19.93 -53.36
CA LEU B 738 -32.10 -19.71 -54.80
C LEU B 738 -33.56 -19.30 -54.91
N SER B 739 -34.06 -19.10 -56.13
CA SER B 739 -35.46 -18.59 -56.33
C SER B 739 -36.59 -19.49 -55.76
N SER B 740 -36.48 -20.80 -55.97
CA SER B 740 -37.47 -21.73 -55.45
C SER B 740 -36.85 -22.89 -54.70
N SER B 741 -35.61 -22.74 -54.27
CA SER B 741 -34.97 -23.81 -53.49
C SER B 741 -33.82 -23.27 -52.65
N VAL B 742 -33.40 -24.05 -51.66
CA VAL B 742 -32.16 -23.82 -50.92
C VAL B 742 -31.13 -24.91 -51.37
N ARG B 743 -29.89 -24.49 -51.58
CA ARG B 743 -28.81 -25.36 -51.96
C ARG B 743 -27.73 -25.36 -50.85
N VAL B 744 -27.35 -26.54 -50.36
CA VAL B 744 -26.34 -26.71 -49.30
C VAL B 744 -25.25 -27.61 -49.85
N GLU B 745 -24.02 -27.08 -49.97
CA GLU B 745 -22.81 -27.85 -50.39
C GLU B 745 -22.12 -28.39 -49.11
N VAL B 746 -22.09 -29.69 -48.91
CA VAL B 746 -21.18 -30.29 -47.90
C VAL B 746 -19.98 -30.86 -48.65
N GLY B 747 -18.82 -30.25 -48.45
CA GLY B 747 -17.60 -30.65 -49.13
C GLY B 747 -17.11 -32.00 -48.67
N ALA B 748 -16.09 -32.51 -49.35
CA ALA B 748 -15.46 -33.74 -48.91
C ALA B 748 -14.57 -33.38 -47.73
N GLY B 749 -14.32 -34.35 -46.86
CA GLY B 749 -13.31 -34.12 -45.80
C GLY B 749 -11.93 -33.72 -46.34
N SER B 750 -11.12 -33.08 -45.51
CA SER B 750 -9.69 -32.96 -45.80
C SER B 750 -8.89 -33.02 -44.49
N GLY B 751 -7.61 -33.37 -44.61
CA GLY B 751 -6.65 -33.48 -43.48
C GLY B 751 -6.56 -34.89 -42.90
N SER B 752 -5.51 -35.23 -42.15
CA SER B 752 -5.35 -36.64 -41.68
C SER B 752 -6.07 -37.03 -40.36
N TYR B 753 -6.64 -36.11 -39.60
CA TYR B 753 -7.29 -36.46 -38.31
C TYR B 753 -8.63 -37.17 -38.53
N THR B 754 -8.92 -38.21 -37.77
CA THR B 754 -10.21 -38.90 -37.90
C THR B 754 -11.10 -38.23 -36.89
N PRO B 755 -12.16 -37.55 -37.37
CA PRO B 755 -12.96 -36.81 -36.42
C PRO B 755 -13.92 -37.73 -35.75
N ASP B 756 -14.40 -37.29 -34.58
CA ASP B 756 -15.49 -37.94 -33.86
C ASP B 756 -16.81 -37.86 -34.58
N VAL B 757 -17.08 -36.73 -35.23
CA VAL B 757 -18.39 -36.51 -35.85
C VAL B 757 -18.63 -37.57 -36.95
N GLN B 758 -19.78 -38.26 -36.89
CA GLN B 758 -20.22 -39.27 -37.85
C GLN B 758 -21.33 -38.70 -38.77
N HIS B 759 -22.21 -37.82 -38.24
CA HIS B 759 -23.32 -37.22 -39.02
C HIS B 759 -23.47 -35.75 -38.72
N TYR B 760 -23.74 -34.92 -39.72
CA TYR B 760 -24.30 -33.57 -39.47
C TYR B 760 -25.82 -33.69 -39.54
N VAL B 761 -26.53 -32.98 -38.66
CA VAL B 761 -27.96 -32.73 -38.84
C VAL B 761 -28.10 -31.29 -39.24
N LEU B 762 -28.33 -31.05 -40.52
CA LEU B 762 -28.53 -29.68 -41.04
C LEU B 762 -29.91 -29.21 -40.58
N LYS B 763 -30.01 -28.00 -40.03
CA LYS B 763 -31.33 -27.40 -39.78
C LYS B 763 -31.44 -26.17 -40.62
N ILE B 764 -32.13 -26.35 -41.72
CA ILE B 764 -32.21 -25.33 -42.72
C ILE B 764 -33.47 -24.50 -42.48
N HIS B 765 -33.31 -23.24 -42.07
CA HIS B 765 -34.47 -22.39 -41.69
C HIS B 765 -34.98 -21.57 -42.85
N GLY B 766 -36.28 -21.30 -42.80
CA GLY B 766 -36.94 -20.39 -43.76
C GLY B 766 -37.64 -21.06 -44.92
N ARG B 767 -37.63 -22.40 -44.94
CA ARG B 767 -38.37 -23.22 -45.91
C ARG B 767 -38.62 -24.59 -45.31
N ALA B 768 -39.85 -25.07 -45.37
CA ALA B 768 -40.12 -26.48 -45.01
C ALA B 768 -40.36 -27.15 -46.37
N GLY B 769 -39.29 -27.74 -46.92
CA GLY B 769 -39.35 -28.39 -48.22
C GLY B 769 -40.40 -29.50 -48.26
N SER B 770 -40.95 -29.69 -49.45
CA SER B 770 -41.74 -30.85 -49.70
C SER B 770 -40.88 -31.96 -50.39
N ALA B 771 -39.64 -31.65 -50.79
CA ALA B 771 -38.72 -32.62 -51.40
C ALA B 771 -37.26 -32.23 -51.13
N VAL B 772 -36.41 -33.24 -50.90
CA VAL B 772 -35.00 -33.05 -50.63
C VAL B 772 -34.15 -34.13 -51.29
N THR B 773 -33.21 -33.68 -52.11
CA THR B 773 -32.30 -34.56 -52.80
C THR B 773 -30.89 -34.29 -52.33
N ALA B 774 -30.02 -35.28 -52.55
CA ALA B 774 -28.60 -35.19 -52.31
C ALA B 774 -27.89 -35.86 -53.51
N GLY B 775 -27.13 -35.06 -54.28
CA GLY B 775 -26.52 -35.49 -55.52
C GLY B 775 -27.56 -35.98 -56.52
N GLY B 776 -28.70 -35.28 -56.60
CA GLY B 776 -29.82 -35.66 -57.47
C GLY B 776 -30.81 -36.72 -56.96
N SER B 777 -30.45 -37.49 -55.92
CA SER B 777 -31.26 -38.63 -55.41
C SER B 777 -32.04 -38.24 -54.21
N ALA B 778 -33.27 -38.71 -54.12
CA ALA B 778 -34.11 -38.39 -53.01
C ALA B 778 -33.51 -38.97 -51.77
N LEU B 779 -33.61 -38.24 -50.67
CA LEU B 779 -33.29 -38.76 -49.32
C LEU B 779 -34.56 -39.34 -48.70
N THR B 780 -34.43 -40.48 -48.00
CA THR B 780 -35.53 -41.10 -47.26
C THR B 780 -36.20 -40.10 -46.31
N GLY B 781 -37.47 -39.77 -46.57
CA GLY B 781 -38.27 -38.91 -45.66
C GLY B 781 -38.69 -39.56 -44.34
N TYR B 782 -38.54 -38.80 -43.24
CA TYR B 782 -38.98 -39.19 -41.88
C TYR B 782 -40.01 -38.22 -41.36
N GLY B 783 -40.78 -38.65 -40.36
CA GLY B 783 -42.01 -37.93 -39.91
C GLY B 783 -41.74 -36.72 -39.05
N ASP B 784 -40.78 -36.89 -38.14
CA ASP B 784 -40.33 -35.84 -37.24
C ASP B 784 -38.81 -35.90 -37.05
N LEU B 785 -38.29 -34.94 -36.30
CA LEU B 785 -36.88 -34.82 -36.06
C LEU B 785 -36.36 -36.05 -35.38
N GLN B 786 -37.10 -36.51 -34.34
CA GLN B 786 -36.74 -37.67 -33.48
C GLN B 786 -36.49 -38.95 -34.27
N ALA B 787 -37.37 -39.21 -35.23
CA ALA B 787 -37.33 -40.38 -36.09
C ALA B 787 -36.07 -40.32 -36.98
N LEU B 788 -35.75 -39.11 -37.48
CA LEU B 788 -34.58 -38.85 -38.34
C LEU B 788 -33.30 -39.09 -37.59
N GLN B 789 -33.28 -38.71 -36.31
CA GLN B 789 -32.09 -38.94 -35.46
C GLN B 789 -31.92 -40.42 -35.11
N ALA B 790 -33.02 -41.13 -34.91
CA ALA B 790 -33.02 -42.56 -34.63
C ALA B 790 -32.48 -43.40 -35.82
N ALA B 791 -32.80 -42.96 -37.03
CA ALA B 791 -32.35 -43.61 -38.26
C ALA B 791 -30.84 -43.52 -38.44
N SER B 792 -30.21 -44.64 -38.76
CA SER B 792 -28.84 -44.62 -39.25
C SER B 792 -28.82 -44.25 -40.75
N GLY B 793 -27.66 -43.87 -41.27
CA GLY B 793 -27.63 -43.42 -42.66
C GLY B 793 -28.48 -42.18 -42.85
N SER B 794 -28.55 -41.72 -44.08
CA SER B 794 -29.05 -40.39 -44.33
C SER B 794 -30.61 -40.27 -44.34
N GLY B 795 -31.09 -39.03 -44.35
CA GLY B 795 -32.54 -38.75 -44.42
C GLY B 795 -32.91 -37.29 -44.23
N TRP B 796 -34.19 -36.98 -44.37
CA TRP B 796 -34.68 -35.64 -44.08
C TRP B 796 -35.99 -35.65 -43.34
N ALA B 797 -36.36 -34.46 -42.85
CA ALA B 797 -37.68 -34.20 -42.25
C ALA B 797 -37.92 -32.69 -42.23
N SER B 798 -39.13 -32.28 -41.92
CA SER B 798 -39.49 -30.89 -41.87
C SER B 798 -40.30 -30.65 -40.62
N GLY B 799 -40.44 -29.38 -40.30
CA GLY B 799 -41.10 -29.03 -39.08
C GLY B 799 -41.19 -27.54 -38.93
N ARG B 800 -41.50 -27.16 -37.71
CA ARG B 800 -41.60 -25.78 -37.35
C ARG B 800 -40.77 -25.57 -36.09
N ASP B 801 -40.04 -24.47 -36.01
CA ASP B 801 -39.38 -24.02 -34.78
C ASP B 801 -39.73 -22.50 -34.57
N ILE B 802 -39.08 -21.88 -33.62
CA ILE B 802 -39.24 -20.45 -33.28
C ILE B 802 -39.08 -19.46 -34.47
N TYR B 803 -38.19 -19.80 -35.41
CA TYR B 803 -37.92 -18.96 -36.60
C TYR B 803 -38.89 -19.21 -37.76
N GLY B 804 -39.68 -20.28 -37.70
CA GLY B 804 -40.69 -20.59 -38.68
C GLY B 804 -40.48 -21.99 -39.28
N ASP B 805 -40.64 -22.10 -40.60
CA ASP B 805 -40.48 -23.40 -41.30
C ASP B 805 -39.03 -23.81 -41.31
N VAL B 806 -38.78 -25.10 -41.11
CA VAL B 806 -37.45 -25.63 -41.08
C VAL B 806 -37.47 -27.00 -41.76
N THR B 807 -36.35 -27.32 -42.39
CA THR B 807 -36.13 -28.61 -43.04
C THR B 807 -34.85 -29.21 -42.41
N TYR B 808 -34.99 -30.42 -41.88
CA TYR B 808 -33.90 -31.17 -41.26
C TYR B 808 -33.34 -32.12 -42.25
N VAL B 809 -32.02 -32.18 -42.38
CA VAL B 809 -31.33 -33.08 -43.31
C VAL B 809 -30.18 -33.74 -42.57
N LYS B 810 -30.20 -35.05 -42.42
CA LYS B 810 -29.13 -35.74 -41.75
C LYS B 810 -28.24 -36.40 -42.79
N LEU B 811 -26.95 -36.08 -42.76
CA LEU B 811 -25.98 -36.54 -43.74
C LEU B 811 -24.81 -37.15 -43.02
N PRO B 812 -24.02 -37.99 -43.71
CA PRO B 812 -22.81 -38.48 -43.06
C PRO B 812 -21.70 -37.45 -43.18
N ALA B 813 -20.93 -37.26 -42.09
CA ALA B 813 -19.73 -36.41 -42.10
C ALA B 813 -18.50 -37.16 -42.56
N ALA B 814 -17.48 -36.40 -42.91
CA ALA B 814 -16.19 -36.96 -43.34
C ALA B 814 -16.32 -38.10 -44.34
N SER B 815 -17.22 -37.98 -45.29
CA SER B 815 -17.19 -38.86 -46.42
C SER B 815 -16.01 -38.33 -47.26
N GLY B 816 -15.57 -39.13 -48.22
CA GLY B 816 -14.56 -38.66 -49.15
C GLY B 816 -15.09 -37.86 -50.33
N SER B 817 -16.42 -37.74 -50.47
CA SER B 817 -17.05 -37.10 -51.63
C SER B 817 -17.97 -35.95 -51.20
N ALA B 818 -17.93 -34.83 -51.95
CA ALA B 818 -18.84 -33.72 -51.73
C ALA B 818 -20.29 -34.17 -52.05
N THR B 819 -21.28 -33.49 -51.48
CA THR B 819 -22.69 -33.65 -51.90
C THR B 819 -23.33 -32.31 -52.04
N VAL B 820 -24.26 -32.23 -52.97
CA VAL B 820 -25.11 -31.08 -53.09
C VAL B 820 -26.55 -31.42 -52.60
N VAL B 821 -27.00 -30.77 -51.52
CA VAL B 821 -28.35 -30.90 -51.02
C VAL B 821 -29.23 -29.81 -51.62
N GLU B 822 -30.42 -30.20 -52.05
CA GLU B 822 -31.37 -29.28 -52.68
C GLU B 822 -32.66 -29.50 -51.96
N VAL B 823 -33.15 -28.44 -51.31
CA VAL B 823 -34.43 -28.47 -50.67
C VAL B 823 -35.40 -27.68 -51.53
N SER B 824 -36.40 -28.35 -52.10
CA SER B 824 -37.45 -27.68 -52.86
C SER B 824 -38.89 -27.84 -52.30
N GLY B 825 -39.76 -26.97 -52.83
CA GLY B 825 -41.17 -26.93 -52.52
C GLY B 825 -41.38 -26.24 -51.19
N SER B 826 -42.64 -26.22 -50.74
CA SER B 826 -43.02 -25.62 -49.48
C SER B 826 -44.28 -26.31 -48.96
N ALA B 827 -44.16 -27.14 -47.93
CA ALA B 827 -45.31 -27.71 -47.22
C ALA B 827 -45.18 -27.41 -45.73
N PRO B 828 -45.56 -26.21 -45.33
CA PRO B 828 -45.49 -25.85 -43.88
C PRO B 828 -46.02 -26.93 -42.93
N SER B 829 -45.34 -27.17 -41.80
CA SER B 829 -45.86 -28.07 -40.77
C SER B 829 -47.09 -27.48 -40.20
N ALA B 830 -48.06 -28.35 -39.96
CA ALA B 830 -49.30 -27.98 -39.25
C ALA B 830 -49.15 -28.16 -37.73
N ALA B 831 -48.00 -28.70 -37.30
CA ALA B 831 -47.66 -28.79 -35.87
C ALA B 831 -48.00 -27.51 -35.04
N THR B 832 -48.62 -27.70 -33.88
CA THR B 832 -48.96 -26.61 -32.96
C THR B 832 -47.98 -26.47 -31.81
N HIS B 833 -47.16 -27.49 -31.59
CA HIS B 833 -46.28 -27.56 -30.42
C HIS B 833 -44.91 -27.98 -30.84
N ALA B 834 -43.92 -27.33 -30.23
CA ALA B 834 -42.54 -27.81 -30.17
C ALA B 834 -42.46 -28.84 -29.05
N ILE B 835 -41.67 -29.89 -29.30
CA ILE B 835 -41.48 -31.00 -28.41
C ILE B 835 -40.03 -31.04 -27.90
N TYR B 836 -39.85 -31.17 -26.59
CA TYR B 836 -38.58 -31.23 -25.95
C TYR B 836 -38.45 -32.54 -25.22
N GLU B 837 -37.59 -33.41 -25.76
CA GLU B 837 -37.31 -34.70 -25.13
C GLU B 837 -36.45 -34.44 -23.90
N VAL B 838 -36.96 -34.77 -22.72
CA VAL B 838 -36.27 -34.43 -21.45
C VAL B 838 -35.02 -35.27 -21.15
N GLU B 839 -34.91 -36.47 -21.73
CA GLU B 839 -33.61 -37.17 -21.76
C GLU B 839 -32.47 -36.37 -22.41
N ASP B 840 -32.79 -35.42 -23.30
CA ASP B 840 -31.76 -34.52 -23.89
C ASP B 840 -31.54 -33.26 -23.05
N ALA B 841 -32.37 -33.01 -22.02
CA ALA B 841 -32.29 -31.75 -21.32
C ALA B 841 -31.29 -31.86 -20.19
N SER B 842 -31.27 -30.85 -19.32
CA SER B 842 -30.28 -30.75 -18.25
C SER B 842 -30.78 -31.36 -16.94
N ARG B 843 -30.02 -32.33 -16.45
CA ARG B 843 -30.35 -33.05 -15.24
C ARG B 843 -29.45 -32.63 -14.08
N SER B 844 -30.07 -32.52 -12.91
CA SER B 844 -29.37 -31.99 -11.78
C SER B 844 -29.93 -32.54 -10.50
N GLY B 845 -29.21 -32.26 -9.42
CA GLY B 845 -29.59 -32.72 -8.10
C GLY B 845 -28.72 -32.10 -7.05
N ALA B 846 -28.99 -32.44 -5.79
CA ALA B 846 -28.23 -31.92 -4.66
C ALA B 846 -26.73 -32.23 -4.73
N THR B 847 -26.34 -33.39 -5.27
CA THR B 847 -24.94 -33.81 -5.36
C THR B 847 -24.68 -34.41 -6.74
N PRO B 848 -23.40 -34.56 -7.12
CA PRO B 848 -23.06 -35.22 -8.42
C PRO B 848 -23.65 -36.62 -8.69
N THR B 849 -23.91 -37.37 -7.62
CA THR B 849 -24.47 -38.73 -7.72
C THR B 849 -25.98 -38.78 -7.47
N THR B 850 -26.59 -37.68 -7.03
CA THR B 850 -28.01 -37.68 -6.78
C THR B 850 -28.82 -36.90 -7.83
N ARG B 851 -28.25 -36.79 -9.03
CA ARG B 851 -28.93 -36.13 -10.15
C ARG B 851 -29.95 -37.07 -10.77
N ALA B 852 -30.95 -36.47 -11.39
CA ALA B 852 -31.83 -37.23 -12.25
C ALA B 852 -31.08 -37.94 -13.34
N GLY B 853 -31.73 -38.98 -13.87
CA GLY B 853 -31.11 -39.97 -14.74
C GLY B 853 -31.80 -40.13 -16.06
N ILE B 854 -31.14 -40.82 -16.99
CA ILE B 854 -31.73 -41.18 -18.26
C ILE B 854 -31.96 -42.69 -18.21
N ASN B 855 -32.98 -43.15 -18.92
CA ASN B 855 -33.25 -44.58 -18.97
C ASN B 855 -34.14 -45.05 -20.13
N THR B 856 -34.18 -46.37 -20.33
CA THR B 856 -34.97 -47.00 -21.40
C THR B 856 -35.69 -48.28 -20.91
N ASN B 857 -35.83 -48.46 -19.57
CA ASN B 857 -36.26 -49.76 -19.01
C ASN B 857 -37.79 -49.94 -18.77
N HIS B 858 -38.61 -49.11 -19.41
CA HIS B 858 -40.06 -49.29 -19.49
C HIS B 858 -40.37 -48.84 -20.88
N SER B 859 -41.25 -49.54 -21.58
CA SER B 859 -41.55 -49.17 -22.97
C SER B 859 -42.54 -48.04 -23.00
N GLY B 860 -42.82 -47.55 -24.20
CA GLY B 860 -43.89 -46.59 -24.44
C GLY B 860 -43.41 -45.14 -24.49
N TYR B 861 -42.10 -44.93 -24.49
CA TYR B 861 -41.54 -43.57 -24.44
C TYR B 861 -41.32 -43.06 -25.85
N SER B 862 -41.42 -41.74 -26.03
CA SER B 862 -41.02 -41.03 -27.25
C SER B 862 -39.51 -40.75 -27.17
N GLY B 863 -38.89 -40.67 -28.34
CA GLY B 863 -37.46 -40.35 -28.45
C GLY B 863 -36.56 -41.52 -28.03
N SER B 864 -35.37 -41.19 -27.52
CA SER B 864 -34.32 -42.14 -27.13
C SER B 864 -34.47 -42.62 -25.70
N GLY B 865 -35.30 -41.92 -24.91
CA GLY B 865 -35.56 -42.34 -23.54
C GLY B 865 -36.52 -41.49 -22.73
N PHE B 866 -36.31 -41.53 -21.43
CA PHE B 866 -37.03 -40.72 -20.44
C PHE B 866 -36.14 -40.46 -19.22
N VAL B 867 -36.59 -39.61 -18.32
CA VAL B 867 -35.80 -39.21 -17.19
C VAL B 867 -36.41 -39.85 -15.99
N ASP B 868 -35.55 -40.44 -15.18
CA ASP B 868 -35.92 -41.12 -13.94
C ASP B 868 -35.01 -40.57 -12.85
N LYS B 869 -34.93 -41.30 -11.74
CA LYS B 869 -34.31 -40.83 -10.48
C LYS B 869 -34.73 -39.43 -10.10
N LEU B 870 -36.00 -39.12 -10.29
CA LEU B 870 -36.64 -37.99 -9.62
C LEU B 870 -37.15 -38.40 -8.20
N ASP B 871 -36.41 -39.27 -7.51
CA ASP B 871 -36.84 -39.86 -6.22
C ASP B 871 -35.90 -39.59 -5.00
N VAL B 872 -34.91 -38.72 -5.17
CA VAL B 872 -34.07 -38.20 -4.09
C VAL B 872 -34.33 -36.70 -4.10
N PRO B 873 -34.57 -36.05 -2.94
CA PRO B 873 -34.91 -34.61 -2.95
C PRO B 873 -33.91 -33.74 -3.65
N GLY B 874 -34.40 -32.64 -4.21
CA GLY B 874 -33.57 -31.73 -4.99
C GLY B 874 -33.31 -32.20 -6.42
N ALA B 875 -33.66 -33.45 -6.76
CA ALA B 875 -33.50 -33.93 -8.14
C ALA B 875 -34.43 -33.22 -9.12
N ALA B 876 -33.94 -33.01 -10.35
CA ALA B 876 -34.62 -32.16 -11.30
C ALA B 876 -34.11 -32.27 -12.72
N VAL B 877 -34.93 -31.77 -13.66
CA VAL B 877 -34.59 -31.66 -15.10
C VAL B 877 -35.13 -30.33 -15.60
N THR B 878 -34.33 -29.67 -16.44
CA THR B 878 -34.57 -28.29 -16.83
C THR B 878 -34.52 -28.17 -18.36
N VAL B 879 -35.59 -27.62 -18.91
CA VAL B 879 -35.70 -27.43 -20.33
C VAL B 879 -35.49 -25.95 -20.62
N TYR B 880 -34.73 -25.64 -21.68
CA TYR B 880 -34.68 -24.29 -22.25
C TYR B 880 -35.52 -24.25 -23.52
N ALA B 881 -36.65 -23.56 -23.40
CA ALA B 881 -37.62 -23.41 -24.47
C ALA B 881 -37.79 -21.95 -24.81
N ASN B 882 -37.74 -21.64 -26.10
CA ASN B 882 -37.97 -20.28 -26.58
C ASN B 882 -39.48 -20.00 -26.80
N ALA B 883 -39.93 -18.81 -26.40
CA ALA B 883 -41.24 -18.28 -26.79
C ALA B 883 -41.12 -17.01 -27.67
N PRO B 884 -42.03 -16.80 -28.65
CA PRO B 884 -41.93 -15.61 -29.50
C PRO B 884 -42.29 -14.33 -28.78
N VAL B 885 -43.23 -14.44 -27.84
CA VAL B 885 -43.72 -13.31 -27.03
C VAL B 885 -44.05 -13.86 -25.64
N SER B 886 -44.34 -12.93 -24.72
CA SER B 886 -44.66 -13.25 -23.35
C SER B 886 -46.15 -13.60 -23.33
N GLY B 887 -46.51 -14.55 -22.49
CA GLY B 887 -47.92 -14.89 -22.31
C GLY B 887 -48.12 -16.26 -21.71
N ASP B 888 -49.35 -16.75 -21.85
CA ASP B 888 -49.77 -18.02 -21.26
C ASP B 888 -49.50 -19.16 -22.28
N TYR B 889 -48.71 -20.14 -21.90
CA TYR B 889 -48.48 -21.26 -22.78
C TYR B 889 -48.84 -22.54 -22.04
N PRO B 890 -49.97 -23.24 -22.44
CA PRO B 890 -50.27 -24.54 -21.79
C PRO B 890 -49.25 -25.58 -22.19
N VAL B 891 -48.46 -26.04 -21.25
CA VAL B 891 -47.34 -26.89 -21.56
C VAL B 891 -47.69 -28.30 -21.14
N GLU B 892 -47.59 -29.22 -22.10
CA GLU B 892 -47.90 -30.61 -21.83
C GLU B 892 -46.69 -31.28 -21.23
N LEU B 893 -46.86 -31.98 -20.10
CA LEU B 893 -45.83 -32.84 -19.53
C LEU B 893 -46.23 -34.28 -19.70
N ARG B 894 -45.42 -35.03 -20.44
CA ARG B 894 -45.60 -36.46 -20.63
C ARG B 894 -44.80 -37.22 -19.56
N TYR B 895 -45.51 -38.08 -18.83
CA TYR B 895 -44.95 -38.78 -17.68
C TYR B 895 -45.62 -40.11 -17.48
N ALA B 896 -44.93 -40.96 -16.73
CA ALA B 896 -45.47 -42.22 -16.17
C ALA B 896 -45.44 -42.26 -14.63
N ASN B 897 -46.43 -42.93 -14.04
CA ASN B 897 -46.61 -43.08 -12.60
C ASN B 897 -47.29 -44.44 -12.30
N GLY B 898 -46.48 -45.49 -12.24
CA GLY B 898 -46.93 -46.86 -11.92
C GLY B 898 -46.92 -47.15 -10.44
N SER B 899 -47.19 -46.13 -9.63
CA SER B 899 -47.00 -46.25 -8.18
C SER B 899 -48.24 -46.78 -7.49
N GLY B 900 -49.40 -46.55 -8.10
CA GLY B 900 -50.69 -46.78 -7.45
C GLY B 900 -51.42 -45.47 -7.23
N SER B 901 -50.72 -44.41 -6.82
CA SER B 901 -51.37 -43.18 -6.37
C SER B 901 -50.73 -41.88 -6.94
N ALA B 902 -51.48 -40.77 -6.85
CA ALA B 902 -50.96 -39.43 -7.15
C ALA B 902 -49.55 -39.23 -6.62
N LYS B 903 -48.71 -38.62 -7.46
CA LYS B 903 -47.36 -38.19 -7.07
C LYS B 903 -47.19 -36.75 -7.53
N THR B 904 -46.48 -35.98 -6.73
CA THR B 904 -46.32 -34.54 -6.90
C THR B 904 -44.84 -34.16 -7.27
N LEU B 905 -44.73 -33.13 -8.11
CA LEU B 905 -43.48 -32.58 -8.59
C LEU B 905 -43.70 -31.09 -8.74
N SER B 906 -42.68 -30.27 -8.51
CA SER B 906 -42.84 -28.80 -8.70
C SER B 906 -42.47 -28.40 -10.13
N VAL B 907 -43.23 -27.45 -10.69
CA VAL B 907 -42.80 -26.82 -11.95
C VAL B 907 -42.36 -25.39 -11.64
N TYR B 908 -41.15 -25.05 -12.08
CA TYR B 908 -40.56 -23.70 -11.93
C TYR B 908 -40.35 -23.11 -13.29
N VAL B 909 -40.68 -21.85 -13.45
CA VAL B 909 -40.42 -21.16 -14.67
C VAL B 909 -39.63 -19.93 -14.30
N ASN B 910 -38.44 -19.82 -14.89
CA ASN B 910 -37.58 -18.66 -14.75
C ASN B 910 -37.29 -18.39 -13.28
N ALA B 911 -36.95 -19.48 -12.60
CA ALA B 911 -36.62 -19.47 -11.18
C ALA B 911 -37.75 -19.04 -10.19
N ALA B 912 -38.99 -18.89 -10.66
CA ALA B 912 -40.18 -18.79 -9.80
C ALA B 912 -40.88 -20.14 -9.76
N ARG B 913 -41.38 -20.48 -8.57
CA ARG B 913 -42.19 -21.66 -8.34
C ARG B 913 -43.55 -21.34 -8.90
N VAL B 914 -44.00 -22.06 -9.93
CA VAL B 914 -45.28 -21.76 -10.59
C VAL B 914 -46.40 -22.56 -9.94
N GLN B 915 -46.18 -23.86 -9.75
CA GLN B 915 -47.21 -24.73 -9.21
C GLN B 915 -46.65 -26.11 -8.83
N GLN B 916 -47.32 -26.74 -7.86
CA GLN B 916 -47.15 -28.15 -7.61
C GLN B 916 -48.07 -28.89 -8.54
N LEU B 917 -47.52 -29.85 -9.29
CA LEU B 917 -48.29 -30.71 -10.18
C LEU B 917 -48.75 -32.00 -9.44
N SER B 918 -50.00 -32.44 -9.66
CA SER B 918 -50.44 -33.73 -9.15
C SER B 918 -50.51 -34.62 -10.34
N LEU B 919 -49.72 -35.67 -10.31
CA LEU B 919 -49.60 -36.52 -11.42
C LEU B 919 -50.29 -37.81 -11.09
N ALA B 920 -51.46 -37.95 -11.71
CA ALA B 920 -52.28 -39.11 -11.59
C ALA B 920 -51.52 -40.40 -11.92
N ASP B 921 -51.92 -41.43 -11.18
CA ASP B 921 -51.64 -42.80 -11.50
C ASP B 921 -51.93 -43.07 -12.97
N THR B 922 -51.02 -43.81 -13.55
CA THR B 922 -50.98 -44.08 -14.97
C THR B 922 -51.16 -45.61 -15.27
N GLY B 923 -51.23 -46.43 -14.21
CA GLY B 923 -51.53 -47.86 -14.31
C GLY B 923 -50.26 -48.64 -14.14
N ALA B 924 -49.21 -48.18 -14.83
CA ALA B 924 -47.98 -48.95 -14.99
C ALA B 924 -46.84 -48.04 -15.45
N TRP B 925 -45.62 -48.40 -15.10
CA TRP B 925 -44.44 -47.66 -15.54
C TRP B 925 -44.28 -47.64 -17.07
N SER B 926 -44.87 -48.59 -17.79
CA SER B 926 -44.94 -48.53 -19.28
C SER B 926 -46.16 -47.85 -19.89
N GLN B 927 -46.94 -47.14 -19.09
CA GLN B 927 -48.13 -46.47 -19.62
C GLN B 927 -47.99 -44.96 -19.29
N TRP B 928 -48.21 -44.09 -20.25
CA TRP B 928 -47.74 -42.72 -20.12
C TRP B 928 -48.95 -41.83 -20.19
N GLY B 929 -49.07 -40.86 -19.28
CA GLY B 929 -50.16 -39.84 -19.35
C GLY B 929 -49.69 -38.40 -19.69
N THR B 930 -50.63 -37.47 -19.79
CA THR B 930 -50.29 -36.06 -20.14
C THR B 930 -51.02 -35.14 -19.17
N GLN B 931 -50.26 -34.27 -18.52
CA GLN B 931 -50.76 -33.21 -17.67
C GLN B 931 -50.34 -31.88 -18.29
N THR B 932 -51.33 -31.03 -18.54
CA THR B 932 -51.16 -29.72 -19.16
C THR B 932 -51.30 -28.62 -18.12
N THR B 933 -50.34 -27.68 -18.10
CA THR B 933 -50.34 -26.60 -17.14
C THR B 933 -49.96 -25.32 -17.82
N THR B 934 -50.76 -24.30 -17.57
CA THR B 934 -50.54 -22.98 -18.17
C THR B 934 -49.37 -22.30 -17.43
N LEU B 935 -48.25 -22.15 -18.14
CA LEU B 935 -47.02 -21.52 -17.64
C LEU B 935 -46.88 -20.06 -18.09
N PRO B 936 -46.36 -19.18 -17.20
CA PRO B 936 -46.09 -17.80 -17.56
C PRO B 936 -44.72 -17.66 -18.22
N LEU B 937 -44.70 -17.73 -19.54
CA LEU B 937 -43.42 -17.67 -20.28
C LEU B 937 -43.20 -16.20 -20.70
N THR B 938 -41.92 -15.81 -20.68
CA THR B 938 -41.49 -14.49 -21.20
C THR B 938 -40.94 -14.60 -22.63
N ALA B 939 -41.04 -13.52 -23.38
CA ALA B 939 -40.48 -13.48 -24.76
C ALA B 939 -38.97 -13.85 -24.77
N GLY B 940 -38.64 -14.87 -25.52
CA GLY B 940 -37.28 -15.36 -25.61
C GLY B 940 -37.13 -16.69 -24.92
N GLN B 941 -35.96 -16.88 -24.32
CA GLN B 941 -35.64 -18.11 -23.62
C GLN B 941 -36.38 -18.13 -22.31
N ASN B 942 -36.91 -19.31 -21.98
CA ASN B 942 -37.52 -19.59 -20.71
C ASN B 942 -36.87 -20.84 -20.14
N ILE B 943 -36.85 -20.89 -18.81
CA ILE B 943 -36.21 -21.94 -18.01
C ILE B 943 -37.29 -22.66 -17.23
N ILE B 944 -37.65 -23.83 -17.76
CA ILE B 944 -38.74 -24.62 -17.28
C ILE B 944 -38.14 -25.86 -16.62
N THR B 945 -38.35 -25.99 -15.31
CA THR B 945 -37.74 -27.01 -14.49
C THR B 945 -38.80 -27.84 -13.74
N TYR B 946 -38.62 -29.15 -13.76
CA TYR B 946 -39.52 -30.06 -13.04
C TYR B 946 -38.68 -30.71 -11.96
N LYS B 947 -39.13 -30.60 -10.71
CA LYS B 947 -38.24 -30.82 -9.58
C LYS B 947 -38.95 -31.45 -8.38
N TYR B 948 -38.20 -32.32 -7.70
CA TYR B 948 -38.58 -32.91 -6.42
C TYR B 948 -38.18 -31.89 -5.32
N ASP B 949 -39.13 -31.05 -4.93
CA ASP B 949 -38.88 -30.07 -3.88
C ASP B 949 -39.48 -30.55 -2.55
N SER B 950 -38.68 -31.25 -1.77
CA SER B 950 -39.21 -32.00 -0.60
C SER B 950 -39.99 -31.10 0.40
N ASP B 951 -39.25 -30.24 1.07
CA ASP B 951 -39.74 -29.05 1.83
C ASP B 951 -41.05 -28.33 1.38
N ALA B 952 -41.39 -28.40 0.08
CA ALA B 952 -42.69 -27.90 -0.43
C ALA B 952 -43.86 -28.90 -0.40
N GLY B 953 -43.63 -30.14 0.04
CA GLY B 953 -44.66 -31.17 -0.01
C GLY B 953 -44.56 -32.15 -1.17
N ASP B 954 -43.63 -31.95 -2.11
CA ASP B 954 -43.48 -32.86 -3.28
C ASP B 954 -43.03 -34.23 -2.80
N THR B 955 -43.62 -35.27 -3.41
CA THR B 955 -43.23 -36.66 -3.21
C THR B 955 -42.10 -37.06 -4.13
N GLY B 956 -42.06 -36.46 -5.31
CA GLY B 956 -41.25 -37.01 -6.39
C GLY B 956 -41.81 -38.37 -6.75
N GLY B 957 -41.01 -39.18 -7.44
CA GLY B 957 -41.37 -40.53 -7.78
C GLY B 957 -42.07 -40.78 -9.11
N VAL B 958 -41.89 -39.92 -10.11
CA VAL B 958 -42.42 -40.16 -11.45
C VAL B 958 -41.32 -40.23 -12.51
N ASN B 959 -41.61 -40.74 -13.71
CA ASN B 959 -40.65 -40.62 -14.83
C ASN B 959 -41.23 -39.67 -15.88
N LEU B 960 -40.39 -38.97 -16.62
CA LEU B 960 -40.86 -37.92 -17.52
C LEU B 960 -40.33 -38.21 -18.94
N ASP B 961 -41.19 -38.10 -19.93
CA ASP B 961 -40.79 -38.40 -21.29
C ASP B 961 -40.46 -37.15 -22.13
N TYR B 962 -41.28 -36.11 -22.01
CA TYR B 962 -41.08 -34.88 -22.74
C TYR B 962 -42.02 -33.80 -22.33
N ILE B 963 -41.81 -32.61 -22.90
CA ILE B 963 -42.79 -31.55 -22.79
C ILE B 963 -43.13 -31.10 -24.18
N ARG B 964 -44.32 -30.56 -24.31
CA ARG B 964 -44.72 -29.94 -25.55
C ARG B 964 -45.17 -28.54 -25.18
N VAL B 965 -44.57 -27.55 -25.86
CA VAL B 965 -44.82 -26.14 -25.67
C VAL B 965 -45.42 -25.65 -26.98
N PRO B 966 -46.60 -25.03 -26.93
CA PRO B 966 -47.17 -24.44 -28.12
C PRO B 966 -46.35 -23.32 -28.76
N PHE B 967 -46.39 -23.21 -30.07
CA PHE B 967 -45.70 -22.14 -30.80
C PHE B 967 -46.34 -20.78 -30.60
N ALA B 968 -47.63 -20.78 -30.36
CA ALA B 968 -48.35 -19.55 -30.05
C ALA B 968 -48.95 -19.66 -28.66
N PRO B 969 -49.02 -18.55 -27.94
CA PRO B 969 -49.71 -18.59 -26.62
C PRO B 969 -51.22 -18.55 -26.75
N THR B 970 -51.97 -18.87 -25.71
CA THR B 970 -53.43 -18.70 -25.71
C THR B 970 -53.80 -17.20 -25.58
N GLN B 971 -53.00 -16.45 -24.84
CA GLN B 971 -53.06 -14.98 -24.89
C GLN B 971 -51.67 -14.42 -24.57
N ALA B 972 -51.41 -13.22 -25.07
CA ALA B 972 -50.10 -12.58 -24.95
C ALA B 972 -50.16 -11.33 -24.10
N GLU B 973 -48.98 -10.99 -23.56
CA GLU B 973 -48.82 -9.86 -22.69
C GLU B 973 -47.55 -9.12 -23.05
N TYR B 974 -47.64 -7.79 -23.03
CA TYR B 974 -46.52 -6.85 -23.30
C TYR B 974 -46.45 -5.84 -22.16
N ALA B 975 -45.26 -5.66 -21.57
CA ALA B 975 -45.08 -4.84 -20.37
C ALA B 975 -44.95 -3.38 -20.79
N ALA B 976 -45.74 -2.50 -20.17
CA ALA B 976 -45.72 -1.06 -20.48
C ALA B 976 -44.33 -0.50 -20.24
N GLU B 977 -43.71 -0.92 -19.14
CA GLU B 977 -42.37 -0.48 -18.85
C GLU B 977 -41.26 -0.85 -19.86
N SER B 978 -41.49 -1.89 -20.67
CA SER B 978 -40.50 -2.33 -21.68
C SER B 978 -40.89 -1.80 -23.08
N ALA B 979 -41.92 -0.96 -23.12
CA ALA B 979 -42.44 -0.43 -24.35
C ALA B 979 -41.60 0.75 -24.74
N LYS B 980 -41.77 1.19 -25.96
CA LYS B 980 -41.13 2.40 -26.41
C LYS B 980 -41.81 3.66 -25.79
N LEU B 981 -41.06 4.38 -24.98
CA LEU B 981 -41.55 5.51 -24.26
C LEU B 981 -41.07 6.83 -24.85
N TRP B 982 -41.99 7.79 -24.97
CA TRP B 982 -41.71 9.05 -25.67
C TRP B 982 -42.49 10.19 -24.99
N GLY B 983 -42.06 11.42 -25.20
CA GLY B 983 -42.80 12.63 -24.76
C GLY B 983 -42.92 12.84 -23.27
N GLY B 984 -42.00 12.22 -22.52
CA GLY B 984 -42.00 12.30 -21.06
C GLY B 984 -42.39 11.05 -20.31
N ALA B 985 -43.12 10.14 -20.95
CA ALA B 985 -43.47 8.86 -20.38
C ALA B 985 -42.24 8.17 -19.83
N GLY B 986 -42.32 7.69 -18.58
CA GLY B 986 -41.22 6.96 -17.98
C GLY B 986 -41.71 5.83 -17.09
N THR B 987 -40.74 5.18 -16.43
CA THR B 987 -41.02 4.06 -15.56
C THR B 987 -40.93 4.48 -14.10
N SER B 988 -41.52 3.68 -13.22
CA SER B 988 -41.68 4.01 -11.82
C SER B 988 -42.13 2.81 -11.03
N GLN B 989 -41.78 2.81 -9.74
CA GLN B 989 -42.29 1.85 -8.77
C GLN B 989 -42.96 2.59 -7.61
N ASP B 990 -43.38 3.84 -7.80
CA ASP B 990 -43.85 4.67 -6.64
C ASP B 990 -45.34 4.52 -6.19
N HIS B 991 -46.07 3.63 -6.84
CA HIS B 991 -47.42 3.23 -6.46
C HIS B 991 -47.42 1.70 -6.38
N TRP B 992 -48.48 1.13 -5.82
CA TRP B 992 -48.52 -0.29 -5.44
C TRP B 992 -49.32 -1.08 -6.44
N PHE B 993 -49.07 -2.40 -6.46
CA PHE B 993 -49.84 -3.36 -7.21
C PHE B 993 -49.64 -3.35 -8.73
N TYR B 994 -48.56 -2.76 -9.21
CA TYR B 994 -48.15 -2.96 -10.59
C TYR B 994 -47.69 -4.45 -10.77
N LYS B 995 -47.67 -4.94 -12.00
CA LYS B 995 -47.08 -6.24 -12.42
C LYS B 995 -45.74 -6.02 -13.05
N GLY B 996 -44.93 -7.07 -13.17
CA GLY B 996 -43.56 -6.94 -13.63
C GLY B 996 -42.79 -6.02 -12.69
N ALA B 997 -41.70 -5.41 -13.20
CA ALA B 997 -40.76 -4.68 -12.33
C ALA B 997 -41.08 -3.22 -12.16
N ALA B 998 -42.01 -2.70 -12.95
CA ALA B 998 -42.43 -1.30 -12.87
C ALA B 998 -43.74 -1.11 -13.59
N PHE B 999 -44.13 0.16 -13.69
CA PHE B 999 -45.19 0.61 -14.59
C PHE B 999 -44.78 1.95 -15.25
N VAL B 1000 -45.64 2.47 -16.11
CA VAL B 1000 -45.36 3.66 -16.81
C VAL B 1000 -46.23 4.80 -16.27
N ASP B 1001 -45.61 5.96 -16.03
CA ASP B 1001 -46.32 7.19 -15.58
C ASP B 1001 -45.87 8.36 -16.43
N ASN B 1002 -46.17 9.58 -15.98
CA ASN B 1002 -45.82 10.81 -16.70
C ASN B 1002 -46.40 10.78 -18.07
N LEU B 1003 -47.64 10.35 -18.19
CA LEU B 1003 -48.31 10.48 -19.48
C LEU B 1003 -49.09 11.81 -19.41
N THR B 1004 -48.33 12.89 -19.16
CA THR B 1004 -48.87 14.20 -18.77
C THR B 1004 -48.60 15.26 -19.82
N GLY B 1005 -47.43 15.23 -20.43
CA GLY B 1005 -47.16 16.10 -21.55
C GLY B 1005 -47.84 15.73 -22.85
N VAL B 1006 -48.07 16.71 -23.70
CA VAL B 1006 -48.53 16.46 -25.05
C VAL B 1006 -47.38 15.77 -25.78
N GLY B 1007 -47.72 14.68 -26.48
CA GLY B 1007 -46.76 13.75 -27.12
C GLY B 1007 -46.44 12.50 -26.29
N ALA B 1008 -46.73 12.56 -24.99
CA ALA B 1008 -46.44 11.47 -24.08
C ALA B 1008 -47.09 10.15 -24.52
N GLU B 1009 -46.28 9.10 -24.63
CA GLU B 1009 -46.60 7.88 -25.40
C GLU B 1009 -45.91 6.63 -24.88
N ALA B 1010 -46.58 5.49 -24.99
CA ALA B 1010 -45.99 4.19 -24.76
C ALA B 1010 -46.40 3.42 -25.98
N SER B 1011 -45.45 3.07 -26.82
CA SER B 1011 -45.74 2.26 -28.02
C SER B 1011 -45.24 0.79 -27.89
N PHE B 1012 -46.16 -0.16 -28.08
CA PHE B 1012 -45.93 -1.58 -27.96
C PHE B 1012 -45.79 -2.15 -29.37
N ASP B 1013 -44.86 -3.10 -29.51
CA ASP B 1013 -44.68 -3.86 -30.70
C ASP B 1013 -45.38 -5.17 -30.39
N VAL B 1014 -46.46 -5.45 -31.12
CA VAL B 1014 -47.34 -6.58 -30.88
C VAL B 1014 -47.33 -7.50 -32.09
N TYR B 1015 -47.30 -8.81 -31.85
CA TYR B 1015 -47.19 -9.84 -32.92
C TYR B 1015 -48.49 -10.57 -33.13
N ALA B 1016 -48.94 -10.66 -34.37
CA ALA B 1016 -50.13 -11.45 -34.65
C ALA B 1016 -49.81 -12.54 -35.69
N PRO B 1017 -50.36 -13.75 -35.50
CA PRO B 1017 -50.11 -14.83 -36.46
C PRO B 1017 -50.84 -14.62 -37.80
N SER B 1018 -51.94 -13.85 -37.80
CA SER B 1018 -52.74 -13.61 -39.01
C SER B 1018 -53.52 -12.30 -38.93
N ALA B 1019 -53.83 -11.73 -40.09
CA ALA B 1019 -54.64 -10.51 -40.16
C ALA B 1019 -55.99 -10.75 -39.52
N GLY B 1020 -56.50 -9.74 -38.85
CA GLY B 1020 -57.73 -9.93 -38.11
C GLY B 1020 -58.04 -8.94 -37.00
N THR B 1021 -59.25 -9.04 -36.47
CA THR B 1021 -59.61 -8.35 -35.23
C THR B 1021 -59.05 -9.11 -34.04
N TYR B 1022 -58.43 -8.39 -33.10
CA TYR B 1022 -57.89 -8.98 -31.89
C TYR B 1022 -58.37 -8.22 -30.71
N ASN B 1023 -58.58 -8.93 -29.59
CA ASN B 1023 -58.96 -8.29 -28.35
C ASN B 1023 -57.73 -7.84 -27.59
N LEU B 1024 -57.86 -6.64 -27.04
CA LEU B 1024 -56.82 -6.03 -26.21
C LEU B 1024 -57.40 -5.74 -24.86
N SER B 1025 -56.55 -5.83 -23.83
CA SER B 1025 -56.86 -5.36 -22.51
C SER B 1025 -55.67 -4.62 -21.95
N LEU B 1026 -55.85 -3.35 -21.62
CA LEU B 1026 -54.81 -2.48 -21.17
C LEU B 1026 -55.01 -2.26 -19.72
N ARG B 1027 -53.99 -2.58 -18.91
CA ARG B 1027 -54.01 -2.41 -17.49
C ARG B 1027 -53.54 -1.02 -17.10
N TYR B 1028 -54.37 -0.29 -16.37
CA TYR B 1028 -54.10 1.11 -16.09
C TYR B 1028 -54.59 1.55 -14.75
N ALA B 1029 -53.98 2.61 -14.22
CA ALA B 1029 -54.46 3.24 -12.98
C ALA B 1029 -54.92 4.65 -13.30
N ASN B 1030 -56.00 5.09 -12.65
CA ASN B 1030 -56.47 6.46 -12.76
C ASN B 1030 -56.95 6.90 -11.40
N GLY B 1031 -56.06 7.57 -10.67
CA GLY B 1031 -56.34 8.07 -9.33
C GLY B 1031 -56.82 9.52 -9.30
N THR B 1032 -57.23 10.09 -10.45
CA THR B 1032 -57.55 11.51 -10.48
C THR B 1032 -58.96 11.76 -9.90
N GLY B 1033 -59.81 10.73 -9.89
CA GLY B 1033 -61.16 10.87 -9.38
C GLY B 1033 -62.16 11.06 -10.49
N SER B 1034 -61.72 11.55 -11.64
CA SER B 1034 -62.57 11.58 -12.84
C SER B 1034 -61.97 10.85 -14.04
N THR B 1035 -62.83 10.65 -15.02
CA THR B 1035 -62.50 10.01 -16.26
C THR B 1035 -61.38 10.74 -17.01
N LYS B 1036 -60.51 9.97 -17.65
CA LYS B 1036 -59.38 10.54 -18.37
C LYS B 1036 -59.27 9.89 -19.73
N THR B 1037 -58.60 10.56 -20.67
CA THR B 1037 -58.48 10.05 -22.05
C THR B 1037 -57.03 9.94 -22.58
N LEU B 1038 -56.81 8.95 -23.44
CA LEU B 1038 -55.62 8.88 -24.32
C LEU B 1038 -56.09 8.50 -25.71
N SER B 1039 -55.22 8.65 -26.69
CA SER B 1039 -55.47 8.14 -28.02
C SER B 1039 -54.76 6.79 -28.22
N ALA B 1040 -55.44 5.85 -28.88
CA ALA B 1040 -54.83 4.58 -29.35
C ALA B 1040 -54.50 4.74 -30.84
N ILE B 1041 -53.27 4.48 -31.25
CA ILE B 1041 -52.87 4.52 -32.67
C ILE B 1041 -52.31 3.15 -33.07
N VAL B 1042 -53.06 2.46 -33.91
CA VAL B 1042 -52.73 1.13 -34.41
C VAL B 1042 -52.07 1.23 -35.77
N ASN B 1043 -50.82 0.72 -35.88
CA ASN B 1043 -50.04 0.75 -37.15
C ASN B 1043 -50.04 2.11 -37.89
N GLY B 1044 -49.83 3.20 -37.17
CA GLY B 1044 -49.88 4.55 -37.75
C GLY B 1044 -51.23 5.06 -38.27
N GLY B 1045 -52.30 4.31 -38.02
CA GLY B 1045 -53.65 4.70 -38.43
C GLY B 1045 -54.21 5.92 -37.70
N ALA B 1046 -55.48 6.17 -37.96
CA ALA B 1046 -56.13 7.31 -37.33
C ALA B 1046 -56.31 7.04 -35.84
N ALA B 1047 -56.13 8.08 -35.04
CA ALA B 1047 -56.37 8.00 -33.61
C ALA B 1047 -57.85 7.72 -33.24
N SER B 1048 -58.12 6.60 -32.55
CA SER B 1048 -59.35 6.43 -31.76
C SER B 1048 -59.15 6.99 -30.32
N THR B 1049 -60.23 7.30 -29.61
CA THR B 1049 -60.16 7.74 -28.21
C THR B 1049 -60.32 6.58 -27.24
N VAL B 1050 -59.43 6.52 -26.26
CA VAL B 1050 -59.50 5.58 -25.17
C VAL B 1050 -59.96 6.36 -23.92
N THR B 1051 -61.15 6.01 -23.46
CA THR B 1051 -61.75 6.60 -22.29
C THR B 1051 -61.52 5.70 -21.05
N LEU B 1052 -60.76 6.24 -20.11
CA LEU B 1052 -60.29 5.53 -18.94
C LEU B 1052 -60.90 6.13 -17.64
N THR B 1053 -61.90 5.44 -17.14
CA THR B 1053 -62.60 5.82 -15.93
C THR B 1053 -61.73 5.61 -14.71
N SER B 1054 -62.02 6.42 -13.68
CA SER B 1054 -61.38 6.38 -12.38
C SER B 1054 -62.31 5.75 -11.35
N PRO B 1055 -61.81 4.86 -10.49
CA PRO B 1055 -62.62 4.33 -9.41
C PRO B 1055 -62.31 4.96 -8.03
N GLY B 1056 -61.82 6.20 -8.02
CA GLY B 1056 -61.41 6.83 -6.75
C GLY B 1056 -60.06 7.51 -6.80
N MET B 1057 -59.63 8.05 -5.66
CA MET B 1057 -58.42 8.87 -5.58
C MET B 1057 -57.12 8.07 -5.40
N ASN B 1058 -57.28 6.76 -5.34
CA ASN B 1058 -56.25 5.83 -5.00
C ASN B 1058 -55.47 5.36 -6.25
N TRP B 1059 -54.16 5.63 -6.26
CA TRP B 1059 -53.28 5.23 -7.38
C TRP B 1059 -52.73 3.82 -7.23
N ASN B 1060 -53.13 3.09 -6.17
CA ASN B 1060 -52.78 1.68 -6.01
C ASN B 1060 -53.88 0.75 -6.52
N LEU B 1061 -54.87 1.31 -7.19
CA LEU B 1061 -55.89 0.48 -7.85
C LEU B 1061 -55.72 0.51 -9.36
N TRP B 1062 -55.85 -0.68 -9.95
CA TRP B 1062 -55.68 -0.90 -11.38
C TRP B 1062 -56.94 -1.53 -11.99
N ASN B 1063 -57.17 -1.22 -13.27
CA ASN B 1063 -58.32 -1.69 -14.01
C ASN B 1063 -57.84 -2.11 -15.38
N GLU B 1064 -58.73 -2.78 -16.08
CA GLU B 1064 -58.47 -3.24 -17.43
C GLU B 1064 -59.35 -2.41 -18.35
N HIS B 1065 -58.79 -1.85 -19.41
CA HIS B 1065 -59.59 -1.24 -20.45
C HIS B 1065 -59.61 -2.19 -21.62
N THR B 1066 -60.78 -2.72 -21.94
CA THR B 1066 -60.94 -3.69 -23.03
C THR B 1066 -61.29 -2.95 -24.32
N MET B 1067 -60.72 -3.42 -25.42
CA MET B 1067 -61.00 -2.81 -26.71
C MET B 1067 -60.59 -3.88 -27.73
N THR B 1068 -60.69 -3.53 -29.00
CA THR B 1068 -60.27 -4.39 -30.09
C THR B 1068 -59.43 -3.59 -31.04
N ALA B 1069 -58.74 -4.28 -31.93
CA ALA B 1069 -57.93 -3.60 -32.92
C ALA B 1069 -57.69 -4.52 -34.11
N THR B 1070 -57.63 -3.91 -35.29
CA THR B 1070 -57.39 -4.63 -36.53
C THR B 1070 -55.86 -4.69 -36.71
N LEU B 1071 -55.32 -5.90 -36.87
CA LEU B 1071 -53.88 -6.14 -36.89
C LEU B 1071 -53.50 -6.93 -38.12
N THR B 1072 -52.30 -6.71 -38.63
CA THR B 1072 -51.77 -7.54 -39.71
C THR B 1072 -50.94 -8.68 -39.16
N ALA B 1073 -50.58 -9.59 -40.06
CA ALA B 1073 -49.66 -10.66 -39.75
C ALA B 1073 -48.29 -10.05 -39.45
N GLY B 1074 -47.62 -10.56 -38.42
CA GLY B 1074 -46.33 -10.01 -38.00
C GLY B 1074 -46.38 -8.84 -37.01
N ARG B 1075 -45.41 -7.95 -37.14
CA ARG B 1075 -45.14 -6.88 -36.19
C ARG B 1075 -46.23 -5.83 -36.40
N ASN B 1076 -46.82 -5.37 -35.31
CA ASN B 1076 -47.74 -4.25 -35.30
C ASN B 1076 -47.22 -3.23 -34.30
N THR B 1077 -47.60 -1.97 -34.46
CA THR B 1077 -47.43 -0.98 -33.40
C THR B 1077 -48.83 -0.66 -32.84
N ILE B 1078 -48.96 -0.68 -31.53
CA ILE B 1078 -50.16 -0.20 -30.86
C ILE B 1078 -49.69 0.84 -29.87
N SER B 1079 -50.02 2.09 -30.18
CA SER B 1079 -49.48 3.20 -29.43
C SER B 1079 -50.56 3.89 -28.57
N PHE B 1080 -50.25 4.20 -27.32
CA PHE B 1080 -51.14 5.01 -26.47
C PHE B 1080 -50.51 6.34 -26.14
N ARG B 1081 -51.13 7.43 -26.62
CA ARG B 1081 -50.53 8.76 -26.61
C ARG B 1081 -51.47 9.84 -26.05
N ARG B 1082 -50.94 10.75 -25.27
CA ARG B 1082 -51.69 11.91 -24.88
C ARG B 1082 -51.54 12.94 -26.01
N ASN B 1083 -52.48 12.94 -26.96
CA ASN B 1083 -52.56 14.03 -27.99
C ASN B 1083 -53.09 15.30 -27.31
N SER B 1084 -53.12 16.43 -28.02
CA SER B 1084 -53.44 17.70 -27.34
C SER B 1084 -54.89 17.79 -26.79
N GLY B 1085 -55.83 17.14 -27.46
CA GLY B 1085 -57.20 17.02 -26.96
C GLY B 1085 -57.43 15.99 -25.86
N ASN B 1086 -56.41 15.17 -25.54
CA ASN B 1086 -56.58 14.17 -24.50
C ASN B 1086 -56.15 14.79 -23.18
N SER B 1087 -56.62 14.18 -22.09
CA SER B 1087 -56.32 14.64 -20.75
C SER B 1087 -55.13 13.92 -20.11
N GLY B 1088 -54.79 12.72 -20.59
CA GLY B 1088 -53.73 11.88 -19.97
C GLY B 1088 -53.89 11.66 -18.47
N ASN B 1089 -52.79 11.71 -17.74
CA ASN B 1089 -52.74 11.53 -16.27
C ASN B 1089 -53.30 10.17 -15.87
N VAL B 1090 -52.86 9.12 -16.58
CA VAL B 1090 -53.09 7.75 -16.18
C VAL B 1090 -51.70 7.12 -16.15
N ASN B 1091 -51.60 6.04 -15.37
CA ASN B 1091 -50.45 5.16 -15.31
C ASN B 1091 -50.83 3.90 -16.13
N LEU B 1092 -49.88 3.37 -16.91
CA LEU B 1092 -50.09 2.16 -17.75
C LEU B 1092 -49.10 1.10 -17.34
N ASP B 1093 -49.55 -0.13 -17.36
CA ASP B 1093 -48.81 -1.23 -16.79
C ASP B 1093 -48.51 -2.37 -17.73
N ARG B 1094 -49.42 -2.70 -18.63
CA ARG B 1094 -49.36 -4.00 -19.38
C ARG B 1094 -50.50 -4.06 -20.39
N LEU B 1095 -50.18 -4.47 -21.61
CA LEU B 1095 -51.16 -4.69 -22.66
C LEU B 1095 -51.26 -6.17 -22.94
N ALA B 1096 -52.46 -6.72 -22.81
CA ALA B 1096 -52.68 -8.11 -23.15
C ALA B 1096 -53.39 -8.15 -24.47
N VAL B 1097 -53.23 -9.27 -25.16
CA VAL B 1097 -53.68 -9.43 -26.54
C VAL B 1097 -54.11 -10.87 -26.78
N SER B 1098 -55.25 -11.06 -27.41
CA SER B 1098 -55.73 -12.38 -27.72
C SER B 1098 -56.75 -12.35 -28.82
N ALA B 1099 -56.88 -13.47 -29.52
CA ALA B 1099 -57.95 -13.69 -30.48
C ALA B 1099 -59.25 -14.02 -29.77
N SER B 1100 -59.19 -14.66 -28.61
CA SER B 1100 -60.38 -14.98 -27.80
C SER B 1100 -60.51 -13.96 -26.68
N ALA B 1101 -61.58 -14.08 -25.91
CA ALA B 1101 -61.72 -13.27 -24.69
C ALA B 1101 -60.50 -13.40 -23.75
N ILE B 1102 -60.05 -12.27 -23.21
CA ILE B 1102 -58.89 -12.21 -22.30
C ILE B 1102 -59.29 -12.56 -20.87
N THR B 1103 -58.53 -13.51 -20.29
CA THR B 1103 -58.63 -13.88 -18.89
C THR B 1103 -57.38 -13.48 -18.08
N THR B 1104 -57.38 -13.82 -16.80
CA THR B 1104 -56.22 -13.69 -15.93
C THR B 1104 -54.96 -14.47 -16.39
N LEU B 1105 -53.91 -13.70 -16.63
CA LEU B 1105 -52.63 -14.22 -17.11
C LEU B 1105 -51.98 -14.92 -15.97
N ALA B 1106 -51.22 -15.97 -16.29
CA ALA B 1106 -50.56 -16.78 -15.28
C ALA B 1106 -49.40 -16.00 -14.58
N SER B 1107 -48.86 -15.01 -15.28
CA SER B 1107 -47.86 -14.09 -14.76
C SER B 1107 -48.41 -13.18 -13.68
N GLU B 1108 -49.73 -12.96 -13.68
CA GLU B 1108 -50.38 -11.98 -12.78
C GLU B 1108 -51.22 -12.55 -11.58
N ARG B 1109 -50.98 -13.80 -11.18
CA ARG B 1109 -51.83 -14.47 -10.17
C ARG B 1109 -51.61 -14.01 -8.73
N ASN B 1110 -50.42 -13.50 -8.42
CA ASN B 1110 -50.05 -13.16 -7.06
C ASN B 1110 -50.81 -11.89 -6.64
N LEU B 1111 -51.59 -12.00 -5.56
CA LEU B 1111 -52.43 -10.91 -5.10
C LEU B 1111 -51.65 -9.94 -4.19
N LEU B 1112 -50.42 -10.33 -3.78
CA LEU B 1112 -49.59 -9.51 -2.90
C LEU B 1112 -48.86 -8.38 -3.65
N ASP B 1113 -48.61 -7.27 -2.97
CA ASP B 1113 -47.73 -6.22 -3.45
C ASP B 1113 -46.33 -6.49 -2.92
N ASN B 1114 -45.32 -6.44 -3.79
CA ASN B 1114 -43.92 -6.56 -3.38
C ASN B 1114 -43.68 -7.79 -2.51
N GLY B 1115 -44.33 -8.90 -2.84
CA GLY B 1115 -44.08 -10.19 -2.15
C GLY B 1115 -42.71 -10.80 -2.38
N ASP B 1116 -42.03 -10.35 -3.45
CA ASP B 1116 -40.63 -10.74 -3.76
C ASP B 1116 -39.59 -9.75 -3.25
N PHE B 1117 -40.06 -8.65 -2.65
CA PHE B 1117 -39.24 -7.63 -2.01
C PHE B 1117 -38.26 -6.96 -2.99
N GLU B 1118 -38.65 -6.94 -4.27
CA GLU B 1118 -37.82 -6.44 -5.37
C GLU B 1118 -37.93 -4.96 -5.57
N ARG B 1119 -38.97 -4.34 -5.04
CA ARG B 1119 -39.05 -2.90 -5.11
C ARG B 1119 -37.77 -2.24 -4.50
N ASP B 1120 -37.34 -1.18 -5.19
CA ASP B 1120 -36.30 -0.31 -4.75
C ASP B 1120 -36.73 0.17 -3.37
N THR B 1121 -35.91 -0.06 -2.33
CA THR B 1121 -36.29 0.20 -0.93
C THR B 1121 -36.51 1.70 -0.56
N THR B 1122 -36.24 2.63 -1.49
CA THR B 1122 -36.69 4.05 -1.44
C THR B 1122 -38.21 4.18 -1.42
N TYR B 1123 -38.89 3.19 -1.97
CA TYR B 1123 -40.35 3.23 -2.05
C TYR B 1123 -40.98 2.18 -1.17
N ASN B 1124 -42.08 2.56 -0.53
CA ASN B 1124 -42.82 1.66 0.33
C ASN B 1124 -43.69 0.66 -0.50
N SER B 1125 -44.33 -0.23 0.23
CA SER B 1125 -45.27 -1.18 -0.29
C SER B 1125 -46.39 -1.40 0.70
N ASN B 1126 -47.32 -2.27 0.33
CA ASN B 1126 -48.39 -2.68 1.17
C ASN B 1126 -47.98 -3.40 2.46
N TRP B 1127 -46.73 -3.85 2.55
CA TRP B 1127 -46.22 -4.46 3.78
C TRP B 1127 -46.20 -3.43 4.89
N THR B 1128 -46.57 -3.88 6.09
CA THR B 1128 -46.39 -3.17 7.34
C THR B 1128 -45.55 -4.06 8.24
N GLN B 1129 -44.93 -3.45 9.26
CA GLN B 1129 -44.18 -4.20 10.28
C GLN B 1129 -44.59 -3.83 11.70
N TRP B 1130 -44.33 -4.74 12.64
CA TRP B 1130 -44.50 -4.48 14.06
C TRP B 1130 -43.30 -5.05 14.79
N GLN B 1131 -42.89 -4.35 15.85
CA GLN B 1131 -41.97 -4.87 16.87
C GLN B 1131 -42.34 -4.29 18.24
N PRO B 1132 -41.86 -4.90 19.35
CA PRO B 1132 -42.29 -4.38 20.66
C PRO B 1132 -41.99 -2.89 20.81
N SER B 1133 -42.87 -2.21 21.54
CA SER B 1133 -42.64 -0.83 21.95
C SER B 1133 -41.15 -0.53 22.36
N GLY B 1134 -40.56 0.49 21.74
CA GLY B 1134 -39.17 0.89 22.03
C GLY B 1134 -38.05 -0.14 21.80
N GLN B 1135 -38.30 -1.14 20.94
CA GLN B 1135 -37.24 -2.01 20.39
C GLN B 1135 -36.97 -1.54 18.96
N PRO B 1136 -35.70 -1.46 18.56
CA PRO B 1136 -35.47 -1.16 17.13
C PRO B 1136 -35.98 -2.29 16.22
N SER B 1137 -36.40 -1.88 15.02
CA SER B 1137 -36.79 -2.82 13.95
C SER B 1137 -35.66 -3.81 13.73
N ALA B 1138 -35.98 -5.11 13.67
CA ALA B 1138 -35.06 -6.14 13.21
C ALA B 1138 -35.24 -6.46 11.68
N PHE B 1139 -36.07 -5.68 11.00
CA PHE B 1139 -36.51 -6.01 9.65
C PHE B 1139 -35.82 -5.10 8.65
N GLY B 1140 -35.26 -5.69 7.60
CA GLY B 1140 -34.70 -4.92 6.50
C GLY B 1140 -34.82 -5.65 5.18
N ILE B 1141 -34.54 -4.92 4.10
CA ILE B 1141 -34.46 -5.50 2.78
C ILE B 1141 -33.15 -5.09 2.12
N ASP B 1142 -32.36 -6.08 1.70
CA ASP B 1142 -31.20 -5.87 0.81
C ASP B 1142 -30.87 -7.20 0.02
N SER B 1143 -29.72 -7.26 -0.66
CA SER B 1143 -29.40 -8.42 -1.48
C SER B 1143 -28.54 -9.48 -0.83
N GLY B 1144 -27.94 -9.18 0.34
CA GLY B 1144 -26.96 -10.08 0.96
C GLY B 1144 -25.60 -10.24 0.26
N ASN B 1145 -25.31 -9.37 -0.72
CA ASN B 1145 -24.05 -9.42 -1.47
C ASN B 1145 -22.85 -8.85 -0.64
N ALA B 1146 -23.13 -8.07 0.39
CA ALA B 1146 -22.10 -7.49 1.29
C ALA B 1146 -21.49 -8.49 2.28
N LEU B 1147 -22.05 -9.69 2.35
CA LEU B 1147 -21.59 -10.74 3.24
C LEU B 1147 -20.66 -11.67 2.46
N HIS B 1148 -19.84 -12.39 3.22
CA HIS B 1148 -18.80 -13.24 2.65
C HIS B 1148 -18.81 -14.55 3.40
N PRO B 1149 -19.32 -15.64 2.79
CA PRO B 1149 -19.93 -15.73 1.46
C PRO B 1149 -21.26 -14.94 1.34
N PRO B 1150 -21.76 -14.73 0.11
CA PRO B 1150 -23.05 -14.12 0.00
C PRO B 1150 -24.20 -14.97 0.63
N GLU B 1151 -25.18 -14.27 1.18
CA GLU B 1151 -26.42 -14.89 1.62
C GLU B 1151 -27.52 -14.20 0.78
N GLY B 1152 -27.65 -14.69 -0.45
CA GLY B 1152 -28.40 -13.99 -1.48
C GLY B 1152 -29.90 -14.20 -1.37
N PRO B 1153 -30.64 -13.74 -2.37
CA PRO B 1153 -32.08 -13.90 -2.38
C PRO B 1153 -32.47 -15.28 -2.85
N ALA B 1154 -33.78 -15.59 -2.76
CA ALA B 1154 -34.31 -16.82 -3.35
C ALA B 1154 -34.42 -16.65 -4.88
N ARG B 1155 -34.94 -15.49 -5.31
CA ARG B 1155 -35.11 -15.16 -6.71
C ARG B 1155 -34.77 -13.68 -6.91
N ARG B 1156 -34.16 -13.40 -8.05
CA ARG B 1156 -33.84 -12.02 -8.48
C ARG B 1156 -32.83 -11.32 -7.53
N ASN B 1157 -33.11 -10.10 -7.05
CA ASN B 1157 -32.06 -9.30 -6.46
C ASN B 1157 -32.11 -9.02 -4.98
N GLN B 1158 -33.22 -9.37 -4.34
CA GLN B 1158 -33.51 -8.86 -3.00
C GLN B 1158 -34.37 -9.84 -2.18
N ARG B 1159 -34.17 -9.77 -0.88
CA ARG B 1159 -34.92 -10.56 0.08
C ARG B 1159 -35.01 -9.81 1.38
N ALA B 1160 -36.04 -10.07 2.15
CA ALA B 1160 -36.17 -9.41 3.46
C ALA B 1160 -35.43 -10.26 4.45
N TYR B 1161 -34.96 -9.62 5.50
CA TYR B 1161 -34.42 -10.34 6.66
C TYR B 1161 -35.07 -9.85 7.99
N PHE B 1162 -35.13 -10.75 8.96
CA PHE B 1162 -35.22 -10.39 10.39
C PHE B 1162 -33.86 -10.71 10.97
N HIS B 1163 -33.24 -9.74 11.66
CA HIS B 1163 -32.00 -10.01 12.40
C HIS B 1163 -31.73 -8.93 13.44
N SER B 1164 -31.32 -9.35 14.64
CA SER B 1164 -30.80 -8.47 15.69
C SER B 1164 -29.79 -9.28 16.49
N ASP B 1165 -28.76 -8.60 16.97
CA ASP B 1165 -27.73 -9.23 17.77
C ASP B 1165 -28.20 -9.35 19.22
N ASN B 1166 -29.16 -8.51 19.62
CA ASN B 1166 -29.93 -8.73 20.87
C ASN B 1166 -31.26 -9.54 20.65
N ALA B 1167 -31.92 -9.91 21.77
CA ALA B 1167 -33.28 -10.49 21.74
C ALA B 1167 -34.24 -9.60 21.04
N TYR B 1168 -35.13 -10.20 20.27
CA TYR B 1168 -36.07 -9.43 19.50
C TYR B 1168 -37.35 -10.20 19.22
N GLN B 1169 -38.36 -9.41 18.91
CA GLN B 1169 -39.59 -9.86 18.31
C GLN B 1169 -39.79 -8.97 17.08
N GLN B 1170 -40.25 -9.57 15.98
CA GLN B 1170 -40.50 -8.83 14.79
C GLN B 1170 -41.48 -9.63 14.00
N SER B 1171 -42.38 -8.92 13.34
CA SER B 1171 -43.25 -9.47 12.33
C SER B 1171 -43.35 -8.50 11.12
N ILE B 1172 -43.84 -9.03 10.00
CA ILE B 1172 -44.34 -8.18 8.89
C ILE B 1172 -45.69 -8.76 8.47
N HIS B 1173 -46.57 -7.92 7.92
CA HIS B 1173 -47.92 -8.36 7.58
C HIS B 1173 -48.36 -7.56 6.35
N GLN B 1174 -49.28 -8.11 5.60
CA GLN B 1174 -49.84 -7.40 4.46
C GLN B 1174 -51.25 -7.93 4.30
N VAL B 1175 -52.21 -7.02 4.24
CA VAL B 1175 -53.61 -7.34 4.04
C VAL B 1175 -54.03 -6.98 2.63
N VAL B 1176 -54.74 -7.91 1.96
CA VAL B 1176 -55.31 -7.67 0.64
C VAL B 1176 -56.76 -8.20 0.50
N ASP B 1177 -57.58 -7.41 -0.19
CA ASP B 1177 -58.88 -7.89 -0.70
C ASP B 1177 -58.63 -9.00 -1.75
N VAL B 1178 -59.33 -10.12 -1.69
CA VAL B 1178 -59.28 -11.15 -2.75
C VAL B 1178 -60.30 -10.83 -3.83
N PRO B 1179 -60.01 -11.19 -5.12
CA PRO B 1179 -60.96 -10.80 -6.17
C PRO B 1179 -62.25 -11.64 -6.14
N VAL B 1180 -62.18 -12.88 -5.65
CA VAL B 1180 -63.34 -13.79 -5.57
C VAL B 1180 -63.54 -14.32 -4.12
N ASN B 1181 -64.43 -13.67 -3.38
CA ASN B 1181 -64.81 -14.09 -2.00
C ASN B 1181 -65.47 -15.44 -2.05
N ASN B 1182 -65.44 -16.21 -0.97
CA ASN B 1182 -66.06 -17.57 -0.88
C ASN B 1182 -65.31 -18.55 -1.76
N ALA B 1183 -64.00 -18.50 -1.64
CA ALA B 1183 -63.13 -19.34 -2.45
C ALA B 1183 -61.85 -19.69 -1.70
N THR B 1184 -61.12 -20.69 -2.22
CA THR B 1184 -59.88 -21.18 -1.66
C THR B 1184 -58.65 -20.45 -2.26
N TYR B 1185 -57.78 -19.98 -1.36
CA TYR B 1185 -56.53 -19.34 -1.71
C TYR B 1185 -55.34 -20.07 -1.00
N ARG B 1186 -54.13 -19.67 -1.36
CA ARG B 1186 -52.94 -20.44 -0.95
C ARG B 1186 -51.80 -19.47 -0.85
N LEU B 1187 -51.01 -19.64 0.21
CA LEU B 1187 -49.87 -18.77 0.50
C LEU B 1187 -48.63 -19.60 0.33
N GLU B 1188 -47.62 -19.01 -0.27
CA GLU B 1188 -46.37 -19.73 -0.50
C GLU B 1188 -45.20 -18.74 -0.34
N ALA B 1189 -44.09 -19.25 0.13
CA ALA B 1189 -42.92 -18.40 0.34
C ALA B 1189 -41.70 -19.26 0.45
N LYS B 1190 -40.56 -18.58 0.34
CA LYS B 1190 -39.26 -19.15 0.55
C LYS B 1190 -38.75 -18.51 1.80
N VAL B 1191 -38.20 -19.34 2.68
CA VAL B 1191 -37.67 -18.87 3.94
C VAL B 1191 -36.36 -19.58 4.20
N ARG B 1192 -35.38 -18.85 4.75
CA ARG B 1192 -34.11 -19.45 5.15
C ARG B 1192 -33.80 -18.95 6.52
N MET B 1193 -33.50 -19.87 7.42
CA MET B 1193 -33.13 -19.49 8.81
C MET B 1193 -31.74 -20.01 9.19
N LYS B 1194 -30.98 -19.16 9.88
CA LYS B 1194 -29.65 -19.52 10.39
C LYS B 1194 -29.40 -19.06 11.83
N ASN B 1195 -28.35 -19.66 12.41
CA ASN B 1195 -27.75 -19.21 13.66
C ASN B 1195 -28.63 -19.67 14.84
N THR B 1196 -29.10 -18.77 15.70
CA THR B 1196 -29.68 -19.21 16.97
C THR B 1196 -31.15 -19.63 16.74
N THR B 1197 -31.49 -20.84 17.18
CA THR B 1197 -32.86 -21.37 17.03
C THR B 1197 -33.72 -20.46 17.85
N PRO B 1198 -34.79 -19.88 17.26
CA PRO B 1198 -35.60 -18.93 18.00
C PRO B 1198 -36.69 -19.62 18.88
N THR B 1199 -37.37 -18.84 19.71
CA THR B 1199 -38.47 -19.34 20.56
C THR B 1199 -39.66 -19.76 19.70
N THR B 1200 -40.00 -18.89 18.75
CA THR B 1200 -41.14 -19.02 17.87
C THR B 1200 -40.76 -18.39 16.51
N ALA B 1201 -41.14 -19.05 15.42
CA ALA B 1201 -40.87 -18.56 14.07
C ALA B 1201 -41.80 -19.27 13.14
N ARG B 1202 -42.65 -18.49 12.48
CA ARG B 1202 -43.67 -19.06 11.64
C ARG B 1202 -44.22 -18.07 10.64
N ALA B 1203 -44.74 -18.60 9.53
CA ALA B 1203 -45.60 -17.86 8.61
C ALA B 1203 -47.03 -17.92 9.19
N GLU B 1204 -47.84 -16.91 8.86
CA GLU B 1204 -49.20 -16.76 9.43
C GLU B 1204 -50.23 -16.32 8.38
N VAL B 1205 -51.37 -17.02 8.33
CA VAL B 1205 -52.51 -16.58 7.56
C VAL B 1205 -53.67 -16.26 8.52
N GLN B 1206 -54.25 -15.07 8.39
CA GLN B 1206 -55.35 -14.67 9.29
C GLN B 1206 -56.29 -13.66 8.66
N GLY B 1207 -57.42 -13.41 9.34
CA GLY B 1207 -58.40 -12.36 8.90
C GLY B 1207 -59.27 -12.74 7.70
N HIS B 1208 -59.28 -14.04 7.42
CA HIS B 1208 -59.88 -14.57 6.22
C HIS B 1208 -61.32 -15.04 6.47
N GLY B 1209 -61.77 -15.04 7.76
CA GLY B 1209 -63.11 -15.51 8.17
C GLY B 1209 -63.08 -16.76 9.05
N GLY B 1210 -61.98 -17.52 8.99
CA GLY B 1210 -61.69 -18.60 9.93
C GLY B 1210 -60.54 -18.22 10.87
N SER B 1211 -60.19 -19.16 11.74
CA SER B 1211 -59.09 -18.98 12.70
C SER B 1211 -57.71 -18.94 12.00
N PRO B 1212 -56.70 -18.33 12.66
CA PRO B 1212 -55.32 -18.25 12.10
C PRO B 1212 -54.63 -19.58 11.83
N ILE B 1213 -53.94 -19.64 10.69
CA ILE B 1213 -53.26 -20.86 10.22
C ILE B 1213 -51.79 -20.54 10.27
N TYR B 1214 -51.01 -21.48 10.80
CA TYR B 1214 -49.59 -21.24 11.02
C TYR B 1214 -48.77 -22.29 10.33
N ALA B 1215 -47.55 -21.90 9.93
CA ALA B 1215 -46.55 -22.84 9.36
C ALA B 1215 -45.18 -22.50 9.95
N ASN B 1216 -44.73 -23.38 10.85
CA ASN B 1216 -43.52 -23.21 11.64
C ASN B 1216 -42.29 -23.31 10.74
N ILE B 1217 -41.32 -22.42 10.99
CA ILE B 1217 -40.12 -22.33 10.20
C ILE B 1217 -39.02 -22.93 11.03
N SER B 1218 -38.49 -24.09 10.60
CA SER B 1218 -37.40 -24.73 11.34
C SER B 1218 -36.06 -24.20 10.85
N ASN B 1219 -35.05 -24.37 11.71
CA ASN B 1219 -33.77 -23.69 11.54
C ASN B 1219 -32.85 -24.60 10.74
N ASP B 1220 -32.93 -24.47 9.42
CA ASP B 1220 -32.26 -25.40 8.50
C ASP B 1220 -30.94 -24.91 7.90
N GLY B 1221 -30.64 -23.60 7.97
CA GLY B 1221 -29.46 -23.03 7.27
C GLY B 1221 -29.62 -22.78 5.78
N VAL B 1222 -30.73 -23.24 5.18
CA VAL B 1222 -30.93 -23.24 3.72
C VAL B 1222 -32.36 -22.78 3.37
N TRP B 1223 -32.52 -22.27 2.14
CA TRP B 1223 -33.85 -21.90 1.59
C TRP B 1223 -34.81 -23.14 1.58
N LYS B 1224 -35.96 -22.94 2.20
CA LYS B 1224 -37.04 -23.88 2.20
C LYS B 1224 -38.27 -23.19 1.63
N THR B 1225 -39.05 -23.92 0.84
CA THR B 1225 -40.39 -23.51 0.51
C THR B 1225 -41.32 -23.83 1.71
N ILE B 1226 -42.26 -22.90 1.95
CA ILE B 1226 -43.29 -23.03 2.96
C ILE B 1226 -44.66 -22.74 2.32
N VAL B 1227 -45.60 -23.62 2.61
CA VAL B 1227 -46.92 -23.52 2.05
C VAL B 1227 -47.99 -23.52 3.16
N ILE B 1228 -49.01 -22.69 2.99
CA ILE B 1228 -50.26 -22.79 3.76
C ILE B 1228 -51.37 -22.81 2.70
N ASP B 1229 -51.92 -24.01 2.50
CA ASP B 1229 -53.00 -24.31 1.53
C ASP B 1229 -54.37 -24.22 2.24
N ASN B 1230 -55.44 -24.24 1.44
CA ASN B 1230 -56.84 -24.31 1.92
C ASN B 1230 -57.22 -23.18 2.82
N ILE B 1231 -57.03 -21.98 2.29
CA ILE B 1231 -57.45 -20.76 2.96
C ILE B 1231 -58.84 -20.49 2.40
N ASN B 1232 -59.85 -20.78 3.21
CA ASN B 1232 -61.22 -20.69 2.80
C ASN B 1232 -61.68 -19.31 3.14
N VAL B 1233 -61.54 -18.42 2.17
CA VAL B 1233 -61.83 -17.00 2.38
C VAL B 1233 -63.33 -16.72 2.28
N THR B 1234 -63.87 -16.11 3.35
CA THR B 1234 -65.26 -15.64 3.44
C THR B 1234 -65.40 -14.17 3.84
N SER B 1235 -64.34 -13.55 4.39
CA SER B 1235 -64.32 -12.11 4.69
C SER B 1235 -64.06 -11.22 3.48
N GLY B 1236 -63.76 -11.80 2.32
CA GLY B 1236 -63.26 -11.01 1.18
C GLY B 1236 -61.84 -10.46 1.37
N SER B 1237 -61.04 -11.10 2.26
CA SER B 1237 -59.71 -10.61 2.71
C SER B 1237 -58.80 -11.66 3.30
N VAL B 1238 -57.50 -11.44 3.20
CA VAL B 1238 -56.51 -12.26 3.86
C VAL B 1238 -55.42 -11.28 4.34
N ASP B 1239 -54.86 -11.58 5.51
CA ASP B 1239 -53.68 -10.93 6.09
C ASP B 1239 -52.61 -12.02 6.11
N VAL B 1240 -51.49 -11.77 5.44
CA VAL B 1240 -50.39 -12.75 5.46
C VAL B 1240 -49.21 -12.07 6.16
N GLY B 1241 -48.43 -12.87 6.88
CA GLY B 1241 -47.26 -12.35 7.57
C GLY B 1241 -46.29 -13.39 8.09
N PHE B 1242 -45.24 -12.90 8.76
CA PHE B 1242 -44.20 -13.76 9.37
C PHE B 1242 -43.86 -13.16 10.72
N TYR B 1243 -43.64 -14.02 11.71
CA TYR B 1243 -43.37 -13.60 13.07
C TYR B 1243 -42.22 -14.38 13.63
N VAL B 1244 -41.30 -13.67 14.31
CA VAL B 1244 -40.21 -14.33 15.05
C VAL B 1244 -40.04 -13.75 16.46
N ASP B 1245 -39.81 -14.65 17.43
CA ASP B 1245 -39.49 -14.31 18.80
C ASP B 1245 -38.16 -14.99 19.04
N SER B 1246 -37.08 -14.23 19.22
CA SER B 1246 -35.71 -14.82 19.35
C SER B 1246 -34.92 -14.35 20.61
N PRO B 1247 -34.11 -15.27 21.20
CA PRO B 1247 -33.21 -14.82 22.29
C PRO B 1247 -32.09 -13.88 21.80
N GLY B 1248 -31.84 -13.86 20.48
CA GLY B 1248 -30.88 -12.99 19.84
C GLY B 1248 -30.13 -13.79 18.81
N TYR B 1249 -29.63 -13.10 17.78
CA TYR B 1249 -28.83 -13.72 16.69
C TYR B 1249 -29.56 -14.79 15.87
N THR B 1250 -30.89 -14.74 15.81
CA THR B 1250 -31.67 -15.53 14.84
C THR B 1250 -31.73 -14.64 13.63
N THR B 1251 -31.31 -15.21 12.51
CA THR B 1251 -31.37 -14.54 11.23
C THR B 1251 -32.37 -15.30 10.37
N LEU B 1252 -33.42 -14.59 9.93
CA LEU B 1252 -34.46 -15.15 9.05
C LEU B 1252 -34.49 -14.37 7.75
N HIS B 1253 -34.31 -15.07 6.63
CA HIS B 1253 -34.54 -14.45 5.31
C HIS B 1253 -35.88 -14.93 4.76
N ILE B 1254 -36.56 -14.04 4.07
CA ILE B 1254 -37.88 -14.29 3.50
C ILE B 1254 -37.91 -13.72 2.08
N ASP B 1255 -38.39 -14.54 1.15
CA ASP B 1255 -38.54 -14.14 -0.23
C ASP B 1255 -39.71 -14.84 -1.02
N GLU B 1256 -40.12 -14.24 -2.14
CA GLU B 1256 -41.06 -14.83 -3.07
C GLU B 1256 -42.36 -15.26 -2.38
N VAL B 1257 -42.93 -14.32 -1.63
CA VAL B 1257 -44.21 -14.51 -0.95
C VAL B 1257 -45.31 -14.36 -1.98
N THR B 1258 -46.18 -15.36 -2.10
CA THR B 1258 -47.29 -15.30 -3.07
C THR B 1258 -48.56 -15.78 -2.42
N LEU B 1259 -49.65 -15.10 -2.76
CA LEU B 1259 -51.00 -15.41 -2.33
C LEU B 1259 -51.78 -15.55 -3.61
N THR B 1260 -52.19 -16.78 -3.93
CA THR B 1260 -52.88 -17.04 -5.17
C THR B 1260 -54.10 -17.90 -5.00
N ARG B 1261 -55.08 -17.66 -5.87
CA ARG B 1261 -56.29 -18.49 -6.03
C ARG B 1261 -55.89 -19.97 -6.14
N ALA B 1262 -56.42 -20.83 -5.27
CA ALA B 1262 -55.94 -22.22 -5.20
C ALA B 1262 -56.07 -22.89 -6.53
N PRO B 1263 -54.94 -23.43 -7.06
CA PRO B 1263 -55.02 -24.29 -8.26
C PRO B 1263 -56.12 -25.36 -8.12
CA CA C . 42.26 1.50 42.15
CA CA D . 44.35 17.58 8.60
CA CA E . 37.51 2.59 8.28
NI NI F . -1.89 3.29 -21.98
MG MG G . 9.51 -11.92 -50.77
MG MG H . 18.15 7.22 -33.65
MG MG I . -14.98 -35.81 -4.47
MG MG J . 5.64 -26.87 1.88
TB TB K . -12.56 -19.53 -0.82
TB TB L . 9.31 23.53 41.17
TB TB M . 19.38 32.28 50.05
TB TB N . 25.67 -9.89 -5.61
S SO4 O . 18.19 5.67 -61.32
O1 SO4 O . 17.89 6.82 -60.43
O2 SO4 O . 16.97 4.87 -61.70
O3 SO4 O . 19.09 4.70 -60.64
O4 SO4 O . 18.86 6.22 -62.55
S SO4 P . -4.65 10.12 -23.01
O1 SO4 P . -5.93 10.44 -23.72
O2 SO4 P . -4.18 11.26 -22.17
O3 SO4 P . -3.62 9.75 -24.01
O4 SO4 P . -4.93 9.00 -22.06
S SO4 Q . -19.61 8.28 27.18
O1 SO4 Q . -20.25 7.95 28.47
O2 SO4 Q . -20.28 9.41 26.47
O3 SO4 Q . -18.20 8.63 27.49
O4 SO4 Q . -19.79 7.04 26.37
S SO4 R . 40.41 35.50 47.37
O1 SO4 R . 39.01 35.58 46.89
O2 SO4 R . 40.64 36.67 48.26
O3 SO4 R . 40.66 34.25 48.15
O4 SO4 R . 41.30 35.58 46.17
S SO4 S . 29.87 -7.22 38.66
O1 SO4 S . 29.94 -6.96 40.13
O2 SO4 S . 29.14 -6.11 38.01
O3 SO4 S . 31.18 -7.44 37.97
O4 SO4 S . 29.07 -8.43 38.52
O1 MES T . 55.84 7.82 -1.33
C2 MES T . 56.38 9.08 -1.76
C3 MES T . 56.52 10.05 -0.58
N4 MES T . 55.23 10.13 0.18
C5 MES T . 54.79 8.78 0.63
C6 MES T . 54.60 7.95 -0.62
C7 MES T . 55.38 11.00 1.36
C8 MES T . 54.04 11.54 1.85
S MES T . 54.30 12.80 2.92
O1S MES T . 54.87 13.95 2.14
O2S MES T . 53.01 13.09 3.61
O3S MES T . 55.24 12.46 4.01
O1 MES U . 27.53 -18.15 2.16
C2 MES U . 26.85 -17.27 1.25
C3 MES U . 26.02 -18.13 0.31
N4 MES U . 26.84 -19.20 -0.30
C5 MES U . 27.63 -19.95 0.69
C6 MES U . 28.46 -18.99 1.50
C7 MES U . 25.98 -20.22 -0.96
C8 MES U . 25.25 -19.62 -2.16
S MES U . 25.39 -20.51 -3.55
O1S MES U . 24.18 -20.20 -4.36
O2S MES U . 25.42 -21.98 -3.28
O3S MES U . 26.56 -19.99 -4.31
C1 EDO V . 14.00 3.29 -31.17
O1 EDO V . 15.28 3.14 -30.53
C2 EDO V . 13.26 1.96 -31.33
O2 EDO V . 13.16 1.15 -30.15
C1 EDO W . 14.94 21.32 39.79
O1 EDO W . 15.45 22.46 40.47
C2 EDO W . 14.18 21.85 38.59
O2 EDO W . 12.79 21.92 38.92
C1 EDO X . 40.96 30.21 28.60
O1 EDO X . 40.80 29.74 27.25
C2 EDO X . 39.61 30.71 29.09
O2 EDO X . 38.95 29.60 29.74
C1 EDO Y . 23.36 8.87 4.77
O1 EDO Y . 24.29 9.23 3.74
C2 EDO Y . 23.36 7.33 4.93
O2 EDO Y . 22.66 6.92 6.13
S SO4 Z . 23.12 -5.91 -7.55
O1 SO4 Z . 23.16 -7.14 -6.67
O2 SO4 Z . 22.22 -4.82 -7.03
O3 SO4 Z . 24.53 -5.42 -7.65
O4 SO4 Z . 22.62 -6.19 -8.92
TB TB AA . 15.30 -8.68 14.71
CA CA BA . -38.49 -39.05 -24.39
CA CA CA . -45.77 -3.71 -15.34
CA CA DA . -36.69 -11.55 -4.21
NI NI EA . -0.19 19.98 10.94
MG MG FA . -11.17 31.54 41.42
MG MG GA . -21.41 28.57 15.93
MG MG HA . -1.02 -18.05 20.31
TB TB IA . -9.35 -19.72 -42.76
TB TB JA . -20.32 -23.07 -54.54
S SO4 KA . -23.43 48.91 34.60
O1 SO4 KA . -23.97 47.68 35.28
O2 SO4 KA . -24.27 50.13 34.76
O3 SO4 KA . -22.07 49.19 35.17
O4 SO4 KA . -23.36 48.67 33.13
S SO4 LA . 1.17 25.35 5.90
O1 SO4 LA . -0.25 25.25 6.38
O2 SO4 LA . 1.79 26.61 6.32
O3 SO4 LA . 2.01 24.23 6.42
O4 SO4 LA . 1.13 25.21 4.41
O1 MES MA . -24.45 -16.87 15.07
C2 MES MA . -24.08 -15.50 15.17
C3 MES MA . -22.94 -15.38 16.18
N4 MES MA . -23.25 -16.04 17.47
C5 MES MA . -23.66 -17.44 17.25
C6 MES MA . -24.84 -17.49 16.29
C7 MES MA . -22.05 -16.02 18.35
C8 MES MA . -22.38 -15.71 19.82
S MES MA . -21.78 -14.21 20.29
O1S MES MA . -22.29 -13.19 19.35
O2S MES MA . -22.26 -13.83 21.65
O3S MES MA . -20.29 -14.22 20.28
S SO4 NA . 20.19 -13.46 -24.70
O1 SO4 NA . 20.41 -13.20 -23.26
O2 SO4 NA . 20.16 -12.18 -25.45
O3 SO4 NA . 18.92 -14.19 -24.86
O4 SO4 NA . 21.25 -14.31 -25.29
S SO4 OA . -38.20 -3.86 -39.31
O1 SO4 OA . -39.18 -4.25 -38.26
O2 SO4 OA . -38.45 -2.43 -39.65
O3 SO4 OA . -36.84 -4.09 -38.79
O4 SO4 OA . -38.35 -4.69 -40.53
S SO4 PA . -41.60 -21.90 -53.71
O1 SO4 PA . -40.45 -21.15 -53.14
O2 SO4 PA . -42.77 -21.02 -53.45
O3 SO4 PA . -41.84 -23.23 -53.08
O4 SO4 PA . -41.36 -22.12 -55.17
S SO4 QA . -25.26 -39.71 -15.88
O1 SO4 QA . -26.55 -39.85 -15.14
O2 SO4 QA . -24.31 -39.27 -14.87
O3 SO4 QA . -25.30 -38.70 -16.94
O4 SO4 QA . -24.82 -40.91 -16.60
S SO4 RA . -44.78 -51.92 -15.39
O1 SO4 RA . -45.21 -51.39 -14.04
O2 SO4 RA . -44.68 -50.89 -16.46
O3 SO4 RA . -43.43 -52.57 -15.38
O4 SO4 RA . -45.83 -52.85 -15.86
O1 MES SA . -56.61 -4.58 -1.23
C2 MES SA . -57.28 -3.43 -1.79
C3 MES SA . -57.53 -3.63 -3.29
N4 MES SA . -56.22 -3.91 -3.99
C5 MES SA . -55.46 -5.02 -3.31
C6 MES SA . -55.32 -4.77 -1.79
C7 MES SA . -56.44 -4.27 -5.41
C8 MES SA . -55.11 -4.08 -6.20
S MES SA . -55.29 -4.27 -7.83
O1S MES SA . -56.04 -5.55 -8.04
O2S MES SA . -56.09 -3.10 -8.23
O3S MES SA . -53.98 -4.35 -8.49
S SO4 TA . -62.12 -22.40 -5.18
O1 SO4 TA . -62.78 -22.34 -3.85
O2 SO4 TA . -63.14 -22.05 -6.20
O3 SO4 TA . -60.97 -21.43 -5.25
O4 SO4 TA . -61.59 -23.79 -5.38
S SO4 UA . -29.20 -22.17 -0.07
O1 SO4 UA . -30.48 -22.86 0.26
O2 SO4 UA . -29.01 -20.99 0.81
O3 SO4 UA . -28.08 -23.13 0.11
O4 SO4 UA . -29.26 -21.71 -1.47
C1 EDO VA . -15.73 23.80 18.83
O1 EDO VA . -15.20 22.51 18.50
C2 EDO VA . -16.65 24.42 17.75
O2 EDO VA . -17.99 23.89 17.59
C1 EDO WA . -13.45 -19.74 -39.58
O1 EDO WA . -13.46 -18.41 -40.10
C2 EDO WA . -14.88 -20.28 -39.53
O2 EDO WA . -15.45 -20.48 -40.84
C1 EDO XA . -23.81 -2.41 -8.08
O1 EDO XA . -24.93 -1.49 -7.89
C2 EDO XA . -24.06 -3.76 -7.43
O2 EDO XA . -22.89 -4.33 -6.83
#